data_7ZV9
#
_entry.id   7ZV9
#
_cell.length_a   139.208
_cell.length_b   139.215
_cell.length_c   143.689
_cell.angle_alpha   90.02
_cell.angle_beta   90.03
_cell.angle_gamma   89.99
#
_symmetry.space_group_name_H-M   'P 1'
#
loop_
_entity.id
_entity.type
_entity.pdbx_description
1 polymer 'Fms-related tyrosine kinase 3 ligand'
2 polymer 'Receptor-type tyrosine-protein kinase FLT3'
3 branched 2-acetamido-2-deoxy-beta-D-glucopyranose-(1-4)-2-acetamido-2-deoxy-beta-D-glucopyranose
4 non-polymer 2-acetamido-2-deoxy-beta-D-glucopyranose
#
loop_
_entity_poly.entity_id
_entity_poly.type
_entity_poly.pdbx_seq_one_letter_code
_entity_poly.pdbx_strand_id
1 'polypeptide(L)'
;MGSSHHHHHHSSGLVPRGSHMTQDCSFQHSPISSDFAVKIRELSDYLDQDYPVTVASNLQDEELCGGLWRLVLAQRWMER
LKTVAGSKMQGLLERVNTEIHFVTKCAFQPPPSCLRFVQTNISRLLQETSEQLVALKPWITRQNFSRCLELQCQP
;
A,C,E,G,I,K,M,O
2 'polypeptide(L)'
;MPALARDGGQLPLLVVFSAMIFGTITNQDLPVIKCVLINHKNNDSSVGKSSSYPMVSESPEDLGCALRPQSSGTVYEAAA
VEVDVSASITLQVLVDAPGNISCLWVFKHSSLNCQPHFDLQNRGVVSMVILKMTETQAGEYLLFIQSEATNYTILFTVSI
RNTLLYTLRRPYFRKMENQDALVCISESVPEPIVEWVLCDSQGESCKEESPAVVKKEEKVLHELFGMDIRCCARNELGRE
CTRLFTIDLNQTPQTTLPQLFLKVGEPLWIRCKAVHVNHGFGLTWELENKALEEGNYFEMSTYSTNRTMIRILFAFVSSV
ARNDTGYYTCSSSKHPSQSALVTIVEKGFINATNSSEDYEIDQYEEFCFSVRFKAYPQIRCTWTFSRKSFPCEQKGLDNG
YSISKFCNHKHQPGEYIFHAENDDAQFTKMFTLNIRRKPQVLAEASASQASCFSDGYPLPSWTWKKCSDKSPNCTEEITE
GVWNRKANRKVFGQWVSSSTLNMSEAIKGFLVKCCAYNSLGTSCETILLNSPGPFPFIQDNGSSGLVPRGSGGSGGSGLN
DIFEAQKIEWHEGRTKHHHHHH
;
B,D,F,H,J,L,N,P
#
# COMPACT_ATOMS: atom_id res chain seq x y z
N THR A 22 15.88 -12.96 -25.92
CA THR A 22 17.24 -13.48 -25.99
C THR A 22 18.25 -12.35 -26.23
N GLN A 23 19.01 -12.00 -25.19
CA GLN A 23 19.98 -10.91 -25.28
C GLN A 23 21.39 -11.40 -25.59
N ASP A 24 22.28 -10.47 -25.99
CA ASP A 24 23.69 -10.76 -26.33
C ASP A 24 24.44 -11.46 -25.20
N CYS A 25 23.96 -11.33 -23.96
CA CYS A 25 24.56 -11.94 -22.76
C CYS A 25 26.04 -11.67 -22.65
N SER A 26 26.40 -10.40 -22.51
CA SER A 26 27.79 -9.99 -22.35
C SER A 26 28.00 -9.04 -21.14
N PHE A 27 26.94 -8.75 -20.36
CA PHE A 27 26.91 -7.89 -19.17
C PHE A 27 27.66 -6.57 -19.36
N GLN A 28 27.01 -5.46 -19.02
CA GLN A 28 27.60 -4.12 -19.16
C GLN A 28 28.73 -3.97 -18.15
N HIS A 29 28.43 -4.18 -16.86
CA HIS A 29 29.41 -4.11 -15.79
C HIS A 29 29.43 -5.42 -15.02
N SER A 30 30.54 -5.73 -14.35
CA SER A 30 30.71 -6.99 -13.63
C SER A 30 29.57 -7.34 -12.68
N PRO A 31 28.86 -8.44 -12.96
CA PRO A 31 27.81 -8.88 -12.03
C PRO A 31 28.35 -9.71 -10.85
N ILE A 32 29.64 -10.10 -10.89
CA ILE A 32 30.29 -10.86 -9.84
C ILE A 32 31.01 -9.95 -8.87
N SER A 33 30.48 -9.88 -7.65
CA SER A 33 31.02 -9.03 -6.58
C SER A 33 32.32 -9.59 -5.99
N SER A 34 33.04 -8.77 -5.22
CA SER A 34 34.27 -9.21 -4.58
C SER A 34 34.03 -9.85 -3.20
N ASP A 35 32.87 -9.59 -2.57
CA ASP A 35 32.58 -10.12 -1.24
C ASP A 35 31.75 -11.42 -1.23
N PHE A 36 31.62 -12.09 -2.38
CA PHE A 36 30.86 -13.33 -2.48
C PHE A 36 31.42 -14.45 -1.60
N ALA A 37 32.76 -14.54 -1.45
CA ALA A 37 33.40 -15.57 -0.64
C ALA A 37 33.02 -15.47 0.84
N VAL A 38 33.00 -14.25 1.39
CA VAL A 38 32.62 -14.03 2.78
C VAL A 38 31.14 -14.38 3.00
N LYS A 39 30.28 -13.99 2.04
CA LYS A 39 28.85 -14.27 2.12
C LYS A 39 28.58 -15.77 2.08
N ILE A 40 29.30 -16.51 1.21
CA ILE A 40 29.15 -17.95 1.09
C ILE A 40 29.64 -18.68 2.33
N ARG A 41 30.78 -18.25 2.89
CA ARG A 41 31.32 -18.87 4.10
C ARG A 41 30.41 -18.62 5.30
N GLU A 42 29.76 -17.43 5.35
CA GLU A 42 28.85 -17.11 6.44
C GLU A 42 27.63 -18.03 6.41
N LEU A 43 27.06 -18.28 5.22
CA LEU A 43 25.92 -19.19 5.11
C LEU A 43 26.34 -20.62 5.45
N SER A 44 27.55 -21.02 5.03
CA SER A 44 28.11 -22.35 5.31
C SER A 44 28.33 -22.58 6.81
N ASP A 45 28.69 -21.53 7.55
CA ASP A 45 28.93 -21.66 8.98
C ASP A 45 27.66 -21.57 9.84
N TYR A 46 26.61 -20.89 9.34
CA TYR A 46 25.36 -20.77 10.11
C TYR A 46 24.28 -21.78 9.75
N LEU A 47 24.44 -22.58 8.68
CA LEU A 47 23.42 -23.57 8.30
C LEU A 47 23.21 -24.58 9.41
N ASP A 48 21.99 -24.61 9.98
CA ASP A 48 21.63 -25.52 11.07
C ASP A 48 21.52 -26.96 10.58
N GLN A 49 21.07 -27.16 9.33
CA GLN A 49 20.90 -28.47 8.73
C GLN A 49 21.54 -28.51 7.35
N ASP A 50 22.03 -29.68 6.95
CA ASP A 50 22.65 -29.83 5.64
C ASP A 50 21.61 -30.28 4.61
N TYR A 51 20.76 -29.33 4.17
CA TYR A 51 19.68 -29.51 3.20
C TYR A 51 20.09 -30.31 1.97
N PRO A 52 19.21 -31.22 1.51
CA PRO A 52 19.56 -32.02 0.33
C PRO A 52 19.35 -31.25 -0.96
N VAL A 53 20.38 -31.17 -1.78
CA VAL A 53 20.30 -30.49 -3.07
C VAL A 53 20.71 -31.41 -4.21
N THR A 54 22.82 -31.60 -7.13
CA THR A 54 21.83 -31.75 -8.19
C THR A 54 21.52 -30.42 -8.85
N VAL A 55 24.95 -31.79 -7.87
CA VAL A 55 25.29 -30.95 -9.01
C VAL A 55 25.28 -31.75 -10.32
N ALA A 56 25.25 -31.05 -11.48
CA ALA A 56 25.24 -31.67 -12.80
C ALA A 56 26.47 -32.54 -12.99
N SER A 57 26.26 -33.74 -13.55
CA SER A 57 27.33 -34.70 -13.76
C SER A 57 27.82 -34.83 -15.20
N ASN A 58 27.10 -34.25 -16.18
CA ASN A 58 27.49 -34.39 -17.59
C ASN A 58 27.41 -33.11 -18.42
N LEU A 59 27.57 -31.93 -17.82
CA LEU A 59 27.52 -30.68 -18.60
C LEU A 59 28.73 -30.63 -19.54
N GLN A 60 28.54 -30.15 -20.79
CA GLN A 60 29.58 -30.04 -21.81
C GLN A 60 30.84 -29.39 -21.25
N ASP A 61 31.96 -30.09 -21.41
CA ASP A 61 33.28 -29.76 -20.87
C ASP A 61 33.88 -28.42 -21.27
N GLU A 62 33.62 -27.40 -20.44
CA GLU A 62 34.18 -26.07 -20.58
C GLU A 62 34.04 -25.37 -19.23
N GLU A 63 35.13 -24.79 -18.73
CA GLU A 63 35.10 -24.10 -17.44
C GLU A 63 34.37 -22.78 -17.52
N LEU A 64 34.59 -22.02 -18.61
CA LEU A 64 33.95 -20.72 -18.80
C LEU A 64 32.48 -20.88 -19.25
N CYS A 65 32.25 -21.56 -20.38
CA CYS A 65 30.93 -21.85 -20.93
C CYS A 65 30.08 -22.62 -19.90
N GLY A 66 30.69 -23.60 -19.24
CA GLY A 66 30.02 -24.41 -18.24
C GLY A 66 29.80 -23.71 -16.91
N GLY A 67 30.59 -22.68 -16.62
CA GLY A 67 30.45 -21.92 -15.38
C GLY A 67 29.09 -21.28 -15.24
N LEU A 68 28.61 -20.64 -16.31
CA LEU A 68 27.30 -20.02 -16.32
C LEU A 68 26.21 -21.06 -16.15
N TRP A 69 26.35 -22.21 -16.83
CA TRP A 69 25.37 -23.30 -16.72
C TRP A 69 25.25 -23.81 -15.30
N ARG A 70 26.40 -24.00 -14.61
CA ARG A 70 26.41 -24.47 -13.23
C ARG A 70 25.76 -23.44 -12.30
N LEU A 71 25.98 -22.14 -12.56
CA LEU A 71 25.39 -21.06 -11.77
C LEU A 71 23.88 -20.95 -11.98
N VAL A 72 23.40 -21.25 -13.20
CA VAL A 72 21.96 -21.23 -13.50
C VAL A 72 21.28 -22.32 -12.66
N LEU A 73 21.87 -23.52 -12.60
CA LEU A 73 21.33 -24.61 -11.79
C LEU A 73 21.38 -24.28 -10.30
N ALA A 74 22.50 -23.69 -9.85
CA ALA A 74 22.66 -23.30 -8.44
C ALA A 74 21.65 -22.21 -8.03
N GLN A 75 21.37 -21.26 -8.93
CA GLN A 75 20.43 -20.18 -8.64
C GLN A 75 19.04 -20.74 -8.42
N ARG A 76 18.62 -21.75 -9.20
CA ARG A 76 17.31 -22.38 -9.02
C ARG A 76 17.23 -23.01 -7.62
N TRP A 77 18.32 -23.66 -7.19
CA TRP A 77 18.37 -24.27 -5.87
C TRP A 77 18.31 -23.24 -4.76
N MET A 78 18.98 -22.10 -4.94
CA MET A 78 18.94 -21.04 -3.94
C MET A 78 17.53 -20.49 -3.78
N GLU A 79 16.81 -20.32 -4.89
CA GLU A 79 15.43 -19.84 -4.84
C GLU A 79 14.54 -20.87 -4.16
N ARG A 80 14.76 -22.16 -4.47
CA ARG A 80 14.03 -23.27 -3.88
C ARG A 80 14.25 -23.35 -2.38
N LEU A 81 15.49 -23.10 -1.92
CA LEU A 81 15.83 -23.12 -0.49
C LEU A 81 15.14 -22.01 0.29
N LYS A 82 14.90 -20.85 -0.34
CA LYS A 82 14.19 -19.75 0.29
C LYS A 82 12.74 -20.15 0.64
N THR A 83 12.13 -21.02 -0.20
CA THR A 83 10.75 -21.48 0.02
C THR A 83 10.62 -22.61 1.05
N VAL A 84 11.73 -23.21 1.51
CA VAL A 84 11.64 -24.32 2.47
C VAL A 84 12.35 -24.02 3.80
N ALA A 85 13.34 -23.10 3.81
CA ALA A 85 14.04 -22.77 5.06
C ALA A 85 13.12 -21.93 5.95
N GLY A 86 13.28 -22.07 7.26
CA GLY A 86 12.46 -21.36 8.24
C GLY A 86 12.66 -19.86 8.24
N SER A 87 11.97 -19.15 9.14
CA SER A 87 12.05 -17.70 9.22
C SER A 87 13.47 -17.18 9.45
N LYS A 88 14.19 -17.78 10.42
CA LYS A 88 15.54 -17.35 10.76
C LYS A 88 16.57 -17.56 9.65
N MET A 89 16.37 -18.55 8.78
CA MET A 89 17.32 -18.82 7.70
C MET A 89 17.00 -18.10 6.38
N GLN A 90 15.81 -17.52 6.26
CA GLN A 90 15.41 -16.85 5.02
C GLN A 90 16.32 -15.71 4.61
N GLY A 91 16.72 -14.87 5.56
CA GLY A 91 17.63 -13.76 5.27
C GLY A 91 18.97 -14.20 4.75
N LEU A 92 19.58 -15.21 5.40
CA LEU A 92 20.87 -15.74 5.00
C LEU A 92 20.82 -16.41 3.62
N LEU A 93 19.74 -17.15 3.34
CA LEU A 93 19.59 -17.81 2.05
C LEU A 93 19.41 -16.79 0.93
N GLU A 94 18.58 -15.76 1.19
CA GLU A 94 18.33 -14.71 0.19
C GLU A 94 19.58 -13.89 -0.09
N ARG A 95 20.46 -13.72 0.90
CA ARG A 95 21.72 -13.00 0.72
C ARG A 95 22.57 -13.71 -0.35
N VAL A 96 22.59 -15.05 -0.35
CA VAL A 96 23.34 -15.81 -1.34
C VAL A 96 22.63 -15.70 -2.70
N ASN A 97 21.30 -15.81 -2.69
CA ASN A 97 20.48 -15.69 -3.89
C ASN A 97 20.72 -14.37 -4.62
N THR A 98 20.85 -13.25 -3.87
CA THR A 98 21.09 -11.94 -4.49
C THR A 98 22.45 -11.83 -5.19
N GLU A 99 23.44 -12.62 -4.78
CA GLU A 99 24.75 -12.59 -5.42
C GLU A 99 24.76 -13.31 -6.77
N ILE A 100 23.87 -14.30 -6.96
CA ILE A 100 23.83 -15.07 -8.20
C ILE A 100 22.54 -14.87 -9.03
N HIS A 101 21.66 -13.94 -8.63
CA HIS A 101 20.40 -13.63 -9.31
C HIS A 101 20.60 -13.10 -10.74
N PHE A 102 21.79 -12.57 -11.06
CA PHE A 102 22.10 -12.01 -12.38
C PHE A 102 21.84 -12.98 -13.53
N VAL A 103 21.96 -14.30 -13.29
CA VAL A 103 21.72 -15.29 -14.34
C VAL A 103 20.26 -15.23 -14.85
N THR A 104 19.32 -14.76 -14.01
CA THR A 104 17.91 -14.62 -14.41
C THR A 104 17.69 -13.50 -15.45
N LYS A 105 18.68 -12.60 -15.64
CA LYS A 105 18.59 -11.51 -16.63
C LYS A 105 18.81 -12.00 -18.07
N CYS A 106 19.44 -13.18 -18.25
CA CYS A 106 19.66 -13.76 -19.57
C CYS A 106 18.58 -14.81 -19.86
N ALA A 107 18.19 -14.95 -21.13
CA ALA A 107 17.18 -15.93 -21.51
C ALA A 107 17.73 -17.36 -21.63
N PHE A 108 18.15 -17.93 -20.49
CA PHE A 108 18.63 -19.31 -20.47
C PHE A 108 17.46 -20.23 -20.73
N GLN A 109 17.65 -21.19 -21.62
CA GLN A 109 16.60 -22.12 -22.01
C GLN A 109 16.43 -23.28 -21.01
N PRO A 110 15.29 -24.00 -21.02
CA PRO A 110 15.09 -25.09 -20.05
C PRO A 110 16.11 -26.20 -20.19
N PRO A 111 16.51 -26.85 -19.08
CA PRO A 111 17.51 -27.92 -19.18
C PRO A 111 17.08 -29.06 -20.09
N PRO A 112 18.01 -29.57 -20.91
CA PRO A 112 17.64 -30.67 -21.81
C PRO A 112 17.43 -31.99 -21.08
N SER A 113 16.69 -32.92 -21.70
CA SER A 113 16.42 -34.22 -21.11
C SER A 113 17.70 -35.08 -20.93
N CYS A 114 18.76 -34.76 -21.67
CA CYS A 114 20.05 -35.46 -21.59
C CYS A 114 20.80 -35.15 -20.26
N LEU A 115 20.49 -34.02 -19.61
CA LEU A 115 21.14 -33.61 -18.36
C LEU A 115 20.98 -34.59 -17.21
N ARG A 116 22.09 -34.94 -16.59
CA ARG A 116 22.15 -35.85 -15.45
C ARG A 116 22.79 -35.15 -14.28
N PHE A 117 22.43 -35.54 -13.06
CA PHE A 117 22.99 -34.92 -11.86
C PHE A 117 22.90 -35.83 -10.65
N VAL A 118 23.77 -35.59 -9.65
CA VAL A 118 23.82 -36.40 -8.44
C VAL A 118 23.39 -35.60 -7.21
N GLN A 119 22.76 -36.28 -6.25
CA GLN A 119 22.29 -35.63 -5.03
C GLN A 119 23.48 -35.36 -4.11
N THR A 120 23.54 -34.14 -3.59
CA THR A 120 24.61 -33.70 -2.68
C THR A 120 24.01 -32.83 -1.53
N ASN A 121 24.86 -32.23 -0.68
CA ASN A 121 24.40 -31.39 0.41
C ASN A 121 24.58 -29.90 0.10
N ILE A 122 23.82 -29.04 0.78
CA ILE A 122 23.88 -27.59 0.56
C ILE A 122 25.28 -27.01 0.75
N SER A 123 26.07 -27.54 1.69
CA SER A 123 27.43 -27.05 1.92
C SER A 123 28.29 -27.21 0.66
N ARG A 124 28.22 -28.39 0.01
CA ARG A 124 28.97 -28.68 -1.22
C ARG A 124 28.49 -27.80 -2.37
N LEU A 125 27.17 -27.59 -2.48
CA LEU A 125 26.61 -26.75 -3.53
C LEU A 125 27.08 -25.31 -3.39
N LEU A 126 27.16 -24.80 -2.14
CA LEU A 126 27.62 -23.44 -1.90
C LEU A 126 29.10 -23.29 -2.26
N GLN A 127 29.92 -24.29 -1.89
CA GLN A 127 31.35 -24.25 -2.21
C GLN A 127 31.54 -24.29 -3.73
N GLU A 128 30.79 -25.17 -4.43
CA GLU A 128 30.87 -25.29 -5.88
C GLU A 128 30.46 -23.97 -6.54
N THR A 129 29.39 -23.34 -6.04
CA THR A 129 28.90 -22.07 -6.55
C THR A 129 29.96 -20.98 -6.47
N SER A 130 30.64 -20.88 -5.32
CA SER A 130 31.70 -19.89 -5.15
C SER A 130 32.84 -20.13 -6.14
N GLU A 131 33.20 -21.40 -6.35
CA GLU A 131 34.26 -21.77 -7.28
C GLU A 131 33.93 -21.36 -8.71
N GLN A 132 32.66 -21.51 -9.13
CA GLN A 132 32.26 -21.12 -10.46
C GLN A 132 32.34 -19.61 -10.65
N LEU A 133 31.99 -18.84 -9.61
CA LEU A 133 32.05 -17.39 -9.68
C LEU A 133 33.48 -16.89 -9.81
N VAL A 134 34.44 -17.56 -9.13
CA VAL A 134 35.85 -17.20 -9.23
C VAL A 134 36.32 -17.37 -10.68
N ALA A 135 35.91 -18.46 -11.32
CA ALA A 135 36.26 -18.77 -12.70
C ALA A 135 35.57 -17.86 -13.72
N LEU A 136 34.31 -17.48 -13.48
CA LEU A 136 33.57 -16.65 -14.43
C LEU A 136 33.81 -15.15 -14.31
N LYS A 137 34.11 -14.67 -13.09
CA LYS A 137 34.32 -13.24 -12.81
C LYS A 137 35.21 -12.50 -13.83
N PRO A 138 36.43 -12.98 -14.18
CA PRO A 138 37.25 -12.21 -15.12
C PRO A 138 36.81 -12.26 -16.58
N TRP A 139 35.83 -13.12 -16.92
CA TRP A 139 35.40 -13.23 -18.32
C TRP A 139 33.99 -12.75 -18.59
N ILE A 140 33.17 -12.55 -17.54
CA ILE A 140 31.76 -12.21 -17.70
C ILE A 140 31.47 -10.94 -18.56
N THR A 141 32.37 -9.95 -18.60
CA THR A 141 32.12 -8.75 -19.40
C THR A 141 33.00 -8.67 -20.68
N ARG A 142 33.91 -9.64 -20.88
CA ARG A 142 34.82 -9.65 -22.03
C ARG A 142 34.32 -10.41 -23.25
N GLN A 143 33.59 -11.51 -23.05
CA GLN A 143 33.12 -12.35 -24.15
C GLN A 143 31.62 -12.33 -24.35
N ASN A 144 31.16 -12.60 -25.58
CA ASN A 144 29.73 -12.67 -25.85
C ASN A 144 29.26 -14.09 -25.55
N PHE A 145 28.41 -14.26 -24.52
CA PHE A 145 27.92 -15.59 -24.15
C PHE A 145 26.49 -15.86 -24.63
N SER A 146 26.03 -15.19 -25.69
CA SER A 146 24.68 -15.45 -26.24
C SER A 146 24.53 -16.92 -26.65
N ARG A 147 25.60 -17.50 -27.20
CA ARG A 147 25.62 -18.91 -27.62
C ARG A 147 25.57 -19.92 -26.43
N CYS A 148 25.54 -19.43 -25.19
CA CYS A 148 25.48 -20.28 -24.00
C CYS A 148 24.07 -20.43 -23.42
N LEU A 149 23.04 -19.80 -24.04
CA LEU A 149 21.68 -19.87 -23.53
C LEU A 149 21.13 -21.30 -23.40
N GLU A 150 21.59 -22.20 -24.27
CA GLU A 150 21.16 -23.60 -24.21
C GLU A 150 22.21 -24.42 -23.49
N LEU A 151 21.82 -25.06 -22.37
CA LEU A 151 22.71 -25.92 -21.61
C LEU A 151 23.00 -27.16 -22.47
N GLN A 152 24.28 -27.55 -22.57
CA GLN A 152 24.67 -28.70 -23.40
C GLN A 152 25.23 -29.82 -22.55
N CYS A 153 25.06 -31.06 -23.02
CA CYS A 153 25.61 -32.21 -22.32
C CYS A 153 26.77 -32.84 -23.10
N GLN A 154 27.61 -33.59 -22.38
CA GLN A 154 28.76 -34.32 -22.92
C GLN A 154 29.08 -35.39 -21.90
N PRO A 155 28.62 -36.63 -22.14
CA PRO A 155 28.85 -37.69 -21.13
C PRO A 155 30.30 -38.14 -21.04
N ALA B 79 73.95 30.40 26.07
CA ALA B 79 74.65 30.22 24.81
C ALA B 79 74.49 28.79 24.28
N ALA B 80 74.54 27.81 25.19
CA ALA B 80 74.40 26.40 24.83
C ALA B 80 73.02 25.86 25.17
N VAL B 81 72.34 25.28 24.18
CA VAL B 81 70.99 24.71 24.34
C VAL B 81 71.04 23.18 24.24
N GLU B 82 70.35 22.47 25.15
CA GLU B 82 70.31 21.00 25.12
C GLU B 82 68.90 20.51 24.85
N VAL B 83 68.64 19.96 23.64
CA VAL B 83 67.32 19.48 23.25
C VAL B 83 67.16 17.97 23.43
N ASP B 84 66.29 17.55 24.35
CA ASP B 84 66.04 16.14 24.58
C ASP B 84 64.76 15.71 23.87
N VAL B 85 64.89 14.85 22.84
CA VAL B 85 63.79 14.29 22.03
C VAL B 85 62.93 15.42 21.36
N SER B 86 61.71 15.13 20.84
CA SER B 86 60.85 16.12 20.22
C SER B 86 60.19 16.95 21.33
N ALA B 87 60.96 17.85 21.94
CA ALA B 87 60.50 18.68 23.04
C ALA B 87 59.85 19.98 22.56
N SER B 88 58.86 20.47 23.31
CA SER B 88 58.16 21.70 22.98
C SER B 88 58.41 22.77 24.04
N ILE B 89 59.42 23.63 23.81
CA ILE B 89 59.77 24.73 24.73
C ILE B 89 59.88 26.07 23.99
N THR B 90 59.82 27.18 24.73
CA THR B 90 59.91 28.51 24.13
C THR B 90 61.28 29.13 24.35
N LEU B 91 61.81 29.77 23.30
CA LEU B 91 63.10 30.47 23.32
C LEU B 91 62.96 31.89 22.73
N GLN B 92 61.76 32.47 22.70
CA GLN B 92 61.56 33.80 22.14
C GLN B 92 61.49 34.84 23.25
N VAL B 93 62.61 35.02 23.97
CA VAL B 93 62.69 35.98 25.07
C VAL B 93 62.61 37.43 24.58
N LEU B 94 62.18 38.35 25.45
CA LEU B 94 62.04 39.76 25.08
C LEU B 94 63.05 40.67 25.79
N VAL B 95 63.80 41.45 25.02
CA VAL B 95 64.79 42.40 25.51
C VAL B 95 64.34 43.82 25.12
N ASP B 96 64.40 44.77 26.07
CA ASP B 96 63.99 46.17 25.91
C ASP B 96 64.60 46.89 24.70
N ALA B 97 63.87 46.87 23.57
CA ALA B 97 64.32 47.52 22.35
C ALA B 97 63.17 48.20 21.56
N PRO B 98 62.62 49.32 22.08
CA PRO B 98 61.53 49.99 21.36
C PRO B 98 62.05 51.06 20.38
N GLY B 99 61.33 51.24 19.28
CA GLY B 99 61.71 52.24 18.27
C GLY B 99 61.84 51.68 16.88
N ASN B 100 62.65 52.34 16.02
CA ASN B 100 62.86 51.93 14.64
C ASN B 100 63.85 50.76 14.57
N ILE B 101 63.41 49.58 15.04
CA ILE B 101 64.22 48.37 15.09
C ILE B 101 63.52 47.22 14.35
N SER B 102 64.22 46.57 13.41
CA SER B 102 63.68 45.44 12.67
C SER B 102 64.72 44.34 12.59
N CYS B 103 64.34 43.09 12.87
CA CYS B 103 65.28 41.98 12.84
C CYS B 103 64.95 40.94 11.75
N LEU B 104 65.87 39.98 11.51
CA LEU B 104 65.70 38.91 10.52
C LEU B 104 66.41 37.65 11.02
N TRP B 105 65.71 36.51 11.07
CA TRP B 105 66.30 35.27 11.58
C TRP B 105 67.21 34.58 10.59
N VAL B 106 68.40 34.16 11.06
CA VAL B 106 69.39 33.47 10.26
C VAL B 106 69.60 32.06 10.82
N PHE B 107 68.83 31.10 10.32
CA PHE B 107 68.88 29.70 10.75
C PHE B 107 70.13 28.96 10.25
N LYS B 108 70.26 27.65 10.58
CA LYS B 108 71.37 26.81 10.14
C LYS B 108 71.50 26.82 8.61
N HIS B 109 72.45 27.62 8.08
CA HIS B 109 72.73 27.79 6.65
C HIS B 109 71.51 28.07 5.79
N SER B 110 70.50 28.75 6.36
CA SER B 110 69.26 29.09 5.66
C SER B 110 68.61 30.33 6.28
N SER B 111 67.82 31.05 5.48
CA SER B 111 67.16 32.26 5.94
C SER B 111 65.78 32.00 6.55
N LEU B 112 65.34 32.88 7.46
CA LEU B 112 64.04 32.75 8.08
C LEU B 112 63.37 34.11 8.24
N ASN B 113 62.25 34.28 7.52
CA ASN B 113 61.47 35.52 7.54
C ASN B 113 60.67 35.64 8.82
N CYS B 114 60.75 36.80 9.47
CA CYS B 114 60.02 37.07 10.72
C CYS B 114 59.53 38.51 10.80
N GLN B 115 58.57 38.76 11.70
CA GLN B 115 57.99 40.09 11.91
C GLN B 115 57.79 40.27 13.42
N PRO B 116 58.69 41.01 14.08
CA PRO B 116 58.58 41.16 15.55
C PRO B 116 57.72 42.33 16.00
N HIS B 117 57.45 42.41 17.31
CA HIS B 117 56.64 43.48 17.88
C HIS B 117 57.49 44.35 18.80
N PHE B 118 57.95 45.51 18.30
CA PHE B 118 58.76 46.43 19.10
C PHE B 118 58.00 47.70 19.42
N GLY B 124 62.19 44.21 21.26
CA GLY B 124 61.25 43.51 20.40
C GLY B 124 61.43 42.00 20.43
N VAL B 125 60.33 41.25 20.27
CA VAL B 125 60.41 39.79 20.29
C VAL B 125 59.94 39.15 18.98
N VAL B 126 60.78 38.28 18.40
CA VAL B 126 60.49 37.59 17.15
C VAL B 126 60.26 36.07 17.35
N SER B 127 59.68 35.37 16.36
CA SER B 127 59.37 33.94 16.43
C SER B 127 60.57 33.01 16.64
N MET B 128 60.83 32.63 17.90
CA MET B 128 61.92 31.75 18.28
C MET B 128 61.47 30.56 19.15
N VAL B 129 60.16 30.39 19.39
CA VAL B 129 59.64 29.27 20.19
C VAL B 129 59.47 28.02 19.33
N ILE B 130 59.59 26.82 19.92
CA ILE B 130 59.50 25.58 19.15
C ILE B 130 58.59 24.52 19.78
N LEU B 131 57.77 23.88 18.94
CA LEU B 131 56.88 22.80 19.36
C LEU B 131 57.37 21.54 18.65
N LYS B 132 57.90 20.57 19.42
CA LYS B 132 58.49 19.32 18.93
C LYS B 132 59.68 19.59 18.02
N MET B 133 60.86 19.84 18.61
CA MET B 133 62.08 20.14 17.85
C MET B 133 62.61 18.89 17.18
N THR B 134 62.35 18.73 15.87
CA THR B 134 62.75 17.58 15.07
C THR B 134 64.27 17.38 15.03
N GLU B 135 64.72 16.15 14.74
CA GLU B 135 66.14 15.83 14.65
C GLU B 135 66.89 16.75 13.68
N THR B 136 66.18 17.29 12.68
CA THR B 136 66.75 18.21 11.72
C THR B 136 66.82 19.62 12.32
N GLN B 137 65.77 20.04 13.03
CA GLN B 137 65.65 21.36 13.65
C GLN B 137 66.55 21.54 14.88
N ALA B 138 67.85 21.77 14.64
CA ALA B 138 68.88 22.00 15.66
C ALA B 138 70.16 22.56 15.02
N GLY B 139 70.88 23.43 15.74
CA GLY B 139 72.13 23.97 15.24
C GLY B 139 72.39 25.45 15.51
N GLU B 140 73.13 26.09 14.60
CA GLU B 140 73.47 27.51 14.73
C GLU B 140 72.29 28.39 14.31
N TYR B 141 71.79 29.22 15.26
CA TYR B 141 70.68 30.13 15.00
C TYR B 141 71.04 31.57 15.41
N LEU B 142 71.16 32.46 14.42
CA LEU B 142 71.53 33.85 14.60
C LEU B 142 70.35 34.80 14.40
N LEU B 143 70.45 36.02 14.96
CA LEU B 143 69.43 37.05 14.87
C LEU B 143 70.07 38.42 15.07
N PHE B 144 69.90 39.35 14.11
CA PHE B 144 70.47 40.68 14.22
C PHE B 144 69.51 41.79 13.81
N ILE B 145 69.77 43.03 14.25
CA ILE B 145 68.93 44.19 13.95
C ILE B 145 69.48 44.98 12.74
N GLN B 146 68.61 45.37 11.82
CA GLN B 146 69.00 46.13 10.64
C GLN B 146 68.23 47.44 10.54
N SER B 147 68.93 48.58 10.59
CA SER B 147 68.30 49.89 10.50
C SER B 147 69.14 50.82 9.66
N THR B 150 72.24 50.86 12.92
CA THR B 150 72.82 49.96 13.93
C THR B 150 72.70 48.51 13.50
N ASN B 151 73.72 47.70 13.80
CA ASN B 151 73.72 46.29 13.44
C ASN B 151 74.49 45.44 14.44
N TYR B 152 73.79 44.83 15.39
CA TYR B 152 74.42 43.95 16.38
C TYR B 152 73.81 42.54 16.25
N THR B 153 74.66 41.52 16.03
CA THR B 153 74.21 40.14 15.84
C THR B 153 74.31 39.26 17.09
N ILE B 154 73.35 38.33 17.26
CA ILE B 154 73.32 37.39 18.40
C ILE B 154 73.54 35.94 17.92
N LEU B 155 73.99 35.03 18.80
CA LEU B 155 74.26 33.64 18.42
C LEU B 155 73.81 32.61 19.47
N PHE B 156 73.08 31.57 19.03
CA PHE B 156 72.62 30.51 19.93
C PHE B 156 72.95 29.14 19.34
N THR B 157 73.50 28.22 20.16
CA THR B 157 73.88 26.89 19.68
C THR B 157 72.93 25.83 20.21
N VAL B 158 72.02 25.34 19.36
CA VAL B 158 71.06 24.31 19.73
C VAL B 158 71.61 22.91 19.47
N SER B 159 71.91 22.18 20.54
CA SER B 159 72.43 20.83 20.46
C SER B 159 71.32 19.80 20.80
N ILE B 160 71.59 18.50 20.61
CA ILE B 160 70.64 17.45 20.92
C ILE B 160 71.19 16.55 22.03
N THR B 163 70.08 9.66 19.93
CA THR B 163 70.50 9.07 21.20
C THR B 163 69.40 8.19 21.78
N LEU B 164 68.17 8.72 21.86
CA LEU B 164 67.04 7.96 22.40
C LEU B 164 66.29 7.12 21.34
N LEU B 165 66.63 7.30 20.05
CA LEU B 165 66.03 6.60 18.91
C LEU B 165 64.51 6.76 18.82
N TYR B 166 64.00 7.97 19.08
CA TYR B 166 62.56 8.23 19.05
C TYR B 166 62.14 8.70 17.66
N THR B 167 61.20 7.99 17.02
CA THR B 167 60.73 8.38 15.69
C THR B 167 59.22 8.24 15.53
N LEU B 168 58.61 9.19 14.83
CA LEU B 168 57.17 9.20 14.61
C LEU B 168 56.86 9.76 13.23
N ARG B 169 56.19 8.97 12.38
CA ARG B 169 55.83 9.43 11.05
C ARG B 169 54.41 9.02 10.70
N ARG B 170 53.69 9.88 9.94
CA ARG B 170 52.31 9.63 9.52
C ARG B 170 52.21 8.34 8.72
N PRO B 171 51.16 7.54 8.95
CA PRO B 171 51.05 6.26 8.24
C PRO B 171 50.82 6.38 6.73
N TYR B 172 51.40 5.46 5.96
CA TYR B 172 51.30 5.40 4.50
C TYR B 172 50.36 4.27 4.11
N PHE B 173 49.38 4.56 3.24
CA PHE B 173 48.43 3.53 2.82
C PHE B 173 49.03 2.63 1.74
N ARG B 174 48.55 1.39 1.65
CA ARG B 174 49.06 0.44 0.67
C ARG B 174 47.99 -0.56 0.20
N LYS B 175 48.20 -1.14 -0.98
CA LYS B 175 47.28 -2.11 -1.57
C LYS B 175 47.82 -3.53 -1.40
N MET B 176 46.95 -4.43 -0.93
CA MET B 176 47.29 -5.82 -0.64
C MET B 176 47.95 -6.54 -1.79
N GLU B 177 48.93 -7.35 -1.43
CA GLU B 177 49.71 -8.17 -2.33
C GLU B 177 48.88 -9.37 -2.82
N ASN B 178 48.48 -9.31 -4.10
CA ASN B 178 47.62 -10.28 -4.81
C ASN B 178 46.25 -10.48 -4.13
N GLN B 179 45.70 -9.43 -3.50
CA GLN B 179 44.41 -9.50 -2.82
C GLN B 179 43.64 -8.19 -2.92
N ASP B 180 42.31 -8.25 -2.90
CA ASP B 180 41.48 -7.05 -2.99
C ASP B 180 41.21 -6.48 -1.59
N ALA B 181 42.25 -5.94 -0.97
CA ALA B 181 42.14 -5.35 0.37
C ALA B 181 43.18 -4.22 0.54
N LEU B 182 42.99 -3.34 1.53
CA LEU B 182 43.92 -2.25 1.79
C LEU B 182 44.56 -2.37 3.16
N VAL B 183 45.89 -2.47 3.21
CA VAL B 183 46.62 -2.60 4.47
C VAL B 183 47.30 -1.27 4.80
N CYS B 184 47.36 -0.92 6.08
CA CYS B 184 47.99 0.32 6.51
C CYS B 184 49.31 0.05 7.24
N ILE B 185 50.35 0.82 6.92
CA ILE B 185 51.65 0.65 7.56
C ILE B 185 52.19 2.00 8.07
N SER B 186 52.96 2.00 9.16
CA SER B 186 53.50 3.24 9.71
C SER B 186 55.00 3.12 10.02
N GLU B 187 55.80 4.07 9.51
CA GLU B 187 57.25 4.06 9.71
C GLU B 187 57.63 4.78 11.00
N SER B 188 57.57 4.09 12.13
CA SER B 188 57.91 4.68 13.42
C SER B 188 58.57 3.64 14.34
N VAL B 189 59.30 4.12 15.37
CA VAL B 189 59.96 3.24 16.31
C VAL B 189 59.34 3.42 17.70
N PRO B 190 58.72 2.37 18.28
CA PRO B 190 58.54 1.01 17.75
C PRO B 190 57.26 0.85 16.89
N GLU B 191 56.99 -0.37 16.40
CA GLU B 191 55.82 -0.68 15.58
C GLU B 191 54.52 -0.25 16.27
N PRO B 192 53.77 0.68 15.68
CA PRO B 192 52.57 1.19 16.35
C PRO B 192 51.28 0.44 16.05
N ILE B 193 50.31 0.57 16.96
CA ILE B 193 49.00 -0.08 16.83
C ILE B 193 48.10 0.75 15.93
N VAL B 194 47.76 0.21 14.76
CA VAL B 194 46.91 0.93 13.80
C VAL B 194 45.47 0.41 13.80
N GLU B 195 44.50 1.33 13.96
CA GLU B 195 43.08 0.98 13.97
C GLU B 195 42.31 1.64 12.81
N TRP B 196 41.18 1.05 12.41
CA TRP B 196 40.37 1.57 11.32
C TRP B 196 39.04 2.17 11.79
N VAL B 197 38.60 3.26 11.16
CA VAL B 197 37.33 3.90 11.54
C VAL B 197 36.44 4.15 10.31
N LEU B 198 35.13 3.99 10.48
CA LEU B 198 34.18 4.21 9.40
C LEU B 198 32.84 4.66 9.95
N CYS B 199 32.56 5.98 9.91
CA CYS B 199 31.31 6.55 10.41
C CYS B 199 30.12 6.07 9.58
N ASP B 200 29.45 5.01 10.03
CA ASP B 200 28.31 4.40 9.33
C ASP B 200 27.06 5.29 9.29
N SER B 201 26.97 6.28 10.18
CA SER B 201 25.83 7.21 10.21
C SER B 201 25.81 8.18 9.01
N GLN B 202 24.76 9.03 8.89
CA GLN B 202 24.62 9.99 7.80
C GLN B 202 25.73 11.06 7.76
N GLY B 203 26.27 11.41 8.93
CA GLY B 203 27.33 12.41 9.03
C GLY B 203 28.67 11.84 9.47
N GLU B 204 29.72 12.66 9.41
CA GLU B 204 31.06 12.24 9.80
C GLU B 204 31.21 12.19 11.33
N PRO B 211 34.58 9.24 18.14
CA PRO B 211 33.83 8.79 19.32
C PRO B 211 32.81 7.70 19.01
N ALA B 212 32.21 7.76 17.81
CA ALA B 212 31.21 6.78 17.37
C ALA B 212 31.79 5.78 16.33
N VAL B 213 31.08 4.66 16.07
CA VAL B 213 31.45 3.58 15.13
C VAL B 213 32.66 2.77 15.64
N VAL B 214 32.55 1.43 15.56
CA VAL B 214 33.55 0.47 16.03
C VAL B 214 34.89 0.52 15.25
N LYS B 215 36.01 0.43 16.01
CA LYS B 215 37.38 0.44 15.49
C LYS B 215 37.90 -0.99 15.37
N LYS B 216 38.31 -1.40 14.16
CA LYS B 216 38.85 -2.74 13.94
C LYS B 216 40.35 -2.68 13.73
N GLU B 217 41.14 -2.77 14.82
CA GLU B 217 42.60 -2.72 14.75
C GLU B 217 43.18 -4.02 14.20
N GLU B 218 43.22 -4.16 12.87
CA GLU B 218 43.75 -5.36 12.24
C GLU B 218 44.77 -5.12 11.14
N LYS B 219 44.97 -3.85 10.73
CA LYS B 219 45.89 -3.40 9.68
C LYS B 219 45.41 -3.77 8.26
N VAL B 220 45.23 -5.06 7.98
CA VAL B 220 44.73 -5.50 6.69
C VAL B 220 43.22 -5.32 6.68
N LEU B 221 42.71 -4.35 5.91
CA LEU B 221 41.27 -4.11 5.86
C LEU B 221 40.63 -4.47 4.53
N HIS B 222 39.70 -5.43 4.55
CA HIS B 222 38.98 -5.85 3.36
C HIS B 222 37.63 -5.13 3.29
N GLU B 223 36.94 -5.00 4.42
CA GLU B 223 35.65 -4.32 4.45
C GLU B 223 35.80 -2.81 4.47
N LEU B 224 35.83 -2.19 3.28
CA LEU B 224 35.98 -0.73 3.18
C LEU B 224 35.14 -0.14 2.05
N PHE B 225 33.90 0.23 2.36
CA PHE B 225 33.01 0.82 1.37
C PHE B 225 32.23 1.98 1.97
N GLY B 226 32.46 3.19 1.46
CA GLY B 226 31.80 4.39 1.94
C GLY B 226 32.30 4.86 3.30
N MET B 227 31.58 5.80 3.94
CA MET B 227 31.92 6.33 5.26
C MET B 227 33.29 7.06 5.30
N ASP B 228 33.66 7.65 6.45
CA ASP B 228 34.93 8.35 6.58
C ASP B 228 36.02 7.36 6.97
N ILE B 229 36.91 7.01 6.03
CA ILE B 229 37.99 6.06 6.31
C ILE B 229 39.12 6.76 7.07
N ARG B 230 39.49 6.23 8.24
CA ARG B 230 40.55 6.85 9.04
C ARG B 230 41.54 5.81 9.57
N CYS B 231 42.83 6.16 9.59
CA CYS B 231 43.87 5.25 10.07
C CYS B 231 44.90 5.95 10.96
N CYS B 232 44.87 5.66 12.26
CA CYS B 232 45.78 6.30 13.21
C CYS B 232 46.75 5.31 13.83
N ALA B 233 47.94 5.79 14.24
CA ALA B 233 48.95 4.95 14.85
C ALA B 233 49.29 5.40 16.28
N ARG B 234 49.60 4.45 17.17
CA ARG B 234 49.94 4.76 18.56
C ARG B 234 51.33 4.22 18.94
N ASN B 235 52.39 5.01 18.74
CA ASN B 235 53.76 4.61 19.07
C ASN B 235 54.24 5.24 20.40
N GLU B 236 55.49 4.95 20.83
CA GLU B 236 56.05 5.50 22.06
C GLU B 236 56.33 7.01 22.02
N LEU B 237 56.27 7.63 20.83
CA LEU B 237 56.51 9.07 20.69
C LEU B 237 55.23 9.92 20.56
N GLY B 238 54.08 9.35 20.95
CA GLY B 238 52.82 10.06 20.88
C GLY B 238 51.82 9.37 19.97
N ARG B 239 51.19 10.14 19.07
CA ARG B 239 50.19 9.59 18.15
C ARG B 239 50.17 10.35 16.81
N GLU B 240 50.46 9.66 15.71
CA GLU B 240 50.44 10.26 14.37
C GLU B 240 49.25 9.72 13.57
N CYS B 241 48.30 10.60 13.21
CA CYS B 241 47.10 10.19 12.48
C CYS B 241 47.21 10.35 10.96
N THR B 242 46.41 9.56 10.22
CA THR B 242 46.34 9.61 8.77
C THR B 242 44.89 9.44 8.31
N ARG B 243 44.49 10.12 7.23
CA ARG B 243 43.11 10.04 6.73
C ARG B 243 43.04 9.66 5.25
N LEU B 244 42.42 8.51 4.95
CA LEU B 244 42.27 8.06 3.57
C LEU B 244 41.14 8.81 2.88
N PHE B 245 41.47 9.63 1.88
CA PHE B 245 40.46 10.42 1.18
C PHE B 245 39.58 9.61 0.25
N THR B 246 38.26 9.77 0.41
CA THR B 246 37.27 9.09 -0.39
C THR B 246 36.21 10.10 -0.82
N ILE B 247 36.01 10.29 -2.13
CA ILE B 247 35.00 11.24 -2.63
C ILE B 247 33.73 10.50 -3.06
N ASP B 248 32.70 10.52 -2.20
CA ASP B 248 31.44 9.85 -2.45
C ASP B 248 30.62 10.50 -3.56
N LEU B 249 30.46 9.80 -4.67
CA LEU B 249 29.67 10.29 -5.80
C LEU B 249 28.17 10.29 -5.48
N ASN B 250 27.72 9.37 -4.60
CA ASN B 250 26.32 9.27 -4.20
C ASN B 250 25.99 10.29 -3.10
N GLN B 251 26.29 11.57 -3.38
CA GLN B 251 26.05 12.69 -2.47
C GLN B 251 26.05 14.02 -3.25
N THR B 252 25.51 15.09 -2.66
CA THR B 252 25.48 16.41 -3.30
C THR B 252 26.90 16.99 -3.41
N PRO B 253 27.19 17.76 -4.48
CA PRO B 253 28.56 18.29 -4.65
C PRO B 253 28.99 19.30 -3.59
N GLN B 254 30.29 19.33 -3.28
CA GLN B 254 30.87 20.24 -2.30
C GLN B 254 30.78 21.69 -2.77
N THR B 255 30.96 21.91 -4.10
CA THR B 255 30.90 23.20 -4.79
C THR B 255 31.85 24.25 -4.20
N THR B 256 33.01 23.81 -3.70
CA THR B 256 34.00 24.73 -3.13
C THR B 256 35.40 24.40 -3.64
N LEU B 257 35.51 23.82 -4.86
CA LEU B 257 36.77 23.41 -5.49
C LEU B 257 37.56 22.49 -4.57
N PRO B 258 37.21 21.19 -4.52
CA PRO B 258 37.92 20.28 -3.61
C PRO B 258 39.37 20.08 -4.00
N GLN B 259 40.28 20.05 -3.01
CA GLN B 259 41.71 19.87 -3.29
C GLN B 259 42.41 18.97 -2.26
N LEU B 260 43.58 18.42 -2.63
CA LEU B 260 44.36 17.56 -1.75
C LEU B 260 45.85 17.64 -2.08
N PHE B 261 46.62 18.34 -1.22
CA PHE B 261 48.05 18.48 -1.43
C PHE B 261 48.78 17.24 -0.91
N LEU B 262 49.75 16.72 -1.66
CA LEU B 262 50.50 15.54 -1.24
C LEU B 262 52.01 15.78 -1.17
N LYS B 263 52.70 15.01 -0.32
CA LYS B 263 54.15 15.16 -0.18
C LYS B 263 54.90 14.35 -1.23
N VAL B 264 55.93 14.95 -1.87
CA VAL B 264 56.72 14.31 -2.92
C VAL B 264 57.37 13.02 -2.44
N GLY B 265 56.82 11.89 -2.88
CA GLY B 265 57.30 10.57 -2.47
C GLY B 265 56.22 9.78 -1.78
N GLU B 266 55.39 10.45 -0.97
CA GLU B 266 54.29 9.82 -0.24
C GLU B 266 53.21 9.45 -1.25
N PRO B 267 52.72 8.20 -1.23
CA PRO B 267 51.72 7.77 -2.23
C PRO B 267 50.41 8.56 -2.26
N LEU B 268 49.76 8.58 -3.44
CA LEU B 268 48.50 9.28 -3.64
C LEU B 268 47.34 8.30 -3.85
N TRP B 269 46.28 8.44 -3.06
CA TRP B 269 45.12 7.56 -3.11
C TRP B 269 43.81 8.34 -3.20
N ILE B 270 42.89 7.90 -4.06
CA ILE B 270 41.59 8.56 -4.23
C ILE B 270 40.54 7.52 -4.59
N ARG B 271 39.50 7.37 -3.76
CA ARG B 271 38.46 6.37 -4.03
C ARG B 271 37.07 6.99 -4.27
N CYS B 272 36.17 6.25 -4.92
CA CYS B 272 34.82 6.74 -5.21
C CYS B 272 33.72 5.83 -4.66
N LYS B 273 33.05 6.25 -3.58
CA LYS B 273 31.97 5.48 -2.96
C LYS B 273 30.67 5.68 -3.74
N ALA B 274 30.48 4.89 -4.79
CA ALA B 274 29.31 4.97 -5.66
C ALA B 274 28.20 4.04 -5.24
N VAL B 275 26.95 4.53 -5.28
CA VAL B 275 25.78 3.74 -4.93
C VAL B 275 24.78 3.75 -6.09
N HIS B 276 24.56 2.58 -6.71
CA HIS B 276 23.61 2.44 -7.81
C HIS B 276 22.67 1.27 -7.57
N VAL B 277 21.39 1.45 -7.88
CA VAL B 277 20.38 0.42 -7.68
C VAL B 277 20.67 -0.81 -8.52
N ASN B 278 21.00 -0.60 -9.79
CA ASN B 278 21.33 -1.70 -10.69
C ASN B 278 22.84 -1.99 -10.71
N HIS B 279 23.22 -3.20 -11.16
CA HIS B 279 24.64 -3.58 -11.23
C HIS B 279 25.40 -2.89 -12.38
N GLY B 280 24.68 -2.42 -13.39
CA GLY B 280 25.26 -1.75 -14.55
C GLY B 280 25.66 -0.31 -14.30
N PHE B 281 26.78 -0.12 -13.58
CA PHE B 281 27.32 1.20 -13.29
C PHE B 281 28.83 1.12 -13.10
N GLY B 282 29.57 1.93 -13.85
CA GLY B 282 31.02 1.93 -13.77
C GLY B 282 31.66 3.29 -13.61
N LEU B 283 32.73 3.35 -12.78
CA LEU B 283 33.45 4.59 -12.53
C LEU B 283 34.78 4.58 -13.26
N THR B 284 35.18 5.73 -13.81
CA THR B 284 36.45 5.84 -14.54
C THR B 284 37.30 7.00 -14.02
N TRP B 285 38.62 6.86 -14.09
CA TRP B 285 39.53 7.90 -13.63
C TRP B 285 40.22 8.60 -14.81
N GLU B 286 40.20 9.94 -14.83
CA GLU B 286 40.83 10.74 -15.89
C GLU B 286 41.50 11.98 -15.29
N LEU B 287 42.65 12.40 -15.85
CA LEU B 287 43.36 13.57 -15.35
C LEU B 287 42.80 14.86 -15.97
N GLU B 288 42.71 14.91 -17.30
CA GLU B 288 42.19 16.03 -18.06
C GLU B 288 41.63 15.45 -19.36
N ASN B 289 40.58 14.62 -19.24
CA ASN B 289 39.92 13.89 -20.34
C ASN B 289 40.83 12.81 -20.95
N LYS B 290 41.82 12.31 -20.20
CA LYS B 290 42.74 11.27 -20.63
C LYS B 290 42.73 10.16 -19.58
N ALA B 291 42.65 8.91 -20.02
CA ALA B 291 42.58 7.74 -19.15
C ALA B 291 43.69 7.62 -18.09
N LEU B 292 43.37 6.96 -16.97
CA LEU B 292 44.30 6.74 -15.86
C LEU B 292 45.44 5.81 -16.25
N GLU B 293 46.56 5.87 -15.51
CA GLU B 293 47.70 5.00 -15.79
C GLU B 293 47.35 3.52 -15.57
N GLU B 294 48.08 2.61 -16.24
CA GLU B 294 47.85 1.18 -16.10
C GLU B 294 48.05 0.72 -14.64
N GLY B 295 49.02 1.32 -13.96
CA GLY B 295 49.30 1.02 -12.57
C GLY B 295 48.53 1.97 -11.66
N ASN B 296 47.18 1.88 -11.72
CA ASN B 296 46.28 2.72 -10.94
C ASN B 296 44.88 2.11 -10.81
N TYR B 297 44.46 1.31 -11.82
CA TYR B 297 43.14 0.68 -11.82
C TYR B 297 43.01 -0.34 -10.71
N PHE B 298 41.95 -0.25 -9.91
CA PHE B 298 41.67 -1.17 -8.82
C PHE B 298 40.16 -1.19 -8.54
N GLU B 299 39.50 -2.32 -8.84
CA GLU B 299 38.06 -2.43 -8.63
C GLU B 299 37.68 -3.28 -7.42
N MET B 300 36.69 -2.83 -6.66
CA MET B 300 36.21 -3.54 -5.49
C MET B 300 34.70 -3.31 -5.35
N SER B 301 33.90 -4.05 -6.12
CA SER B 301 32.45 -3.90 -6.09
C SER B 301 31.79 -4.82 -5.08
N THR B 302 31.18 -4.25 -4.04
CA THR B 302 30.50 -5.01 -2.99
C THR B 302 28.98 -4.87 -3.12
N TYR B 303 28.24 -5.97 -2.91
CA TYR B 303 26.78 -5.93 -3.02
C TYR B 303 26.12 -5.77 -1.66
N SER B 304 25.23 -4.78 -1.52
CA SER B 304 24.54 -4.49 -0.27
C SER B 304 23.06 -4.15 -0.47
N THR B 305 22.24 -4.27 0.60
CA THR B 305 20.79 -3.99 0.66
C THR B 305 19.99 -4.80 -0.42
N ASN B 306 18.66 -4.57 -0.54
CA ASN B 306 17.82 -5.29 -1.47
C ASN B 306 18.21 -5.11 -2.95
N ARG B 307 18.79 -6.15 -3.56
CA ARG B 307 19.22 -6.19 -4.96
C ARG B 307 19.91 -4.89 -5.43
N THR B 308 20.88 -4.42 -4.65
CA THR B 308 21.57 -3.17 -4.94
C THR B 308 23.09 -3.36 -4.85
N MET B 309 23.85 -2.70 -5.73
CA MET B 309 25.31 -2.81 -5.71
C MET B 309 26.00 -1.49 -5.37
N ILE B 310 27.20 -1.57 -4.78
CA ILE B 310 27.99 -0.40 -4.41
C ILE B 310 29.44 -0.63 -4.83
N ARG B 311 29.89 0.03 -5.91
CA ARG B 311 31.25 -0.15 -6.42
C ARG B 311 32.20 0.98 -6.03
N ILE B 312 33.50 0.67 -5.95
CA ILE B 312 34.52 1.66 -5.59
C ILE B 312 35.72 1.57 -6.52
N LEU B 313 36.04 2.67 -7.21
CA LEU B 313 37.19 2.71 -8.12
C LEU B 313 38.34 3.48 -7.48
N PHE B 314 39.39 2.78 -7.06
CA PHE B 314 40.53 3.43 -6.43
C PHE B 314 41.56 3.94 -7.43
N ALA B 315 42.34 4.95 -7.03
CA ALA B 315 43.39 5.56 -7.85
C ALA B 315 44.70 5.49 -7.08
N PHE B 316 45.56 4.52 -7.43
CA PHE B 316 46.81 4.31 -6.73
C PHE B 316 48.05 4.80 -7.48
N VAL B 317 48.84 5.67 -6.83
CA VAL B 317 50.10 6.17 -7.38
C VAL B 317 51.14 6.09 -6.25
N SER B 318 52.02 5.08 -6.28
CA SER B 318 53.01 4.86 -5.23
C SER B 318 54.07 5.97 -5.12
N SER B 319 54.79 6.26 -6.20
CA SER B 319 55.82 7.29 -6.18
C SER B 319 55.29 8.55 -6.83
N VAL B 320 55.00 9.59 -6.02
CA VAL B 320 54.46 10.83 -6.59
C VAL B 320 55.55 11.85 -6.86
N ALA B 321 55.35 12.67 -7.88
CA ALA B 321 56.30 13.68 -8.34
C ALA B 321 55.59 14.89 -9.06
N ARG B 322 56.35 15.95 -9.45
CA ARG B 322 55.82 17.09 -10.17
C ARG B 322 55.22 16.75 -11.56
N ASN B 323 55.18 15.46 -11.91
CA ASN B 323 54.61 14.96 -13.16
C ASN B 323 53.10 14.78 -13.01
N ASP B 324 52.64 14.33 -11.82
CA ASP B 324 51.21 14.12 -11.59
C ASP B 324 50.54 15.24 -10.79
N THR B 325 51.05 16.47 -10.90
CA THR B 325 50.45 17.64 -10.25
C THR B 325 49.38 18.22 -11.19
N GLY B 326 48.14 17.79 -11.02
CA GLY B 326 47.03 18.25 -11.85
C GLY B 326 45.68 17.90 -11.28
N TYR B 327 44.61 18.53 -11.81
CA TYR B 327 43.25 18.29 -11.34
C TYR B 327 42.71 16.94 -11.83
N TYR B 328 42.41 16.01 -10.90
CA TYR B 328 41.89 14.69 -11.24
C TYR B 328 40.37 14.59 -11.15
N THR B 329 39.73 14.09 -12.21
CA THR B 329 38.27 13.93 -12.22
C THR B 329 37.86 12.45 -12.16
N CYS B 330 36.64 12.18 -11.67
CA CYS B 330 36.14 10.82 -11.56
C CYS B 330 34.66 10.73 -11.96
N SER B 331 34.38 10.47 -13.26
CA SER B 331 33.02 10.38 -13.77
C SER B 331 32.47 8.95 -13.75
N SER B 332 31.14 8.80 -13.66
CA SER B 332 30.52 7.48 -13.63
C SER B 332 29.45 7.30 -14.72
N SER B 333 29.09 6.04 -15.02
CA SER B 333 28.11 5.70 -16.06
C SER B 333 26.72 6.27 -15.79
N LYS B 334 26.22 6.14 -14.55
CA LYS B 334 24.91 6.67 -14.20
C LYS B 334 24.97 7.61 -13.00
N HIS B 335 26.06 8.35 -12.86
CA HIS B 335 26.23 9.28 -11.75
C HIS B 335 26.97 10.53 -12.23
N PRO B 336 26.61 11.72 -11.70
CA PRO B 336 27.29 12.95 -12.14
C PRO B 336 28.81 13.00 -11.91
N SER B 337 29.52 13.80 -12.71
CA SER B 337 30.96 13.94 -12.65
C SER B 337 31.49 14.79 -11.50
N GLN B 338 32.04 14.14 -10.46
CA GLN B 338 32.62 14.83 -9.30
C GLN B 338 34.15 14.86 -9.48
N SER B 339 34.79 16.00 -9.13
CA SER B 339 36.23 16.13 -9.34
C SER B 339 36.96 16.79 -8.18
N ALA B 340 38.29 16.59 -8.09
CA ALA B 340 39.12 17.18 -7.05
C ALA B 340 40.56 17.42 -7.54
N LEU B 341 41.07 18.66 -7.37
CA LEU B 341 42.42 19.01 -7.79
C LEU B 341 43.48 18.41 -6.87
N VAL B 342 44.64 18.07 -7.42
CA VAL B 342 45.72 17.49 -6.63
C VAL B 342 47.04 18.21 -6.92
N THR B 343 47.63 18.87 -5.91
CA THR B 343 48.88 19.59 -6.07
C THR B 343 50.05 18.96 -5.31
N ILE B 344 51.28 19.09 -5.82
CA ILE B 344 52.45 18.50 -5.15
C ILE B 344 53.38 19.57 -4.57
N VAL B 345 54.09 19.20 -3.50
CA VAL B 345 55.06 20.07 -2.85
C VAL B 345 56.29 19.24 -2.53
N GLU B 346 57.47 19.73 -2.88
CA GLU B 346 58.70 18.99 -2.62
C GLU B 346 59.15 19.04 -1.15
N LYS B 347 58.61 19.99 -0.36
CA LYS B 347 58.96 20.07 1.06
C LYS B 347 57.72 20.18 1.95
N GLY B 348 56.88 21.17 1.68
CA GLY B 348 55.65 21.41 2.43
C GLY B 348 55.12 22.83 2.23
N PHE B 349 53.97 23.15 2.83
CA PHE B 349 53.39 24.49 2.68
C PHE B 349 52.44 24.91 3.80
N ILE B 350 52.65 26.12 4.34
CA ILE B 350 51.78 26.74 5.34
C ILE B 350 51.39 28.14 4.87
N ASN B 351 50.11 28.34 4.55
CA ASN B 351 49.65 29.66 4.09
C ASN B 351 48.58 30.20 5.04
N ALA B 352 48.60 31.52 5.27
CA ALA B 352 47.63 32.16 6.17
C ALA B 352 47.34 33.61 5.76
N THR B 353 46.05 33.96 5.65
CA THR B 353 45.52 35.26 5.22
C THR B 353 46.11 36.50 5.92
N ASN B 354 46.41 36.41 7.24
CA ASN B 354 46.96 37.51 8.05
C ASN B 354 45.96 38.65 8.33
N SER B 355 45.65 38.90 9.61
CA SER B 355 44.68 39.92 10.03
C SER B 355 45.34 41.28 10.39
N SER B 356 44.53 42.29 10.79
CA SER B 356 45.02 43.62 11.16
C SER B 356 45.83 43.66 12.47
N GLU B 357 45.69 42.62 13.32
CA GLU B 357 46.40 42.46 14.59
C GLU B 357 46.25 43.66 15.56
N ASP B 358 45.04 44.21 15.66
CA ASP B 358 44.77 45.34 16.55
C ASP B 358 43.27 45.42 16.77
N TYR B 359 42.79 45.23 18.01
CA TYR B 359 41.35 45.26 18.26
C TYR B 359 40.91 46.16 19.40
N GLU B 360 39.81 46.90 19.19
CA GLU B 360 39.22 47.77 20.19
C GLU B 360 37.95 47.10 20.76
N ILE B 361 38.12 45.92 21.38
CA ILE B 361 37.03 45.14 21.95
C ILE B 361 36.45 45.74 23.22
N ASP B 362 35.11 45.87 23.27
CA ASP B 362 34.42 46.42 24.43
C ASP B 362 34.19 45.33 25.52
N GLN B 363 33.67 45.73 26.70
CA GLN B 363 33.40 44.82 27.81
C GLN B 363 32.44 43.72 27.38
N TYR B 364 32.81 42.45 27.65
CA TYR B 364 32.05 41.26 27.25
C TYR B 364 31.98 41.17 25.71
N GLU B 365 30.76 41.18 25.08
CA GLU B 365 30.56 41.14 23.63
C GLU B 365 31.13 39.88 22.94
N GLU B 366 31.43 38.82 23.71
CA GLU B 366 31.98 37.54 23.26
C GLU B 366 33.41 37.68 22.68
N PHE B 367 33.56 38.20 21.43
CA PHE B 367 34.85 38.42 20.75
C PHE B 367 35.75 37.18 20.64
N CYS B 368 36.34 36.98 19.47
CA CYS B 368 37.22 35.83 19.24
C CYS B 368 38.34 36.16 18.26
N PHE B 369 39.52 35.57 18.47
CA PHE B 369 40.67 35.78 17.59
C PHE B 369 40.89 34.51 16.78
N SER B 370 40.52 34.54 15.49
CA SER B 370 40.65 33.37 14.63
C SER B 370 41.71 33.53 13.54
N VAL B 371 42.28 32.41 13.07
CA VAL B 371 43.29 32.44 12.00
C VAL B 371 42.88 31.57 10.81
N ARG B 372 42.97 32.12 9.60
CA ARG B 372 42.61 31.38 8.39
C ARG B 372 43.85 30.73 7.81
N PHE B 373 44.15 29.51 8.24
CA PHE B 373 45.34 28.80 7.80
C PHE B 373 45.05 27.54 6.99
N LYS B 374 45.64 27.43 5.82
CA LYS B 374 45.54 26.24 4.98
C LYS B 374 46.95 25.68 4.92
N ALA B 375 47.18 24.46 5.42
CA ALA B 375 48.54 23.91 5.47
C ALA B 375 48.67 22.39 5.34
N TYR B 376 49.81 21.95 4.79
CA TYR B 376 50.18 20.55 4.66
C TYR B 376 51.62 20.40 5.16
N PRO B 377 51.93 19.42 6.02
CA PRO B 377 51.04 18.39 6.56
C PRO B 377 50.28 18.85 7.82
N GLN B 378 49.90 17.93 8.73
CA GLN B 378 49.17 18.23 9.95
C GLN B 378 49.80 19.37 10.76
N ILE B 379 49.10 20.49 10.84
CA ILE B 379 49.55 21.70 11.53
C ILE B 379 49.48 21.58 13.04
N ARG B 380 50.64 21.42 13.69
CA ARG B 380 50.69 21.35 15.14
C ARG B 380 50.59 22.77 15.67
N CYS B 381 49.47 23.12 16.33
CA CYS B 381 49.24 24.48 16.83
C CYS B 381 49.20 24.58 18.35
N THR B 382 49.58 25.76 18.87
CA THR B 382 49.55 26.07 20.29
C THR B 382 49.50 27.58 20.45
N TRP B 383 48.63 28.08 21.34
CA TRP B 383 48.52 29.51 21.59
C TRP B 383 49.29 29.87 22.86
N THR B 384 50.06 30.96 22.82
CA THR B 384 50.86 31.38 23.97
C THR B 384 50.45 32.76 24.47
N PHE B 385 50.31 32.90 25.80
CA PHE B 385 49.93 34.17 26.41
C PHE B 385 50.51 34.28 27.81
N SER B 386 51.70 34.89 27.93
CA SER B 386 52.41 35.09 29.20
C SER B 386 52.59 33.82 30.08
N ARG B 387 52.83 32.66 29.42
CA ARG B 387 53.07 31.30 29.96
C ARG B 387 51.93 30.30 29.71
N LYS B 388 50.83 30.75 29.10
CA LYS B 388 49.68 29.89 28.83
C LYS B 388 49.92 28.98 27.63
N SER B 389 49.50 27.72 27.75
CA SER B 389 49.63 26.73 26.69
C SER B 389 48.27 26.13 26.38
N PHE B 390 47.68 26.52 25.24
CA PHE B 390 46.39 26.00 24.85
C PHE B 390 46.40 25.51 23.40
N PRO B 391 46.21 24.20 23.19
CA PRO B 391 46.22 23.67 21.81
C PRO B 391 44.93 23.99 21.06
N CYS B 392 45.00 24.04 19.72
CA CYS B 392 43.83 24.39 18.91
C CYS B 392 43.38 23.30 17.92
N GLU B 393 42.09 23.34 17.52
CA GLU B 393 41.52 22.40 16.56
C GLU B 393 41.71 22.90 15.11
N GLN B 394 41.67 21.99 14.13
CA GLN B 394 41.84 22.37 12.73
C GLN B 394 40.60 23.07 12.19
N ASP B 398 33.60 27.99 2.84
CA ASP B 398 33.16 27.01 3.82
C ASP B 398 34.16 25.86 3.96
N ASN B 399 34.64 25.34 2.83
CA ASN B 399 35.62 24.24 2.85
C ASN B 399 36.93 24.51 2.10
N GLY B 400 37.18 25.75 1.70
CA GLY B 400 38.41 26.13 1.02
C GLY B 400 39.63 26.17 1.91
N TYR B 401 39.43 26.17 3.24
CA TYR B 401 40.49 26.21 4.24
C TYR B 401 40.00 25.72 5.63
N SER B 402 40.93 25.48 6.57
CA SER B 402 40.59 25.04 7.92
C SER B 402 41.04 26.10 8.94
N ILE B 403 40.10 26.88 9.46
CA ILE B 403 40.41 27.94 10.41
C ILE B 403 40.25 27.49 11.87
N SER B 404 40.86 28.22 12.81
CA SER B 404 40.77 27.90 14.23
C SER B 404 40.75 29.18 15.05
N LYS B 405 39.88 29.26 16.05
CA LYS B 405 39.75 30.44 16.88
C LYS B 405 40.25 30.23 18.31
N PHE B 406 40.55 31.32 19.02
CA PHE B 406 41.00 31.24 20.42
C PHE B 406 40.06 32.12 21.26
N CYS B 407 38.99 31.52 21.78
CA CYS B 407 38.00 32.26 22.55
C CYS B 407 38.24 32.23 24.04
N ASN B 408 39.48 32.01 24.49
CA ASN B 408 39.78 31.99 25.92
C ASN B 408 40.31 33.34 26.38
N HIS B 409 39.73 34.43 25.86
CA HIS B 409 40.12 35.79 26.22
C HIS B 409 39.75 36.11 27.66
N LYS B 410 38.47 35.94 28.05
CA LYS B 410 37.96 36.18 29.40
C LYS B 410 38.43 37.51 30.00
N HIS B 411 38.42 38.58 29.20
CA HIS B 411 38.83 39.92 29.60
C HIS B 411 40.28 39.99 30.10
N GLN B 412 41.20 39.36 29.37
CA GLN B 412 42.61 39.40 29.72
C GLN B 412 43.36 40.04 28.56
N PRO B 413 43.52 41.37 28.56
CA PRO B 413 44.17 42.04 27.42
C PRO B 413 45.68 41.81 27.33
N GLY B 414 46.24 42.12 26.17
CA GLY B 414 47.67 41.97 25.93
C GLY B 414 47.99 41.36 24.57
N GLU B 415 49.24 40.91 24.40
CA GLU B 415 49.68 40.32 23.16
C GLU B 415 49.49 38.80 23.16
N TYR B 416 48.64 38.31 22.26
CA TYR B 416 48.36 36.88 22.13
C TYR B 416 49.19 36.30 21.00
N ILE B 417 49.94 35.24 21.27
CA ILE B 417 50.78 34.60 20.26
C ILE B 417 50.15 33.33 19.70
N PHE B 418 50.27 33.11 18.38
CA PHE B 418 49.71 31.91 17.75
C PHE B 418 50.74 31.21 16.87
N HIS B 419 51.37 30.17 17.39
CA HIS B 419 52.39 29.43 16.63
C HIS B 419 51.78 28.19 15.98
N ALA B 420 52.35 27.76 14.85
CA ALA B 420 51.88 26.58 14.14
C ALA B 420 53.06 25.95 13.41
N GLU B 421 53.82 25.10 14.10
CA GLU B 421 54.99 24.44 13.51
C GLU B 421 54.67 23.05 12.98
N ASN B 422 54.57 22.92 11.65
CA ASN B 422 54.32 21.63 11.00
C ASN B 422 55.59 20.76 10.97
N ASP B 423 55.52 19.53 10.43
CA ASP B 423 56.67 18.65 10.35
C ASP B 423 57.72 19.06 9.32
N ASP B 424 57.70 20.33 8.85
CA ASP B 424 58.68 20.85 7.90
C ASP B 424 58.76 22.37 7.89
N ALA B 425 57.59 23.05 7.96
CA ALA B 425 57.55 24.51 7.92
C ALA B 425 57.13 25.12 9.27
N GLN B 426 57.50 26.39 9.50
CA GLN B 426 57.16 27.08 10.74
C GLN B 426 56.40 28.38 10.47
N PHE B 427 55.49 28.75 11.39
CA PHE B 427 54.71 29.99 11.27
C PHE B 427 54.32 30.52 12.65
N THR B 428 54.31 31.84 12.80
CA THR B 428 53.92 32.49 14.04
C THR B 428 53.09 33.73 13.73
N LYS B 429 52.09 34.04 14.57
CA LYS B 429 51.24 35.20 14.36
C LYS B 429 50.74 35.82 15.66
N MET B 430 51.21 37.03 15.99
CA MET B 430 50.79 37.71 17.22
C MET B 430 49.70 38.73 16.95
N PHE B 431 48.77 38.88 17.89
CA PHE B 431 47.67 39.84 17.80
C PHE B 431 47.54 40.64 19.10
N THR B 432 47.09 41.91 19.00
CA THR B 432 46.95 42.75 20.19
C THR B 432 45.50 43.15 20.46
N LEU B 433 45.02 42.83 21.66
CA LEU B 433 43.66 43.19 22.05
C LEU B 433 43.70 43.96 23.36
N ASN B 434 42.97 45.07 23.44
CA ASN B 434 42.94 45.88 24.65
C ASN B 434 41.52 45.94 25.24
N ILE B 435 41.43 46.13 26.55
CA ILE B 435 40.14 46.20 27.23
C ILE B 435 39.54 47.60 27.08
N ARG B 436 38.22 47.69 26.95
CA ARG B 436 37.55 49.00 26.81
C ARG B 436 37.25 49.67 28.17
N ARG B 437 37.83 49.16 29.27
CA ARG B 437 37.60 49.72 30.59
C ARG B 437 38.43 50.98 30.79
N LYS B 438 37.85 52.16 30.51
CA LYS B 438 38.56 53.42 30.67
C LYS B 438 38.10 54.13 31.93
N PRO B 439 39.02 54.83 32.62
CA PRO B 439 39.65 54.23 33.79
C PRO B 439 39.61 55.15 35.02
N GLN B 440 39.76 54.56 36.21
CA GLN B 440 39.75 55.33 37.45
C GLN B 440 41.18 55.62 37.87
N VAL B 441 41.51 56.90 38.07
CA VAL B 441 42.85 57.30 38.47
C VAL B 441 42.99 57.19 39.99
N LEU B 442 43.82 56.26 40.47
CA LEU B 442 44.00 56.07 41.90
C LEU B 442 45.43 55.71 42.29
N ALA B 443 46.25 55.21 41.34
CA ALA B 443 47.62 54.82 41.62
C ALA B 443 48.61 56.00 41.62
N GLU B 444 48.49 56.88 42.60
CA GLU B 444 49.38 58.02 42.73
C GLU B 444 50.61 57.62 43.54
N ALA B 445 51.78 58.13 43.16
CA ALA B 445 53.02 57.83 43.89
C ALA B 445 53.43 59.04 44.71
N SER B 446 53.46 58.89 46.03
CA SER B 446 53.81 59.99 46.94
C SER B 446 55.32 60.27 46.96
N ALA B 447 55.81 60.96 45.93
CA ALA B 447 57.21 61.33 45.86
C ALA B 447 57.38 62.66 46.56
N SER B 448 58.38 62.77 47.44
CA SER B 448 58.62 64.00 48.16
C SER B 448 59.54 64.95 47.40
N GLN B 449 60.47 64.40 46.59
CA GLN B 449 61.46 65.16 45.81
C GLN B 449 60.87 66.05 44.71
N ALA B 450 60.71 67.36 45.01
CA ALA B 450 60.19 68.45 44.17
C ALA B 450 58.69 68.32 43.81
N SER B 451 58.26 67.20 43.20
CA SER B 451 56.86 67.01 42.82
C SER B 451 56.47 65.53 42.82
N CYS B 452 55.26 65.23 43.29
CA CYS B 452 54.78 63.86 43.35
C CYS B 452 54.16 63.43 42.03
N PHE B 453 54.62 62.30 41.47
CA PHE B 453 54.08 61.81 40.21
C PHE B 453 52.75 61.11 40.42
N SER B 454 51.66 61.68 39.87
CA SER B 454 50.34 61.07 40.00
C SER B 454 49.97 60.39 38.69
N ASP B 455 49.86 59.05 38.69
CA ASP B 455 49.57 58.31 37.46
C ASP B 455 48.21 57.63 37.42
N GLY B 456 47.59 57.66 36.26
CA GLY B 456 46.29 57.04 36.04
C GLY B 456 46.38 55.85 35.12
N TYR B 457 45.72 54.74 35.47
CA TYR B 457 45.75 53.54 34.65
C TYR B 457 44.35 52.99 34.38
N PRO B 458 44.03 52.63 33.12
CA PRO B 458 44.17 51.24 32.70
C PRO B 458 44.59 51.07 31.23
N LEU B 459 43.66 50.87 30.28
CA LEU B 459 43.96 50.66 28.86
C LEU B 459 42.72 50.99 27.96
N PRO B 460 42.84 50.97 26.62
CA PRO B 460 43.80 51.70 25.79
C PRO B 460 43.56 53.21 25.86
N SER B 461 42.30 53.65 25.81
CA SER B 461 41.99 55.08 25.87
C SER B 461 42.10 55.60 27.29
N TRP B 462 43.25 56.18 27.63
CA TRP B 462 43.48 56.72 28.96
C TRP B 462 44.16 58.08 28.88
N THR B 463 43.62 59.08 29.58
CA THR B 463 44.22 60.41 29.59
C THR B 463 44.19 60.99 30.99
N TRP B 464 45.35 61.38 31.52
CA TRP B 464 45.43 61.97 32.86
C TRP B 464 45.59 63.48 32.72
N LYS B 465 44.63 64.24 33.26
CA LYS B 465 44.66 65.69 33.19
C LYS B 465 43.91 66.33 34.36
N LYS B 466 44.64 66.85 35.35
CA LYS B 466 44.03 67.47 36.51
C LYS B 466 43.68 68.93 36.24
N CYS B 474 39.25 72.60 44.03
CA CYS B 474 38.06 72.45 43.20
C CYS B 474 38.25 73.07 41.81
N THR B 475 38.78 74.28 41.73
CA THR B 475 38.99 74.96 40.45
C THR B 475 40.21 74.42 39.68
N GLU B 476 40.29 74.71 38.37
CA GLU B 476 41.39 74.25 37.52
C GLU B 476 42.71 74.98 37.80
N GLU B 477 43.81 74.24 37.81
CA GLU B 477 45.13 74.82 38.05
C GLU B 477 45.97 74.78 36.78
N ILE B 478 46.67 75.88 36.48
CA ILE B 478 47.52 75.97 35.30
C ILE B 478 48.93 75.37 35.55
N THR B 479 49.74 75.20 34.48
CA THR B 479 51.11 74.66 34.48
C THR B 479 51.19 73.22 34.99
N GLU B 480 51.49 72.29 34.10
CA GLU B 480 51.63 70.87 34.43
C GLU B 480 53.04 70.35 34.08
N GLY B 481 53.41 69.22 34.68
CA GLY B 481 54.72 68.62 34.43
C GLY B 481 54.76 67.72 33.21
N VAL B 482 54.98 66.42 33.42
CA VAL B 482 55.06 65.44 32.33
C VAL B 482 53.68 65.13 31.71
N TRP B 483 53.66 64.53 30.51
CA TRP B 483 52.41 64.16 29.85
C TRP B 483 52.44 62.73 29.31
N ASN B 484 53.21 61.83 29.96
CA ASN B 484 53.40 60.42 29.60
C ASN B 484 53.94 60.24 28.15
N ARG B 485 53.07 60.00 27.12
CA ARG B 485 53.43 59.80 25.71
C ARG B 485 54.58 58.80 25.52
N LYS B 486 54.24 57.53 25.26
CA LYS B 486 55.24 56.48 25.06
C LYS B 486 54.70 55.37 24.14
N ALA B 487 55.61 54.70 23.42
CA ALA B 487 55.23 53.64 22.50
C ALA B 487 54.88 52.34 23.23
N ASN B 488 53.90 51.59 22.69
CA ASN B 488 53.48 50.32 23.29
C ASN B 488 54.44 49.16 22.97
N ARG B 489 54.37 48.07 23.77
CA ARG B 489 55.21 46.89 23.65
C ARG B 489 56.69 47.19 23.84
N LYS B 490 57.09 47.59 25.06
CA LYS B 490 58.47 47.92 25.36
C LYS B 490 59.04 47.08 26.50
N VAL B 491 59.25 45.77 26.23
CA VAL B 491 59.80 44.76 27.15
C VAL B 491 58.97 44.55 28.42
N PHE B 492 59.06 43.34 29.01
CA PHE B 492 58.33 43.02 30.24
C PHE B 492 59.14 43.37 31.48
N GLY B 493 58.44 43.64 32.58
CA GLY B 493 59.10 43.98 33.83
C GLY B 493 58.14 44.05 35.01
N GLN B 494 57.53 45.22 35.23
CA GLN B 494 56.61 45.40 36.33
C GLN B 494 55.15 45.27 35.90
N TRP B 495 54.27 44.91 36.86
CA TRP B 495 52.84 44.75 36.61
C TRP B 495 52.15 46.11 36.48
N VAL B 496 51.14 46.20 35.59
CA VAL B 496 50.30 47.38 35.32
C VAL B 496 51.09 48.55 34.70
N SER B 497 50.45 49.27 33.77
CA SER B 497 51.05 50.43 33.12
C SER B 497 50.15 51.65 33.24
N SER B 498 50.71 52.78 33.67
CA SER B 498 49.93 53.99 33.86
C SER B 498 50.51 55.20 33.11
N SER B 499 49.70 56.24 32.91
CA SER B 499 50.13 57.44 32.23
C SER B 499 50.29 58.59 33.23
N THR B 500 51.51 58.79 33.74
CA THR B 500 51.77 59.83 34.72
C THR B 500 51.72 61.22 34.10
N LEU B 501 51.07 62.17 34.77
CA LEU B 501 50.94 63.53 34.25
C LEU B 501 50.83 64.58 35.37
N ASN B 502 51.73 64.53 36.36
CA ASN B 502 51.70 65.51 37.46
C ASN B 502 53.08 65.80 38.04
N MET B 503 53.53 67.05 37.92
CA MET B 503 54.82 67.51 38.43
C MET B 503 54.82 69.04 38.53
N SER B 504 54.14 69.59 39.55
CA SER B 504 54.05 71.04 39.74
C SER B 504 54.84 71.55 40.96
N GLU B 505 55.15 72.85 40.98
CA GLU B 505 55.91 73.45 42.07
C GLU B 505 55.12 74.47 42.90
N ALA B 506 53.83 74.69 42.60
CA ALA B 506 53.00 75.65 43.34
C ALA B 506 52.66 75.15 44.74
N ILE B 507 52.53 76.06 45.72
CA ILE B 507 52.23 75.68 47.09
C ILE B 507 50.73 75.67 47.38
N LYS B 508 50.08 74.54 47.11
CA LYS B 508 48.65 74.40 47.36
C LYS B 508 48.33 73.70 48.69
N GLY B 509 49.26 72.90 49.19
CA GLY B 509 49.06 72.16 50.43
C GLY B 509 48.42 70.82 50.15
N PHE B 510 47.43 70.43 50.97
CA PHE B 510 46.75 69.16 50.80
C PHE B 510 45.73 69.23 49.65
N LEU B 511 46.05 68.60 48.52
CA LEU B 511 45.16 68.59 47.36
C LEU B 511 45.31 67.31 46.53
N VAL B 512 46.56 66.95 46.16
CA VAL B 512 46.95 65.76 45.37
C VAL B 512 46.27 65.69 43.99
N LYS B 513 47.07 65.68 42.92
CA LYS B 513 46.60 65.62 41.54
C LYS B 513 46.05 64.22 41.13
N CYS B 514 45.80 64.01 39.81
CA CYS B 514 45.28 62.79 39.16
C CYS B 514 43.76 62.83 38.98
N CYS B 515 43.32 63.19 37.78
CA CYS B 515 41.92 63.22 37.39
C CYS B 515 41.87 62.75 35.96
N ALA B 516 41.47 61.49 35.77
CA ALA B 516 41.43 60.89 34.44
C ALA B 516 40.20 61.31 33.66
N TYR B 517 40.36 61.55 32.37
CA TYR B 517 39.28 61.91 31.47
C TYR B 517 39.41 61.04 30.23
N ASN B 518 38.32 60.38 29.83
CA ASN B 518 38.33 59.51 28.65
C ASN B 518 36.93 59.45 28.02
N SER B 519 36.79 58.76 26.86
CA SER B 519 35.51 58.60 26.18
C SER B 519 34.49 57.88 27.05
N LEU B 520 34.94 56.94 27.90
CA LEU B 520 34.05 56.20 28.78
C LEU B 520 33.58 56.99 30.00
N GLY B 521 34.37 57.95 30.45
CA GLY B 521 34.00 58.76 31.60
C GLY B 521 35.16 59.42 32.32
N THR B 522 34.93 59.77 33.59
CA THR B 522 35.93 60.44 34.44
C THR B 522 35.95 59.88 35.87
N SER B 523 37.09 60.07 36.55
CA SER B 523 37.37 59.65 37.93
C SER B 523 38.61 60.42 38.44
N CYS B 524 38.81 60.47 39.77
CA CYS B 524 39.96 61.18 40.34
C CYS B 524 40.48 60.55 41.64
N GLU B 525 41.76 60.84 41.99
CA GLU B 525 42.44 60.33 43.17
C GLU B 525 42.32 61.31 44.37
N THR B 526 42.86 60.93 45.54
CA THR B 526 42.80 61.76 46.75
C THR B 526 43.43 63.13 46.57
N THR C 22 -26.14 3.96 62.61
CA THR C 22 -27.02 2.81 62.49
C THR C 22 -26.35 1.57 63.03
N GLN C 23 -25.14 1.29 62.57
CA GLN C 23 -24.42 0.13 63.05
C GLN C 23 -23.77 0.47 64.37
N ASP C 24 -23.62 -0.53 65.23
CA ASP C 24 -22.99 -0.31 66.51
C ASP C 24 -21.55 0.10 66.30
N CYS C 25 -21.08 0.03 65.05
CA CYS C 25 -19.68 0.36 64.76
C CYS C 25 -18.72 -0.21 65.79
N SER C 26 -18.65 -1.53 65.87
CA SER C 26 -17.79 -2.19 66.83
C SER C 26 -16.85 -3.24 66.22
N PHE C 27 -16.81 -3.33 64.87
CA PHE C 27 -16.00 -4.24 64.07
C PHE C 27 -15.98 -5.68 64.60
N GLN C 28 -16.24 -6.64 63.71
CA GLN C 28 -16.30 -8.06 64.04
C GLN C 28 -14.89 -8.55 64.42
N HIS C 29 -13.93 -8.38 63.52
CA HIS C 29 -12.54 -8.75 63.75
C HIS C 29 -11.65 -7.53 63.54
N SER C 30 -10.45 -7.54 64.13
CA SER C 30 -9.52 -6.41 64.04
C SER C 30 -9.27 -5.89 62.63
N PRO C 31 -9.67 -4.63 62.35
CA PRO C 31 -9.41 -4.05 61.04
C PRO C 31 -7.98 -3.48 60.90
N ILE C 32 -7.21 -3.41 62.00
CA ILE C 32 -5.85 -2.91 61.99
C ILE C 32 -4.87 -4.06 61.88
N SER C 33 -4.19 -4.14 60.73
CA SER C 33 -3.25 -5.20 60.39
C SER C 33 -1.93 -5.09 61.15
N SER C 34 -1.11 -6.14 61.09
CA SER C 34 0.19 -6.14 61.75
C SER C 34 1.31 -5.60 60.84
N ASP C 35 1.11 -5.56 59.51
CA ASP C 35 2.14 -5.08 58.59
C ASP C 35 1.98 -3.62 58.15
N PHE C 36 1.16 -2.84 58.87
CA PHE C 36 0.90 -1.43 58.58
C PHE C 36 2.16 -0.57 58.52
N ALA C 37 3.10 -0.77 59.47
CA ALA C 37 4.33 0.04 59.57
C ALA C 37 5.20 -0.10 58.34
N VAL C 38 5.35 -1.33 57.83
CA VAL C 38 6.15 -1.58 56.65
C VAL C 38 5.50 -0.94 55.44
N LYS C 39 4.18 -1.05 55.31
CA LYS C 39 3.44 -0.48 54.19
C LYS C 39 3.56 1.04 54.16
N ILE C 40 3.43 1.68 55.32
CA ILE C 40 3.51 3.13 55.41
C ILE C 40 4.91 3.63 55.13
N ARG C 41 5.93 2.95 55.67
CA ARG C 41 7.32 3.35 55.43
C ARG C 41 7.69 3.18 53.96
N GLU C 42 7.17 2.13 53.30
CA GLU C 42 7.45 1.89 51.89
C GLU C 42 6.90 3.01 51.03
N LEU C 43 5.67 3.45 51.29
CA LEU C 43 5.08 4.55 50.53
C LEU C 43 5.85 5.85 50.80
N SER C 44 6.25 6.08 52.06
CA SER C 44 7.02 7.25 52.49
C SER C 44 8.40 7.32 51.83
N ASP C 45 9.03 6.15 51.58
CA ASP C 45 10.35 6.13 50.98
C ASP C 45 10.33 6.18 49.45
N TYR C 46 9.23 5.76 48.81
CA TYR C 46 9.13 5.80 47.35
C TYR C 46 8.47 7.05 46.78
N LEU C 47 7.85 7.90 47.62
CA LEU C 47 7.23 9.10 47.08
C LEU C 47 8.27 10.17 46.74
N ASP C 48 8.47 10.41 45.44
CA ASP C 48 9.40 11.43 44.97
C ASP C 48 8.80 12.84 45.04
N GLN C 49 7.46 12.95 44.99
CA GLN C 49 6.74 14.21 45.07
C GLN C 49 5.91 14.26 46.35
N ASP C 50 6.07 15.32 47.16
CA ASP C 50 5.37 15.48 48.43
C ASP C 50 4.02 16.17 48.24
N TYR C 51 3.00 15.43 47.76
CA TYR C 51 1.64 15.90 47.48
C TYR C 51 1.03 16.73 48.60
N PRO C 52 0.38 17.86 48.27
CA PRO C 52 -0.21 18.69 49.33
C PRO C 52 -1.54 18.14 49.82
N VAL C 53 -1.65 17.96 51.13
CA VAL C 53 -2.87 17.45 51.75
C VAL C 53 -3.23 18.30 53.00
N THR C 54 -4.28 17.94 53.75
CA THR C 54 -4.66 18.67 54.96
C THR C 54 -4.90 17.71 56.13
N VAL C 55 -4.81 18.23 57.36
CA VAL C 55 -5.10 17.48 58.58
C VAL C 55 -6.01 18.34 59.45
N ALA C 56 -6.93 17.71 60.19
CA ALA C 56 -7.82 18.45 61.07
C ALA C 56 -7.03 19.02 62.23
N SER C 57 -7.33 20.26 62.60
CA SER C 57 -6.63 20.96 63.67
C SER C 57 -7.45 21.13 64.96
N ASN C 58 -8.79 20.95 64.89
CA ASN C 58 -9.63 21.16 66.07
C ASN C 58 -10.61 20.02 66.41
N LEU C 59 -10.24 18.76 66.11
CA LEU C 59 -11.11 17.63 66.44
C LEU C 59 -11.17 17.47 67.96
N GLN C 60 -12.27 16.90 68.49
CA GLN C 60 -12.48 16.67 69.92
C GLN C 60 -11.27 16.01 70.59
N ASP C 61 -10.72 16.67 71.61
CA ASP C 61 -9.46 16.30 72.25
C ASP C 61 -9.46 15.02 73.09
N GLU C 62 -9.22 13.88 72.44
CA GLU C 62 -9.06 12.59 73.08
C GLU C 62 -8.42 11.61 72.10
N GLU C 63 -7.48 10.80 72.59
CA GLU C 63 -6.78 9.81 71.78
C GLU C 63 -7.69 8.67 71.35
N LEU C 64 -8.56 8.19 72.26
CA LEU C 64 -9.46 7.09 71.96
C LEU C 64 -10.62 7.49 71.01
N CYS C 65 -11.51 8.39 71.45
CA CYS C 65 -12.63 8.82 70.60
C CYS C 65 -12.15 9.53 69.33
N GLY C 66 -11.11 10.34 69.46
CA GLY C 66 -10.55 11.06 68.32
C GLY C 66 -9.86 10.16 67.32
N GLY C 67 -9.30 9.07 67.81
CA GLY C 67 -8.61 8.09 66.98
C GLY C 67 -9.56 7.19 66.21
N LEU C 68 -10.20 7.76 65.19
CA LEU C 68 -11.15 7.13 64.28
C LEU C 68 -11.54 8.17 63.22
N TRP C 69 -11.83 9.40 63.64
CA TRP C 69 -12.20 10.50 62.75
C TRP C 69 -11.08 10.85 61.80
N ARG C 70 -9.83 10.80 62.30
CA ARG C 70 -8.67 11.10 61.48
C ARG C 70 -8.52 10.12 60.32
N LEU C 71 -8.92 8.85 60.52
CA LEU C 71 -8.85 7.82 59.49
C LEU C 71 -9.85 8.07 58.37
N VAL C 72 -11.04 8.60 58.72
CA VAL C 72 -12.05 8.92 57.73
C VAL C 72 -11.52 10.01 56.80
N LEU C 73 -10.92 11.06 57.38
CA LEU C 73 -10.33 12.16 56.61
C LEU C 73 -9.14 11.67 55.79
N ALA C 74 -8.26 10.85 56.39
CA ALA C 74 -7.10 10.33 55.69
C ALA C 74 -7.48 9.42 54.53
N GLN C 75 -8.53 8.60 54.70
CA GLN C 75 -9.00 7.69 53.67
C GLN C 75 -9.48 8.45 52.45
N ARG C 76 -10.16 9.58 52.64
CA ARG C 76 -10.61 10.42 51.51
C ARG C 76 -9.39 10.93 50.74
N TRP C 77 -8.34 11.35 51.45
CA TRP C 77 -7.13 11.82 50.82
C TRP C 77 -6.42 10.74 50.04
N MET C 78 -6.40 9.51 50.59
CA MET C 78 -5.77 8.39 49.90
C MET C 78 -6.49 8.08 48.60
N GLU C 79 -7.82 8.15 48.60
CA GLU C 79 -8.59 7.90 47.39
C GLU C 79 -8.33 9.02 46.37
N ARG C 80 -8.24 10.27 46.84
CA ARG C 80 -7.97 11.44 46.00
C ARG C 80 -6.58 11.33 45.35
N LEU C 81 -5.59 10.80 46.10
CA LEU C 81 -4.23 10.65 45.59
C LEU C 81 -4.15 9.60 44.49
N LYS C 82 -4.98 8.56 44.55
CA LYS C 82 -5.02 7.52 43.51
C LYS C 82 -5.44 8.12 42.16
N THR C 83 -6.29 9.16 42.17
CA THR C 83 -6.76 9.81 40.95
C THR C 83 -5.78 10.81 40.34
N VAL C 84 -4.72 11.20 41.07
CA VAL C 84 -3.77 12.18 40.55
C VAL C 84 -2.37 11.61 40.36
N ALA C 85 -1.99 10.56 41.13
CA ALA C 85 -0.66 9.95 41.00
C ALA C 85 -0.55 9.19 39.70
N GLY C 86 0.67 9.18 39.15
CA GLY C 86 0.97 8.52 37.89
C GLY C 86 0.81 7.01 37.91
N SER C 87 1.09 6.36 36.78
CA SER C 87 0.97 4.92 36.64
C SER C 87 1.80 4.16 37.68
N LYS C 88 3.07 4.53 37.84
CA LYS C 88 3.99 3.85 38.76
C LYS C 88 3.60 3.97 40.23
N MET C 89 2.94 5.06 40.62
CA MET C 89 2.56 5.27 42.02
C MET C 89 1.17 4.75 42.37
N GLN C 90 0.34 4.38 41.37
CA GLN C 90 -1.02 3.91 41.63
C GLN C 90 -1.09 2.69 42.56
N GLY C 91 -0.23 1.71 42.32
CA GLY C 91 -0.17 0.50 43.13
C GLY C 91 0.20 0.78 44.57
N LEU C 92 1.22 1.62 44.79
CA LEU C 92 1.67 1.97 46.14
C LEU C 92 0.63 2.79 46.90
N LEU C 93 -0.07 3.71 46.22
CA LEU C 93 -1.11 4.51 46.86
C LEU C 93 -2.29 3.63 47.26
N GLU C 94 -2.70 2.72 46.36
CA GLU C 94 -3.83 1.82 46.64
C GLU C 94 -3.51 0.85 47.77
N ARG C 95 -2.23 0.45 47.93
CA ARG C 95 -1.81 -0.43 49.01
C ARG C 95 -2.09 0.23 50.36
N VAL C 96 -1.84 1.54 50.46
CA VAL C 96 -2.12 2.26 51.70
C VAL C 96 -3.63 2.41 51.89
N ASN C 97 -4.35 2.71 50.80
CA ASN C 97 -5.80 2.83 50.82
C ASN C 97 -6.47 1.56 51.35
N THR C 98 -5.98 0.38 50.94
CA THR C 98 -6.55 -0.89 51.41
C THR C 98 -6.36 -1.14 52.91
N GLU C 99 -5.36 -0.53 53.54
CA GLU C 99 -5.14 -0.71 54.98
C GLU C 99 -6.11 0.14 55.80
N ILE C 100 -6.62 1.25 55.25
CA ILE C 100 -7.53 2.13 55.97
C ILE C 100 -8.96 2.20 55.38
N HIS C 101 -9.27 1.36 54.38
CA HIS C 101 -10.58 1.28 53.74
C HIS C 101 -11.72 0.87 54.69
N PHE C 102 -11.39 0.25 55.84
CA PHE C 102 -12.36 -0.20 56.83
C PHE C 102 -13.30 0.90 57.32
N VAL C 103 -12.85 2.17 57.31
CA VAL C 103 -13.69 3.29 57.74
C VAL C 103 -14.93 3.44 56.86
N THR C 104 -14.85 3.01 55.58
CA THR C 104 -16.00 3.05 54.66
C THR C 104 -17.12 2.09 55.03
N LYS C 105 -16.87 1.12 55.93
CA LYS C 105 -17.88 0.17 56.37
C LYS C 105 -18.88 0.78 57.36
N CYS C 106 -18.48 1.87 58.05
CA CYS C 106 -19.34 2.56 59.00
C CYS C 106 -20.00 3.78 58.36
N ALA C 107 -21.22 4.11 58.78
CA ALA C 107 -21.92 5.25 58.21
C ALA C 107 -21.48 6.60 58.82
N PHE C 108 -20.19 6.97 58.65
CA PHE C 108 -19.66 8.23 59.14
C PHE C 108 -20.35 9.39 58.41
N GLN C 109 -20.79 10.38 59.17
CA GLN C 109 -21.51 11.53 58.62
C GLN C 109 -20.56 12.61 58.05
N PRO C 110 -21.06 13.52 57.20
CA PRO C 110 -20.17 14.54 56.61
C PRO C 110 -19.55 15.45 57.65
N PRO C 111 -18.30 15.91 57.42
CA PRO C 111 -17.66 16.80 58.42
C PRO C 111 -18.44 18.09 58.67
N PRO C 112 -18.53 18.51 59.94
CA PRO C 112 -19.28 19.74 60.24
C PRO C 112 -18.56 21.00 59.76
N SER C 113 -19.31 22.10 59.61
CA SER C 113 -18.73 23.37 59.18
C SER C 113 -17.73 23.95 60.19
N CYS C 114 -17.79 23.52 61.47
CA CYS C 114 -16.89 23.96 62.52
C CYS C 114 -15.45 23.41 62.34
N LEU C 115 -15.30 22.29 61.62
CA LEU C 115 -14.00 21.66 61.39
C LEU C 115 -12.99 22.55 60.67
N ARG C 116 -11.79 22.66 61.25
CA ARG C 116 -10.70 23.47 60.71
C ARG C 116 -9.55 22.54 60.35
N PHE C 117 -8.84 22.87 59.27
CA PHE C 117 -7.71 22.07 58.83
C PHE C 117 -6.53 22.90 58.37
N VAL C 118 -5.33 22.34 58.55
CA VAL C 118 -4.08 23.01 58.15
C VAL C 118 -3.44 22.25 56.98
N GLN C 119 -2.80 22.98 56.06
CA GLN C 119 -2.15 22.37 54.91
C GLN C 119 -0.85 21.70 55.37
N THR C 120 -0.66 20.46 54.96
CA THR C 120 0.54 19.69 55.26
C THR C 120 0.94 18.82 54.04
N ASN C 121 1.97 17.97 54.15
CA ASN C 121 2.42 17.13 53.07
C ASN C 121 2.00 15.68 53.26
N ILE C 122 1.96 14.90 52.17
CA ILE C 122 1.56 13.48 52.21
C ILE C 122 2.40 12.65 53.17
N SER C 123 3.71 12.95 53.30
CA SER C 123 4.57 12.22 54.22
C SER C 123 4.07 12.33 55.67
N ARG C 124 3.72 13.55 56.11
CA ARG C 124 3.20 13.81 57.44
C ARG C 124 1.85 13.14 57.65
N LEU C 125 0.97 13.18 56.64
CA LEU C 125 -0.35 12.55 56.73
C LEU C 125 -0.22 11.05 56.91
N LEU C 126 0.73 10.42 56.19
CA LEU C 126 0.96 8.99 56.30
C LEU C 126 1.46 8.61 57.69
N GLN C 127 2.42 9.39 58.22
CA GLN C 127 2.97 9.16 59.56
C GLN C 127 1.87 9.30 60.61
N GLU C 128 1.05 10.35 60.49
CA GLU C 128 -0.05 10.60 61.42
C GLU C 128 -1.05 9.45 61.38
N THR C 129 -1.37 8.98 60.16
CA THR C 129 -2.31 7.88 59.96
C THR C 129 -1.84 6.61 60.68
N SER C 130 -0.55 6.27 60.54
CA SER C 130 0.01 5.10 61.19
C SER C 130 -0.09 5.22 62.71
N GLU C 131 0.19 6.42 63.24
CA GLU C 131 0.13 6.68 64.67
C GLU C 131 -1.27 6.49 65.23
N GLN C 132 -2.29 6.93 64.48
CA GLN C 132 -3.67 6.79 64.92
C GLN C 132 -4.10 5.32 64.96
N LEU C 133 -3.65 4.52 63.99
CA LEU C 133 -4.06 3.12 63.99
C LEU C 133 -3.32 2.33 65.08
N VAL C 134 -2.12 2.76 65.52
CA VAL C 134 -1.46 2.12 66.67
C VAL C 134 -2.30 2.34 67.92
N ALA C 135 -2.85 3.56 68.08
CA ALA C 135 -3.69 3.92 69.21
C ALA C 135 -5.08 3.25 69.18
N LEU C 136 -5.67 3.10 67.98
CA LEU C 136 -7.00 2.51 67.85
C LEU C 136 -7.03 0.98 67.81
N LYS C 137 -5.97 0.34 67.31
CA LYS C 137 -5.86 -1.11 67.17
C LYS C 137 -6.33 -1.93 68.39
N PRO C 138 -5.87 -1.65 69.64
CA PRO C 138 -6.33 -2.48 70.77
C PRO C 138 -7.76 -2.23 71.23
N TRP C 139 -8.41 -1.16 70.74
CA TRP C 139 -9.77 -0.86 71.18
C TRP C 139 -10.85 -1.04 70.13
N ILE C 140 -10.47 -1.16 68.85
CA ILE C 140 -11.41 -1.22 67.74
C ILE C 140 -12.50 -2.29 67.84
N THR C 141 -12.25 -3.44 68.48
CA THR C 141 -13.27 -4.48 68.59
C THR C 141 -13.87 -4.62 70.02
N ARG C 142 -13.36 -3.85 71.00
CA ARG C 142 -13.81 -3.91 72.39
C ARG C 142 -14.95 -2.96 72.75
N GLN C 143 -14.96 -1.76 72.17
CA GLN C 143 -15.97 -0.76 72.51
C GLN C 143 -16.94 -0.46 71.38
N ASN C 144 -18.14 0.02 71.73
CA ASN C 144 -19.13 0.39 70.72
C ASN C 144 -18.87 1.83 70.29
N PHE C 145 -18.44 2.05 69.03
CA PHE C 145 -18.15 3.39 68.54
C PHE C 145 -19.27 3.98 67.69
N SER C 146 -20.52 3.53 67.89
CA SER C 146 -21.66 4.10 67.14
C SER C 146 -21.82 5.60 67.43
N ARG C 147 -21.52 6.03 68.67
CA ARG C 147 -21.56 7.44 69.06
C ARG C 147 -20.47 8.31 68.38
N CYS C 148 -19.57 7.70 67.59
CA CYS C 148 -18.51 8.40 66.88
C CYS C 148 -18.84 8.71 65.42
N LEU C 149 -20.04 8.32 64.93
CA LEU C 149 -20.52 8.54 63.55
C LEU C 149 -20.39 10.00 63.11
N GLU C 150 -20.64 10.93 64.04
CA GLU C 150 -20.56 12.35 63.75
C GLU C 150 -19.24 12.92 64.27
N LEU C 151 -18.45 13.53 63.39
CA LEU C 151 -17.18 14.13 63.78
C LEU C 151 -17.44 15.31 64.70
N GLN C 152 -16.70 15.40 65.82
CA GLN C 152 -16.88 16.48 66.79
C GLN C 152 -15.68 17.39 66.82
N CYS C 153 -15.93 18.69 66.96
CA CYS C 153 -14.85 19.67 67.01
C CYS C 153 -14.86 20.49 68.29
N GLN C 154 -13.71 20.57 68.95
CA GLN C 154 -13.59 21.36 70.15
C GLN C 154 -12.39 22.28 69.95
N PRO C 155 -12.61 23.60 69.80
CA PRO C 155 -11.48 24.50 69.56
C PRO C 155 -10.66 24.79 70.83
N ALA D 79 40.14 -53.83 74.61
CA ALA D 79 39.96 -53.16 73.32
C ALA D 79 39.39 -51.76 73.53
N ALA D 80 40.26 -50.79 73.83
CA ALA D 80 39.84 -49.42 74.07
C ALA D 80 39.81 -48.61 72.77
N VAL D 81 38.65 -48.04 72.43
CA VAL D 81 38.47 -47.25 71.21
C VAL D 81 38.24 -45.78 71.57
N GLU D 82 38.96 -44.85 70.90
CA GLU D 82 38.81 -43.43 71.13
C GLU D 82 38.01 -42.83 69.99
N VAL D 83 36.77 -42.39 70.27
CA VAL D 83 35.83 -41.84 69.31
C VAL D 83 35.96 -40.32 69.16
N ASP D 84 36.29 -39.85 67.96
CA ASP D 84 36.43 -38.42 67.70
C ASP D 84 35.12 -37.86 67.18
N VAL D 85 34.48 -36.99 68.00
CA VAL D 85 33.23 -36.28 67.70
C VAL D 85 32.06 -37.29 67.37
N SER D 86 30.95 -36.84 66.76
CA SER D 86 29.82 -37.69 66.40
C SER D 86 30.21 -38.51 65.16
N ALA D 87 31.06 -39.53 65.35
CA ALA D 87 31.54 -40.38 64.26
C ALA D 87 30.60 -41.54 63.96
N SER D 88 30.56 -41.96 62.70
CA SER D 88 29.70 -43.06 62.26
C SER D 88 30.55 -44.22 61.76
N ILE D 89 30.83 -45.20 62.64
CA ILE D 89 31.61 -46.40 62.29
C ILE D 89 30.87 -47.68 62.73
N THR D 90 31.27 -48.83 62.15
CA THR D 90 30.63 -50.10 62.48
C THR D 90 31.50 -50.95 63.40
N LEU D 91 30.86 -51.60 64.37
CA LEU D 91 31.49 -52.49 65.33
C LEU D 91 30.72 -53.82 65.47
N GLN D 92 29.93 -54.20 64.45
CA GLN D 92 29.14 -55.42 64.50
C GLN D 92 29.84 -56.54 63.72
N VAL D 93 30.99 -56.98 64.23
CA VAL D 93 31.78 -58.04 63.60
C VAL D 93 31.07 -59.39 63.64
N LEU D 94 31.40 -60.28 62.70
CA LEU D 94 30.78 -61.60 62.64
C LEU D 94 31.75 -62.74 62.95
N VAL D 95 31.39 -63.59 63.92
CA VAL D 95 32.17 -64.75 64.34
C VAL D 95 31.35 -66.02 64.03
N ASP D 96 32.00 -67.05 63.44
CA ASP D 96 31.39 -68.31 63.04
C ASP D 96 30.60 -69.04 64.14
N ALA D 97 29.29 -68.78 64.20
CA ALA D 97 28.41 -69.40 65.19
C ALA D 97 27.02 -69.79 64.63
N PRO D 98 26.95 -70.82 63.76
CA PRO D 98 25.65 -71.22 63.22
C PRO D 98 24.94 -72.28 64.07
N GLY D 99 23.61 -72.24 64.09
CA GLY D 99 22.82 -73.19 64.85
C GLY D 99 21.84 -72.55 65.80
N ASN D 100 21.46 -73.27 66.88
CA ASN D 100 20.51 -72.77 67.86
C ASN D 100 21.20 -71.81 68.84
N ILE D 101 21.57 -70.63 68.35
CA ILE D 101 22.25 -69.60 69.12
C ILE D 101 21.47 -68.28 69.09
N SER D 102 21.20 -67.70 70.26
CA SER D 102 20.48 -66.42 70.37
C SER D 102 21.19 -65.55 71.40
N CYS D 103 21.43 -64.28 71.05
CA CYS D 103 22.12 -63.36 71.96
C CYS D 103 21.23 -62.18 72.42
N LEU D 104 21.70 -61.39 73.40
CA LEU D 104 20.98 -60.24 73.95
C LEU D 104 22.01 -59.17 74.38
N TRP D 105 21.86 -57.93 73.88
CA TRP D 105 22.81 -56.88 74.19
C TRP D 105 22.62 -56.25 75.58
N VAL D 106 23.73 -56.11 76.31
CA VAL D 106 23.75 -55.52 77.65
C VAL D 106 24.58 -54.23 77.62
N PHE D 107 23.92 -53.10 77.35
CA PHE D 107 24.55 -51.78 77.26
C PHE D 107 24.96 -51.22 78.62
N LYS D 108 25.54 -49.99 78.65
CA LYS D 108 25.96 -49.31 79.87
C LYS D 108 24.78 -49.19 80.85
N HIS D 109 24.73 -50.08 81.87
CA HIS D 109 23.70 -50.15 82.91
C HIS D 109 22.26 -50.14 82.37
N SER D 110 22.05 -50.70 81.17
CA SER D 110 20.73 -50.74 80.53
C SER D 110 20.65 -51.91 79.55
N SER D 111 19.43 -52.40 79.29
CA SER D 111 19.22 -53.52 78.39
C SER D 111 19.01 -53.09 76.94
N LEU D 112 19.34 -53.98 75.99
CA LEU D 112 19.16 -53.68 74.58
C LEU D 112 18.67 -54.91 73.82
N ASN D 113 17.45 -54.82 73.29
CA ASN D 113 16.83 -55.90 72.53
C ASN D 113 17.42 -55.98 71.13
N CYS D 114 17.80 -57.19 70.70
CA CYS D 114 18.37 -57.40 69.38
C CYS D 114 17.91 -58.74 68.77
N GLN D 115 18.08 -58.89 67.46
CA GLN D 115 17.72 -60.09 66.73
C GLN D 115 18.80 -60.36 65.69
N PRO D 116 19.72 -61.31 65.97
CA PRO D 116 20.82 -61.55 65.03
C PRO D 116 20.52 -62.58 63.94
N HIS D 117 21.42 -62.71 62.97
CA HIS D 117 21.26 -63.65 61.88
C HIS D 117 22.33 -64.74 61.94
N PHE D 118 21.98 -65.92 62.49
CA PHE D 118 22.92 -67.01 62.60
C PHE D 118 22.56 -68.15 61.65
N GLY D 124 26.94 -65.68 64.39
CA GLY D 124 25.84 -64.74 64.17
C GLY D 124 26.22 -63.31 64.46
N VAL D 125 25.63 -62.35 63.74
CA VAL D 125 25.94 -60.94 63.94
C VAL D 125 24.73 -60.11 64.37
N VAL D 126 24.86 -59.38 65.49
CA VAL D 126 23.80 -58.54 66.05
C VAL D 126 24.11 -57.03 65.91
N SER D 127 23.10 -56.16 66.07
CA SER D 127 23.23 -54.71 65.93
C SER D 127 24.22 -54.04 66.90
N MET D 128 25.47 -53.84 66.45
CA MET D 128 26.54 -53.18 67.21
C MET D 128 27.18 -52.00 66.47
N VAL D 129 26.68 -51.62 65.28
CA VAL D 129 27.20 -50.49 64.51
C VAL D 129 26.61 -49.18 65.01
N ILE D 130 27.35 -48.07 64.87
CA ILE D 130 26.89 -46.78 65.36
C ILE D 130 27.01 -45.66 64.34
N LEU D 131 25.95 -44.84 64.24
CA LEU D 131 25.92 -43.69 63.36
C LEU D 131 25.81 -42.47 64.27
N LYS D 132 26.87 -41.65 64.30
CA LYS D 132 26.99 -40.46 65.14
C LYS D 132 26.97 -40.84 66.64
N MET D 133 28.11 -41.28 67.18
CA MET D 133 28.21 -41.69 68.58
C MET D 133 28.19 -40.48 69.50
N THR D 134 27.03 -40.19 70.10
CA THR D 134 26.86 -39.04 71.00
C THR D 134 27.73 -39.16 72.25
N GLU D 135 27.99 -38.02 72.92
CA GLU D 135 28.80 -37.97 74.14
C GLU D 135 28.28 -38.94 75.22
N THR D 136 26.97 -39.23 75.19
CA THR D 136 26.34 -40.15 76.13
C THR D 136 26.60 -41.58 75.68
N GLN D 137 26.48 -41.86 74.37
CA GLN D 137 26.67 -43.18 73.76
C GLN D 137 28.12 -43.64 73.74
N ALA D 138 28.63 -44.10 74.90
CA ALA D 138 29.98 -44.63 75.11
C ALA D 138 30.09 -45.35 76.47
N GLY D 139 30.92 -46.39 76.53
CA GLY D 139 31.13 -47.12 77.78
C GLY D 139 31.22 -48.63 77.69
N GLU D 140 30.72 -49.32 78.73
CA GLU D 140 30.74 -50.78 78.83
C GLU D 140 29.57 -51.41 78.07
N TYR D 141 29.90 -52.25 77.08
CA TYR D 141 28.90 -52.94 76.27
C TYR D 141 29.16 -54.46 76.20
N LEU D 142 28.29 -55.24 76.84
CA LEU D 142 28.39 -56.70 76.90
C LEU D 142 27.41 -57.40 75.96
N LEU D 143 27.69 -58.67 75.62
CA LEU D 143 26.87 -59.50 74.72
C LEU D 143 27.17 -60.98 74.99
N PHE D 144 26.15 -61.76 75.32
CA PHE D 144 26.33 -63.20 75.58
C PHE D 144 25.27 -64.06 74.88
N ILE D 145 25.54 -65.35 74.71
CA ILE D 145 24.63 -66.30 74.07
C ILE D 145 23.81 -67.08 75.12
N GLN D 146 22.51 -67.23 74.88
CA GLN D 146 21.63 -67.95 75.78
C GLN D 146 20.89 -69.08 75.06
N SER D 147 21.12 -70.33 75.49
CA SER D 147 20.49 -71.49 74.88
C SER D 147 20.10 -72.50 75.95
N THR D 150 24.45 -73.38 76.61
CA THR D 150 25.74 -72.69 76.61
C THR D 150 25.58 -71.21 76.91
N ASN D 151 26.51 -70.65 77.67
CA ASN D 151 26.46 -69.24 78.03
C ASN D 151 27.86 -68.63 78.19
N TYR D 152 28.36 -67.99 77.13
CA TYR D 152 29.67 -67.34 77.17
C TYR D 152 29.49 -65.85 76.92
N THR D 153 29.94 -64.99 77.85
CA THR D 153 29.80 -63.54 77.75
C THR D 153 31.05 -62.85 77.16
N ILE D 154 30.84 -61.85 76.29
CA ILE D 154 31.92 -61.12 75.62
C ILE D 154 31.96 -59.68 76.15
N LEU D 155 33.15 -59.03 76.16
CA LEU D 155 33.27 -57.69 76.70
C LEU D 155 33.90 -56.68 75.75
N PHE D 156 33.23 -55.51 75.58
CA PHE D 156 33.75 -54.44 74.72
C PHE D 156 33.76 -53.11 75.50
N THR D 157 34.86 -52.37 75.40
CA THR D 157 34.98 -51.11 76.10
C THR D 157 35.11 -49.97 75.12
N VAL D 158 34.09 -49.10 75.04
CA VAL D 158 34.15 -47.95 74.14
C VAL D 158 34.98 -46.82 74.79
N SER D 159 34.92 -46.69 76.14
CA SER D 159 35.69 -45.74 76.97
C SER D 159 35.39 -44.25 76.66
N ILE D 160 35.92 -43.33 77.50
CA ILE D 160 35.74 -41.89 77.36
C ILE D 160 36.13 -41.39 75.97
N ARG D 161 35.30 -40.52 75.38
CA ARG D 161 35.55 -40.00 74.05
C ARG D 161 35.05 -38.57 73.89
N ASN D 162 35.95 -37.66 73.46
CA ASN D 162 35.62 -36.26 73.27
C ASN D 162 36.61 -35.59 72.32
N THR D 163 36.14 -34.94 71.26
CA THR D 163 37.03 -34.27 70.31
C THR D 163 37.19 -32.78 70.61
N LEU D 164 36.07 -32.03 70.67
CA LEU D 164 36.12 -30.60 70.95
C LEU D 164 34.85 -30.06 71.64
N LEU D 165 33.84 -30.91 71.89
CA LEU D 165 32.57 -30.57 72.53
C LEU D 165 31.78 -29.49 71.79
N TYR D 166 31.64 -29.64 70.47
CA TYR D 166 30.92 -28.67 69.65
C TYR D 166 29.42 -28.90 69.71
N THR D 167 28.99 -30.18 69.59
CA THR D 167 27.59 -30.63 69.63
C THR D 167 26.69 -29.95 68.57
N LEU D 168 25.61 -30.64 68.20
CA LEU D 168 24.66 -30.13 67.21
C LEU D 168 23.26 -30.53 67.62
N ARG D 169 22.36 -29.56 67.78
CA ARG D 169 20.98 -29.84 68.17
C ARG D 169 19.99 -29.07 67.29
N ARG D 170 18.83 -29.68 66.99
CA ARG D 170 17.78 -29.07 66.18
C ARG D 170 17.34 -27.74 66.75
N PRO D 171 17.12 -26.73 65.88
CA PRO D 171 16.75 -25.41 66.38
C PRO D 171 15.36 -25.34 67.03
N TYR D 172 15.23 -24.52 68.07
CA TYR D 172 13.97 -24.34 68.77
C TYR D 172 13.40 -22.97 68.43
N PHE D 173 12.11 -22.91 68.07
CA PHE D 173 11.47 -21.64 67.75
C PHE D 173 11.18 -20.81 69.00
N ARG D 174 11.01 -19.49 68.85
CA ARG D 174 10.72 -18.62 69.97
C ARG D 174 9.98 -17.37 69.51
N LYS D 175 9.03 -16.90 70.32
CA LYS D 175 8.27 -15.71 69.99
C LYS D 175 8.90 -14.49 70.66
N MET D 176 9.05 -13.39 69.92
CA MET D 176 9.63 -12.17 70.47
C MET D 176 8.56 -11.39 71.23
N GLU D 177 8.80 -11.09 72.51
CA GLU D 177 7.85 -10.34 73.32
C GLU D 177 7.85 -8.84 72.97
N ASN D 178 8.99 -8.31 72.50
CA ASN D 178 9.10 -6.91 72.12
C ASN D 178 8.36 -6.58 70.82
N GLN D 179 8.19 -7.56 69.93
CA GLN D 179 7.50 -7.35 68.67
C GLN D 179 6.73 -8.60 68.21
N ASP D 180 5.76 -8.43 67.30
CA ASP D 180 4.98 -9.55 66.78
C ASP D 180 5.77 -10.24 65.67
N ALA D 181 6.85 -10.96 66.05
CA ALA D 181 7.72 -11.66 65.12
C ALA D 181 8.31 -12.92 65.74
N LEU D 182 8.69 -13.90 64.91
CA LEU D 182 9.25 -15.15 65.40
C LEU D 182 10.74 -15.30 65.11
N VAL D 183 11.54 -15.61 66.14
CA VAL D 183 12.98 -15.82 65.98
C VAL D 183 13.34 -17.33 65.99
N CYS D 184 14.56 -17.68 65.54
CA CYS D 184 14.99 -19.08 65.51
C CYS D 184 16.36 -19.27 66.16
N ILE D 185 16.38 -19.83 67.38
CA ILE D 185 17.64 -20.07 68.08
C ILE D 185 18.07 -21.53 68.01
N SER D 186 19.39 -21.80 68.05
CA SER D 186 19.88 -23.18 67.99
C SER D 186 20.95 -23.47 69.05
N GLU D 187 20.73 -24.51 69.85
CA GLU D 187 21.62 -24.90 70.94
C GLU D 187 22.79 -25.77 70.49
N SER D 188 23.91 -25.11 70.20
CA SER D 188 25.17 -25.74 69.82
C SER D 188 26.31 -24.84 70.29
N VAL D 189 27.48 -25.42 70.61
CA VAL D 189 28.63 -24.62 71.07
C VAL D 189 29.02 -23.54 70.04
N PRO D 190 29.23 -23.85 68.73
CA PRO D 190 29.48 -22.76 67.77
C PRO D 190 28.14 -22.21 67.28
N GLU D 191 27.94 -20.88 67.35
CA GLU D 191 26.68 -20.27 66.92
C GLU D 191 26.45 -20.51 65.43
N PRO D 192 25.40 -21.25 65.08
CA PRO D 192 25.18 -21.58 63.67
C PRO D 192 24.43 -20.51 62.88
N ILE D 193 24.60 -20.53 61.55
CA ILE D 193 23.93 -19.60 60.66
C ILE D 193 22.53 -20.09 60.34
N VAL D 194 21.51 -19.37 60.80
CA VAL D 194 20.12 -19.78 60.59
C VAL D 194 19.43 -19.00 59.46
N GLU D 195 18.85 -19.72 58.49
CA GLU D 195 18.15 -19.13 57.37
C GLU D 195 16.67 -19.54 57.34
N TRP D 196 15.81 -18.73 56.71
CA TRP D 196 14.39 -19.02 56.63
C TRP D 196 13.97 -19.46 55.24
N VAL D 197 13.21 -20.55 55.14
CA VAL D 197 12.73 -21.04 53.84
C VAL D 197 11.31 -20.57 53.60
N LEU D 198 10.99 -20.15 52.36
CA LEU D 198 9.64 -19.69 52.03
C LEU D 198 9.30 -19.90 50.56
N CYS D 199 8.31 -20.75 50.27
CA CYS D 199 7.89 -21.02 48.89
C CYS D 199 6.77 -20.10 48.46
N GLU D 209 5.39 -28.17 47.26
CA GLU D 209 6.74 -27.60 47.32
C GLU D 209 7.59 -28.07 46.15
N SER D 210 8.21 -27.13 45.43
CA SER D 210 9.06 -27.47 44.29
C SER D 210 10.38 -26.66 44.26
N PRO D 211 11.13 -26.67 45.38
CA PRO D 211 12.59 -26.85 45.32
C PRO D 211 13.37 -25.69 44.68
N ALA D 212 12.81 -24.48 44.74
CA ALA D 212 13.44 -23.26 44.20
C ALA D 212 13.01 -22.02 45.01
N VAL D 213 12.89 -22.19 46.34
CA VAL D 213 12.46 -21.15 47.27
C VAL D 213 13.62 -20.23 47.69
N VAL D 214 13.29 -19.04 48.24
CA VAL D 214 14.30 -18.06 48.68
C VAL D 214 14.70 -18.23 50.16
N LYS D 215 15.85 -17.64 50.55
CA LYS D 215 16.32 -17.75 51.92
C LYS D 215 16.74 -16.42 52.54
N LYS D 216 16.07 -16.00 53.62
CA LYS D 216 16.41 -14.75 54.29
C LYS D 216 17.07 -15.05 55.64
N GLU D 217 18.40 -15.19 55.67
CA GLU D 217 19.14 -15.50 56.90
C GLU D 217 19.23 -14.28 57.81
N GLU D 218 18.19 -14.05 58.63
CA GLU D 218 18.16 -12.91 59.53
C GLU D 218 17.77 -13.24 60.98
N LYS D 219 17.35 -14.50 61.24
CA LYS D 219 16.93 -15.00 62.55
C LYS D 219 15.57 -14.44 63.00
N VAL D 220 15.46 -13.12 63.16
CA VAL D 220 14.20 -12.49 63.54
C VAL D 220 13.33 -12.39 62.29
N LEU D 221 12.25 -13.18 62.23
CA LEU D 221 11.36 -13.16 61.08
C LEU D 221 9.98 -12.61 61.38
N HIS D 222 9.63 -11.49 60.74
CA HIS D 222 8.32 -10.89 60.91
C HIS D 222 7.39 -11.32 59.78
N GLU D 223 7.91 -11.35 58.55
CA GLU D 223 7.13 -11.75 57.38
C GLU D 223 7.00 -13.27 57.28
N LEU D 224 5.96 -13.85 57.88
CA LEU D 224 5.74 -15.29 57.83
C LEU D 224 4.28 -15.65 57.60
N PHE D 225 3.89 -15.82 56.34
CA PHE D 225 2.52 -16.17 55.95
C PHE D 225 2.44 -17.65 55.46
N GLY D 226 1.29 -18.04 54.90
CA GLY D 226 1.04 -19.41 54.44
C GLY D 226 1.87 -19.86 53.26
N MET D 227 3.00 -20.52 53.54
CA MET D 227 3.91 -21.07 52.55
C MET D 227 4.76 -22.20 53.23
N ASP D 228 6.03 -22.39 52.87
CA ASP D 228 6.87 -23.39 53.51
C ASP D 228 7.64 -22.66 54.61
N ILE D 229 7.50 -23.09 55.87
CA ILE D 229 8.18 -22.42 56.98
C ILE D 229 9.22 -23.34 57.62
N ARG D 230 10.50 -22.94 57.58
CA ARG D 230 11.56 -23.76 58.15
C ARG D 230 12.83 -22.96 58.46
N CYS D 231 13.53 -23.28 59.56
CA CYS D 231 14.78 -22.59 59.89
C CYS D 231 15.91 -23.59 60.20
N CYS D 232 16.79 -23.81 59.22
CA CYS D 232 17.91 -24.73 59.31
C CYS D 232 19.14 -24.09 59.97
N ALA D 233 20.10 -24.90 60.43
CA ALA D 233 21.32 -24.40 61.05
C ALA D 233 22.54 -25.26 60.69
N ARG D 234 23.73 -24.66 60.61
CA ARG D 234 24.95 -25.40 60.27
C ARG D 234 26.17 -24.87 61.03
N ASN D 235 26.77 -25.69 61.89
CA ASN D 235 27.96 -25.28 62.66
C ASN D 235 28.82 -26.44 63.14
N GLU D 236 30.01 -26.59 62.54
CA GLU D 236 31.07 -27.56 62.85
C GLU D 236 30.71 -29.05 62.66
N LEU D 237 29.66 -29.55 63.33
CA LEU D 237 29.29 -30.97 63.29
C LEU D 237 28.31 -31.35 62.17
N GLY D 238 28.16 -30.50 61.16
CA GLY D 238 27.26 -30.77 60.06
C GLY D 238 26.14 -29.76 59.92
N ARG D 239 24.90 -30.25 59.80
CA ARG D 239 23.74 -29.37 59.65
C ARG D 239 22.47 -29.96 60.25
N GLU D 240 21.85 -29.22 61.19
CA GLU D 240 20.62 -29.66 61.82
C GLU D 240 19.44 -28.79 61.38
N CYS D 241 18.47 -29.39 60.68
CA CYS D 241 17.31 -28.65 60.18
C CYS D 241 16.10 -28.74 61.12
N THR D 242 15.18 -27.76 61.03
CA THR D 242 13.98 -27.74 61.85
C THR D 242 12.77 -27.34 61.00
N ARG D 243 11.58 -27.88 61.31
CA ARG D 243 10.38 -27.56 60.55
C ARG D 243 9.26 -27.00 61.43
N LEU D 244 8.88 -25.74 61.23
CA LEU D 244 7.82 -25.12 62.01
C LEU D 244 6.48 -25.55 61.44
N PHE D 245 5.70 -26.32 62.20
CA PHE D 245 4.42 -26.83 61.72
C PHE D 245 3.34 -25.75 61.62
N THR D 246 2.71 -25.66 60.44
CA THR D 246 1.65 -24.70 60.19
C THR D 246 0.53 -25.44 59.45
N ILE D 247 -0.69 -25.48 60.02
CA ILE D 247 -1.80 -26.17 59.36
C ILE D 247 -2.67 -25.18 58.58
N ASP D 248 -2.58 -25.23 57.24
CA ASP D 248 -3.32 -24.35 56.35
C ASP D 248 -4.79 -24.71 56.28
N LEU D 249 -5.64 -23.83 56.80
CA LEU D 249 -7.08 -24.05 56.76
C LEU D 249 -7.65 -23.83 55.35
N ASN D 250 -6.98 -22.99 54.52
CA ASN D 250 -7.42 -22.72 53.15
C ASN D 250 -7.24 -23.95 52.24
N GLN D 251 -6.23 -24.79 52.53
CA GLN D 251 -5.99 -26.01 51.76
C GLN D 251 -6.98 -27.12 52.18
N THR D 252 -7.19 -28.11 51.30
CA THR D 252 -8.09 -29.23 51.59
C THR D 252 -7.53 -30.11 52.73
N PRO D 253 -8.40 -30.73 53.54
CA PRO D 253 -7.90 -31.54 54.68
C PRO D 253 -7.07 -32.76 54.31
N GLN D 254 -6.10 -33.10 55.17
CA GLN D 254 -5.23 -34.25 54.98
C GLN D 254 -6.01 -35.57 55.05
N THR D 255 -7.03 -35.63 55.92
CA THR D 255 -7.93 -36.77 56.16
C THR D 255 -7.18 -38.07 56.51
N THR D 256 -6.05 -37.95 57.20
CA THR D 256 -5.26 -39.11 57.60
C THR D 256 -4.81 -38.99 59.05
N LEU D 257 -5.62 -38.32 59.90
CA LEU D 257 -5.35 -38.07 61.32
C LEU D 257 -3.97 -37.42 61.51
N PRO D 258 -3.89 -36.09 61.33
CA PRO D 258 -2.59 -35.43 61.46
C PRO D 258 -2.05 -35.45 62.89
N GLN D 259 -0.75 -35.69 63.07
CA GLN D 259 -0.14 -35.75 64.39
C GLN D 259 1.27 -35.16 64.44
N LEU D 260 1.76 -34.79 65.64
CA LEU D 260 3.10 -34.24 65.81
C LEU D 260 3.65 -34.53 67.21
N PHE D 261 4.63 -35.42 67.32
CA PHE D 261 5.24 -35.77 68.60
C PHE D 261 6.30 -34.75 68.99
N LEU D 262 6.33 -34.33 70.26
CA LEU D 262 7.30 -33.33 70.71
C LEU D 262 8.17 -33.81 71.86
N LYS D 263 9.36 -33.22 72.00
CA LYS D 263 10.29 -33.56 73.07
C LYS D 263 9.95 -32.80 74.34
N VAL D 264 10.00 -33.49 75.50
CA VAL D 264 9.69 -32.87 76.79
C VAL D 264 10.65 -31.73 77.10
N GLY D 265 10.15 -30.50 76.99
CA GLY D 265 10.96 -29.31 77.22
C GLY D 265 11.02 -28.43 76.00
N GLU D 266 11.10 -29.05 74.81
CA GLU D 266 11.15 -28.33 73.54
C GLU D 266 9.77 -27.72 73.26
N PRO D 267 9.71 -26.58 72.55
CA PRO D 267 8.48 -25.78 72.59
C PRO D 267 7.44 -26.21 71.54
N LEU D 268 6.15 -26.07 71.87
CA LEU D 268 5.04 -26.43 70.99
C LEU D 268 4.65 -25.26 70.10
N TRP D 269 4.64 -25.48 68.77
CA TRP D 269 4.31 -24.43 67.81
C TRP D 269 3.29 -24.83 66.74
N ILE D 270 2.03 -24.41 66.89
CA ILE D 270 0.99 -24.72 65.91
C ILE D 270 0.36 -23.43 65.41
N ARG D 271 0.47 -23.17 64.11
CA ARG D 271 -0.09 -21.96 63.51
C ARG D 271 -1.18 -22.26 62.47
N CYS D 272 -2.06 -21.30 62.19
CA CYS D 272 -3.13 -21.49 61.23
C CYS D 272 -3.05 -20.53 60.05
N LYS D 273 -2.68 -21.01 58.86
CA LYS D 273 -2.60 -20.15 57.68
C LYS D 273 -3.98 -20.00 57.05
N ALA D 274 -4.77 -19.06 57.58
CA ALA D 274 -6.12 -18.83 57.09
C ALA D 274 -6.18 -17.76 56.01
N VAL D 275 -6.94 -18.00 54.95
CA VAL D 275 -7.09 -17.05 53.85
C VAL D 275 -8.58 -16.78 53.62
N HIS D 276 -9.03 -15.54 53.86
CA HIS D 276 -10.42 -15.19 53.62
C HIS D 276 -10.51 -13.88 52.83
N VAL D 277 -11.40 -13.84 51.83
CA VAL D 277 -11.60 -12.67 50.99
C VAL D 277 -12.11 -11.50 51.81
N ASN D 278 -13.08 -11.77 52.68
CA ASN D 278 -13.66 -10.75 53.55
C ASN D 278 -12.87 -10.61 54.85
N HIS D 279 -12.94 -9.43 55.44
CA HIS D 279 -12.26 -9.06 56.66
C HIS D 279 -12.80 -9.78 57.91
N GLY D 280 -14.06 -10.16 57.88
CA GLY D 280 -14.72 -10.81 59.02
C GLY D 280 -14.47 -12.29 59.15
N PHE D 281 -13.29 -12.67 59.66
CA PHE D 281 -12.92 -14.07 59.86
C PHE D 281 -11.93 -14.22 61.04
N GLY D 282 -12.22 -15.14 61.95
CA GLY D 282 -11.37 -15.36 63.10
C GLY D 282 -11.10 -16.81 63.44
N LEU D 283 -9.86 -17.12 63.84
CA LEU D 283 -9.47 -18.48 64.20
C LEU D 283 -9.33 -18.61 65.72
N THR D 284 -9.75 -19.74 66.27
CA THR D 284 -9.67 -19.97 67.72
C THR D 284 -9.00 -21.31 68.05
N TRP D 285 -8.33 -21.38 69.20
CA TRP D 285 -7.65 -22.61 69.62
C TRP D 285 -8.36 -23.28 70.80
N GLU D 286 -8.55 -24.60 70.72
CA GLU D 286 -9.23 -25.33 71.78
C GLU D 286 -8.82 -26.82 71.86
N LEU D 287 -9.24 -27.51 72.92
CA LEU D 287 -9.03 -28.95 73.10
C LEU D 287 -10.37 -29.52 73.54
N GLU D 288 -11.08 -30.21 72.63
CA GLU D 288 -12.41 -30.81 72.83
C GLU D 288 -13.54 -29.76 72.83
N ASN D 289 -13.42 -28.73 73.67
CA ASN D 289 -14.36 -27.61 73.79
C ASN D 289 -13.69 -26.46 74.55
N LYS D 290 -12.89 -26.79 75.59
CA LYS D 290 -12.19 -25.84 76.44
C LYS D 290 -11.20 -24.96 75.67
N ALA D 291 -11.25 -23.66 75.92
CA ALA D 291 -10.42 -22.62 75.31
C ALA D 291 -8.91 -22.78 75.59
N LEU D 292 -8.06 -22.17 74.74
CA LEU D 292 -6.60 -22.21 74.91
C LEU D 292 -6.17 -21.38 76.12
N GLU D 293 -5.01 -21.72 76.70
CA GLU D 293 -4.48 -21.01 77.87
C GLU D 293 -4.23 -19.54 77.57
N GLU D 294 -4.21 -18.70 78.60
CA GLU D 294 -3.96 -17.26 78.44
C GLU D 294 -2.60 -17.00 77.81
N GLY D 295 -1.60 -17.81 78.18
CA GLY D 295 -0.27 -17.72 77.63
C GLY D 295 -0.11 -18.63 76.43
N ASN D 296 -0.89 -18.37 75.37
CA ASN D 296 -0.89 -19.16 74.13
C ASN D 296 -1.48 -18.37 72.95
N TYR D 297 -2.37 -17.41 73.22
CA TYR D 297 -3.01 -16.61 72.19
C TYR D 297 -2.02 -15.62 71.58
N PHE D 298 -1.94 -15.59 70.25
CA PHE D 298 -1.03 -14.70 69.53
C PHE D 298 -1.61 -14.41 68.15
N GLU D 299 -1.97 -13.15 67.88
CA GLU D 299 -2.55 -12.80 66.58
C GLU D 299 -1.59 -12.02 65.70
N MET D 300 -1.58 -12.34 64.40
CA MET D 300 -0.74 -11.67 63.43
C MET D 300 -1.46 -11.65 62.09
N SER D 301 -2.40 -10.72 61.92
CA SER D 301 -3.18 -10.62 60.68
C SER D 301 -2.53 -9.68 59.67
N THR D 302 -2.09 -10.23 58.53
CA THR D 302 -1.46 -9.47 57.46
C THR D 302 -2.42 -9.30 56.27
N TYR D 303 -2.41 -8.12 55.64
CA TYR D 303 -3.29 -7.86 54.49
C TYR D 303 -2.58 -8.07 53.17
N SER D 304 -3.16 -8.89 52.29
CA SER D 304 -2.58 -9.20 50.98
C SER D 304 -3.63 -9.21 49.86
N THR D 305 -3.19 -9.01 48.59
CA THR D 305 -3.99 -8.98 47.36
C THR D 305 -5.15 -7.93 47.45
N ASN D 306 -6.03 -7.85 46.42
CA ASN D 306 -7.10 -6.86 46.38
C ASN D 306 -8.12 -7.02 47.52
N ARG D 307 -8.08 -6.10 48.50
CA ARG D 307 -8.97 -6.05 49.67
C ARG D 307 -9.29 -7.42 50.28
N THR D 308 -8.25 -8.20 50.58
CA THR D 308 -8.40 -9.52 51.17
C THR D 308 -7.45 -9.64 52.35
N MET D 309 -7.93 -10.14 53.49
CA MET D 309 -7.07 -10.30 54.67
C MET D 309 -6.64 -11.75 54.87
N ILE D 310 -5.47 -11.94 55.49
CA ILE D 310 -4.94 -13.27 55.78
C ILE D 310 -4.44 -13.25 57.23
N ARG D 311 -5.06 -14.05 58.11
CA ARG D 311 -4.72 -14.06 59.53
C ARG D 311 -4.06 -15.37 59.97
N ILE D 312 -3.25 -15.30 61.03
CA ILE D 312 -2.57 -16.47 61.58
C ILE D 312 -2.69 -16.51 63.10
N LEU D 313 -3.31 -17.57 63.63
CA LEU D 313 -3.47 -17.74 65.07
C LEU D 313 -2.44 -18.74 65.59
N PHE D 314 -1.35 -18.24 66.20
CA PHE D 314 -0.27 -19.10 66.69
C PHE D 314 -0.47 -19.53 68.14
N ALA D 315 -0.40 -20.84 68.39
CA ALA D 315 -0.53 -21.40 69.73
C ALA D 315 0.85 -21.67 70.31
N PHE D 316 1.34 -20.74 71.15
CA PHE D 316 2.66 -20.87 71.73
C PHE D 316 2.67 -21.52 73.10
N VAL D 317 3.48 -22.56 73.27
CA VAL D 317 3.65 -23.25 74.55
C VAL D 317 5.15 -23.50 74.76
N SER D 318 5.82 -22.67 75.58
CA SER D 318 7.26 -22.77 75.82
C SER D 318 7.67 -24.08 76.49
N SER D 319 7.03 -24.42 77.62
CA SER D 319 7.31 -25.66 78.33
C SER D 319 6.69 -26.87 77.60
N VAL D 320 7.15 -28.08 77.90
CA VAL D 320 6.61 -29.28 77.27
C VAL D 320 6.46 -30.36 78.33
N ALA D 321 5.21 -30.77 78.64
CA ALA D 321 5.00 -31.79 79.68
C ALA D 321 3.66 -32.60 79.42
N ARG D 322 3.32 -33.58 80.30
CA ARG D 322 2.10 -34.39 80.19
C ARG D 322 0.80 -33.59 80.01
N ASN D 323 0.74 -32.34 80.50
CA ASN D 323 -0.44 -31.49 80.36
C ASN D 323 -0.68 -31.06 78.90
N ASP D 324 0.37 -31.03 78.07
CA ASP D 324 0.23 -30.66 76.67
C ASP D 324 0.01 -31.86 75.73
N THR D 325 -0.27 -33.05 76.29
CA THR D 325 -0.49 -34.26 75.49
C THR D 325 -1.99 -34.46 75.18
N GLY D 326 -2.49 -33.78 74.16
CA GLY D 326 -3.90 -33.90 73.79
C GLY D 326 -4.19 -33.56 72.35
N TYR D 327 -5.43 -33.81 71.90
CA TYR D 327 -5.82 -33.51 70.53
C TYR D 327 -6.19 -32.03 70.40
N TYR D 328 -5.35 -31.24 69.72
CA TYR D 328 -5.60 -29.81 69.56
C TYR D 328 -6.33 -29.46 68.27
N THR D 329 -7.43 -28.71 68.38
CA THR D 329 -8.22 -28.33 67.21
C THR D 329 -8.15 -26.86 66.87
N CYS D 330 -8.29 -26.54 65.59
CA CYS D 330 -8.28 -25.17 65.11
C CYS D 330 -9.53 -24.91 64.27
N SER D 331 -10.56 -24.28 64.86
CA SER D 331 -11.77 -23.95 64.11
C SER D 331 -11.81 -22.46 63.78
N SER D 332 -12.42 -22.11 62.64
CA SER D 332 -12.51 -20.72 62.22
C SER D 332 -13.97 -20.26 62.00
N SER D 333 -14.20 -18.93 61.97
CA SER D 333 -15.52 -18.35 61.80
C SER D 333 -16.19 -18.71 60.48
N LYS D 334 -15.45 -18.61 59.37
CA LYS D 334 -15.99 -18.96 58.05
C LYS D 334 -15.14 -19.99 57.33
N HIS D 335 -14.51 -20.90 58.08
CA HIS D 335 -13.67 -21.94 57.50
C HIS D 335 -13.85 -23.25 58.27
N PRO D 336 -13.82 -24.40 57.57
CA PRO D 336 -14.01 -25.68 58.27
C PRO D 336 -13.00 -26.00 59.38
N SER D 337 -13.42 -26.82 60.35
CA SER D 337 -12.61 -27.20 61.50
C SER D 337 -11.52 -28.24 61.20
N GLN D 338 -10.27 -27.79 61.11
CA GLN D 338 -9.12 -28.67 60.88
C GLN D 338 -8.43 -28.93 62.23
N SER D 339 -8.02 -30.18 62.49
CA SER D 339 -7.43 -30.54 63.79
C SER D 339 -6.20 -31.43 63.67
N ALA D 340 -5.34 -31.45 64.71
CA ALA D 340 -4.14 -32.27 64.74
C ALA D 340 -3.77 -32.70 66.16
N LEU D 341 -3.49 -34.00 66.35
CA LEU D 341 -3.11 -34.54 67.66
C LEU D 341 -1.66 -34.21 68.02
N VAL D 342 -1.34 -34.20 69.32
CA VAL D 342 0.01 -33.88 69.78
C VAL D 342 0.40 -34.71 70.99
N THR D 343 1.31 -35.68 70.81
CA THR D 343 1.76 -36.57 71.88
C THR D 343 3.15 -36.22 72.42
N ILE D 344 3.48 -36.63 73.65
CA ILE D 344 4.81 -36.35 74.21
C ILE D 344 5.53 -37.64 74.69
N VAL D 345 6.87 -37.59 74.74
CA VAL D 345 7.65 -38.73 75.19
C VAL D 345 8.87 -38.26 75.98
N GLU D 346 9.12 -38.88 77.15
CA GLU D 346 10.22 -38.51 78.05
C GLU D 346 11.63 -38.81 77.53
N LYS D 347 11.79 -39.37 76.31
CA LYS D 347 13.13 -39.66 75.78
C LYS D 347 13.23 -39.57 74.25
N GLY D 348 12.46 -40.38 73.54
CA GLY D 348 12.47 -40.45 72.08
C GLY D 348 11.97 -41.81 71.64
N PHE D 349 11.23 -41.87 70.53
CA PHE D 349 10.65 -43.14 70.08
C PHE D 349 10.85 -43.46 68.61
N ILE D 350 11.13 -44.74 68.32
CA ILE D 350 11.31 -45.25 66.96
C ILE D 350 10.47 -46.51 66.77
N ASN D 351 9.47 -46.43 65.90
CA ASN D 351 8.60 -47.58 65.64
C ASN D 351 8.68 -47.99 64.18
N ALA D 352 8.65 -49.30 63.91
CA ALA D 352 8.72 -49.79 62.54
C ALA D 352 7.98 -51.12 62.40
N THR D 353 6.95 -51.17 61.54
CA THR D 353 6.21 -52.40 61.31
C THR D 353 7.09 -53.29 60.46
N ASN D 354 7.68 -54.33 61.05
CA ASN D 354 8.61 -55.19 60.32
C ASN D 354 8.00 -56.54 59.91
N SER D 355 7.64 -56.66 58.62
CA SER D 355 7.06 -57.88 58.05
C SER D 355 7.96 -58.52 56.96
N SER D 356 9.23 -58.12 56.88
CA SER D 356 10.15 -58.66 55.89
C SER D 356 11.11 -59.65 56.53
N GLU D 357 11.47 -60.70 55.79
CA GLU D 357 12.40 -61.71 56.28
C GLU D 357 13.27 -62.24 55.14
N ASP D 358 12.65 -62.75 54.07
CA ASP D 358 13.36 -63.28 52.91
C ASP D 358 12.47 -63.25 51.67
N TYR D 359 13.06 -62.98 50.50
CA TYR D 359 12.28 -62.91 49.27
C TYR D 359 12.89 -63.73 48.15
N GLU D 360 12.05 -64.21 47.23
CA GLU D 360 12.47 -65.00 46.07
C GLU D 360 12.33 -64.15 44.80
N ILE D 361 13.06 -63.02 44.75
CA ILE D 361 13.00 -62.10 43.62
C ILE D 361 13.74 -62.62 42.39
N ASP D 362 13.18 -62.35 41.21
CA ASP D 362 13.78 -62.78 39.95
C ASP D 362 14.84 -61.76 39.44
N GLN D 363 15.53 -62.07 38.33
CA GLN D 363 16.56 -61.21 37.74
C GLN D 363 15.95 -59.92 37.20
N TYR D 364 14.77 -60.03 36.59
CA TYR D 364 14.04 -58.87 36.04
C TYR D 364 13.03 -58.31 37.06
N GLU D 365 12.54 -57.07 36.82
CA GLU D 365 11.59 -56.37 37.68
C GLU D 365 12.14 -56.18 39.09
N GLU D 366 12.97 -55.14 39.26
CA GLU D 366 13.61 -54.84 40.54
C GLU D 366 12.64 -54.33 41.61
N PHE D 367 12.31 -55.19 42.58
CA PHE D 367 11.43 -54.82 43.68
C PHE D 367 12.28 -54.20 44.78
N CYS D 368 11.76 -53.15 45.43
CA CYS D 368 12.52 -52.46 46.48
C CYS D 368 12.23 -53.01 47.87
N PHE D 369 13.21 -52.86 48.78
CA PHE D 369 13.06 -53.25 50.18
C PHE D 369 12.82 -51.96 50.98
N SER D 370 11.57 -51.70 51.38
CA SER D 370 11.24 -50.48 52.10
C SER D 370 11.03 -50.68 53.60
N VAL D 371 11.20 -49.61 54.39
CA VAL D 371 11.01 -49.68 55.83
C VAL D 371 9.99 -48.64 56.32
N ARG D 372 8.87 -49.12 56.87
CA ARG D 372 7.82 -48.24 57.37
C ARG D 372 8.18 -47.75 58.76
N PHE D 373 9.05 -46.73 58.84
CA PHE D 373 9.49 -46.22 60.13
C PHE D 373 8.93 -44.86 60.48
N LYS D 374 8.24 -44.77 61.62
CA LYS D 374 7.70 -43.53 62.14
C LYS D 374 8.50 -43.26 63.40
N ALA D 375 9.25 -42.14 63.45
CA ALA D 375 10.12 -41.87 64.60
C ALA D 375 10.36 -40.41 64.92
N TYR D 376 10.64 -40.11 66.20
CA TYR D 376 11.00 -38.79 66.67
C TYR D 376 12.24 -38.93 67.55
N PRO D 377 13.28 -38.10 67.35
CA PRO D 377 13.40 -37.00 66.39
C PRO D 377 13.88 -37.48 65.00
N GLN D 378 14.55 -36.60 64.22
CA GLN D 378 15.05 -36.91 62.88
C GLN D 378 15.85 -38.21 62.83
N ILE D 379 15.31 -39.20 62.12
CA ILE D 379 15.89 -40.53 61.99
C ILE D 379 17.09 -40.56 61.05
N ARG D 380 18.30 -40.66 61.61
CA ARG D 380 19.50 -40.74 60.78
C ARG D 380 19.62 -42.18 60.31
N CYS D 381 19.47 -42.42 58.99
CA CYS D 381 19.53 -43.77 58.46
C CYS D 381 20.69 -44.00 57.49
N THR D 382 21.17 -45.25 57.41
CA THR D 382 22.27 -45.67 56.54
C THR D 382 22.13 -47.16 56.24
N TRP D 383 22.32 -47.56 54.98
CA TRP D 383 22.21 -48.96 54.59
C TRP D 383 23.59 -49.60 54.48
N THR D 384 23.77 -50.80 55.05
CA THR D 384 25.06 -51.49 55.01
C THR D 384 24.95 -52.82 54.29
N PHE D 385 25.89 -53.11 53.38
CA PHE D 385 25.89 -54.37 52.64
C PHE D 385 27.29 -54.74 52.20
N SER D 386 27.99 -55.54 53.03
CA SER D 386 29.37 -56.02 52.85
C SER D 386 30.43 -54.93 53.06
N ARG D 387 30.24 -53.78 52.44
CA ARG D 387 31.17 -52.65 52.59
C ARG D 387 30.52 -51.31 52.24
N LYS D 388 29.39 -51.31 51.53
CA LYS D 388 28.72 -50.09 51.10
C LYS D 388 28.00 -49.31 52.19
N SER D 389 28.19 -47.98 52.18
CA SER D 389 27.56 -47.05 53.11
C SER D 389 26.73 -46.07 52.29
N PHE D 390 25.40 -46.24 52.29
CA PHE D 390 24.52 -45.37 51.52
C PHE D 390 23.39 -44.78 52.33
N PRO D 391 23.34 -43.45 52.44
CA PRO D 391 22.27 -42.81 53.23
C PRO D 391 20.92 -42.81 52.53
N CYS D 392 19.84 -42.85 53.31
CA CYS D 392 18.46 -42.87 52.81
C CYS D 392 17.67 -41.61 53.19
N GLU D 393 16.55 -41.34 52.50
CA GLU D 393 15.75 -40.16 52.79
C GLU D 393 14.32 -40.53 53.17
N GLN D 394 13.78 -39.94 54.24
CA GLN D 394 12.42 -40.23 54.69
C GLN D 394 11.41 -39.33 53.98
N ASP D 398 -0.38 -45.02 53.44
CA ASP D 398 -0.94 -43.97 52.60
C ASP D 398 -0.99 -42.67 53.36
N ASN D 399 -0.13 -41.72 52.98
CA ASN D 399 -0.06 -40.41 53.64
C ASN D 399 0.02 -40.47 55.15
N GLY D 400 0.70 -41.48 55.67
CA GLY D 400 0.86 -41.60 57.10
C GLY D 400 2.32 -41.92 57.28
N TYR D 401 2.89 -41.51 58.40
CA TYR D 401 4.30 -41.79 58.69
C TYR D 401 5.35 -41.29 57.70
N SER D 402 6.48 -41.98 57.61
CA SER D 402 7.60 -41.54 56.77
C SER D 402 8.43 -42.75 56.35
N ILE D 403 8.04 -43.40 55.25
CA ILE D 403 8.73 -44.59 54.77
C ILE D 403 9.91 -44.26 53.84
N SER D 404 10.83 -45.21 53.69
CA SER D 404 11.98 -45.05 52.82
C SER D 404 12.34 -46.39 52.20
N LYS D 405 12.54 -46.44 50.88
CA LYS D 405 12.89 -47.68 50.19
C LYS D 405 14.37 -47.72 49.80
N PHE D 406 14.91 -48.93 49.63
CA PHE D 406 16.30 -49.13 49.22
C PHE D 406 16.29 -49.88 47.90
N CYS D 407 16.34 -49.19 46.75
CA CYS D 407 16.29 -49.87 45.47
C CYS D 407 17.62 -49.86 44.73
N ASN D 408 18.72 -49.95 45.47
CA ASN D 408 20.05 -50.02 44.87
C ASN D 408 20.51 -51.49 44.83
N HIS D 409 19.59 -52.39 44.46
CA HIS D 409 19.85 -53.82 44.39
C HIS D 409 20.82 -54.14 43.27
N LYS D 410 20.50 -53.73 42.02
CA LYS D 410 21.34 -53.96 40.84
C LYS D 410 21.87 -55.40 40.72
N HIS D 411 21.02 -56.39 41.02
CA HIS D 411 21.36 -57.82 40.97
C HIS D 411 22.53 -58.20 41.88
N GLN D 412 22.51 -57.71 43.12
CA GLN D 412 23.55 -58.03 44.09
C GLN D 412 22.91 -58.72 45.29
N PRO D 413 22.79 -60.05 45.25
CA PRO D 413 22.14 -60.76 46.37
C PRO D 413 22.97 -60.82 47.66
N GLY D 414 22.31 -61.18 48.75
CA GLY D 414 22.96 -61.29 50.05
C GLY D 414 22.14 -60.70 51.17
N GLU D 415 22.78 -60.44 52.32
CA GLU D 415 22.09 -59.84 53.47
C GLU D 415 22.21 -58.32 53.44
N TYR D 416 21.08 -57.63 53.28
CA TYR D 416 21.06 -56.17 53.25
C TYR D 416 20.68 -55.64 54.62
N ILE D 417 21.53 -54.80 55.21
CA ILE D 417 21.28 -54.24 56.53
C ILE D 417 20.77 -52.80 56.48
N PHE D 418 19.83 -52.47 57.39
CA PHE D 418 19.26 -51.13 57.48
C PHE D 418 19.26 -50.63 58.91
N HIS D 419 20.20 -49.75 59.25
CA HIS D 419 20.28 -49.19 60.60
C HIS D 419 19.68 -47.78 60.64
N ALA D 420 19.15 -47.40 61.81
CA ALA D 420 18.55 -46.07 61.98
C ALA D 420 18.67 -45.62 63.43
N GLU D 421 19.74 -44.90 63.75
CA GLU D 421 19.95 -44.41 65.11
C GLU D 421 19.81 -42.90 65.15
N ASN D 422 18.91 -42.37 65.99
CA ASN D 422 18.71 -40.93 66.09
C ASN D 422 19.42 -40.35 67.34
N ASP D 423 18.91 -39.25 67.94
CA ASP D 423 19.57 -38.63 69.10
C ASP D 423 19.16 -39.20 70.45
N ASP D 424 18.60 -40.43 70.49
CA ASP D 424 18.20 -41.05 71.76
C ASP D 424 17.93 -42.55 71.66
N ALA D 425 17.32 -43.01 70.58
CA ALA D 425 16.99 -44.42 70.40
C ALA D 425 17.74 -45.06 69.23
N GLN D 426 17.90 -46.39 69.26
CA GLN D 426 18.59 -47.10 68.19
C GLN D 426 17.74 -48.21 67.58
N PHE D 427 17.93 -48.49 66.28
CA PHE D 427 17.18 -49.54 65.59
C PHE D 427 17.99 -50.14 64.44
N THR D 428 17.81 -51.44 64.18
CA THR D 428 18.49 -52.13 63.08
C THR D 428 17.55 -53.20 62.49
N LYS D 429 17.63 -53.44 61.18
CA LYS D 429 16.79 -54.44 60.52
C LYS D 429 17.46 -54.99 59.26
N MET D 430 17.68 -56.31 59.21
CA MET D 430 18.33 -56.94 58.06
C MET D 430 17.35 -57.80 57.25
N PHE D 431 17.56 -57.86 55.92
CA PHE D 431 16.71 -58.64 55.03
C PHE D 431 17.55 -59.51 54.08
N THR D 432 17.04 -60.67 53.67
CA THR D 432 17.77 -61.56 52.78
C THR D 432 17.12 -61.73 51.42
N LEU D 433 17.85 -61.38 50.36
CA LEU D 433 17.34 -61.51 48.99
C LEU D 433 18.30 -62.34 48.18
N ASN D 434 17.78 -63.30 47.42
CA ASN D 434 18.62 -64.16 46.60
C ASN D 434 18.29 -64.02 45.13
N ILE D 435 19.28 -64.29 44.26
CA ILE D 435 19.08 -64.20 42.81
C ILE D 435 18.41 -65.44 42.28
N ARG D 436 17.55 -65.29 41.27
CA ARG D 436 16.84 -66.43 40.68
C ARG D 436 17.66 -67.16 39.61
N ARG D 437 18.97 -66.88 39.50
CA ARG D 437 19.82 -67.54 38.51
C ARG D 437 20.21 -68.94 38.95
N LYS D 438 19.44 -69.95 38.55
CA LYS D 438 19.73 -71.33 38.92
C LYS D 438 20.37 -72.07 37.75
N PRO D 439 21.31 -72.98 38.04
CA PRO D 439 22.72 -72.63 37.93
C PRO D 439 23.53 -73.63 37.12
N GLN D 440 24.69 -73.19 36.60
CA GLN D 440 25.54 -74.08 35.82
C GLN D 440 26.63 -74.66 36.72
N VAL D 441 26.73 -76.00 36.75
CA VAL D 441 27.74 -76.67 37.57
C VAL D 441 29.06 -76.73 36.82
N LEU D 442 30.07 -76.01 37.30
CA LEU D 442 31.37 -76.00 36.65
C LEU D 442 32.55 -75.95 37.61
N ALA D 443 32.33 -75.51 38.86
CA ALA D 443 33.38 -75.40 39.86
C ALA D 443 33.72 -76.73 40.56
N GLU D 444 34.30 -77.67 39.81
CA GLU D 444 34.68 -78.95 40.36
C GLU D 444 36.09 -78.85 40.94
N ALA D 445 36.35 -79.52 42.06
CA ALA D 445 37.67 -79.51 42.68
C ALA D 445 38.36 -80.85 42.44
N SER D 446 39.50 -80.82 41.74
CA SER D 446 40.23 -82.03 41.41
C SER D 446 41.01 -82.59 42.59
N ALA D 447 40.32 -83.26 43.51
CA ALA D 447 40.97 -83.88 44.65
C ALA D 447 41.39 -85.28 44.25
N SER D 448 42.64 -85.65 44.54
CA SER D 448 43.15 -86.97 44.19
C SER D 448 42.86 -88.00 45.29
N GLN D 449 42.81 -87.57 46.55
CA GLN D 449 42.59 -88.44 47.71
C GLN D 449 41.19 -89.09 47.78
N ALA D 450 41.12 -90.37 47.34
CA ALA D 450 39.96 -91.26 47.28
C ALA D 450 38.86 -90.82 46.29
N SER D 451 38.33 -89.59 46.41
CA SER D 451 37.28 -89.10 45.52
C SER D 451 37.34 -87.60 45.34
N CYS D 452 37.10 -87.11 44.12
CA CYS D 452 37.14 -85.68 43.84
C CYS D 452 35.79 -85.03 44.14
N PHE D 453 35.79 -83.96 44.93
CA PHE D 453 34.55 -83.27 45.28
C PHE D 453 34.11 -82.36 44.13
N SER D 454 32.97 -82.67 43.50
CA SER D 454 32.45 -81.85 42.41
C SER D 454 31.29 -80.99 42.94
N ASP D 455 31.47 -79.66 42.97
CA ASP D 455 30.47 -78.77 43.52
C ASP D 455 29.80 -77.85 42.49
N GLY D 456 28.50 -77.65 42.65
CA GLY D 456 27.71 -76.79 41.78
C GLY D 456 27.23 -75.55 42.50
N TYR D 457 27.35 -74.38 41.86
CA TYR D 457 26.92 -73.12 42.47
C TYR D 457 26.04 -72.31 41.53
N PRO D 458 24.91 -71.78 42.02
CA PRO D 458 24.90 -70.39 42.50
C PRO D 458 23.96 -70.16 43.70
N LEU D 459 22.71 -69.70 43.50
CA LEU D 459 21.75 -69.41 44.58
C LEU D 459 20.29 -69.43 44.06
N PRO D 460 19.27 -69.30 44.92
CA PRO D 460 19.00 -70.11 46.12
C PRO D 460 18.65 -71.55 45.76
N SER D 461 17.83 -71.76 44.73
CA SER D 461 17.44 -73.09 44.31
C SER D 461 18.56 -73.77 43.53
N TRP D 462 19.37 -74.57 44.22
CA TRP D 462 20.48 -75.28 43.59
C TRP D 462 20.55 -76.72 44.07
N THR D 463 20.63 -77.67 43.15
CA THR D 463 20.72 -79.08 43.52
C THR D 463 21.73 -79.79 42.63
N TRP D 464 22.73 -80.44 43.23
CA TRP D 464 23.75 -81.16 42.47
C TRP D 464 23.45 -82.65 42.53
N LYS D 465 23.20 -83.28 41.38
CA LYS D 465 22.90 -84.70 41.31
C LYS D 465 23.30 -85.30 39.97
N LYS D 466 24.42 -86.04 39.94
CA LYS D 466 24.91 -86.65 38.71
C LYS D 466 24.21 -87.99 38.45
N CYS D 474 27.22 -92.19 29.88
CA CYS D 474 25.93 -91.68 29.42
C CYS D 474 24.79 -92.05 30.38
N THR D 475 24.73 -93.31 30.82
CA THR D 475 23.67 -93.77 31.72
C THR D 475 23.90 -93.31 33.18
N GLU D 476 22.86 -93.39 34.02
CA GLU D 476 22.94 -92.97 35.42
C GLU D 476 23.75 -93.94 36.27
N GLU D 477 24.56 -93.40 37.18
CA GLU D 477 25.39 -94.22 38.06
C GLU D 477 24.86 -94.20 39.50
N ILE D 478 24.84 -95.36 40.14
CA ILE D 478 24.36 -95.50 41.51
C ILE D 478 25.47 -95.18 42.55
N THR D 479 25.09 -95.06 43.84
CA THR D 479 25.97 -94.78 44.98
C THR D 479 26.67 -93.42 44.88
N GLU D 480 26.28 -92.48 45.73
CA GLU D 480 26.87 -91.14 45.78
C GLU D 480 27.47 -90.85 47.16
N GLY D 481 28.37 -89.87 47.24
CA GLY D 481 29.01 -89.48 48.48
C GLY D 481 28.21 -88.50 49.31
N VAL D 482 28.75 -87.28 49.49
CA VAL D 482 28.08 -86.23 50.28
C VAL D 482 26.87 -85.62 49.55
N TRP D 483 26.01 -84.90 50.28
CA TRP D 483 24.83 -84.26 49.69
C TRP D 483 24.68 -82.81 50.16
N ASN D 484 25.79 -82.14 50.49
CA ASN D 484 25.88 -80.76 50.97
C ASN D 484 25.06 -80.53 52.28
N ARG D 485 23.78 -80.05 52.22
CA ARG D 485 22.91 -79.78 53.36
C ARG D 485 23.59 -78.99 54.48
N LYS D 486 23.41 -77.67 54.46
CA LYS D 486 24.00 -76.78 55.47
C LYS D 486 23.16 -75.51 55.66
N ALA D 487 23.20 -74.93 56.87
CA ALA D 487 22.44 -73.73 57.17
C ALA D 487 23.08 -72.47 56.58
N ASN D 488 22.25 -71.52 56.14
CA ASN D 488 22.73 -70.26 55.56
C ASN D 488 23.21 -69.26 56.62
N ARG D 489 24.01 -68.26 56.20
CA ARG D 489 24.60 -67.22 57.07
C ARG D 489 25.50 -67.79 58.14
N LYS D 490 26.65 -68.36 57.73
CA LYS D 490 27.59 -68.96 58.67
C LYS D 490 28.98 -68.32 58.58
N VAL D 491 29.10 -67.06 59.05
CA VAL D 491 30.33 -66.25 59.08
C VAL D 491 30.93 -65.96 57.69
N PHE D 492 31.66 -64.85 57.57
CA PHE D 492 32.27 -64.48 56.30
C PHE D 492 33.67 -65.09 56.13
N GLY D 493 34.08 -65.29 54.89
CA GLY D 493 35.39 -65.85 54.58
C GLY D 493 35.73 -65.82 53.12
N GLN D 494 35.34 -66.86 52.38
CA GLN D 494 35.63 -66.94 50.95
C GLN D 494 34.42 -66.56 50.09
N TRP D 495 34.68 -66.07 48.88
CA TRP D 495 33.64 -65.67 47.95
C TRP D 495 32.97 -66.88 47.30
N VAL D 496 31.64 -66.79 47.05
CA VAL D 496 30.79 -67.81 46.42
C VAL D 496 30.64 -69.09 47.26
N SER D 497 29.44 -69.66 47.23
CA SER D 497 29.13 -70.88 47.97
C SER D 497 28.53 -71.93 47.03
N SER D 498 29.02 -73.17 47.13
CA SER D 498 28.53 -74.26 46.27
C SER D 498 28.03 -75.46 47.07
N SER D 499 27.23 -76.32 46.42
CA SER D 499 26.69 -77.51 47.07
C SER D 499 27.37 -78.75 46.51
N THR D 500 28.44 -79.22 47.19
CA THR D 500 29.19 -80.39 46.74
C THR D 500 28.39 -81.67 46.93
N LEU D 501 28.41 -82.56 45.92
CA LEU D 501 27.68 -83.81 46.00
C LEU D 501 28.32 -84.93 45.16
N ASN D 502 29.63 -85.14 45.33
CA ASN D 502 30.34 -86.18 44.57
C ASN D 502 31.52 -86.78 45.34
N MET D 503 31.45 -88.07 45.65
CA MET D 503 32.51 -88.81 46.34
C MET D 503 32.30 -90.32 46.13
N SER D 504 32.65 -90.81 44.94
CA SER D 504 32.48 -92.22 44.60
C SER D 504 33.81 -92.98 44.47
N GLU D 505 33.76 -94.31 44.59
CA GLU D 505 34.96 -95.15 44.50
C GLU D 505 34.99 -96.09 43.28
N ALA D 506 33.96 -96.05 42.42
CA ALA D 506 33.90 -96.92 41.25
C ALA D 506 34.92 -96.51 40.17
N ILE D 507 35.44 -97.49 39.42
CA ILE D 507 36.42 -97.21 38.38
C ILE D 507 35.79 -96.96 37.01
N LYS D 508 35.41 -95.72 36.74
CA LYS D 508 34.81 -95.35 35.46
C LYS D 508 35.81 -94.77 34.46
N GLY D 509 36.91 -94.22 34.95
CA GLY D 509 37.91 -93.61 34.10
C GLY D 509 37.61 -92.14 33.89
N PHE D 510 37.74 -91.67 32.65
CA PHE D 510 37.47 -90.27 32.33
C PHE D 510 35.98 -90.01 32.22
N LEU D 511 35.39 -89.33 33.22
CA LEU D 511 33.96 -89.03 33.21
C LEU D 511 33.66 -87.72 33.96
N VAL D 512 34.15 -87.59 35.22
CA VAL D 512 33.97 -86.43 36.12
C VAL D 512 32.51 -86.06 36.38
N LYS D 513 32.10 -86.09 37.66
CA LYS D 513 30.74 -85.80 38.09
C LYS D 513 30.37 -84.28 38.02
N CYS D 514 29.20 -83.89 38.59
CA CYS D 514 28.62 -82.55 38.64
C CYS D 514 27.63 -82.30 37.51
N CYS D 515 26.35 -82.45 37.81
CA CYS D 515 25.25 -82.20 36.88
C CYS D 515 24.14 -81.58 37.73
N ALA D 516 24.00 -80.26 37.63
CA ALA D 516 23.01 -79.54 38.41
C ALA D 516 21.61 -79.64 37.82
N TYR D 517 20.62 -79.79 38.68
CA TYR D 517 19.21 -79.85 38.29
C TYR D 517 18.44 -78.90 39.19
N ASN D 518 17.64 -78.01 38.60
CA ASN D 518 16.84 -77.05 39.35
C ASN D 518 15.56 -76.68 38.59
N SER D 519 14.68 -75.86 39.19
CA SER D 519 13.44 -75.41 38.57
C SER D 519 13.72 -74.61 37.30
N LEU D 520 14.83 -73.86 37.27
CA LEU D 520 15.18 -73.06 36.11
C LEU D 520 15.76 -73.87 34.94
N GLY D 521 16.39 -74.99 35.24
CA GLY D 521 16.97 -75.84 34.22
C GLY D 521 18.08 -76.76 34.68
N THR D 522 18.92 -77.20 33.73
CA THR D 522 20.03 -78.10 33.98
C THR D 522 21.30 -77.70 33.23
N SER D 523 22.46 -78.15 33.74
CA SER D 523 23.81 -77.93 33.21
C SER D 523 24.78 -78.95 33.86
N CYS D 524 25.96 -79.17 33.25
CA CYS D 524 26.93 -80.13 33.80
C CYS D 524 28.39 -79.73 33.53
N GLU D 525 29.31 -80.29 34.34
CA GLU D 525 30.76 -80.02 34.26
C GLU D 525 31.49 -81.07 33.39
N THR D 526 32.81 -80.93 33.21
CA THR D 526 33.63 -81.83 32.39
C THR D 526 33.55 -83.28 32.85
N THR E 22 0.03 -18.42 -16.66
CA THR E 22 0.39 -18.42 -15.24
C THR E 22 -0.42 -17.40 -14.42
N GLN E 23 -0.84 -16.30 -15.07
CA GLN E 23 -1.62 -15.25 -14.44
C GLN E 23 -3.13 -15.41 -14.71
N ASP E 24 -3.97 -14.77 -13.88
CA ASP E 24 -5.42 -14.84 -14.04
C ASP E 24 -5.83 -14.21 -15.35
N CYS E 25 -6.09 -15.04 -16.34
CA CYS E 25 -6.49 -14.59 -17.66
C CYS E 25 -7.97 -14.31 -17.66
N SER E 26 -8.37 -13.10 -17.25
CA SER E 26 -9.78 -12.73 -17.21
C SER E 26 -10.07 -11.32 -17.72
N PHE E 27 -9.04 -10.60 -18.25
CA PHE E 27 -9.09 -9.24 -18.80
C PHE E 27 -9.88 -8.25 -17.95
N GLN E 28 -9.28 -7.08 -17.67
CA GLN E 28 -9.89 -6.04 -16.86
C GLN E 28 -11.08 -5.43 -17.61
N HIS E 29 -10.83 -4.92 -18.82
CA HIS E 29 -11.86 -4.36 -19.68
C HIS E 29 -11.86 -5.09 -21.02
N SER E 30 -12.98 -5.06 -21.74
CA SER E 30 -13.12 -5.76 -23.01
C SER E 30 -12.00 -5.50 -24.01
N PRO E 31 -11.24 -6.56 -24.35
CA PRO E 31 -10.20 -6.39 -25.37
C PRO E 31 -10.73 -6.50 -26.81
N ILE E 32 -12.01 -6.90 -26.99
CA ILE E 32 -12.63 -7.04 -28.29
C ILE E 32 -13.41 -5.78 -28.62
N SER E 33 -12.95 -5.04 -29.64
CA SER E 33 -13.56 -3.79 -30.06
C SER E 33 -14.77 -4.01 -30.98
N SER E 34 -15.63 -2.99 -31.09
CA SER E 34 -16.83 -3.08 -31.91
C SER E 34 -16.57 -3.00 -33.41
N ASP E 35 -15.40 -2.49 -33.82
CA ASP E 35 -15.11 -2.34 -35.25
C ASP E 35 -14.25 -3.46 -35.85
N PHE E 36 -14.23 -4.65 -35.22
CA PHE E 36 -13.43 -5.77 -35.72
C PHE E 36 -13.86 -6.18 -37.14
N ALA E 37 -15.17 -6.24 -37.39
CA ALA E 37 -15.71 -6.64 -38.69
C ALA E 37 -15.32 -5.70 -39.83
N VAL E 38 -15.39 -4.38 -39.60
CA VAL E 38 -15.04 -3.40 -40.63
C VAL E 38 -13.56 -3.48 -40.97
N LYS E 39 -12.70 -3.59 -39.94
CA LYS E 39 -11.26 -3.69 -40.13
C LYS E 39 -10.89 -4.96 -40.88
N ILE E 40 -11.52 -6.09 -40.55
CA ILE E 40 -11.26 -7.37 -41.20
C ILE E 40 -11.75 -7.38 -42.64
N ARG E 41 -12.94 -6.80 -42.90
CA ARG E 41 -13.47 -6.73 -44.27
C ARG E 41 -12.59 -5.84 -45.14
N GLU E 42 -12.04 -4.74 -44.57
CA GLU E 42 -11.17 -3.85 -45.32
C GLU E 42 -9.89 -4.56 -45.76
N LEU E 43 -9.27 -5.35 -44.87
CA LEU E 43 -8.07 -6.10 -45.23
C LEU E 43 -8.41 -7.17 -46.28
N SER E 44 -9.58 -7.83 -46.12
CA SER E 44 -10.07 -8.87 -47.04
C SER E 44 -10.34 -8.32 -48.43
N ASP E 45 -10.78 -7.06 -48.54
CA ASP E 45 -11.08 -6.48 -49.83
C ASP E 45 -9.86 -5.88 -50.53
N TYR E 46 -8.83 -5.46 -49.76
CA TYR E 46 -7.64 -4.88 -50.38
C TYR E 46 -6.50 -5.88 -50.64
N LEU E 47 -6.59 -7.13 -50.14
CA LEU E 47 -5.53 -8.10 -50.41
C LEU E 47 -5.61 -8.62 -51.84
N ASP E 48 -4.65 -8.23 -52.69
CA ASP E 48 -4.61 -8.71 -54.07
C ASP E 48 -4.00 -10.12 -54.18
N GLN E 49 -3.15 -10.49 -53.21
CA GLN E 49 -2.50 -11.80 -53.17
C GLN E 49 -2.98 -12.58 -51.95
N ASP E 50 -3.43 -13.81 -52.18
CA ASP E 50 -3.98 -14.65 -51.12
C ASP E 50 -2.93 -15.53 -50.45
N TYR E 51 -2.17 -14.93 -49.50
CA TYR E 51 -1.11 -15.56 -48.71
C TYR E 51 -1.47 -16.95 -48.17
N PRO E 52 -0.50 -17.87 -48.12
CA PRO E 52 -0.80 -19.24 -47.68
C PRO E 52 -1.46 -19.38 -46.30
N VAL E 53 -0.91 -18.81 -45.20
CA VAL E 53 -1.43 -18.85 -43.81
C VAL E 53 -1.93 -20.22 -43.36
N THR E 54 -1.88 -20.51 -42.05
CA THR E 54 -2.31 -21.80 -41.53
C THR E 54 -3.43 -21.70 -40.50
N VAL E 55 -4.17 -22.80 -40.28
CA VAL E 55 -5.26 -22.86 -39.32
C VAL E 55 -5.28 -24.24 -38.66
N ALA E 56 -5.53 -24.28 -37.35
CA ALA E 56 -5.60 -25.54 -36.62
C ALA E 56 -6.84 -26.31 -37.05
N SER E 57 -6.71 -27.62 -37.21
CA SER E 57 -7.81 -28.45 -37.65
C SER E 57 -8.39 -29.39 -36.59
N ASN E 58 -7.71 -29.55 -35.43
CA ASN E 58 -8.18 -30.50 -34.41
C ASN E 58 -8.23 -29.96 -32.96
N LEU E 59 -8.52 -28.66 -32.77
CA LEU E 59 -8.62 -28.10 -31.43
C LEU E 59 -9.80 -28.73 -30.68
N GLN E 60 -9.69 -28.89 -29.34
CA GLN E 60 -10.73 -29.48 -28.48
C GLN E 60 -12.04 -28.72 -28.69
N ASP E 61 -13.12 -29.48 -28.93
CA ASP E 61 -14.40 -28.93 -29.32
C ASP E 61 -15.17 -28.14 -28.25
N GLU E 62 -15.40 -26.85 -28.58
CA GLU E 62 -16.17 -25.85 -27.87
C GLU E 62 -15.88 -24.49 -28.49
N GLU E 63 -16.93 -23.74 -28.79
CA GLU E 63 -16.83 -22.42 -29.40
C GLU E 63 -16.22 -21.39 -28.45
N LEU E 64 -16.71 -21.32 -27.21
CA LEU E 64 -16.21 -20.34 -26.23
C LEU E 64 -14.81 -20.71 -25.72
N CYS E 65 -14.68 -21.91 -25.14
CA CYS E 65 -13.44 -22.47 -24.63
C CYS E 65 -12.32 -22.44 -25.69
N GLY E 66 -12.65 -22.84 -26.92
CA GLY E 66 -11.67 -22.88 -28.00
C GLY E 66 -11.48 -21.59 -28.79
N GLY E 67 -12.31 -20.59 -28.51
CA GLY E 67 -12.22 -19.30 -29.19
C GLY E 67 -10.88 -18.62 -29.00
N LEU E 68 -10.39 -18.63 -27.74
CA LEU E 68 -9.11 -18.02 -27.42
C LEU E 68 -7.98 -18.74 -28.13
N TRP E 69 -8.04 -20.08 -28.19
CA TRP E 69 -7.01 -20.86 -28.87
C TRP E 69 -6.92 -20.51 -30.35
N ARG E 70 -8.07 -20.35 -31.01
CA ARG E 70 -8.09 -20.00 -32.43
C ARG E 70 -7.45 -18.63 -32.66
N LEU E 71 -7.73 -17.66 -31.76
CA LEU E 71 -7.19 -16.32 -31.83
C LEU E 71 -5.69 -16.27 -31.56
N VAL E 72 -5.19 -17.15 -30.67
CA VAL E 72 -3.76 -17.22 -30.38
C VAL E 72 -3.01 -17.67 -31.63
N LEU E 73 -3.53 -18.70 -32.32
CA LEU E 73 -2.93 -19.21 -33.55
C LEU E 73 -3.00 -18.17 -34.66
N ALA E 74 -4.15 -17.48 -34.78
CA ALA E 74 -4.34 -16.45 -35.79
C ALA E 74 -3.40 -15.25 -35.58
N GLN E 75 -3.17 -14.87 -34.32
CA GLN E 75 -2.29 -13.75 -34.01
C GLN E 75 -0.87 -14.02 -34.46
N ARG E 76 -0.39 -15.25 -34.30
CA ARG E 76 0.96 -15.61 -34.74
C ARG E 76 1.06 -15.45 -36.26
N TRP E 77 0.02 -15.87 -36.99
CA TRP E 77 -0.02 -15.75 -38.45
C TRP E 77 -0.03 -14.29 -38.88
N MET E 78 -0.78 -13.44 -38.17
CA MET E 78 -0.84 -12.02 -38.49
C MET E 78 0.53 -11.38 -38.34
N GLU E 79 1.28 -11.75 -37.28
CA GLU E 79 2.61 -11.21 -37.05
C GLU E 79 3.57 -11.67 -38.15
N ARG E 80 3.47 -12.93 -38.56
CA ARG E 80 4.33 -13.46 -39.63
C ARG E 80 4.03 -12.80 -40.97
N LEU E 81 2.77 -12.44 -41.23
CA LEU E 81 2.40 -11.76 -42.47
C LEU E 81 2.98 -10.35 -42.55
N LYS E 82 3.09 -9.66 -41.40
CA LYS E 82 3.66 -8.32 -41.38
C LYS E 82 5.13 -8.33 -41.82
N THR E 83 5.86 -9.44 -41.56
CA THR E 83 7.26 -9.56 -41.94
C THR E 83 7.50 -9.95 -43.41
N VAL E 84 6.45 -10.37 -44.13
CA VAL E 84 6.62 -10.79 -45.52
C VAL E 84 5.86 -9.90 -46.52
N ALA E 85 4.78 -9.22 -46.07
CA ALA E 85 4.01 -8.34 -46.96
C ALA E 85 4.81 -7.09 -47.30
N GLY E 86 4.57 -6.56 -48.50
CA GLY E 86 5.27 -5.39 -49.00
C GLY E 86 4.99 -4.11 -48.24
N SER E 87 5.61 -3.01 -48.67
CA SER E 87 5.46 -1.72 -48.02
C SER E 87 4.00 -1.27 -47.93
N LYS E 88 3.26 -1.34 -49.04
CA LYS E 88 1.88 -0.89 -49.09
C LYS E 88 0.92 -1.70 -48.21
N MET E 89 1.20 -2.99 -48.00
CA MET E 89 0.32 -3.84 -47.19
C MET E 89 0.68 -3.88 -45.71
N GLN E 90 1.85 -3.37 -45.31
CA GLN E 90 2.28 -3.41 -43.91
C GLN E 90 1.31 -2.75 -42.95
N GLY E 91 0.83 -1.56 -43.31
CA GLY E 91 -0.11 -0.81 -42.48
C GLY E 91 -1.42 -1.55 -42.27
N LEU E 92 -1.98 -2.11 -43.36
CA LEU E 92 -3.25 -2.84 -43.29
C LEU E 92 -3.12 -4.14 -42.49
N LEU E 93 -1.99 -4.84 -42.64
CA LEU E 93 -1.77 -6.08 -41.90
C LEU E 93 -1.61 -5.79 -40.40
N GLU E 94 -0.85 -4.73 -40.07
CA GLU E 94 -0.63 -4.34 -38.67
C GLU E 94 -1.92 -3.88 -38.01
N ARG E 95 -2.84 -3.27 -38.78
CA ARG E 95 -4.13 -2.83 -38.24
C ARG E 95 -4.91 -4.03 -37.72
N VAL E 96 -4.86 -5.16 -38.43
CA VAL E 96 -5.53 -6.38 -37.99
C VAL E 96 -4.81 -6.97 -36.78
N ASN E 97 -3.47 -6.97 -36.83
CA ASN E 97 -2.63 -7.46 -35.73
C ASN E 97 -2.94 -6.73 -34.41
N THR E 98 -3.12 -5.40 -34.47
CA THR E 98 -3.43 -4.63 -33.26
C THR E 98 -4.78 -4.97 -32.62
N GLU E 99 -5.74 -5.49 -33.41
CA GLU E 99 -7.04 -5.87 -32.86
C GLU E 99 -6.99 -7.19 -32.11
N ILE E 100 -6.05 -8.07 -32.44
CA ILE E 100 -5.94 -9.38 -31.79
C ILE E 100 -4.66 -9.57 -30.95
N HIS E 101 -3.84 -8.52 -30.80
CA HIS E 101 -2.58 -8.55 -30.04
C HIS E 101 -2.79 -8.85 -28.54
N PHE E 102 -4.00 -8.64 -28.02
CA PHE E 102 -4.32 -8.88 -26.61
C PHE E 102 -3.99 -10.29 -26.13
N VAL E 103 -4.03 -11.29 -27.04
CA VAL E 103 -3.70 -12.66 -26.66
C VAL E 103 -2.24 -12.80 -26.19
N THR E 104 -1.34 -11.90 -26.62
CA THR E 104 0.06 -11.90 -26.19
C THR E 104 0.23 -11.48 -24.72
N LYS E 105 -0.81 -10.90 -24.10
CA LYS E 105 -0.76 -10.51 -22.68
C LYS E 105 -0.90 -11.71 -21.74
N CYS E 106 -1.45 -12.83 -22.21
CA CYS E 106 -1.61 -14.05 -21.42
C CYS E 106 -0.48 -15.03 -21.71
N ALA E 107 -0.07 -15.82 -20.71
CA ALA E 107 1.01 -16.78 -20.91
C ALA E 107 0.56 -18.08 -21.58
N PHE E 108 0.12 -17.99 -22.84
CA PHE E 108 -0.30 -19.16 -23.59
C PHE E 108 0.94 -20.01 -23.87
N GLN E 109 0.83 -21.30 -23.60
CA GLN E 109 1.92 -22.23 -23.73
C GLN E 109 2.14 -22.68 -25.18
N PRO E 110 3.33 -23.24 -25.52
CA PRO E 110 3.58 -23.66 -26.91
C PRO E 110 2.62 -24.74 -27.37
N PRO E 111 2.23 -24.71 -28.66
CA PRO E 111 1.28 -25.72 -29.17
C PRO E 111 1.76 -27.15 -28.98
N PRO E 112 0.84 -28.04 -28.58
CA PRO E 112 1.24 -29.44 -28.36
C PRO E 112 1.54 -30.18 -29.65
N SER E 113 2.29 -31.28 -29.55
CA SER E 113 2.65 -32.10 -30.71
C SER E 113 1.43 -32.74 -31.39
N CYS E 114 0.31 -32.87 -30.67
CA CYS E 114 -0.92 -33.44 -31.22
C CYS E 114 -1.64 -32.51 -32.21
N LEU E 115 -1.35 -31.19 -32.16
CA LEU E 115 -1.97 -30.21 -33.03
C LEU E 115 -1.70 -30.42 -34.52
N ARG E 116 -2.77 -30.42 -35.31
CA ARG E 116 -2.71 -30.57 -36.77
C ARG E 116 -3.13 -29.25 -37.40
N PHE E 117 -2.35 -28.76 -38.35
CA PHE E 117 -2.59 -27.49 -39.02
C PHE E 117 -2.53 -27.66 -40.53
N VAL E 118 -3.43 -26.97 -41.24
CA VAL E 118 -3.46 -27.04 -42.70
C VAL E 118 -3.27 -25.65 -43.30
N GLN E 119 -2.66 -25.56 -44.48
CA GLN E 119 -2.48 -24.27 -45.13
C GLN E 119 -3.76 -23.85 -45.82
N THR E 120 -4.30 -22.72 -45.41
CA THR E 120 -5.55 -22.17 -45.94
C THR E 120 -5.36 -20.69 -46.25
N ASN E 121 -5.99 -20.20 -47.32
CA ASN E 121 -5.82 -18.81 -47.74
C ASN E 121 -6.11 -17.78 -46.65
N ILE E 122 -5.34 -16.68 -46.65
CA ILE E 122 -5.46 -15.60 -45.67
C ILE E 122 -6.88 -15.05 -45.56
N SER E 123 -7.63 -15.01 -46.66
CA SER E 123 -9.01 -14.52 -46.63
C SER E 123 -9.89 -15.37 -45.68
N ARG E 124 -9.76 -16.69 -45.77
CA ARG E 124 -10.52 -17.54 -44.89
C ARG E 124 -10.08 -17.33 -43.46
N LEU E 125 -8.78 -17.36 -43.22
CA LEU E 125 -8.26 -17.21 -41.85
C LEU E 125 -8.79 -15.93 -41.21
N LEU E 126 -8.87 -14.84 -41.99
CA LEU E 126 -9.38 -13.56 -41.49
C LEU E 126 -10.86 -13.68 -41.13
N GLN E 127 -11.65 -14.33 -42.00
CA GLN E 127 -13.08 -14.52 -41.74
C GLN E 127 -13.29 -15.38 -40.49
N GLU E 128 -12.52 -16.46 -40.36
CA GLU E 128 -12.60 -17.33 -39.18
C GLU E 128 -12.23 -16.56 -37.91
N THR E 129 -11.19 -15.73 -37.99
CA THR E 129 -10.74 -14.91 -36.86
C THR E 129 -11.83 -13.97 -36.38
N SER E 130 -12.51 -13.29 -37.31
CA SER E 130 -13.60 -12.39 -36.96
C SER E 130 -14.73 -13.13 -36.28
N GLU E 131 -15.06 -14.34 -36.76
CA GLU E 131 -16.11 -15.17 -36.19
C GLU E 131 -15.79 -15.57 -34.75
N GLN E 132 -14.52 -15.87 -34.45
CA GLN E 132 -14.13 -16.24 -33.09
C GLN E 132 -14.26 -15.06 -32.15
N LEU E 133 -13.91 -13.85 -32.63
CA LEU E 133 -14.02 -12.66 -31.80
C LEU E 133 -15.47 -12.34 -31.46
N VAL E 134 -16.41 -12.58 -32.40
CA VAL E 134 -17.84 -12.36 -32.15
C VAL E 134 -18.30 -13.28 -31.01
N ALA E 135 -17.85 -14.54 -31.02
CA ALA E 135 -18.19 -15.51 -30.01
C ALA E 135 -17.52 -15.25 -28.65
N LEU E 136 -16.28 -14.78 -28.65
CA LEU E 136 -15.56 -14.54 -27.39
C LEU E 136 -15.85 -13.20 -26.71
N LYS E 137 -16.17 -12.17 -27.50
CA LYS E 137 -16.43 -10.81 -27.02
C LYS E 137 -17.34 -10.73 -25.77
N PRO E 138 -18.52 -11.37 -25.71
CA PRO E 138 -19.36 -11.24 -24.51
C PRO E 138 -18.88 -12.02 -23.28
N TRP E 139 -17.88 -12.90 -23.43
CA TRP E 139 -17.42 -13.70 -22.30
C TRP E 139 -16.03 -13.38 -21.81
N ILE E 140 -15.23 -12.64 -22.60
CA ILE E 140 -13.84 -12.33 -22.30
C ILE E 140 -13.56 -11.73 -20.90
N THR E 141 -14.49 -10.95 -20.32
CA THR E 141 -14.25 -10.36 -19.00
C THR E 141 -15.10 -11.00 -17.88
N ARG E 142 -15.98 -11.97 -18.22
CA ARG E 142 -16.86 -12.62 -17.25
C ARG E 142 -16.29 -13.88 -16.60
N GLN E 143 -15.53 -14.67 -17.37
CA GLN E 143 -15.00 -15.94 -16.86
C GLN E 143 -13.50 -15.96 -16.67
N ASN E 144 -12.99 -16.81 -15.79
CA ASN E 144 -11.56 -16.94 -15.57
C ASN E 144 -11.05 -17.99 -16.57
N PHE E 145 -10.24 -17.58 -17.56
CA PHE E 145 -9.72 -18.50 -18.56
C PHE E 145 -8.27 -18.90 -18.31
N SER E 146 -7.79 -18.82 -17.05
CA SER E 146 -6.41 -19.23 -16.75
C SER E 146 -6.15 -20.69 -17.12
N ARG E 147 -7.16 -21.55 -16.94
CA ARG E 147 -7.06 -22.96 -17.29
C ARG E 147 -6.99 -23.22 -18.82
N CYS E 148 -7.06 -22.18 -19.65
CA CYS E 148 -7.02 -22.30 -21.11
C CYS E 148 -5.62 -22.01 -21.69
N LEU E 149 -4.61 -21.72 -20.86
CA LEU E 149 -3.26 -21.41 -21.34
C LEU E 149 -2.63 -22.53 -22.18
N GLU E 150 -3.03 -23.78 -21.94
CA GLU E 150 -2.52 -24.91 -22.71
C GLU E 150 -3.56 -25.28 -23.77
N LEU E 151 -3.17 -25.19 -25.05
CA LEU E 151 -4.04 -25.55 -26.17
C LEU E 151 -4.28 -27.06 -26.12
N GLN E 152 -5.54 -27.49 -26.28
CA GLN E 152 -5.89 -28.91 -26.23
C GLN E 152 -6.38 -29.42 -27.57
N CYS E 153 -6.14 -30.69 -27.85
CA CYS E 153 -6.59 -31.31 -29.09
C CYS E 153 -7.76 -32.27 -28.85
N GLN E 154 -8.51 -32.56 -29.90
CA GLN E 154 -9.64 -33.49 -29.86
C GLN E 154 -9.83 -33.95 -31.28
N PRO E 155 -9.37 -35.16 -31.62
CA PRO E 155 -9.51 -35.64 -33.00
C PRO E 155 -10.94 -36.06 -33.34
N ALA F 79 -59.70 44.31 -38.30
CA ALA F 79 -59.66 43.53 -37.07
C ALA F 79 -59.34 42.05 -37.32
N ALA F 80 -59.67 41.53 -38.52
CA ALA F 80 -59.42 40.14 -38.87
C ALA F 80 -58.03 39.95 -39.46
N VAL F 81 -57.25 39.03 -38.87
CA VAL F 81 -55.88 38.73 -39.30
C VAL F 81 -55.81 37.34 -39.94
N GLU F 82 -55.15 37.21 -41.11
CA GLU F 82 -55.02 35.93 -41.79
C GLU F 82 -53.55 35.53 -41.85
N VAL F 83 -53.17 34.48 -41.09
CA VAL F 83 -51.78 34.01 -41.03
C VAL F 83 -51.51 32.84 -41.97
N ASP F 84 -50.64 33.05 -42.96
CA ASP F 84 -50.28 32.00 -43.89
C ASP F 84 -48.95 31.36 -43.49
N VAL F 85 -48.99 30.07 -43.08
CA VAL F 85 -47.85 29.25 -42.66
C VAL F 85 -47.06 29.92 -41.46
N SER F 86 -45.82 29.47 -41.15
CA SER F 86 -45.02 30.06 -40.08
C SER F 86 -44.44 31.38 -40.56
N ALA F 87 -45.29 32.42 -40.64
CA ALA F 87 -44.89 33.74 -41.12
C ALA F 87 -44.34 34.62 -40.00
N SER F 88 -43.39 35.50 -40.36
CA SER F 88 -42.77 36.41 -39.41
C SER F 88 -43.11 37.86 -39.76
N ILE F 89 -44.17 38.41 -39.15
CA ILE F 89 -44.60 39.79 -39.37
C ILE F 89 -44.81 40.54 -38.03
N THR F 90 -44.84 41.87 -38.08
CA THR F 90 -45.03 42.67 -36.88
C THR F 90 -46.45 43.23 -36.77
N LEU F 91 -47.01 43.20 -35.57
CA LEU F 91 -48.34 43.72 -35.26
C LEU F 91 -48.32 44.60 -34.00
N GLN F 92 -47.16 45.16 -33.64
CA GLN F 92 -47.04 46.01 -32.45
C GLN F 92 -47.07 47.49 -32.84
N VAL F 93 -48.21 47.95 -33.36
CA VAL F 93 -48.39 49.33 -33.77
C VAL F 93 -48.38 50.30 -32.58
N LEU F 94 -48.04 51.58 -32.82
CA LEU F 94 -47.99 52.56 -31.75
C LEU F 94 -49.07 53.65 -31.87
N VAL F 95 -49.84 53.84 -30.79
CA VAL F 95 -50.91 54.84 -30.70
C VAL F 95 -50.52 55.86 -29.60
N ASP F 96 -50.69 57.17 -29.89
CA ASP F 96 -50.35 58.29 -29.01
C ASP F 96 -50.96 58.20 -27.60
N ALA F 97 -50.19 57.62 -26.66
CA ALA F 97 -50.64 57.48 -25.27
C ALA F 97 -49.51 57.72 -24.24
N PRO F 98 -49.03 58.97 -24.08
CA PRO F 98 -47.96 59.24 -23.11
C PRO F 98 -48.50 59.58 -21.71
N GLY F 99 -47.75 59.20 -20.68
CA GLY F 99 -48.14 59.48 -19.31
C GLY F 99 -48.19 58.25 -18.42
N ASN F 100 -49.00 58.30 -17.35
CA ASN F 100 -49.13 57.20 -16.41
C ASN F 100 -50.05 56.10 -16.96
N ILE F 101 -49.58 55.40 -17.99
CA ILE F 101 -50.31 54.35 -18.67
C ILE F 101 -49.53 53.04 -18.67
N SER F 102 -50.15 51.94 -18.22
CA SER F 102 -49.51 50.62 -18.21
C SER F 102 -50.49 49.58 -18.71
N CYS F 103 -50.06 48.72 -19.63
CA CYS F 103 -50.95 47.69 -20.19
C CYS F 103 -50.51 46.25 -19.83
N LEU F 104 -51.37 45.26 -20.13
CA LEU F 104 -51.09 43.85 -19.86
C LEU F 104 -51.76 42.99 -20.95
N TRP F 105 -50.98 42.11 -21.61
CA TRP F 105 -51.52 41.29 -22.70
C TRP F 105 -52.35 40.11 -22.23
N VAL F 106 -53.53 39.92 -22.84
CA VAL F 106 -54.46 38.84 -22.53
C VAL F 106 -54.60 37.93 -23.76
N PHE F 107 -53.74 36.91 -23.84
CA PHE F 107 -53.73 35.96 -24.95
C PHE F 107 -54.89 34.97 -24.93
N LYS F 108 -54.95 34.03 -25.90
CA LYS F 108 -55.97 33.00 -25.99
C LYS F 108 -56.05 32.19 -24.70
N HIS F 109 -57.04 32.50 -23.84
CA HIS F 109 -57.29 31.88 -22.53
C HIS F 109 -56.05 31.75 -21.63
N SER F 110 -55.12 32.71 -21.75
CA SER F 110 -53.88 32.72 -20.98
C SER F 110 -53.34 34.14 -20.82
N SER F 111 -52.57 34.38 -19.76
CA SER F 111 -51.99 35.70 -19.51
C SER F 111 -50.64 35.90 -20.16
N LEU F 112 -50.29 37.15 -20.47
CA LEU F 112 -49.00 37.46 -21.07
C LEU F 112 -48.42 38.74 -20.48
N ASN F 113 -47.27 38.59 -19.79
CA ASN F 113 -46.58 39.69 -19.15
C ASN F 113 -45.83 40.53 -20.18
N CYS F 114 -46.00 41.84 -20.12
CA CYS F 114 -45.34 42.77 -21.04
C CYS F 114 -44.93 44.07 -20.34
N GLN F 115 -44.02 44.83 -20.97
CA GLN F 115 -43.54 46.10 -20.45
C GLN F 115 -43.40 47.07 -21.61
N PRO F 116 -44.37 47.99 -21.78
CA PRO F 116 -44.31 48.90 -22.93
C PRO F 116 -43.53 50.19 -22.68
N HIS F 117 -43.30 50.96 -23.75
CA HIS F 117 -42.58 52.23 -23.64
C HIS F 117 -43.50 53.40 -23.97
N PHE F 118 -44.03 54.07 -22.93
CA PHE F 118 -44.92 55.21 -23.13
C PHE F 118 -44.25 56.52 -22.74
N GLY F 124 -48.26 54.28 -26.14
CA GLY F 124 -47.24 53.30 -25.79
C GLY F 124 -47.33 52.04 -26.62
N VAL F 125 -46.20 51.39 -26.88
CA VAL F 125 -46.19 50.17 -27.68
C VAL F 125 -45.65 48.95 -26.93
N VAL F 126 -46.44 47.86 -26.89
CA VAL F 126 -46.08 46.63 -26.19
C VAL F 126 -45.78 45.47 -27.18
N SER F 127 -45.13 44.40 -26.70
CA SER F 127 -44.74 43.24 -27.52
C SER F 127 -45.89 42.49 -28.19
N MET F 128 -46.18 42.83 -29.45
CA MET F 128 -47.22 42.20 -30.26
C MET F 128 -46.70 41.69 -31.63
N VAL F 129 -45.39 41.75 -31.88
CA VAL F 129 -44.79 41.27 -33.13
C VAL F 129 -44.53 39.76 -33.04
N ILE F 130 -44.57 39.05 -34.18
CA ILE F 130 -44.38 37.60 -34.17
C ILE F 130 -43.40 37.10 -35.22
N LEU F 131 -42.53 36.16 -34.83
CA LEU F 131 -41.56 35.53 -35.71
C LEU F 131 -41.94 34.06 -35.79
N LYS F 132 -42.41 33.60 -36.97
CA LYS F 132 -42.89 32.24 -37.23
C LYS F 132 -44.09 31.91 -36.35
N MET F 133 -45.30 32.36 -36.75
CA MET F 133 -46.52 32.12 -35.98
C MET F 133 -46.96 30.67 -36.08
N THR F 134 -46.66 29.87 -35.04
CA THR F 134 -46.98 28.44 -34.99
C THR F 134 -48.47 28.17 -35.09
N GLU F 135 -48.85 26.94 -35.49
CA GLU F 135 -50.26 26.53 -35.60
C GLU F 135 -51.03 26.75 -34.29
N THR F 136 -50.33 26.73 -33.15
CA THR F 136 -50.92 26.97 -31.85
C THR F 136 -51.09 28.47 -31.62
N GLN F 137 -50.08 29.27 -31.99
CA GLN F 137 -50.06 30.73 -31.83
C GLN F 137 -51.00 31.47 -32.79
N ALA F 138 -52.31 31.45 -32.49
CA ALA F 138 -53.38 32.11 -33.24
C ALA F 138 -54.68 32.14 -32.41
N GLY F 139 -55.48 33.20 -32.56
CA GLY F 139 -56.75 33.29 -31.85
C GLY F 139 -57.12 34.64 -31.28
N GLU F 140 -57.87 34.64 -30.16
CA GLU F 140 -58.31 35.86 -29.50
C GLU F 140 -57.17 36.48 -28.67
N TYR F 141 -56.78 37.72 -29.01
CA TYR F 141 -55.73 38.44 -28.31
C TYR F 141 -56.20 39.84 -27.87
N LEU F 142 -56.33 40.05 -26.56
CA LEU F 142 -56.78 41.30 -25.98
C LEU F 142 -55.64 42.09 -25.31
N LEU F 143 -55.84 43.40 -25.13
CA LEU F 143 -54.87 44.31 -24.50
C LEU F 143 -55.61 45.53 -23.94
N PHE F 144 -55.45 45.82 -22.64
CA PHE F 144 -56.12 46.97 -22.02
C PHE F 144 -55.19 47.76 -21.09
N ILE F 145 -55.53 49.02 -20.79
CA ILE F 145 -54.75 49.89 -19.91
C ILE F 145 -55.29 49.89 -18.47
N GLN F 146 -54.39 49.79 -17.49
CA GLN F 146 -54.77 49.76 -16.08
C GLN F 146 -54.05 50.86 -15.30
N SER F 147 -54.81 51.80 -14.72
CA SER F 147 -54.23 52.89 -13.94
C SER F 147 -55.10 53.18 -12.72
N THR F 150 -58.34 54.43 -15.42
CA THR F 150 -58.67 54.68 -16.82
C THR F 150 -58.47 53.41 -17.66
N ASN F 151 -59.49 52.55 -17.72
CA ASN F 151 -59.42 51.32 -18.49
C ASN F 151 -60.18 51.41 -19.82
N TYR F 152 -59.74 50.63 -20.81
CA TYR F 152 -60.35 50.57 -22.14
C TYR F 152 -59.92 49.28 -22.85
N THR F 153 -60.88 48.45 -23.27
CA THR F 153 -60.58 47.20 -23.95
C THR F 153 -60.45 47.38 -25.47
N ILE F 154 -59.44 46.73 -26.07
CA ILE F 154 -59.17 46.81 -27.50
C ILE F 154 -59.15 45.39 -28.10
N LEU F 155 -59.81 45.18 -29.26
CA LEU F 155 -59.90 43.86 -29.89
C LEU F 155 -58.92 43.60 -31.06
N PHE F 156 -58.24 42.45 -31.02
CA PHE F 156 -57.30 42.03 -32.06
C PHE F 156 -57.65 40.57 -32.39
N THR F 157 -58.53 40.35 -33.37
CA THR F 157 -58.96 39.00 -33.72
C THR F 157 -58.04 38.33 -34.74
N VAL F 158 -57.47 37.18 -34.38
CA VAL F 158 -56.57 36.45 -35.29
C VAL F 158 -57.16 35.11 -35.75
N SER F 159 -57.27 34.90 -37.07
CA SER F 159 -57.79 33.64 -37.62
C SER F 159 -56.82 33.12 -38.67
N ILE F 160 -55.75 32.46 -38.23
CA ILE F 160 -54.72 31.93 -39.13
C ILE F 160 -55.15 30.67 -39.87
N ASN F 162 -54.82 30.58 -41.17
CA ASN F 162 -55.16 29.43 -42.00
C ASN F 162 -53.93 29.02 -42.83
N THR F 163 -53.01 28.27 -42.21
CA THR F 163 -51.79 27.84 -42.89
C THR F 163 -51.95 26.48 -43.57
N LEU F 164 -51.08 26.19 -44.55
CA LEU F 164 -51.11 24.91 -45.27
C LEU F 164 -50.49 23.76 -44.43
N LEU F 165 -50.67 22.51 -44.88
CA LEU F 165 -50.15 21.32 -44.19
C LEU F 165 -48.62 21.20 -44.14
N TYR F 166 -47.97 21.86 -43.18
CA TYR F 166 -46.51 21.80 -43.05
C TYR F 166 -46.07 21.87 -41.59
N THR F 167 -44.92 21.25 -41.28
CA THR F 167 -44.38 21.24 -39.92
C THR F 167 -42.85 21.22 -39.88
N LEU F 168 -42.26 21.62 -38.74
CA LEU F 168 -40.81 21.61 -38.55
C LEU F 168 -40.48 21.39 -37.07
N ARG F 169 -39.81 20.28 -36.75
CA ARG F 169 -39.45 19.97 -35.37
C ARG F 169 -38.00 19.50 -35.28
N ARG F 170 -37.32 19.83 -34.17
CA ARG F 170 -35.93 19.46 -33.93
C ARG F 170 -35.75 17.95 -33.98
N PRO F 171 -34.67 17.46 -34.59
CA PRO F 171 -34.48 16.00 -34.70
C PRO F 171 -34.24 15.30 -33.37
N TYR F 172 -34.77 14.08 -33.23
CA TYR F 172 -34.60 13.29 -32.01
C TYR F 172 -33.64 12.15 -32.29
N PHE F 173 -32.65 11.95 -31.40
CA PHE F 173 -31.67 10.89 -31.57
C PHE F 173 -32.25 9.53 -31.12
N ARG F 174 -31.74 8.44 -31.69
CA ARG F 174 -32.21 7.10 -31.35
C ARG F 174 -31.11 6.05 -31.45
N LYS F 175 -31.27 4.95 -30.72
CA LYS F 175 -30.29 3.86 -30.74
C LYS F 175 -30.84 2.68 -31.52
N MET F 176 -30.03 2.11 -32.42
CA MET F 176 -30.47 0.96 -33.20
C MET F 176 -30.28 -0.32 -32.40
N GLU F 177 -31.35 -1.10 -32.22
CA GLU F 177 -31.27 -2.36 -31.48
C GLU F 177 -30.60 -3.46 -32.29
N ASN F 178 -30.71 -3.40 -33.62
CA ASN F 178 -30.10 -4.40 -34.51
C ASN F 178 -28.58 -4.28 -34.58
N GLN F 179 -28.03 -3.08 -34.35
CA GLN F 179 -26.59 -2.86 -34.39
C GLN F 179 -26.13 -1.79 -33.38
N ASP F 180 -24.84 -1.77 -33.04
CA ASP F 180 -24.29 -0.77 -32.12
C ASP F 180 -24.03 0.52 -32.90
N ALA F 181 -25.10 1.24 -33.26
CA ALA F 181 -25.01 2.47 -34.02
C ALA F 181 -26.16 3.42 -33.68
N LEU F 182 -25.96 4.73 -33.87
CA LEU F 182 -26.99 5.72 -33.56
C LEU F 182 -27.62 6.31 -34.82
N VAL F 183 -28.93 6.14 -34.98
CA VAL F 183 -29.64 6.68 -36.13
C VAL F 183 -30.42 7.93 -35.71
N CYS F 184 -30.45 8.98 -36.56
CA CYS F 184 -31.19 10.20 -36.20
C CYS F 184 -32.39 10.44 -37.09
N ILE F 185 -33.54 10.69 -36.48
CA ILE F 185 -34.81 10.90 -37.16
C ILE F 185 -35.38 12.30 -36.89
N SER F 186 -36.19 12.84 -37.82
CA SER F 186 -36.78 14.17 -37.64
C SER F 186 -38.26 14.19 -38.02
N GLU F 187 -39.13 14.64 -37.11
CA GLU F 187 -40.57 14.68 -37.35
C GLU F 187 -40.99 16.02 -37.93
N SER F 188 -40.89 16.23 -39.25
CA SER F 188 -41.27 17.51 -39.86
C SER F 188 -41.99 17.33 -41.22
N VAL F 189 -41.33 17.62 -42.37
CA VAL F 189 -41.93 17.43 -43.68
C VAL F 189 -41.88 15.93 -44.06
N PRO F 190 -42.57 15.48 -45.15
CA PRO F 190 -42.56 14.05 -45.50
C PRO F 190 -41.21 13.33 -45.39
N GLU F 191 -40.12 13.94 -45.85
CA GLU F 191 -38.79 13.32 -45.78
C GLU F 191 -37.68 14.34 -45.60
N PRO F 192 -37.19 14.55 -44.37
CA PRO F 192 -36.10 15.51 -44.16
C PRO F 192 -34.74 14.92 -44.50
N ILE F 193 -33.82 15.76 -45.01
CA ILE F 193 -32.48 15.29 -45.37
C ILE F 193 -31.50 15.53 -44.22
N VAL F 194 -31.11 14.46 -43.52
CA VAL F 194 -30.19 14.56 -42.39
C VAL F 194 -28.73 14.30 -42.76
N GLU F 195 -27.79 14.79 -41.94
CA GLU F 195 -26.36 14.61 -42.19
C GLU F 195 -25.55 14.56 -40.88
N TRP F 196 -24.32 14.01 -40.93
CA TRP F 196 -23.48 13.91 -39.73
C TRP F 196 -22.27 14.83 -39.81
N VAL F 197 -22.01 15.60 -38.76
CA VAL F 197 -20.89 16.55 -38.75
C VAL F 197 -19.73 16.04 -37.90
N LEU F 198 -18.50 16.14 -38.42
CA LEU F 198 -17.31 15.72 -37.67
C LEU F 198 -16.35 16.91 -37.51
N CYS F 199 -15.63 16.97 -36.40
CA CYS F 199 -14.68 18.08 -36.17
C CYS F 199 -13.29 17.55 -35.84
N VAL F 213 -14.33 17.18 -40.64
CA VAL F 213 -14.91 18.36 -41.30
C VAL F 213 -16.07 17.94 -42.20
N VAL F 214 -15.89 16.82 -42.94
CA VAL F 214 -16.83 16.26 -43.91
C VAL F 214 -18.20 15.87 -43.32
N LYS F 215 -19.22 15.83 -44.19
CA LYS F 215 -20.59 15.47 -43.82
C LYS F 215 -21.01 14.17 -44.51
N LYS F 216 -21.36 13.14 -43.73
CA LYS F 216 -21.80 11.86 -44.29
C LYS F 216 -23.30 11.69 -44.08
N GLU F 217 -24.10 12.14 -45.05
CA GLU F 217 -25.57 12.06 -44.99
C GLU F 217 -26.07 10.62 -45.17
N GLU F 218 -26.10 9.84 -44.09
CA GLU F 218 -26.56 8.46 -44.15
C GLU F 218 -27.59 8.07 -43.10
N LYS F 219 -27.86 8.96 -42.11
CA LYS F 219 -28.80 8.77 -41.00
C LYS F 219 -28.30 7.76 -39.95
N VAL F 220 -28.06 6.51 -40.36
CA VAL F 220 -27.54 5.50 -39.45
C VAL F 220 -26.06 5.74 -39.31
N LEU F 221 -25.61 6.20 -38.13
CA LEU F 221 -24.20 6.49 -37.90
C LEU F 221 -23.54 5.55 -36.91
N HIS F 222 -22.55 4.78 -37.40
CA HIS F 222 -21.80 3.85 -36.56
C HIS F 222 -20.50 4.49 -36.10
N GLU F 223 -19.83 5.22 -37.00
CA GLU F 223 -18.57 5.87 -36.67
C GLU F 223 -18.80 7.19 -35.91
N LEU F 224 -18.85 7.14 -34.57
CA LEU F 224 -19.05 8.33 -33.77
C LEU F 224 -18.28 8.25 -32.46
N PHE F 225 -17.00 8.64 -32.48
CA PHE F 225 -16.18 8.57 -31.28
C PHE F 225 -15.90 9.96 -30.65
N GLY F 226 -15.08 10.79 -31.29
CA GLY F 226 -14.72 12.09 -30.75
C GLY F 226 -15.24 13.28 -31.55
N MET F 227 -15.04 14.50 -31.01
CA MET F 227 -15.46 15.76 -31.62
C MET F 227 -16.99 15.93 -31.68
N ASP F 228 -17.48 17.10 -32.15
CA ASP F 228 -18.91 17.37 -32.24
C ASP F 228 -19.58 16.57 -33.35
N ILE F 229 -20.71 15.91 -33.03
CA ILE F 229 -21.43 15.11 -34.01
C ILE F 229 -22.92 15.44 -34.01
N ARG F 230 -23.25 16.66 -34.42
CA ARG F 230 -24.63 17.13 -34.47
C ARG F 230 -25.37 16.72 -35.75
N CYS F 231 -26.56 16.10 -35.60
CA CYS F 231 -27.37 15.67 -36.74
C CYS F 231 -28.44 16.71 -37.07
N CYS F 232 -28.22 17.49 -38.13
CA CYS F 232 -29.18 18.51 -38.54
C CYS F 232 -29.93 18.10 -39.82
N ALA F 233 -31.14 18.65 -40.02
CA ALA F 233 -31.93 18.31 -41.19
C ALA F 233 -32.26 19.54 -42.05
N ARG F 234 -32.38 19.34 -43.38
CA ARG F 234 -32.69 20.40 -44.32
C ARG F 234 -34.11 20.20 -44.86
N ASN F 235 -35.11 20.48 -44.02
CA ASN F 235 -36.51 20.32 -44.39
C ASN F 235 -37.12 21.61 -44.96
N GLU F 236 -38.30 21.51 -45.60
CA GLU F 236 -39.01 22.65 -46.16
C GLU F 236 -39.53 23.56 -45.04
N LEU F 237 -39.63 24.87 -45.31
CA LEU F 237 -40.06 25.90 -44.36
C LEU F 237 -39.08 26.09 -43.21
N GLY F 238 -37.83 26.41 -43.56
CA GLY F 238 -36.77 26.64 -42.59
C GLY F 238 -35.84 25.46 -42.41
N ARG F 239 -35.03 25.51 -41.35
CA ARG F 239 -34.08 24.44 -41.02
C ARG F 239 -33.99 24.27 -39.50
N GLU F 240 -34.23 23.05 -39.01
CA GLU F 240 -34.18 22.77 -37.57
C GLU F 240 -32.95 21.93 -37.20
N CYS F 241 -32.02 22.51 -36.44
CA CYS F 241 -30.81 21.78 -36.05
C CYS F 241 -30.91 21.14 -34.67
N THR F 242 -30.08 20.13 -34.41
CA THR F 242 -30.05 19.42 -33.14
C THR F 242 -28.62 19.20 -32.66
N ARG F 243 -28.41 19.18 -31.34
CA ARG F 243 -27.07 19.02 -30.80
C ARG F 243 -26.89 17.78 -29.92
N LEU F 244 -26.03 16.86 -30.38
CA LEU F 244 -25.71 15.64 -29.66
C LEU F 244 -24.71 16.01 -28.57
N PHE F 245 -24.98 15.67 -27.31
CA PHE F 245 -24.07 16.03 -26.22
C PHE F 245 -23.08 14.94 -25.85
N THR F 246 -21.80 15.17 -26.15
CA THR F 246 -20.71 14.28 -25.79
C THR F 246 -19.78 15.05 -24.84
N ILE F 247 -19.55 14.52 -23.63
CA ILE F 247 -18.67 15.20 -22.66
C ILE F 247 -17.32 14.49 -22.64
N ASP F 248 -16.34 15.05 -23.34
CA ASP F 248 -15.00 14.48 -23.45
C ASP F 248 -14.23 14.49 -22.14
N LEU F 249 -13.97 13.31 -21.60
CA LEU F 249 -13.21 13.19 -20.35
C LEU F 249 -11.72 13.47 -20.56
N ASN F 250 -11.20 13.22 -21.78
CA ASN F 250 -9.79 13.48 -22.10
C ASN F 250 -9.48 14.97 -22.14
N GLN F 251 -10.46 15.81 -22.52
CA GLN F 251 -10.28 17.26 -22.57
C GLN F 251 -10.37 17.87 -21.16
N THR F 252 -9.79 19.06 -20.99
CA THR F 252 -9.80 19.79 -19.71
C THR F 252 -11.23 20.18 -19.30
N PRO F 253 -11.54 20.22 -17.99
CA PRO F 253 -12.91 20.54 -17.56
C PRO F 253 -13.38 21.95 -17.90
N GLN F 254 -14.69 22.10 -18.15
CA GLN F 254 -15.30 23.38 -18.47
C GLN F 254 -15.25 24.35 -17.29
N THR F 255 -15.40 23.81 -16.06
CA THR F 255 -15.38 24.52 -14.78
C THR F 255 -16.38 25.68 -14.71
N THR F 256 -17.52 25.54 -15.37
CA THR F 256 -18.57 26.56 -15.35
C THR F 256 -19.95 25.93 -15.14
N LEU F 257 -20.02 24.80 -14.39
CA LEU F 257 -21.23 24.05 -14.10
C LEU F 257 -21.97 23.69 -15.39
N PRO F 258 -21.54 22.63 -16.09
CA PRO F 258 -22.20 22.27 -17.36
C PRO F 258 -23.64 21.79 -17.16
N GLN F 259 -24.57 22.22 -18.03
CA GLN F 259 -25.97 21.84 -17.90
C GLN F 259 -26.66 21.58 -19.23
N LEU F 260 -27.79 20.85 -19.21
CA LEU F 260 -28.56 20.55 -20.41
C LEU F 260 -30.05 20.37 -20.06
N PHE F 261 -30.88 21.37 -20.42
CA PHE F 261 -32.32 21.31 -20.16
C PHE F 261 -33.01 20.48 -21.24
N LEU F 262 -33.94 19.60 -20.87
CA LEU F 262 -34.62 18.76 -21.85
C LEU F 262 -36.14 18.90 -21.81
N LYS F 263 -36.80 18.60 -22.93
CA LYS F 263 -38.25 18.67 -23.03
C LYS F 263 -38.87 17.38 -22.50
N VAL F 264 -39.94 17.49 -21.69
CA VAL F 264 -40.62 16.33 -21.12
C VAL F 264 -41.19 15.44 -22.22
N GLY F 265 -40.57 14.29 -22.42
CA GLY F 265 -40.96 13.35 -23.46
C GLY F 265 -39.84 13.10 -24.45
N GLU F 266 -39.09 14.16 -24.79
CA GLU F 266 -37.96 14.08 -25.71
C GLU F 266 -36.84 13.33 -25.03
N PRO F 267 -36.24 12.34 -25.71
CA PRO F 267 -35.19 11.53 -25.06
C PRO F 267 -33.94 12.28 -24.61
N LEU F 268 -33.25 11.75 -23.59
CA LEU F 268 -32.03 12.33 -23.02
C LEU F 268 -30.82 11.48 -23.36
N TRP F 269 -29.78 12.12 -23.94
CA TRP F 269 -28.57 11.41 -24.35
C TRP F 269 -27.30 12.06 -23.81
N ILE F 270 -26.37 11.25 -23.28
CA ILE F 270 -25.10 11.75 -22.75
C ILE F 270 -24.02 10.71 -22.97
N ARG F 271 -23.06 11.01 -23.84
CA ARG F 271 -21.95 10.09 -24.13
C ARG F 271 -20.63 10.62 -23.58
N CYS F 272 -19.63 9.73 -23.39
CA CYS F 272 -18.34 10.16 -22.86
C CYS F 272 -17.18 9.73 -23.74
N LYS F 273 -16.50 10.69 -24.36
CA LYS F 273 -15.37 10.43 -25.24
C LYS F 273 -14.10 10.23 -24.44
N ALA F 274 -13.86 9.00 -23.97
CA ALA F 274 -12.68 8.70 -23.18
C ALA F 274 -11.53 8.21 -24.04
N VAL F 275 -10.32 8.70 -23.76
CA VAL F 275 -9.12 8.29 -24.50
C VAL F 275 -8.07 7.76 -23.54
N HIS F 276 -7.77 6.46 -23.61
CA HIS F 276 -6.77 5.84 -22.74
C HIS F 276 -5.80 5.02 -23.58
N VAL F 277 -4.50 5.11 -23.27
CA VAL F 277 -3.46 4.39 -24.00
C VAL F 277 -3.63 2.88 -23.85
N ASN F 278 -3.92 2.44 -22.63
CA ASN F 278 -4.13 1.02 -22.37
C ASN F 278 -5.62 0.64 -22.48
N HIS F 279 -5.90 -0.65 -22.71
CA HIS F 279 -7.27 -1.15 -22.83
C HIS F 279 -8.01 -1.22 -21.49
N GLY F 280 -7.27 -1.27 -20.38
CA GLY F 280 -7.82 -1.35 -19.03
C GLY F 280 -8.45 -0.08 -18.51
N PHE F 281 -9.70 0.17 -18.92
CA PHE F 281 -10.48 1.33 -18.52
C PHE F 281 -11.89 0.91 -18.00
N GLY F 282 -12.80 1.88 -17.85
CA GLY F 282 -14.16 1.60 -17.40
C GLY F 282 -14.94 2.83 -17.01
N LEU F 283 -15.79 3.36 -17.91
CA LEU F 283 -16.61 4.52 -17.59
C LEU F 283 -17.93 4.07 -16.99
N THR F 284 -18.40 4.75 -15.93
CA THR F 284 -19.65 4.39 -15.27
C THR F 284 -20.58 5.59 -15.14
N TRP F 285 -21.89 5.35 -15.18
CA TRP F 285 -22.88 6.42 -15.06
C TRP F 285 -23.60 6.37 -13.71
N GLU F 286 -23.68 7.51 -13.02
CA GLU F 286 -24.35 7.62 -11.72
C GLU F 286 -25.10 8.96 -11.61
N LEU F 287 -26.25 8.97 -10.92
CA LEU F 287 -27.01 10.21 -10.74
C LEU F 287 -26.46 11.00 -9.54
N GLU F 288 -26.42 10.37 -8.37
CA GLU F 288 -25.91 10.96 -7.14
C GLU F 288 -25.36 9.79 -6.33
N ASN F 289 -24.29 9.18 -6.84
CA ASN F 289 -23.62 8.00 -6.27
C ASN F 289 -24.49 6.73 -6.32
N LYS F 290 -25.46 6.69 -7.25
CA LYS F 290 -26.34 5.54 -7.45
C LYS F 290 -26.24 5.12 -8.90
N ALA F 291 -26.05 3.82 -9.16
CA ALA F 291 -25.87 3.26 -10.51
C ALA F 291 -26.97 3.60 -11.51
N LEU F 292 -26.60 3.64 -12.81
CA LEU F 292 -27.53 3.94 -13.90
C LEU F 292 -28.54 2.82 -14.08
N GLU F 293 -29.72 3.16 -14.61
CA GLU F 293 -30.78 2.18 -14.84
C GLU F 293 -30.35 1.08 -15.83
N GLU F 294 -31.01 -0.09 -15.76
CA GLU F 294 -30.69 -1.20 -16.66
C GLU F 294 -30.89 -0.81 -18.13
N GLY F 295 -31.92 -0.01 -18.39
CA GLY F 295 -32.20 0.50 -19.73
C GLY F 295 -31.52 1.83 -19.95
N ASN F 296 -30.18 1.83 -19.92
CA ASN F 296 -29.35 3.03 -20.09
C ASN F 296 -27.90 2.69 -20.46
N TYR F 297 -27.41 1.52 -20.07
CA TYR F 297 -26.04 1.09 -20.35
C TYR F 297 -25.86 0.74 -21.82
N PHE F 298 -24.82 1.30 -22.45
CA PHE F 298 -24.51 1.06 -23.85
C PHE F 298 -23.01 1.25 -24.10
N GLU F 299 -22.31 0.18 -24.45
CA GLU F 299 -20.86 0.27 -24.69
C GLU F 299 -20.48 0.22 -26.16
N MET F 300 -19.53 1.07 -26.56
CA MET F 300 -19.05 1.14 -27.93
C MET F 300 -17.57 1.50 -27.92
N SER F 301 -16.70 0.52 -27.66
CA SER F 301 -15.26 0.76 -27.60
C SER F 301 -14.59 0.57 -28.96
N THR F 302 -14.04 1.65 -29.53
CA THR F 302 -13.35 1.63 -30.81
C THR F 302 -11.83 1.74 -30.62
N TYR F 303 -11.05 0.99 -31.39
CA TYR F 303 -9.59 1.01 -31.27
C TYR F 303 -8.95 1.94 -32.29
N SER F 304 -8.12 2.88 -31.84
CA SER F 304 -7.47 3.85 -32.71
C SER F 304 -6.02 4.13 -32.29
N THR F 305 -5.22 4.73 -33.20
CA THR F 305 -3.81 5.12 -33.02
C THR F 305 -2.92 3.90 -32.61
N ASN F 306 -1.61 4.13 -32.38
CA ASN F 306 -0.68 3.06 -32.03
C ASN F 306 -1.00 2.38 -30.69
N ARG F 307 -1.49 1.14 -30.77
CA ARG F 307 -1.85 0.30 -29.62
C ARG F 307 -2.63 1.05 -28.53
N THR F 308 -3.62 1.85 -28.96
CA THR F 308 -4.42 2.63 -28.03
C THR F 308 -5.90 2.34 -28.23
N MET F 309 -6.70 2.43 -27.15
CA MET F 309 -8.13 2.17 -27.23
C MET F 309 -8.96 3.36 -26.74
N ILE F 310 -10.10 3.63 -27.40
CA ILE F 310 -10.99 4.75 -27.07
C ILE F 310 -12.40 4.21 -26.85
N ARG F 311 -12.94 4.35 -25.63
CA ARG F 311 -14.27 3.83 -25.31
C ARG F 311 -15.30 4.92 -25.05
N ILE F 312 -16.58 4.63 -25.28
CA ILE F 312 -17.66 5.59 -25.09
C ILE F 312 -18.83 4.93 -24.33
N LEU F 313 -19.19 5.48 -23.16
CA LEU F 313 -20.30 4.95 -22.39
C LEU F 313 -21.53 5.84 -22.60
N PHE F 314 -22.40 5.42 -23.52
CA PHE F 314 -23.61 6.17 -23.86
C PHE F 314 -24.72 5.94 -22.84
N ALA F 315 -25.31 7.03 -22.33
CA ALA F 315 -26.39 6.93 -21.37
C ALA F 315 -27.70 7.32 -22.05
N PHE F 316 -28.60 6.35 -22.24
CA PHE F 316 -29.86 6.62 -22.93
C PHE F 316 -31.08 6.60 -22.02
N VAL F 317 -32.02 7.51 -22.26
CA VAL F 317 -33.28 7.59 -21.53
C VAL F 317 -34.35 8.04 -22.53
N SER F 318 -35.16 7.10 -23.03
CA SER F 318 -36.19 7.40 -24.03
C SER F 318 -37.31 8.32 -23.53
N SER F 319 -38.00 7.95 -22.44
CA SER F 319 -39.09 8.76 -21.91
C SER F 319 -38.61 9.61 -20.74
N VAL F 320 -38.59 10.93 -20.92
CA VAL F 320 -38.13 11.86 -19.89
C VAL F 320 -39.29 12.35 -19.02
N ALA F 321 -39.06 12.47 -17.71
CA ALA F 321 -40.06 12.92 -16.73
C ALA F 321 -39.35 13.52 -15.46
N ARG F 322 -40.12 14.02 -14.44
CA ARG F 322 -39.59 14.61 -13.22
C ARG F 322 -38.55 13.74 -12.49
N ASN F 323 -38.61 12.41 -12.65
CA ASN F 323 -37.65 11.51 -12.00
C ASN F 323 -36.24 11.61 -12.60
N ASP F 324 -36.12 12.08 -13.84
CA ASP F 324 -34.81 12.26 -14.47
C ASP F 324 -34.23 13.68 -14.28
N THR F 325 -34.83 14.50 -13.40
CA THR F 325 -34.37 15.85 -13.16
C THR F 325 -33.35 15.92 -12.03
N GLY F 326 -32.08 15.71 -12.37
CA GLY F 326 -30.99 15.75 -11.41
C GLY F 326 -29.62 15.84 -12.06
N TYR F 327 -28.58 16.16 -11.28
CA TYR F 327 -27.22 16.28 -11.81
C TYR F 327 -26.60 14.90 -12.07
N TYR F 328 -26.28 14.60 -13.35
CA TYR F 328 -25.68 13.31 -13.73
C TYR F 328 -24.16 13.36 -13.84
N THR F 329 -23.47 12.43 -13.19
CA THR F 329 -22.01 12.38 -13.22
C THR F 329 -21.51 11.17 -14.01
N CYS F 330 -20.29 11.25 -14.56
CA CYS F 330 -19.71 10.15 -15.33
C CYS F 330 -18.22 9.97 -15.00
N SER F 331 -17.92 9.15 -13.99
CA SER F 331 -16.53 8.90 -13.56
C SER F 331 -15.90 7.71 -14.30
N SER F 332 -14.57 7.72 -14.42
CA SER F 332 -13.85 6.65 -15.10
C SER F 332 -12.77 5.98 -14.23
N SER F 333 -12.33 4.78 -14.62
CA SER F 333 -11.33 3.99 -13.90
C SER F 333 -9.99 4.70 -13.76
N LYS F 334 -9.47 5.28 -14.84
CA LYS F 334 -8.19 5.99 -14.79
C LYS F 334 -8.31 7.42 -15.32
N HIS F 335 -9.47 8.04 -15.15
CA HIS F 335 -9.69 9.40 -15.63
C HIS F 335 -10.53 10.19 -14.62
N PRO F 336 -10.26 11.50 -14.45
CA PRO F 336 -11.02 12.28 -13.47
C PRO F 336 -12.54 12.35 -13.70
N SER F 337 -13.29 12.59 -12.61
CA SER F 337 -14.75 12.64 -12.62
C SER F 337 -15.34 13.93 -13.20
N GLN F 338 -15.84 13.87 -14.44
CA GLN F 338 -16.48 15.01 -15.10
C GLN F 338 -18.00 14.86 -14.97
N SER F 339 -18.72 15.96 -14.69
CA SER F 339 -20.17 15.87 -14.50
C SER F 339 -20.96 17.00 -15.18
N ALA F 340 -22.27 16.77 -15.40
CA ALA F 340 -23.14 17.76 -16.02
C ALA F 340 -24.59 17.62 -15.51
N LEU F 341 -25.17 18.73 -15.03
CA LEU F 341 -26.53 18.75 -14.50
C LEU F 341 -27.57 18.63 -15.60
N VAL F 342 -28.70 18.00 -15.31
CA VAL F 342 -29.77 17.84 -16.29
C VAL F 342 -31.09 18.25 -15.65
N THR F 343 -31.72 19.33 -16.16
CA THR F 343 -32.98 19.81 -15.63
C THR F 343 -34.16 19.54 -16.57
N ILE F 344 -35.27 19.07 -16.00
CA ILE F 344 -36.46 18.75 -16.76
C ILE F 344 -37.46 19.87 -16.64
N VAL F 345 -37.74 20.56 -17.74
CA VAL F 345 -38.69 21.67 -17.74
C VAL F 345 -40.02 21.22 -18.33
N GLU F 346 -41.12 21.46 -17.59
CA GLU F 346 -42.48 21.09 -18.00
C GLU F 346 -42.92 21.76 -19.31
N LYS F 347 -42.30 22.91 -19.65
CA LYS F 347 -42.59 23.66 -20.88
C LYS F 347 -41.35 24.47 -21.31
N GLY F 348 -41.34 24.95 -22.55
CA GLY F 348 -40.25 25.75 -23.09
C GLY F 348 -40.06 27.03 -22.30
N PHE F 349 -38.87 27.21 -21.71
CA PHE F 349 -38.59 28.36 -20.87
C PHE F 349 -37.50 29.29 -21.41
N ILE F 350 -37.70 30.60 -21.21
CA ILE F 350 -36.80 31.66 -21.67
C ILE F 350 -36.50 32.61 -20.52
N ASN F 351 -35.25 32.67 -20.08
CA ASN F 351 -34.85 33.57 -18.99
C ASN F 351 -33.79 34.56 -19.47
N ALA F 352 -33.85 35.80 -19.00
CA ALA F 352 -32.91 36.83 -19.42
C ALA F 352 -32.69 37.88 -18.33
N THR F 353 -31.44 38.07 -17.88
CA THR F 353 -31.13 39.08 -16.86
C THR F 353 -31.22 40.44 -17.53
N ASN F 354 -32.27 41.21 -17.22
CA ASN F 354 -32.50 42.49 -17.88
C ASN F 354 -32.05 43.72 -17.09
N SER F 355 -30.95 44.34 -17.53
CA SER F 355 -30.40 45.58 -16.96
C SER F 355 -30.23 46.60 -18.10
N SER F 356 -31.26 46.73 -18.94
CA SER F 356 -31.23 47.63 -20.09
C SER F 356 -31.90 48.96 -19.81
N GLU F 357 -31.25 50.05 -20.23
CA GLU F 357 -31.77 51.40 -20.06
C GLU F 357 -31.20 52.39 -21.12
N ASP F 358 -31.59 53.67 -21.07
CA ASP F 358 -31.11 54.68 -22.01
C ASP F 358 -29.62 54.96 -21.83
N TYR F 359 -28.79 54.37 -22.71
CA TYR F 359 -27.34 54.56 -22.65
C TYR F 359 -26.95 55.95 -23.13
N GLU F 360 -25.85 56.49 -22.58
CA GLU F 360 -25.37 57.82 -22.94
C GLU F 360 -24.02 57.71 -23.68
N ILE F 361 -24.03 57.05 -24.84
CA ILE F 361 -22.82 56.87 -25.64
C ILE F 361 -22.40 58.14 -26.38
N ASP F 362 -21.09 58.39 -26.44
CA ASP F 362 -20.53 59.56 -27.09
C ASP F 362 -20.41 59.39 -28.62
N GLN F 363 -20.16 60.52 -29.32
CA GLN F 363 -20.01 60.64 -30.78
C GLN F 363 -19.24 59.51 -31.44
N TYR F 364 -19.98 58.62 -32.10
CA TYR F 364 -19.47 57.43 -32.79
C TYR F 364 -18.85 56.43 -31.77
N GLU F 365 -17.51 56.49 -31.51
CA GLU F 365 -16.80 55.60 -30.58
C GLU F 365 -17.12 54.10 -30.91
N GLU F 366 -17.57 53.29 -29.94
CA GLU F 366 -17.93 51.90 -30.18
C GLU F 366 -18.87 51.40 -29.11
N PHE F 367 -20.07 50.97 -29.50
CA PHE F 367 -21.05 50.45 -28.55
C PHE F 367 -21.82 49.26 -29.11
N CYS F 368 -22.22 48.35 -28.21
CA CYS F 368 -22.99 47.17 -28.56
C CYS F 368 -24.07 46.91 -27.51
N PHE F 369 -25.26 46.49 -27.96
CA PHE F 369 -26.36 46.16 -27.06
C PHE F 369 -26.53 44.64 -27.04
N SER F 370 -26.01 43.97 -26.01
CA SER F 370 -26.06 42.51 -25.90
C SER F 370 -27.11 42.02 -24.91
N VAL F 371 -27.60 40.79 -25.10
CA VAL F 371 -28.59 40.21 -24.19
C VAL F 371 -28.12 38.86 -23.63
N ARG F 372 -28.22 38.71 -22.30
CA ARG F 372 -27.83 37.48 -21.62
C ARG F 372 -29.05 36.58 -21.48
N PHE F 373 -29.31 35.75 -22.48
CA PHE F 373 -30.46 34.88 -22.47
C PHE F 373 -30.11 33.38 -22.41
N LYS F 374 -30.71 32.68 -21.47
CA LYS F 374 -30.56 31.23 -21.33
C LYS F 374 -31.95 30.68 -21.62
N ALA F 375 -32.10 29.90 -22.70
CA ALA F 375 -33.43 29.42 -23.08
C ALA F 375 -33.46 28.07 -23.79
N TYR F 376 -34.58 27.35 -23.61
CA TYR F 376 -34.81 26.07 -24.28
C TYR F 376 -36.23 26.11 -24.87
N PRO F 377 -36.42 25.70 -26.14
CA PRO F 377 -35.42 25.19 -27.09
C PRO F 377 -34.70 26.32 -27.85
N GLN F 378 -34.22 26.08 -29.09
CA GLN F 378 -33.50 27.07 -29.89
C GLN F 378 -34.26 28.39 -30.03
N ILE F 379 -33.72 29.48 -29.44
CA ILE F 379 -34.35 30.79 -29.46
C ILE F 379 -34.20 31.50 -30.80
N ARG F 380 -35.28 31.57 -31.59
CA ARG F 380 -35.23 32.27 -32.87
C ARG F 380 -35.40 33.75 -32.57
N CYS F 381 -34.35 34.55 -32.81
CA CYS F 381 -34.42 35.99 -32.51
C CYS F 381 -34.22 36.89 -33.74
N THR F 382 -34.79 38.10 -33.67
CA THR F 382 -34.71 39.12 -34.72
C THR F 382 -34.80 40.51 -34.10
N TRP F 383 -33.91 41.41 -34.50
CA TRP F 383 -33.88 42.77 -33.98
C TRP F 383 -34.71 43.69 -34.90
N THR F 384 -35.43 44.67 -34.31
CA THR F 384 -36.26 45.59 -35.10
C THR F 384 -35.92 47.05 -34.78
N PHE F 385 -35.83 47.89 -35.81
CA PHE F 385 -35.51 49.30 -35.64
C PHE F 385 -36.12 50.12 -36.78
N SER F 386 -37.34 50.64 -36.56
CA SER F 386 -38.08 51.47 -37.52
C SER F 386 -38.19 50.87 -38.94
N ARG F 387 -38.40 49.53 -39.03
CA ARG F 387 -38.59 48.68 -40.22
C ARG F 387 -37.40 47.76 -40.54
N LYS F 388 -36.31 47.84 -39.77
CA LYS F 388 -35.13 47.02 -40.00
C LYS F 388 -35.31 45.59 -39.48
N SER F 389 -34.85 44.61 -40.27
CA SER F 389 -34.94 43.19 -39.92
C SER F 389 -33.55 42.58 -39.92
N PHE F 390 -32.99 42.32 -38.73
CA PHE F 390 -31.66 41.74 -38.64
C PHE F 390 -31.64 40.57 -37.67
N PRO F 391 -31.36 39.36 -38.18
CA PRO F 391 -31.31 38.20 -37.27
C PRO F 391 -30.06 38.20 -36.41
N CYS F 392 -30.27 37.83 -35.14
CA CYS F 392 -29.31 37.76 -34.05
C CYS F 392 -28.13 36.84 -34.34
N GLU F 393 -27.03 37.05 -33.64
CA GLU F 393 -25.86 36.18 -33.74
C GLU F 393 -25.78 35.46 -32.40
N GLN F 394 -26.78 34.62 -32.10
CA GLN F 394 -26.88 33.88 -30.84
C GLN F 394 -25.88 32.72 -30.76
N LYS F 395 -24.60 33.05 -30.63
CA LYS F 395 -23.53 32.06 -30.55
C LYS F 395 -23.47 31.38 -29.19
N GLY F 396 -22.94 30.16 -29.17
CA GLY F 396 -22.80 29.38 -27.96
C GLY F 396 -21.79 29.97 -27.01
N LEU F 397 -22.26 30.66 -25.98
CA LEU F 397 -21.38 31.26 -24.99
C LEU F 397 -21.31 30.37 -23.76
N ASP F 398 -20.10 30.27 -23.18
CA ASP F 398 -19.90 29.44 -22.01
C ASP F 398 -20.32 30.15 -20.70
N ASN F 399 -19.93 29.62 -19.52
CA ASN F 399 -20.25 30.16 -18.19
C ASN F 399 -21.72 30.00 -17.80
N GLY F 400 -22.41 29.01 -18.37
CA GLY F 400 -23.80 28.75 -18.04
C GLY F 400 -24.83 29.22 -19.05
N TYR F 401 -24.73 30.50 -19.47
CA TYR F 401 -25.69 31.04 -20.42
C TYR F 401 -25.05 31.53 -21.73
N SER F 402 -25.86 31.65 -22.81
CA SER F 402 -25.40 32.10 -24.12
C SER F 402 -25.90 33.52 -24.42
N ILE F 403 -25.03 34.39 -24.93
CA ILE F 403 -25.40 35.77 -25.22
C ILE F 403 -25.27 36.14 -26.69
N SER F 404 -26.00 37.17 -27.12
CA SER F 404 -25.95 37.66 -28.51
C SER F 404 -25.99 39.18 -28.49
N LYS F 405 -25.13 39.81 -29.30
CA LYS F 405 -25.06 41.27 -29.36
C LYS F 405 -25.57 41.85 -30.67
N PHE F 406 -25.95 43.14 -30.66
CA PHE F 406 -26.42 43.86 -31.84
C PHE F 406 -25.51 45.06 -32.05
N CYS F 407 -24.53 44.93 -32.95
CA CYS F 407 -23.56 45.99 -33.18
C CYS F 407 -23.80 46.78 -34.46
N ASN F 408 -25.05 46.85 -34.94
CA ASN F 408 -25.34 47.60 -36.16
C ASN F 408 -25.82 49.01 -35.85
N HIS F 409 -25.32 49.62 -34.76
CA HIS F 409 -25.72 50.95 -34.33
C HIS F 409 -25.28 52.03 -35.31
N LYS F 410 -23.95 52.08 -35.54
CA LYS F 410 -23.14 52.93 -36.38
C LYS F 410 -23.14 54.37 -35.85
N HIS F 411 -24.30 54.98 -35.78
CA HIS F 411 -24.63 56.31 -35.26
C HIS F 411 -26.11 56.56 -35.60
N GLN F 412 -26.98 55.58 -35.28
CA GLN F 412 -28.41 55.71 -35.56
C GLN F 412 -29.16 55.63 -34.25
N PRO F 413 -29.38 56.76 -33.57
CA PRO F 413 -30.06 56.72 -32.27
C PRO F 413 -31.56 56.42 -32.33
N GLY F 414 -32.13 56.06 -31.19
CA GLY F 414 -33.55 55.74 -31.10
C GLY F 414 -33.85 54.50 -30.27
N GLU F 415 -35.07 53.98 -30.39
CA GLU F 415 -35.47 52.80 -29.65
C GLU F 415 -35.21 51.51 -30.44
N TYR F 416 -34.33 50.67 -29.93
CA TYR F 416 -34.02 49.39 -30.56
C TYR F 416 -34.82 48.31 -29.88
N ILE F 417 -35.73 47.65 -30.59
CA ILE F 417 -36.54 46.60 -29.99
C ILE F 417 -35.98 45.22 -30.34
N PHE F 418 -35.98 44.31 -29.36
CA PHE F 418 -35.47 42.95 -29.57
C PHE F 418 -36.57 41.94 -29.27
N HIS F 419 -36.72 40.92 -30.12
CA HIS F 419 -37.74 39.90 -29.90
C HIS F 419 -37.12 38.52 -30.04
N ALA F 420 -37.54 37.59 -29.18
CA ALA F 420 -37.04 36.22 -29.18
C ALA F 420 -38.19 35.24 -28.89
N GLU F 421 -38.82 34.71 -29.94
CA GLU F 421 -39.92 33.77 -29.80
C GLU F 421 -39.53 32.41 -30.36
N ASN F 422 -39.44 31.39 -29.51
CA ASN F 422 -39.06 30.05 -29.94
C ASN F 422 -40.30 29.13 -30.16
N ASP F 423 -40.15 27.79 -30.11
CA ASP F 423 -41.27 26.88 -30.35
C ASP F 423 -42.20 26.67 -29.15
N ASP F 424 -42.06 27.48 -28.08
CA ASP F 424 -42.91 27.32 -26.90
C ASP F 424 -43.12 28.59 -26.07
N ALA F 425 -42.24 29.59 -26.20
CA ALA F 425 -42.33 30.82 -25.40
C ALA F 425 -41.93 32.08 -26.17
N GLN F 426 -42.38 33.26 -25.71
CA GLN F 426 -42.06 34.53 -26.37
C GLN F 426 -41.42 35.52 -25.40
N PHE F 427 -40.54 36.39 -25.92
CA PHE F 427 -39.88 37.41 -25.11
C PHE F 427 -39.55 38.66 -25.92
N THR F 428 -39.60 39.84 -25.30
CA THR F 428 -39.26 41.09 -25.95
C THR F 428 -38.54 42.03 -24.98
N LYS F 429 -37.59 42.83 -25.49
CA LYS F 429 -36.83 43.76 -24.68
C LYS F 429 -36.36 44.96 -25.50
N MET F 430 -36.79 46.16 -25.12
CA MET F 430 -36.42 47.38 -25.84
C MET F 430 -35.30 48.13 -25.12
N PHE F 431 -34.52 48.90 -25.88
CA PHE F 431 -33.43 49.68 -25.30
C PHE F 431 -33.28 51.03 -25.99
N THR F 432 -32.86 52.06 -25.25
CA THR F 432 -32.70 53.39 -25.82
C THR F 432 -31.22 53.79 -25.89
N LEU F 433 -30.83 54.43 -26.98
CA LEU F 433 -29.45 54.88 -27.17
C LEU F 433 -29.51 56.22 -27.86
N ASN F 434 -28.89 57.24 -27.28
CA ASN F 434 -28.90 58.57 -27.88
C ASN F 434 -27.52 59.02 -28.32
N ILE F 435 -27.46 59.86 -29.36
CA ILE F 435 -26.19 60.35 -29.86
C ILE F 435 -25.73 61.56 -29.05
N ARG F 436 -24.41 61.70 -28.86
CA ARG F 436 -23.88 62.83 -28.10
C ARG F 436 -23.67 64.09 -28.95
N ARG F 437 -24.27 64.17 -30.14
CA ARG F 437 -24.14 65.33 -31.00
C ARG F 437 -25.04 66.45 -30.49
N LYS F 438 -24.50 67.32 -29.62
CA LYS F 438 -25.26 68.42 -29.05
C LYS F 438 -24.89 69.75 -29.68
N PRO F 439 -25.90 70.60 -29.92
CA PRO F 439 -26.54 70.62 -31.25
C PRO F 439 -26.60 72.00 -31.85
N GLN F 440 -26.74 72.09 -33.18
CA GLN F 440 -26.82 73.39 -33.87
C GLN F 440 -28.28 73.76 -34.07
N VAL F 441 -28.68 74.94 -33.58
CA VAL F 441 -30.05 75.40 -33.71
C VAL F 441 -30.24 76.08 -35.06
N LEU F 442 -31.04 75.48 -35.95
CA LEU F 442 -31.27 76.05 -37.28
C LEU F 442 -32.70 75.87 -37.79
N ALA F 443 -33.45 74.90 -37.23
CA ALA F 443 -34.82 74.63 -37.66
C ALA F 443 -35.87 75.56 -37.04
N GLU F 444 -35.82 76.84 -37.43
CA GLU F 444 -36.78 77.82 -36.94
C GLU F 444 -38.02 77.82 -37.83
N ALA F 445 -39.20 77.97 -37.23
CA ALA F 445 -40.44 78.01 -37.99
C ALA F 445 -40.96 79.43 -38.07
N SER F 446 -41.07 79.97 -39.29
CA SER F 446 -41.53 81.33 -39.50
C SER F 446 -43.03 81.48 -39.35
N ALA F 447 -43.51 81.53 -38.10
CA ALA F 447 -44.92 81.72 -37.82
C ALA F 447 -45.18 83.21 -37.75
N SER F 448 -46.22 83.69 -38.44
CA SER F 448 -46.53 85.11 -38.43
C SER F 448 -47.46 85.49 -37.27
N GLN F 449 -48.33 84.56 -36.85
CA GLN F 449 -49.31 84.77 -35.78
C GLN F 449 -48.71 84.99 -34.38
N ALA F 450 -48.62 86.27 -33.97
CA ALA F 450 -48.11 86.81 -32.70
C ALA F 450 -46.60 86.60 -32.47
N SER F 451 -46.11 85.35 -32.53
CA SER F 451 -44.69 85.07 -32.31
C SER F 451 -44.23 83.84 -33.08
N CYS F 452 -43.03 83.89 -33.66
CA CYS F 452 -42.49 82.77 -34.42
C CYS F 452 -41.80 81.76 -33.51
N PHE F 453 -42.17 80.48 -33.61
CA PHE F 453 -41.56 79.45 -32.78
C PHE F 453 -40.20 79.06 -33.33
N SER F 454 -39.12 79.33 -32.59
CA SER F 454 -37.77 78.96 -33.03
C SER F 454 -37.33 77.72 -32.26
N ASP F 455 -37.15 76.59 -32.95
CA ASP F 455 -36.79 75.33 -32.29
C ASP F 455 -35.38 74.82 -32.62
N GLY F 456 -34.73 74.28 -31.60
CA GLY F 456 -33.39 73.72 -31.75
C GLY F 456 -33.39 72.22 -31.57
N TYR F 457 -32.68 71.51 -32.44
CA TYR F 457 -32.62 70.04 -32.38
C TYR F 457 -31.18 69.55 -32.44
N PRO F 458 -30.82 68.56 -31.61
CA PRO F 458 -30.85 67.14 -31.97
C PRO F 458 -31.21 66.23 -30.76
N LEU F 459 -30.22 65.63 -30.07
CA LEU F 459 -30.44 64.72 -28.96
C LEU F 459 -29.19 64.63 -28.03
N PRO F 460 -29.23 63.91 -26.89
CA PRO F 460 -30.20 64.04 -25.81
C PRO F 460 -30.06 65.37 -25.08
N SER F 461 -28.81 65.80 -24.81
CA SER F 461 -28.58 67.06 -24.12
C SER F 461 -28.78 68.24 -25.06
N TRP F 462 -29.98 68.84 -25.04
CA TRP F 462 -30.28 69.97 -25.90
C TRP F 462 -31.05 71.04 -25.12
N THR F 463 -30.59 72.28 -25.18
CA THR F 463 -31.26 73.38 -24.49
C THR F 463 -31.30 74.61 -25.38
N TRP F 464 -32.50 75.14 -25.63
CA TRP F 464 -32.67 76.32 -26.47
C TRP F 464 -32.89 77.55 -25.58
N LYS F 465 -31.98 78.53 -25.64
CA LYS F 465 -32.09 79.73 -24.83
C LYS F 465 -31.42 80.92 -25.50
N LYS F 466 -32.21 81.83 -26.07
CA LYS F 466 -31.67 83.00 -26.76
C LYS F 466 -31.38 84.12 -25.77
N CYS F 474 -27.54 91.89 -30.50
CA CYS F 474 -26.31 91.34 -29.94
C CYS F 474 -26.43 91.05 -28.44
N THR F 475 -26.99 91.98 -27.67
CA THR F 475 -27.14 91.81 -26.23
C THR F 475 -28.31 90.86 -25.86
N GLU F 476 -28.34 90.38 -24.61
CA GLU F 476 -29.38 89.47 -24.15
C GLU F 476 -30.73 90.16 -23.97
N GLU F 477 -31.81 89.48 -24.37
CA GLU F 477 -33.16 90.02 -24.25
C GLU F 477 -33.95 89.28 -23.17
N ILE F 478 -34.70 90.03 -22.36
CA ILE F 478 -35.52 89.43 -21.30
C ILE F 478 -36.90 88.97 -21.82
N THR F 479 -37.66 88.22 -20.99
CA THR F 479 -38.99 87.68 -21.27
C THR F 479 -39.03 86.71 -22.45
N GLU F 480 -39.25 85.43 -22.16
CA GLU F 480 -39.31 84.38 -23.18
C GLU F 480 -40.68 83.66 -23.14
N GLY F 481 -41.03 82.99 -24.23
CA GLY F 481 -42.29 82.26 -24.33
C GLY F 481 -42.24 80.86 -23.75
N VAL F 482 -42.42 79.85 -24.59
CA VAL F 482 -42.42 78.45 -24.17
C VAL F 482 -41.01 77.93 -23.82
N TRP F 483 -40.93 76.79 -23.11
CA TRP F 483 -39.65 76.21 -22.74
C TRP F 483 -39.60 74.69 -23.03
N ASN F 484 -40.36 74.24 -24.05
CA ASN F 484 -40.47 72.85 -24.49
C ASN F 484 -40.99 71.91 -23.35
N ARG F 485 -40.09 71.20 -22.61
CA ARG F 485 -40.43 70.28 -21.51
C ARG F 485 -41.54 69.28 -21.88
N LYS F 486 -41.16 68.08 -22.32
CA LYS F 486 -42.10 67.04 -22.71
C LYS F 486 -41.50 65.64 -22.52
N ALA F 487 -42.36 64.64 -22.27
CA ALA F 487 -41.90 63.26 -22.07
C ALA F 487 -41.50 62.58 -23.37
N ASN F 488 -40.47 61.73 -23.32
CA ASN F 488 -39.98 61.01 -24.51
C ASN F 488 -40.89 59.82 -24.89
N ARG F 489 -40.78 59.36 -26.15
CA ARG F 489 -41.54 58.25 -26.72
C ARG F 489 -43.05 58.52 -26.71
N LYS F 490 -43.51 59.48 -27.52
CA LYS F 490 -44.93 59.84 -27.58
C LYS F 490 -45.48 59.70 -29.00
N VAL F 491 -45.61 58.45 -29.48
CA VAL F 491 -46.14 58.05 -30.80
C VAL F 491 -45.32 58.61 -31.99
N PHE F 492 -45.35 57.90 -33.11
CA PHE F 492 -44.63 58.32 -34.31
C PHE F 492 -45.48 59.24 -35.18
N GLY F 493 -44.83 60.10 -35.96
CA GLY F 493 -45.51 61.03 -36.85
C GLY F 493 -44.57 61.75 -37.80
N GLN F 494 -43.97 62.85 -37.34
CA GLN F 494 -43.04 63.62 -38.17
C GLN F 494 -41.58 63.29 -37.86
N TRP F 495 -40.69 63.50 -38.83
CA TRP F 495 -39.27 63.24 -38.66
C TRP F 495 -38.59 64.33 -37.84
N VAL F 496 -37.61 63.94 -36.99
CA VAL F 496 -36.80 64.80 -36.11
C VAL F 496 -37.62 65.49 -35.02
N SER F 497 -37.03 65.63 -33.82
CA SER F 497 -37.70 66.28 -32.69
C SER F 497 -36.86 67.43 -32.16
N SER F 498 -37.49 68.59 -31.93
CA SER F 498 -36.79 69.77 -31.47
C SER F 498 -37.40 70.36 -30.20
N SER F 499 -36.64 71.21 -29.48
CA SER F 499 -37.11 71.85 -28.26
C SER F 499 -37.36 73.33 -28.53
N THR F 500 -38.61 73.69 -28.85
CA THR F 500 -38.96 75.08 -29.15
C THR F 500 -38.95 75.95 -27.89
N LEU F 501 -38.37 77.15 -27.98
CA LEU F 501 -38.29 78.05 -26.84
C LEU F 501 -38.27 79.53 -27.25
N ASN F 502 -39.20 79.94 -28.11
CA ASN F 502 -39.26 81.34 -28.54
C ASN F 502 -40.67 81.81 -28.88
N MET F 503 -41.18 82.79 -28.13
CA MET F 503 -42.50 83.38 -28.32
C MET F 503 -42.56 84.74 -27.62
N SER F 504 -41.95 85.77 -28.22
CA SER F 504 -41.92 87.10 -27.64
C SER F 504 -42.76 88.12 -28.42
N GLU F 505 -43.13 89.23 -27.76
CA GLU F 505 -43.94 90.27 -28.39
C GLU F 505 -43.22 91.63 -28.53
N ALA F 506 -41.95 91.71 -28.13
CA ALA F 506 -41.17 92.96 -28.22
C ALA F 506 -40.81 93.30 -29.67
N ILE F 507 -40.74 94.60 -29.99
CA ILE F 507 -40.41 95.03 -31.35
C ILE F 507 -38.92 95.24 -31.57
N LYS F 508 -38.21 94.17 -31.94
CA LYS F 508 -36.78 94.24 -32.20
C LYS F 508 -36.44 94.40 -33.69
N GLY F 509 -37.34 93.97 -34.56
CA GLY F 509 -37.12 94.04 -36.00
C GLY F 509 -36.45 92.78 -36.49
N PHE F 510 -35.45 92.93 -37.37
CA PHE F 510 -34.73 91.79 -37.92
C PHE F 510 -33.71 91.26 -36.92
N LEU F 511 -33.99 90.10 -36.30
CA LEU F 511 -33.09 89.49 -35.33
C LEU F 511 -33.19 87.96 -35.33
N VAL F 512 -34.43 87.43 -35.19
CA VAL F 512 -34.76 85.99 -35.15
C VAL F 512 -34.04 85.22 -34.03
N LYS F 513 -34.82 84.61 -33.12
CA LYS F 513 -34.32 83.86 -31.98
C LYS F 513 -33.68 82.49 -32.36
N CYS F 514 -33.38 81.63 -31.36
CA CYS F 514 -32.78 80.30 -31.44
C CYS F 514 -31.26 80.33 -31.28
N CYS F 515 -30.80 80.04 -30.07
CA CYS F 515 -29.39 79.96 -29.72
C CYS F 515 -29.27 78.81 -28.74
N ALA F 516 -28.80 77.67 -29.23
CA ALA F 516 -28.67 76.47 -28.40
C ALA F 516 -27.43 76.50 -27.53
N TYR F 517 -27.58 76.04 -26.29
CA TYR F 517 -26.47 75.95 -25.34
C TYR F 517 -26.51 74.57 -24.72
N ASN F 518 -25.37 73.87 -24.72
CA ASN F 518 -25.29 72.52 -24.15
C ASN F 518 -23.86 72.24 -23.65
N SER F 519 -23.65 71.07 -23.01
CA SER F 519 -22.34 70.68 -22.51
C SER F 519 -21.31 70.57 -23.64
N LEU F 520 -21.75 70.17 -24.83
CA LEU F 520 -20.85 70.04 -25.97
C LEU F 520 -20.46 71.36 -26.62
N GLY F 521 -21.32 72.37 -26.51
CA GLY F 521 -21.05 73.67 -27.09
C GLY F 521 -22.26 74.54 -27.36
N THR F 522 -22.10 75.50 -28.28
CA THR F 522 -23.16 76.44 -28.66
C THR F 522 -23.21 76.69 -30.17
N SER F 523 -24.38 77.13 -30.65
CA SER F 523 -24.69 77.47 -32.05
C SER F 523 -25.98 78.31 -32.09
N CYS F 524 -26.23 79.03 -33.19
CA CYS F 524 -27.43 79.86 -33.30
C CYS F 524 -27.97 79.96 -34.74
N GLU F 525 -29.27 80.31 -34.88
CA GLU F 525 -29.97 80.44 -36.16
C GLU F 525 -29.94 81.90 -36.69
N THR F 526 -30.53 82.14 -37.87
CA THR F 526 -30.56 83.47 -38.49
C THR F 526 -31.22 84.52 -37.62
N THR G 22 48.32 18.77 -41.14
CA THR G 22 48.01 17.96 -42.32
C THR G 22 47.44 18.79 -43.47
N GLN G 23 46.79 19.92 -43.16
CA GLN G 23 46.19 20.75 -44.18
C GLN G 23 46.62 22.22 -44.05
N ASP G 24 46.40 23.01 -45.12
CA ASP G 24 46.73 24.43 -45.12
C ASP G 24 45.91 25.16 -44.06
N CYS G 25 46.56 25.48 -42.95
CA CYS G 25 45.95 26.19 -41.85
C CYS G 25 45.94 27.67 -42.16
N SER G 26 44.96 28.13 -42.92
CA SER G 26 44.85 29.54 -43.27
C SER G 26 43.43 30.11 -43.13
N PHE G 27 42.46 29.30 -42.61
CA PHE G 27 41.06 29.62 -42.37
C PHE G 27 40.38 30.37 -43.53
N GLN G 28 39.21 29.89 -43.95
CA GLN G 28 38.46 30.47 -45.05
C GLN G 28 37.94 31.85 -44.64
N HIS G 29 37.18 31.90 -43.54
CA HIS G 29 36.64 33.15 -42.99
C HIS G 29 37.08 33.28 -41.54
N SER G 30 37.12 34.52 -41.03
CA SER G 30 37.59 34.81 -39.68
C SER G 30 36.97 33.94 -38.58
N PRO G 31 37.81 33.13 -37.92
CA PRO G 31 37.30 32.32 -36.79
C PRO G 31 37.29 33.09 -35.46
N ILE G 32 37.85 34.31 -35.42
CA ILE G 32 37.88 35.15 -34.24
C ILE G 32 36.73 36.14 -34.28
N SER G 33 35.78 35.99 -33.37
CA SER G 33 34.59 36.84 -33.27
C SER G 33 34.91 38.21 -32.67
N SER G 34 33.97 39.16 -32.77
CA SER G 34 34.14 40.49 -32.20
C SER G 34 33.65 40.58 -30.75
N ASP G 35 32.79 39.64 -30.30
CA ASP G 35 32.24 39.67 -28.94
C ASP G 35 32.98 38.79 -27.92
N PHE G 36 34.18 38.31 -28.29
CA PHE G 36 34.98 37.47 -27.41
C PHE G 36 35.34 38.15 -26.08
N ALA G 37 35.61 39.47 -26.10
CA ALA G 37 35.99 40.22 -24.90
C ALA G 37 34.88 40.23 -23.85
N VAL G 38 33.63 40.44 -24.28
CA VAL G 38 32.48 40.44 -23.37
C VAL G 38 32.27 39.05 -22.78
N LYS G 39 32.41 38.01 -23.60
CA LYS G 39 32.23 36.63 -23.14
C LYS G 39 33.30 36.26 -22.11
N ILE G 40 34.56 36.66 -22.37
CA ILE G 40 35.67 36.37 -21.46
C ILE G 40 35.53 37.13 -20.15
N ARG G 41 35.12 38.40 -20.20
CA ARG G 41 34.94 39.20 -18.99
C ARG G 41 33.78 38.65 -18.15
N GLU G 42 32.73 38.15 -18.80
CA GLU G 42 31.60 37.58 -18.08
C GLU G 42 32.02 36.34 -17.29
N LEU G 43 32.81 35.45 -17.91
CA LEU G 43 33.29 34.25 -17.21
C LEU G 43 34.23 34.65 -16.08
N SER G 44 35.09 35.67 -16.31
CA SER G 44 36.05 36.17 -15.33
C SER G 44 35.39 36.83 -14.13
N ASP G 45 34.19 37.41 -14.31
CA ASP G 45 33.47 38.05 -13.21
C ASP G 45 32.58 37.07 -12.44
N TYR G 46 32.12 35.98 -13.08
CA TYR G 46 31.26 35.02 -12.39
C TYR G 46 31.98 33.82 -11.77
N LEU G 47 33.30 33.64 -12.03
CA LEU G 47 34.02 32.52 -11.42
C LEU G 47 34.32 32.80 -9.95
N ASP G 48 33.66 32.08 -9.05
CA ASP G 48 33.89 32.26 -7.61
C ASP G 48 35.15 31.52 -7.13
N GLN G 49 35.56 30.46 -7.85
CA GLN G 49 36.74 29.67 -7.52
C GLN G 49 37.79 29.82 -8.63
N ASP G 50 39.01 30.14 -8.24
CA ASP G 50 40.10 30.37 -9.19
C ASP G 50 40.88 29.10 -9.49
N TYR G 51 40.32 28.24 -10.37
CA TYR G 51 40.90 26.96 -10.81
C TYR G 51 42.38 27.05 -11.18
N PRO G 52 43.18 26.09 -10.72
CA PRO G 52 44.62 26.13 -11.06
C PRO G 52 44.88 25.61 -12.45
N VAL G 53 45.60 26.39 -13.25
CA VAL G 53 45.96 26.01 -14.62
C VAL G 53 47.46 26.30 -14.89
N THR G 54 47.98 25.98 -16.09
CA THR G 54 49.39 26.21 -16.43
C THR G 54 49.50 26.83 -17.81
N VAL G 55 50.63 27.48 -18.13
CA VAL G 55 50.93 28.11 -19.44
C VAL G 55 52.25 28.95 -19.37
N ALA G 56 52.74 29.50 -20.50
CA ALA G 56 53.89 30.42 -20.62
C ALA G 56 55.25 29.86 -20.08
N SER G 57 56.38 30.58 -20.36
CA SER G 57 57.77 30.32 -19.98
C SER G 57 58.62 29.76 -21.12
N ASN G 58 58.02 28.95 -22.00
CA ASN G 58 58.77 28.33 -23.10
C ASN G 58 58.06 28.45 -24.43
N LEU G 59 58.11 29.65 -25.01
CA LEU G 59 57.49 29.91 -26.30
C LEU G 59 58.45 30.69 -27.18
N GLN G 60 58.33 30.55 -28.51
CA GLN G 60 59.17 31.26 -29.49
C GLN G 60 58.91 32.76 -29.32
N ASP G 61 59.98 33.55 -29.12
CA ASP G 61 59.88 34.97 -28.81
C ASP G 61 59.26 35.86 -29.90
N GLU G 62 59.09 35.36 -31.13
CA GLU G 62 58.44 36.12 -32.18
C GLU G 62 56.99 35.62 -32.29
N GLU G 63 56.03 36.55 -32.35
CA GLU G 63 54.60 36.27 -32.37
C GLU G 63 54.09 35.51 -33.59
N LEU G 64 54.98 35.06 -34.48
CA LEU G 64 54.58 34.33 -35.67
C LEU G 64 53.92 32.99 -35.30
N CYS G 65 54.49 32.28 -34.32
CA CYS G 65 53.96 30.98 -33.92
C CYS G 65 53.51 30.90 -32.47
N GLY G 66 54.17 31.62 -31.59
CA GLY G 66 53.85 31.64 -30.17
C GLY G 66 52.41 32.02 -29.88
N GLY G 67 51.94 33.03 -30.58
CA GLY G 67 50.56 33.50 -30.46
C GLY G 67 49.59 32.42 -30.90
N LEU G 68 49.89 31.76 -32.01
CA LEU G 68 49.04 30.70 -32.52
C LEU G 68 48.93 29.53 -31.55
N TRP G 69 50.06 29.05 -30.98
CA TRP G 69 49.96 27.92 -30.05
C TRP G 69 49.41 28.27 -28.67
N ARG G 70 49.36 29.56 -28.30
CA ARG G 70 48.84 29.92 -26.97
C ARG G 70 47.38 29.50 -26.81
N LEU G 71 46.59 29.65 -27.88
CA LEU G 71 45.18 29.27 -27.88
C LEU G 71 44.99 27.75 -27.86
N VAL G 72 45.94 26.99 -28.44
CA VAL G 72 45.87 25.53 -28.43
C VAL G 72 45.97 25.03 -26.99
N LEU G 73 46.94 25.57 -26.24
CA LEU G 73 47.13 25.21 -24.84
C LEU G 73 45.92 25.62 -23.99
N ALA G 74 45.42 26.84 -24.21
CA ALA G 74 44.26 27.35 -23.49
C ALA G 74 42.98 26.56 -23.80
N GLN G 75 42.81 26.12 -25.04
CA GLN G 75 41.63 25.36 -25.45
C GLN G 75 41.58 24.04 -24.72
N ARG G 76 42.73 23.38 -24.52
CA ARG G 76 42.76 22.12 -23.77
C ARG G 76 42.28 22.35 -22.33
N TRP G 77 42.72 23.46 -21.73
CA TRP G 77 42.31 23.82 -20.38
C TRP G 77 40.83 24.12 -20.28
N MET G 78 40.28 24.81 -21.29
CA MET G 78 38.86 25.14 -21.32
C MET G 78 38.02 23.85 -21.37
N GLU G 79 38.46 22.86 -22.17
CA GLU G 79 37.76 21.58 -22.27
C GLU G 79 37.85 20.84 -20.94
N ARG G 80 39.03 20.88 -20.29
CA ARG G 80 39.27 20.23 -19.01
C ARG G 80 38.39 20.83 -17.92
N LEU G 81 38.17 22.16 -17.95
CA LEU G 81 37.35 22.84 -16.96
C LEU G 81 35.87 22.46 -17.09
N LYS G 82 35.40 22.18 -18.31
CA LYS G 82 34.02 21.76 -18.53
C LYS G 82 33.73 20.42 -17.82
N THR G 83 34.75 19.54 -17.72
CA THR G 83 34.59 18.24 -17.08
C THR G 83 34.66 18.28 -15.54
N VAL G 84 35.09 19.40 -14.94
CA VAL G 84 35.20 19.48 -13.49
C VAL G 84 34.25 20.50 -12.86
N ALA G 85 33.84 21.54 -13.63
CA ALA G 85 32.93 22.55 -13.09
C ALA G 85 31.54 21.98 -12.93
N GLY G 86 30.81 22.48 -11.93
CA GLY G 86 29.47 22.05 -11.60
C GLY G 86 28.44 22.35 -12.66
N SER G 87 27.18 21.98 -12.41
CA SER G 87 26.10 22.19 -13.35
C SER G 87 25.92 23.66 -13.74
N LYS G 88 25.92 24.56 -12.75
CA LYS G 88 25.72 25.99 -12.99
C LYS G 88 26.83 26.66 -13.81
N MET G 89 28.07 26.17 -13.71
CA MET G 89 29.19 26.75 -14.45
C MET G 89 29.44 26.10 -15.82
N GLN G 90 28.87 24.90 -16.05
CA GLN G 90 29.03 24.16 -17.30
C GLN G 90 28.05 24.64 -18.35
N GLY G 91 28.09 25.92 -18.58
CA GLY G 91 27.34 26.70 -19.56
C GLY G 91 28.22 27.89 -19.89
N LEU G 92 28.69 28.59 -18.84
CA LEU G 92 29.60 29.70 -18.95
C LEU G 92 30.98 29.21 -19.45
N LEU G 93 31.43 28.04 -18.98
CA LEU G 93 32.71 27.48 -19.41
C LEU G 93 32.67 27.09 -20.89
N GLU G 94 31.56 26.47 -21.31
CA GLU G 94 31.40 26.06 -22.71
C GLU G 94 31.33 27.26 -23.63
N ARG G 95 30.77 28.39 -23.16
CA ARG G 95 30.69 29.60 -23.96
C ARG G 95 32.07 30.08 -24.36
N VAL G 96 33.04 30.02 -23.43
CA VAL G 96 34.40 30.44 -23.76
C VAL G 96 35.08 29.38 -24.63
N ASN G 97 34.81 28.09 -24.38
CA ASN G 97 35.35 27.01 -25.17
C ASN G 97 34.93 27.13 -26.65
N THR G 98 33.67 27.52 -26.91
CA THR G 98 33.19 27.68 -28.28
C THR G 98 33.88 28.82 -29.06
N GLU G 99 34.42 29.83 -28.35
CA GLU G 99 35.10 30.92 -29.03
C GLU G 99 36.50 30.53 -29.49
N ILE G 100 37.14 29.55 -28.83
CA ILE G 100 38.49 29.14 -29.17
C ILE G 100 38.60 27.70 -29.72
N HIS G 101 37.46 27.02 -29.93
CA HIS G 101 37.39 25.64 -30.44
C HIS G 101 37.98 25.48 -31.84
N PHE G 102 38.07 26.57 -32.62
CA PHE G 102 38.62 26.55 -33.98
C PHE G 102 40.01 25.94 -34.09
N VAL G 103 40.83 26.03 -33.04
CA VAL G 103 42.16 25.46 -33.06
C VAL G 103 42.13 23.93 -33.21
N THR G 104 41.03 23.27 -32.80
CA THR G 104 40.89 21.82 -32.96
C THR G 104 40.70 21.38 -34.42
N LYS G 105 40.41 22.33 -35.34
CA LYS G 105 40.25 22.03 -36.75
C LYS G 105 41.60 21.80 -37.47
N CYS G 106 42.71 22.31 -36.88
CA CYS G 106 44.05 22.13 -37.43
C CYS G 106 44.77 20.98 -36.75
N ALA G 107 45.64 20.27 -37.49
CA ALA G 107 46.36 19.13 -36.94
C ALA G 107 47.58 19.53 -36.13
N PHE G 108 47.36 20.23 -34.99
CA PHE G 108 48.45 20.63 -34.12
C PHE G 108 49.03 19.38 -33.48
N GLN G 109 50.34 19.27 -33.51
CA GLN G 109 51.06 18.11 -33.01
C GLN G 109 51.24 18.13 -31.48
N PRO G 110 51.52 16.96 -30.85
CA PRO G 110 51.66 16.94 -29.39
C PRO G 110 52.81 17.81 -28.90
N PRO G 111 52.64 18.44 -27.72
CA PRO G 111 53.71 19.30 -27.20
C PRO G 111 55.03 18.57 -27.00
N PRO G 112 56.14 19.22 -27.37
CA PRO G 112 57.44 18.57 -27.22
C PRO G 112 57.89 18.46 -25.77
N SER G 113 58.82 17.53 -25.49
CA SER G 113 59.35 17.33 -24.14
C SER G 113 60.09 18.55 -23.60
N CYS G 114 60.58 19.44 -24.49
CA CYS G 114 61.29 20.66 -24.09
C CYS G 114 60.38 21.72 -23.50
N LEU G 115 59.07 21.66 -23.77
CA LEU G 115 58.10 22.66 -23.30
C LEU G 115 57.99 22.76 -21.79
N ARG G 116 58.02 23.98 -21.27
CA ARG G 116 57.90 24.23 -19.85
C ARG G 116 56.75 25.19 -19.59
N PHE G 117 56.05 24.99 -18.48
CA PHE G 117 54.94 25.85 -18.10
C PHE G 117 54.95 26.17 -16.61
N VAL G 118 54.40 27.33 -16.25
CA VAL G 118 54.31 27.74 -14.85
C VAL G 118 52.84 27.71 -14.39
N GLN G 119 52.62 27.40 -13.12
CA GLN G 119 51.27 27.33 -12.58
C GLN G 119 50.70 28.73 -12.40
N THR G 120 49.49 28.94 -12.89
CA THR G 120 48.76 30.19 -12.79
C THR G 120 47.27 29.92 -12.49
N ASN G 121 46.44 30.98 -12.41
CA ASN G 121 45.02 30.82 -12.13
C ASN G 121 44.18 31.01 -13.40
N ILE G 122 42.94 30.48 -13.39
CA ILE G 122 42.05 30.57 -14.55
C ILE G 122 41.78 32.01 -14.99
N SER G 123 41.71 32.97 -14.06
CA SER G 123 41.48 34.36 -14.41
C SER G 123 42.59 34.90 -15.33
N ARG G 124 43.83 34.60 -14.99
CA ARG G 124 44.94 35.04 -15.83
C ARG G 124 44.87 34.36 -17.17
N LEU G 125 44.69 33.05 -17.18
CA LEU G 125 44.64 32.30 -18.43
C LEU G 125 43.59 32.86 -19.37
N LEU G 126 42.43 33.25 -18.82
CA LEU G 126 41.35 33.83 -19.63
C LEU G 126 41.77 35.17 -20.21
N GLN G 127 42.41 36.02 -19.39
CA GLN G 127 42.88 37.33 -19.84
C GLN G 127 43.94 37.17 -20.92
N GLU G 128 44.89 36.24 -20.72
CA GLU G 128 45.93 35.96 -21.70
C GLU G 128 45.34 35.45 -23.00
N THR G 129 44.34 34.56 -22.91
CA THR G 129 43.66 34.01 -24.09
C THR G 129 43.02 35.12 -24.92
N SER G 130 42.32 36.05 -24.27
CA SER G 130 41.69 37.17 -24.98
C SER G 130 42.75 38.03 -25.68
N GLU G 131 43.89 38.26 -25.03
CA GLU G 131 44.98 39.05 -25.59
C GLU G 131 45.56 38.40 -26.84
N GLN G 132 45.69 37.07 -26.85
CA GLN G 132 46.20 36.35 -28.01
C GLN G 132 45.24 36.46 -29.19
N LEU G 133 43.93 36.40 -28.91
CA LEU G 133 42.93 36.51 -29.97
C LEU G 133 42.94 37.90 -30.60
N VAL G 134 43.19 38.95 -29.81
CA VAL G 134 43.27 40.33 -30.34
C VAL G 134 44.44 40.41 -31.32
N ALA G 135 45.58 39.79 -30.99
CA ALA G 135 46.76 39.78 -31.82
C ALA G 135 46.62 38.91 -33.07
N LEU G 136 45.92 37.77 -32.97
CA LEU G 136 45.77 36.86 -34.10
C LEU G 136 44.64 37.21 -35.06
N LYS G 137 43.56 37.82 -34.56
CA LYS G 137 42.38 38.17 -35.34
C LYS G 137 42.65 38.82 -36.71
N PRO G 138 43.49 39.87 -36.83
CA PRO G 138 43.72 40.47 -38.16
C PRO G 138 44.60 39.66 -39.11
N TRP G 139 45.26 38.60 -38.61
CA TRP G 139 46.15 37.82 -39.47
C TRP G 139 45.69 36.40 -39.75
N ILE G 140 44.69 35.89 -39.02
CA ILE G 140 44.21 34.52 -39.13
C ILE G 140 43.83 34.05 -40.55
N THR G 141 43.34 34.95 -41.43
CA THR G 141 42.96 34.55 -42.79
C THR G 141 43.94 35.06 -43.87
N ARG G 142 44.97 35.84 -43.49
CA ARG G 142 45.93 36.41 -44.44
C ARG G 142 47.18 35.57 -44.69
N GLN G 143 47.68 34.88 -43.65
CA GLN G 143 48.91 34.11 -43.76
C GLN G 143 48.71 32.59 -43.69
N ASN G 144 49.63 31.82 -44.27
CA ASN G 144 49.54 30.36 -44.20
C ASN G 144 50.27 29.92 -42.92
N PHE G 145 49.52 29.38 -41.94
CA PHE G 145 50.14 28.93 -40.69
C PHE G 145 50.30 27.41 -40.61
N SER G 146 50.37 26.71 -41.76
CA SER G 146 50.58 25.25 -41.76
C SER G 146 51.89 24.88 -41.06
N ARG G 147 52.93 25.71 -41.23
CA ARG G 147 54.23 25.52 -40.60
C ARG G 147 54.21 25.73 -39.07
N CYS G 148 53.06 26.06 -38.48
CA CYS G 148 52.91 26.27 -37.03
C CYS G 148 52.35 25.06 -36.29
N LEU G 149 52.04 23.95 -37.00
CA LEU G 149 51.47 22.76 -36.37
C LEU G 149 52.34 22.18 -35.24
N GLU G 150 53.65 22.36 -35.34
CA GLU G 150 54.56 21.86 -34.32
C GLU G 150 54.94 22.99 -33.36
N LEU G 151 54.62 22.82 -32.07
CA LEU G 151 54.97 23.79 -31.04
C LEU G 151 56.49 23.76 -30.86
N GLN G 152 57.14 24.92 -30.75
CA GLN G 152 58.59 24.99 -30.63
C GLN G 152 59.04 25.61 -29.30
N CYS G 153 60.27 25.33 -28.89
CA CYS G 153 60.82 25.82 -27.64
C CYS G 153 61.80 26.98 -27.84
N GLN G 154 61.98 27.78 -26.79
CA GLN G 154 62.90 28.90 -26.70
C GLN G 154 63.20 29.15 -25.23
N PRO G 155 64.26 28.52 -24.70
CA PRO G 155 64.57 28.69 -23.27
C PRO G 155 65.27 30.02 -22.96
N ALA H 79 -5.91 89.48 -42.93
CA ALA H 79 -4.87 89.23 -43.93
C ALA H 79 -3.54 88.83 -43.28
N ALA H 80 -3.27 89.30 -42.05
CA ALA H 80 -2.05 89.02 -41.32
C ALA H 80 -2.16 87.74 -40.48
N VAL H 81 -1.22 86.81 -40.69
CA VAL H 81 -1.21 85.52 -40.00
C VAL H 81 -0.01 85.45 -39.04
N GLU H 82 -0.22 84.96 -37.80
CA GLU H 82 0.87 84.82 -36.82
C GLU H 82 1.10 83.35 -36.49
N VAL H 83 2.21 82.77 -36.94
CA VAL H 83 2.51 81.35 -36.71
C VAL H 83 3.46 81.13 -35.53
N ASP H 84 2.95 80.49 -34.46
CA ASP H 84 3.77 80.21 -33.29
C ASP H 84 4.25 78.76 -33.33
N VAL H 85 5.58 78.56 -33.50
CA VAL H 85 6.28 77.26 -33.54
C VAL H 85 5.70 76.34 -34.69
N SER H 86 5.98 75.02 -34.68
CA SER H 86 5.46 74.09 -35.69
C SER H 86 4.00 73.79 -35.38
N ALA H 87 3.12 74.76 -35.66
CA ALA H 87 1.69 74.65 -35.38
C ALA H 87 0.92 73.99 -36.51
N SER H 88 -0.15 73.25 -36.18
CA SER H 88 -0.98 72.58 -37.16
C SER H 88 -2.39 73.16 -37.16
N ILE H 89 -2.64 74.13 -38.05
CA ILE H 89 -3.95 74.76 -38.20
C ILE H 89 -4.42 74.79 -39.67
N THR H 90 -5.72 74.99 -39.88
CA THR H 90 -6.28 75.03 -41.23
C THR H 90 -6.57 76.46 -41.69
N LEU H 91 -6.24 76.74 -42.94
CA LEU H 91 -6.48 78.04 -43.57
C LEU H 91 -7.15 77.87 -44.96
N GLN H 92 -7.82 76.74 -45.21
CA GLN H 92 -8.48 76.49 -46.49
C GLN H 92 -9.98 76.79 -46.39
N VAL H 93 -10.31 78.06 -46.16
CA VAL H 93 -11.71 78.50 -46.03
C VAL H 93 -12.45 78.40 -47.37
N LEU H 94 -13.79 78.27 -47.31
CA LEU H 94 -14.60 78.15 -48.52
C LEU H 94 -15.50 79.37 -48.76
N VAL H 95 -15.41 79.96 -49.96
CA VAL H 95 -16.20 81.11 -50.38
C VAL H 95 -17.08 80.67 -51.57
N ASP H 96 -18.37 81.05 -51.55
CA ASP H 96 -19.37 80.70 -52.56
C ASP H 96 -18.98 81.04 -54.00
N ALA H 97 -18.38 80.06 -54.70
CA ALA H 97 -17.96 80.23 -56.09
C ALA H 97 -18.20 78.98 -56.96
N PRO H 98 -19.47 78.65 -57.27
CA PRO H 98 -19.74 77.47 -58.11
C PRO H 98 -19.78 77.80 -59.61
N GLY H 99 -19.36 76.84 -60.43
CA GLY H 99 -19.35 77.02 -61.88
C GLY H 99 -18.00 76.75 -62.52
N ASN H 100 -17.76 77.36 -63.69
CA ASN H 100 -16.50 77.19 -64.43
C ASN H 100 -15.39 78.03 -63.82
N ILE H 101 -14.93 77.65 -62.63
CA ILE H 101 -13.90 78.36 -61.87
C ILE H 101 -12.75 77.40 -61.52
N SER H 102 -11.51 77.79 -61.85
CA SER H 102 -10.31 76.99 -61.53
C SER H 102 -9.23 77.90 -60.98
N CYS H 103 -8.60 77.51 -59.87
CA CYS H 103 -7.56 78.33 -59.26
C CYS H 103 -6.17 77.66 -59.28
N LEU H 104 -5.11 78.42 -58.93
CA LEU H 104 -3.73 77.92 -58.89
C LEU H 104 -2.98 78.65 -57.76
N TRP H 105 -2.35 77.90 -56.85
CA TRP H 105 -1.65 78.50 -55.72
C TRP H 105 -0.29 79.08 -56.07
N VAL H 106 -0.03 80.31 -55.62
CA VAL H 106 1.22 81.02 -55.85
C VAL H 106 1.93 81.27 -54.51
N PHE H 107 2.78 80.33 -54.12
CA PHE H 107 3.52 80.38 -52.86
C PHE H 107 4.68 81.40 -52.89
N LYS H 108 5.45 81.52 -51.78
CA LYS H 108 6.59 82.42 -51.67
C LYS H 108 7.61 82.15 -52.79
N HIS H 109 7.59 82.98 -53.85
CA HIS H 109 8.46 82.90 -55.02
C HIS H 109 8.54 81.51 -55.66
N SER H 110 7.44 80.75 -55.58
CA SER H 110 7.36 79.40 -56.13
C SER H 110 5.92 79.02 -56.45
N SER H 111 5.73 78.11 -57.40
CA SER H 111 4.40 77.68 -57.82
C SER H 111 3.88 76.49 -57.00
N LEU H 112 2.55 76.36 -56.91
CA LEU H 112 1.94 75.25 -56.18
C LEU H 112 0.71 74.74 -56.92
N ASN H 113 0.78 73.49 -57.39
CA ASN H 113 -0.30 72.83 -58.10
C ASN H 113 -1.40 72.41 -57.15
N CYS H 114 -2.65 72.73 -57.51
CA CYS H 114 -3.81 72.37 -56.69
C CYS H 114 -5.03 72.02 -57.56
N GLN H 115 -6.01 71.34 -56.96
CA GLN H 115 -7.23 70.94 -57.63
C GLN H 115 -8.39 71.14 -56.66
N PRO H 116 -9.15 72.23 -56.80
CA PRO H 116 -10.24 72.51 -55.84
C PRO H 116 -11.58 71.87 -56.20
N HIS H 117 -12.54 71.94 -55.27
CA HIS H 117 -13.87 71.39 -55.49
C HIS H 117 -14.91 72.50 -55.54
N PHE H 118 -15.32 72.91 -56.74
CA PHE H 118 -16.30 73.98 -56.90
C PHE H 118 -17.62 73.42 -57.42
N GLY H 124 -15.35 77.65 -54.30
CA GLY H 124 -14.50 76.46 -54.33
C GLY H 124 -13.38 76.54 -53.30
N VAL H 125 -12.97 75.38 -52.75
CA VAL H 125 -11.91 75.35 -51.74
C VAL H 125 -10.69 74.52 -52.18
N VAL H 126 -9.50 75.13 -52.12
CA VAL H 126 -8.24 74.48 -52.51
C VAL H 126 -7.33 74.21 -51.29
N SER H 127 -6.31 73.34 -51.46
CA SER H 127 -5.38 72.96 -50.38
C SER H 127 -4.56 74.11 -49.77
N MET H 128 -5.05 74.65 -48.64
CA MET H 128 -4.40 75.73 -47.91
C MET H 128 -4.19 75.44 -46.41
N VAL H 129 -4.51 74.21 -45.94
CA VAL H 129 -4.34 73.84 -44.53
C VAL H 129 -2.89 73.38 -44.28
N ILE H 130 -2.39 73.56 -43.05
CA ILE H 130 -1.01 73.19 -42.74
C ILE H 130 -0.86 72.39 -41.44
N LEU H 131 -0.02 71.35 -41.49
CA LEU H 131 0.30 70.52 -40.32
C LEU H 131 1.77 70.71 -40.05
N LYS H 132 2.10 71.36 -38.91
CA LYS H 132 3.46 71.70 -38.48
C LYS H 132 4.12 72.66 -39.48
N MET H 133 3.82 73.96 -39.39
CA MET H 133 4.37 74.97 -40.31
C MET H 133 5.84 75.23 -40.00
N THR H 134 6.74 74.63 -40.81
CA THR H 134 8.19 74.75 -40.63
C THR H 134 8.69 76.18 -40.74
N GLU H 135 9.87 76.46 -40.17
CA GLU H 135 10.49 77.79 -40.21
C GLU H 135 10.62 78.34 -41.63
N THR H 136 10.72 77.44 -42.62
CA THR H 136 10.79 77.81 -44.03
C THR H 136 9.40 78.13 -44.56
N GLN H 137 8.40 77.32 -44.20
CA GLN H 137 7.01 77.45 -44.63
C GLN H 137 6.27 78.63 -44.00
N ALA H 138 6.55 79.85 -44.51
CA ALA H 138 5.94 81.12 -44.08
C ALA H 138 6.23 82.23 -45.10
N GLY H 139 5.30 83.16 -45.28
CA GLY H 139 5.50 84.28 -46.18
C GLY H 139 4.31 84.70 -47.03
N GLU H 140 4.59 85.22 -48.23
CA GLU H 140 3.56 85.68 -49.15
C GLU H 140 2.93 84.50 -49.89
N TYR H 141 1.61 84.30 -49.72
CA TYR H 141 0.86 83.23 -50.37
C TYR H 141 -0.36 83.79 -51.10
N LEU H 142 -0.33 83.72 -52.44
CA LEU H 142 -1.39 84.22 -53.31
C LEU H 142 -2.22 83.09 -53.93
N LEU H 143 -3.44 83.43 -54.38
CA LEU H 143 -4.37 82.48 -55.01
C LEU H 143 -5.35 83.26 -55.90
N PHE H 144 -5.42 82.92 -57.19
CA PHE H 144 -6.32 83.60 -58.11
C PHE H 144 -7.08 82.64 -59.03
N ILE H 145 -8.21 83.09 -59.59
CA ILE H 145 -9.05 82.29 -60.49
C ILE H 145 -8.73 82.58 -61.96
N GLN H 146 -8.61 81.53 -62.78
CA GLN H 146 -8.32 81.65 -64.19
C GLN H 146 -9.38 80.97 -65.05
N SER H 147 -10.07 81.75 -65.90
CA SER H 147 -11.12 81.22 -66.76
C SER H 147 -11.06 81.89 -68.13
N THR H 150 -12.48 85.72 -66.24
CA THR H 150 -12.35 86.46 -64.98
C THR H 150 -11.03 86.13 -64.29
N ASN H 151 -10.40 87.14 -63.67
CA ASN H 151 -9.14 86.93 -62.96
C ASN H 151 -8.99 87.88 -61.77
N TYR H 152 -9.33 87.39 -60.57
CA TYR H 152 -9.20 88.19 -59.34
C TYR H 152 -8.23 87.48 -58.39
N THR H 153 -7.16 88.16 -57.96
CA THR H 153 -6.14 87.57 -57.09
C THR H 153 -6.31 87.93 -55.60
N ILE H 154 -5.95 86.98 -54.70
CA ILE H 154 -6.03 87.17 -53.25
C ILE H 154 -4.61 87.15 -52.64
N LEU H 155 -4.42 87.75 -51.44
CA LEU H 155 -3.11 87.80 -50.79
C LEU H 155 -3.15 87.56 -49.29
N PHE H 156 -2.28 86.67 -48.78
CA PHE H 156 -2.19 86.37 -47.35
C PHE H 156 -0.73 86.45 -46.89
N THR H 157 -0.49 87.12 -45.76
CA THR H 157 0.87 87.28 -45.24
C THR H 157 1.10 86.43 -44.00
N VAL H 158 1.80 85.30 -44.15
CA VAL H 158 2.10 84.40 -43.05
C VAL H 158 3.41 84.78 -42.36
N SER H 159 3.30 85.29 -41.14
CA SER H 159 4.46 85.67 -40.34
C SER H 159 4.77 84.60 -39.28
N ILE H 160 5.96 84.68 -38.67
CA ILE H 160 6.45 83.75 -37.66
C ILE H 160 6.37 84.40 -36.28
N ASN H 162 7.13 81.03 -34.02
CA ASN H 162 7.61 81.77 -32.87
C ASN H 162 9.15 81.74 -32.77
N THR H 163 9.72 82.68 -32.00
CA THR H 163 11.16 82.77 -31.80
C THR H 163 11.65 81.84 -30.67
N LEU H 164 10.93 80.74 -30.41
CA LEU H 164 11.31 79.78 -29.38
C LEU H 164 12.44 78.83 -29.81
N LEU H 165 12.85 78.86 -31.11
CA LEU H 165 13.90 78.04 -31.70
C LEU H 165 13.65 76.54 -31.55
N TYR H 166 12.42 76.11 -31.82
CA TYR H 166 12.06 74.70 -31.71
C TYR H 166 12.44 73.95 -32.97
N THR H 167 13.21 72.86 -32.84
CA THR H 167 13.64 72.07 -33.99
C THR H 167 13.54 70.59 -33.71
N LEU H 168 13.14 69.81 -34.71
CA LEU H 168 13.03 68.37 -34.57
C LEU H 168 13.39 67.70 -35.89
N ARG H 169 14.45 66.89 -35.90
CA ARG H 169 14.87 66.21 -37.13
C ARG H 169 15.15 64.72 -36.85
N ARG H 170 14.86 63.86 -37.84
CA ARG H 170 15.07 62.42 -37.75
C ARG H 170 16.52 62.09 -37.42
N PRO H 171 16.74 61.12 -36.53
CA PRO H 171 18.13 60.80 -36.14
C PRO H 171 18.96 60.16 -37.24
N TYR H 172 20.25 60.48 -37.28
CA TYR H 172 21.17 59.94 -38.27
C TYR H 172 22.10 58.94 -37.60
N PHE H 173 22.27 57.76 -38.21
CA PHE H 173 23.15 56.73 -37.65
C PHE H 173 24.62 57.04 -37.92
N ARG H 174 25.52 56.54 -37.07
CA ARG H 174 26.95 56.77 -37.23
C ARG H 174 27.78 55.61 -36.71
N LYS H 175 29.02 55.47 -37.23
CA LYS H 175 29.91 54.39 -36.81
C LYS H 175 30.99 54.95 -35.91
N MET H 176 31.22 54.31 -34.76
CA MET H 176 32.24 54.78 -33.82
C MET H 176 33.62 54.32 -34.26
N GLU H 177 34.56 55.26 -34.39
CA GLU H 177 35.93 54.93 -34.79
C GLU H 177 36.73 54.31 -33.65
N ASN H 178 36.39 54.65 -32.39
CA ASN H 178 37.09 54.12 -31.23
C ASN H 178 36.78 52.65 -30.97
N GLN H 179 35.59 52.19 -31.38
CA GLN H 179 35.20 50.79 -31.18
C GLN H 179 34.28 50.28 -32.30
N ASP H 180 34.13 48.95 -32.43
CA ASP H 180 33.25 48.36 -33.43
C ASP H 180 31.81 48.39 -32.92
N ALA H 181 31.21 49.58 -32.89
CA ALA H 181 29.86 49.79 -32.41
C ALA H 181 29.17 50.95 -33.14
N LEU H 182 27.84 50.95 -33.18
CA LEU H 182 27.09 52.02 -33.85
C LEU H 182 26.42 52.97 -32.87
N VAL H 183 26.78 54.25 -32.93
CA VAL H 183 26.20 55.27 -32.05
C VAL H 183 25.16 56.08 -32.82
N CYS H 184 24.09 56.49 -32.15
CA CYS H 184 23.04 57.26 -32.79
C CYS H 184 23.03 58.71 -32.32
N ILE H 185 22.88 59.65 -33.26
CA ILE H 185 22.82 61.07 -32.95
C ILE H 185 21.60 61.73 -33.60
N SER H 186 21.07 62.80 -32.97
CA SER H 186 19.89 63.49 -33.51
C SER H 186 20.08 65.00 -33.49
N GLU H 187 19.87 65.66 -34.65
CA GLU H 187 20.02 67.11 -34.77
C GLU H 187 18.73 67.83 -34.41
N SER H 188 18.52 68.07 -33.11
CA SER H 188 17.32 68.74 -32.63
C SER H 188 17.62 69.60 -31.40
N VAL H 189 16.77 70.59 -31.12
CA VAL H 189 16.95 71.48 -29.97
C VAL H 189 15.80 71.26 -28.98
N PRO H 190 16.07 70.79 -27.76
CA PRO H 190 17.37 70.42 -27.19
C PRO H 190 17.78 68.97 -27.46
N GLU H 191 18.96 68.54 -26.96
CA GLU H 191 19.45 67.18 -27.18
C GLU H 191 18.46 66.13 -26.67
N PRO H 192 17.98 65.27 -27.59
CA PRO H 192 16.94 64.30 -27.20
C PRO H 192 17.44 62.95 -26.68
N ILE H 193 16.57 62.27 -25.92
CA ILE H 193 16.90 60.96 -25.37
C ILE H 193 16.67 59.89 -26.44
N VAL H 194 17.72 59.16 -26.80
CA VAL H 194 17.61 58.14 -27.83
C VAL H 194 17.66 56.71 -27.26
N GLU H 195 16.69 55.88 -27.64
CA GLU H 195 16.62 54.48 -27.20
C GLU H 195 16.80 53.52 -28.38
N TRP H 196 17.12 52.25 -28.10
CA TRP H 196 17.32 51.25 -29.15
C TRP H 196 16.31 50.10 -29.06
N VAL H 197 15.83 49.62 -30.22
CA VAL H 197 14.86 48.53 -30.28
C VAL H 197 15.52 47.16 -30.13
N LEU H 198 14.72 46.13 -29.80
CA LEU H 198 15.25 44.79 -29.59
C LEU H 198 14.72 43.73 -30.58
N CYS H 199 15.31 42.52 -30.55
CA CYS H 199 14.92 41.41 -31.42
C CYS H 199 13.58 40.83 -31.03
N ASP H 200 12.87 40.27 -32.00
CA ASP H 200 11.56 39.72 -31.72
C ASP H 200 11.65 38.20 -31.73
N GLU H 208 -2.87 54.04 -27.00
CA GLU H 208 -1.92 53.21 -26.26
C GLU H 208 -0.66 52.91 -27.08
N GLU H 209 0.49 52.74 -26.41
CA GLU H 209 1.75 52.44 -27.09
C GLU H 209 2.15 50.98 -26.91
N SER H 210 1.92 50.43 -25.70
CA SER H 210 2.21 49.04 -25.31
C SER H 210 3.66 48.57 -25.52
N PRO H 211 4.25 47.91 -24.51
CA PRO H 211 5.64 47.44 -24.64
C PRO H 211 5.78 46.12 -25.43
N ALA H 212 6.31 46.20 -26.64
CA ALA H 212 6.50 45.00 -27.47
C ALA H 212 7.89 44.37 -27.28
N VAL H 213 8.96 45.18 -27.36
CA VAL H 213 10.33 44.70 -27.19
C VAL H 213 11.13 45.57 -26.20
N VAL H 214 12.30 45.08 -25.75
CA VAL H 214 13.14 45.81 -24.80
C VAL H 214 13.79 47.07 -25.39
N LYS H 215 14.19 48.02 -24.53
CA LYS H 215 14.79 49.26 -25.00
C LYS H 215 16.03 49.64 -24.17
N LYS H 216 17.19 49.73 -24.82
CA LYS H 216 18.42 50.10 -24.13
C LYS H 216 18.85 51.52 -24.52
N GLU H 217 18.36 52.53 -23.78
CA GLU H 217 18.69 53.94 -24.06
C GLU H 217 20.12 54.28 -23.64
N GLU H 218 21.10 53.98 -24.51
CA GLU H 218 22.50 54.25 -24.20
C GLU H 218 23.27 54.98 -25.31
N LYS H 219 22.65 55.17 -26.49
CA LYS H 219 23.22 55.83 -27.67
C LYS H 219 24.29 54.96 -28.37
N VAL H 220 25.37 54.61 -27.67
CA VAL H 220 26.41 53.77 -28.22
C VAL H 220 25.93 52.32 -28.15
N LEU H 221 25.63 51.70 -29.31
CA LEU H 221 25.15 50.33 -29.33
C LEU H 221 26.14 49.35 -29.96
N HIS H 222 26.62 48.39 -29.18
CA HIS H 222 27.54 47.37 -29.70
C HIS H 222 26.77 46.11 -30.06
N GLU H 223 25.80 45.71 -29.22
CA GLU H 223 25.00 44.52 -29.46
C GLU H 223 23.89 44.79 -30.47
N LEU H 224 24.17 44.55 -31.77
CA LEU H 224 23.16 44.75 -32.81
C LEU H 224 23.25 43.70 -33.89
N PHE H 225 22.54 42.58 -33.73
CA PHE H 225 22.56 41.51 -34.73
C PHE H 225 21.21 40.81 -34.85
N GLY H 226 20.67 40.77 -36.07
CA GLY H 226 19.41 40.10 -36.39
C GLY H 226 18.15 40.63 -35.72
N MET H 227 18.15 41.93 -35.41
CA MET H 227 17.02 42.55 -34.74
C MET H 227 16.42 43.70 -35.57
N ASP H 228 15.21 44.15 -35.20
CA ASP H 228 14.58 45.29 -35.88
C ASP H 228 15.25 46.54 -35.32
N ILE H 229 16.38 46.96 -35.93
CA ILE H 229 17.14 48.11 -35.46
C ILE H 229 16.36 49.41 -35.60
N ARG H 230 15.72 49.84 -34.51
CA ARG H 230 14.93 51.07 -34.52
C ARG H 230 15.35 52.01 -33.41
N CYS H 231 15.24 53.32 -33.65
CA CYS H 231 15.59 54.34 -32.65
C CYS H 231 14.62 55.54 -32.73
N CYS H 232 14.58 56.36 -31.68
CA CYS H 232 13.69 57.52 -31.65
C CYS H 232 14.32 58.70 -30.90
N ALA H 233 13.74 59.90 -31.05
CA ALA H 233 14.23 61.09 -30.38
C ALA H 233 13.09 61.77 -29.62
N ARG H 234 13.24 61.93 -28.30
CA ARG H 234 12.21 62.57 -27.49
C ARG H 234 12.61 63.99 -27.11
N ASN H 235 12.54 64.91 -28.09
CA ASN H 235 12.90 66.31 -27.85
C ASN H 235 11.69 67.15 -27.39
N GLU H 236 11.89 68.45 -27.10
CA GLU H 236 10.81 69.33 -26.65
C GLU H 236 9.76 69.65 -27.73
N LEU H 237 10.02 69.30 -29.01
CA LEU H 237 9.07 69.55 -30.09
C LEU H 237 8.25 68.32 -30.50
N GLY H 238 8.23 67.28 -29.67
CA GLY H 238 7.49 66.07 -29.96
C GLY H 238 8.39 64.84 -30.03
N ARG H 239 8.26 64.07 -31.12
CA ARG H 239 9.06 62.86 -31.30
C ARG H 239 9.26 62.51 -32.78
N GLU H 240 10.52 62.30 -33.19
CA GLU H 240 10.84 61.92 -34.57
C GLU H 240 11.63 60.60 -34.57
N CYS H 241 11.00 59.52 -35.08
CA CYS H 241 11.61 58.19 -35.11
C CYS H 241 12.47 57.93 -36.36
N THR H 242 13.40 56.98 -36.25
CA THR H 242 14.30 56.58 -37.35
C THR H 242 14.39 55.06 -37.43
N ARG H 243 14.56 54.51 -38.65
CA ARG H 243 14.66 53.08 -38.83
C ARG H 243 15.92 52.66 -39.58
N LEU H 244 16.82 51.92 -38.91
CA LEU H 244 18.05 51.45 -39.54
C LEU H 244 17.74 50.20 -40.36
N PHE H 245 17.86 50.29 -41.68
CA PHE H 245 17.54 49.16 -42.56
C PHE H 245 18.56 48.04 -42.50
N THR H 246 18.07 46.82 -42.28
CA THR H 246 18.91 45.63 -42.21
C THR H 246 18.22 44.53 -43.04
N ILE H 247 18.90 44.01 -44.08
CA ILE H 247 18.30 42.96 -44.91
C ILE H 247 18.77 41.57 -44.47
N ASP H 248 17.86 40.81 -43.86
CA ASP H 248 18.17 39.47 -43.36
C ASP H 248 18.28 38.45 -44.47
N LEU H 249 19.48 37.94 -44.72
CA LEU H 249 19.70 36.93 -45.75
C LEU H 249 19.15 35.56 -45.33
N ASN H 250 19.10 35.28 -44.01
CA ASN H 250 18.57 34.02 -43.48
C ASN H 250 17.05 33.90 -43.70
N GLN H 251 16.34 35.03 -43.69
CA GLN H 251 14.90 35.02 -43.92
C GLN H 251 14.57 34.90 -45.42
N THR H 252 13.35 34.46 -45.75
CA THR H 252 12.92 34.31 -47.15
C THR H 252 12.83 35.68 -47.84
N PRO H 253 13.10 35.74 -49.17
CA PRO H 253 13.09 37.04 -49.86
C PRO H 253 11.73 37.73 -49.94
N GLN H 254 11.74 39.07 -49.94
CA GLN H 254 10.53 39.89 -50.03
C GLN H 254 9.85 39.72 -51.39
N THR H 255 10.65 39.57 -52.46
CA THR H 255 10.24 39.37 -53.86
C THR H 255 9.30 40.48 -54.37
N THR H 256 9.48 41.71 -53.88
CA THR H 256 8.68 42.84 -54.32
C THR H 256 9.55 44.07 -54.62
N LEU H 257 10.81 43.84 -55.07
CA LEU H 257 11.80 44.87 -55.37
C LEU H 257 11.97 45.82 -54.20
N PRO H 258 12.76 45.44 -53.17
CA PRO H 258 12.91 46.32 -51.99
C PRO H 258 13.76 47.56 -52.27
N GLN H 259 13.27 48.76 -51.91
CA GLN H 259 14.01 49.99 -52.17
C GLN H 259 14.02 50.96 -50.97
N LEU H 260 14.97 51.91 -50.97
CA LEU H 260 15.09 52.89 -49.88
C LEU H 260 15.63 54.23 -50.40
N PHE H 261 14.76 55.26 -50.44
CA PHE H 261 15.15 56.58 -50.90
C PHE H 261 15.87 57.35 -49.80
N LEU H 262 16.95 58.05 -50.15
CA LEU H 262 17.72 58.79 -49.15
C LEU H 262 17.84 60.28 -49.47
N LYS H 263 18.05 61.10 -48.43
CA LYS H 263 18.20 62.54 -48.57
C LYS H 263 19.64 62.89 -48.90
N VAL H 264 19.86 63.80 -49.87
CA VAL H 264 21.19 64.21 -50.28
C VAL H 264 21.95 64.85 -49.12
N GLY H 265 22.92 64.13 -48.59
CA GLY H 265 23.72 64.58 -47.46
C GLY H 265 23.59 63.65 -46.27
N GLU H 266 22.37 63.12 -46.06
CA GLU H 266 22.10 62.17 -44.97
C GLU H 266 22.78 60.85 -45.29
N PRO H 267 23.53 60.27 -44.34
CA PRO H 267 24.25 59.02 -44.62
C PRO H 267 23.40 57.82 -45.02
N LEU H 268 24.00 56.89 -45.79
CA LEU H 268 23.33 55.69 -46.26
C LEU H 268 23.88 54.45 -45.56
N TRP H 269 22.99 53.64 -44.98
CA TRP H 269 23.39 52.44 -44.25
C TRP H 269 22.60 51.20 -44.70
N ILE H 270 23.31 50.07 -44.85
CA ILE H 270 22.68 48.81 -45.24
C ILE H 270 23.46 47.66 -44.61
N ARG H 271 22.81 46.85 -43.76
CA ARG H 271 23.49 45.74 -43.07
C ARG H 271 22.91 44.37 -43.44
N CYS H 272 23.69 43.30 -43.21
CA CYS H 272 23.26 41.95 -43.49
C CYS H 272 23.08 41.16 -42.20
N LYS H 273 22.01 40.35 -42.11
CA LYS H 273 21.72 39.52 -40.94
C LYS H 273 21.96 38.05 -41.27
N ALA H 274 23.20 37.74 -41.65
CA ALA H 274 23.59 36.40 -42.06
C ALA H 274 23.68 35.43 -40.90
N VAL H 275 23.03 34.28 -41.04
CA VAL H 275 23.07 33.23 -40.02
C VAL H 275 23.55 31.92 -40.64
N HIS H 276 24.75 31.45 -40.25
CA HIS H 276 25.28 30.20 -40.77
C HIS H 276 25.80 29.32 -39.65
N VAL H 277 25.55 28.01 -39.72
CA VAL H 277 25.97 27.05 -38.72
C VAL H 277 27.48 27.01 -38.58
N ASN H 278 28.18 26.97 -39.70
CA ASN H 278 29.65 26.95 -39.71
C ASN H 278 30.22 28.37 -39.78
N HIS H 279 31.48 28.54 -39.35
CA HIS H 279 32.17 29.84 -39.37
C HIS H 279 32.55 30.31 -40.79
N GLY H 280 32.67 29.38 -41.73
CA GLY H 280 33.06 29.68 -43.10
C GLY H 280 31.94 30.25 -43.95
N PHE H 281 31.61 31.53 -43.73
CA PHE H 281 30.57 32.22 -44.50
C PHE H 281 30.88 33.73 -44.52
N GLY H 282 30.88 34.32 -45.70
CA GLY H 282 31.18 35.73 -45.84
C GLY H 282 30.24 36.49 -46.75
N LEU H 283 29.90 37.72 -46.37
CA LEU H 283 29.01 38.58 -47.16
C LEU H 283 29.83 39.66 -47.85
N THR H 284 29.51 39.97 -49.12
CA THR H 284 30.24 40.97 -49.89
C THR H 284 29.27 42.01 -50.48
N TRP H 285 29.71 43.27 -50.56
CA TRP H 285 28.87 44.35 -51.09
C TRP H 285 29.32 44.78 -52.48
N GLU H 286 28.38 44.90 -53.42
CA GLU H 286 28.66 45.33 -54.79
C GLU H 286 27.55 46.27 -55.29
N LEU H 287 27.90 47.30 -56.08
CA LEU H 287 26.90 48.23 -56.60
C LEU H 287 26.07 47.57 -57.71
N GLU H 288 26.73 47.08 -58.76
CA GLU H 288 26.06 46.37 -59.85
C GLU H 288 26.74 45.00 -59.98
N ASN H 289 28.08 45.00 -60.00
CA ASN H 289 28.98 43.85 -60.06
C ASN H 289 30.44 44.25 -59.74
N LYS H 290 30.65 45.42 -59.09
CA LYS H 290 31.97 45.93 -58.73
C LYS H 290 32.04 46.11 -57.22
N ALA H 291 33.19 45.75 -56.61
CA ALA H 291 33.42 45.80 -55.16
C ALA H 291 33.09 47.13 -54.49
N LEU H 292 32.69 47.07 -53.20
CA LEU H 292 32.35 48.24 -52.40
C LEU H 292 33.55 49.12 -52.15
N GLU H 293 33.31 50.43 -51.93
CA GLU H 293 34.40 51.38 -51.67
C GLU H 293 35.17 51.02 -50.41
N GLU H 294 36.43 51.47 -50.32
CA GLU H 294 37.27 51.20 -49.16
C GLU H 294 36.65 51.77 -47.87
N GLY H 295 36.05 52.94 -47.99
CA GLY H 295 35.37 53.59 -46.87
C GLY H 295 33.91 53.20 -46.85
N ASN H 296 33.63 51.91 -46.63
CA ASN H 296 32.28 51.35 -46.58
C ASN H 296 32.23 50.00 -45.85
N TYR H 297 33.33 49.24 -45.89
CA TYR H 297 33.39 47.93 -45.25
C TYR H 297 33.47 48.03 -43.73
N PHE H 298 32.66 47.22 -43.03
CA PHE H 298 32.62 47.18 -41.56
C PHE H 298 32.15 45.80 -41.12
N GLU H 299 33.06 44.97 -40.60
CA GLU H 299 32.71 43.62 -40.17
C GLU H 299 32.48 43.52 -38.67
N MET H 300 31.46 42.76 -38.26
CA MET H 300 31.14 42.57 -36.85
C MET H 300 30.54 41.19 -36.65
N SER H 301 31.38 40.15 -36.71
CA SER H 301 30.92 38.78 -36.56
C SER H 301 30.77 38.36 -35.10
N THR H 302 29.53 38.11 -34.68
CA THR H 302 29.23 37.68 -33.31
C THR H 302 28.85 36.21 -33.29
N TYR H 303 29.29 35.46 -32.26
CA TYR H 303 28.98 34.03 -32.15
C TYR H 303 27.81 33.80 -31.22
N SER H 304 26.79 33.08 -31.71
CA SER H 304 25.58 32.80 -30.95
C SER H 304 25.09 31.34 -31.12
N THR H 305 24.27 30.86 -30.16
CA THR H 305 23.68 29.51 -30.11
C THR H 305 24.77 28.38 -30.15
N ASN H 306 24.38 27.10 -30.21
CA ASN H 306 25.30 25.96 -30.22
C ASN H 306 26.27 25.97 -31.41
N ARG H 307 27.55 26.31 -31.13
CA ARG H 307 28.65 26.36 -32.12
C ARG H 307 28.23 26.91 -33.50
N THR H 308 27.61 28.09 -33.50
CA THR H 308 27.08 28.72 -34.70
C THR H 308 27.48 30.20 -34.75
N MET H 309 27.93 30.69 -35.92
CA MET H 309 28.34 32.10 -36.06
C MET H 309 27.32 32.94 -36.84
N ILE H 310 27.25 34.23 -36.52
CA ILE H 310 26.34 35.19 -37.17
C ILE H 310 27.14 36.47 -37.48
N ARG H 311 27.21 36.88 -38.75
CA ARG H 311 27.99 38.07 -39.13
C ARG H 311 27.16 39.17 -39.75
N ILE H 312 27.63 40.42 -39.63
CA ILE H 312 26.93 41.57 -40.19
C ILE H 312 27.86 42.44 -41.03
N LEU H 313 27.70 42.42 -42.36
CA LEU H 313 28.51 43.24 -43.27
C LEU H 313 27.81 44.57 -43.52
N PHE H 314 28.28 45.64 -42.88
CA PHE H 314 27.66 46.95 -43.03
C PHE H 314 28.30 47.80 -44.12
N ALA H 315 27.48 48.60 -44.82
CA ALA H 315 27.93 49.49 -45.88
C ALA H 315 27.77 50.92 -45.39
N PHE H 316 28.87 51.58 -45.05
CA PHE H 316 28.83 52.94 -44.51
C PHE H 316 29.15 54.00 -45.53
N VAL H 317 28.17 54.86 -45.87
CA VAL H 317 28.42 55.97 -46.80
C VAL H 317 27.98 57.26 -46.13
N SER H 318 28.92 58.04 -45.60
CA SER H 318 28.62 59.28 -44.88
C SER H 318 27.99 60.38 -45.75
N SER H 319 28.63 60.77 -46.86
CA SER H 319 28.10 61.81 -47.73
C SER H 319 27.37 61.19 -48.91
N VAL H 320 26.04 61.36 -48.96
CA VAL H 320 25.20 60.81 -50.03
C VAL H 320 24.94 61.81 -51.15
N ALA H 321 25.20 61.41 -52.40
CA ALA H 321 25.05 62.24 -53.61
C ALA H 321 24.63 61.35 -54.83
N ARG H 322 24.43 61.95 -56.05
CA ARG H 322 24.04 61.24 -57.26
C ARG H 322 24.90 60.00 -57.60
N ASN H 323 26.18 59.98 -57.18
CA ASN H 323 27.08 58.86 -57.41
C ASN H 323 26.66 57.59 -56.63
N ASP H 324 25.96 57.75 -55.50
CA ASP H 324 25.50 56.62 -54.71
C ASP H 324 24.08 56.15 -55.08
N THR H 325 23.52 56.63 -56.20
CA THR H 325 22.17 56.27 -56.64
C THR H 325 22.19 55.03 -57.55
N GLY H 326 22.19 53.86 -56.95
CA GLY H 326 22.19 52.60 -57.69
C GLY H 326 21.68 51.43 -56.89
N TYR H 327 21.23 50.37 -57.57
CA TYR H 327 20.72 49.17 -56.89
C TYR H 327 21.88 48.31 -56.41
N TYR H 328 22.16 48.33 -55.10
CA TYR H 328 23.27 47.56 -54.51
C TYR H 328 22.84 46.16 -54.06
N THR H 329 23.76 45.19 -54.19
CA THR H 329 23.49 43.81 -53.82
C THR H 329 24.48 43.29 -52.78
N CYS H 330 24.05 42.31 -51.97
CA CYS H 330 24.94 41.72 -50.97
C CYS H 330 24.88 40.20 -50.99
N SER H 331 25.60 39.58 -51.94
CA SER H 331 25.65 38.12 -52.04
C SER H 331 26.56 37.52 -51.00
N SER H 332 26.25 36.31 -50.54
CA SER H 332 27.04 35.63 -49.53
C SER H 332 27.67 34.34 -50.04
N SER H 333 28.70 33.83 -49.34
CA SER H 333 29.43 32.62 -49.71
C SER H 333 28.55 31.37 -49.75
N LYS H 334 27.71 31.16 -48.72
CA LYS H 334 26.83 30.00 -48.70
C LYS H 334 25.37 30.38 -48.51
N HIS H 335 24.97 31.55 -49.03
CA HIS H 335 23.60 32.04 -48.89
C HIS H 335 23.17 32.73 -50.19
N PRO H 336 21.89 32.61 -50.58
CA PRO H 336 21.44 33.24 -51.83
C PRO H 336 21.59 34.76 -51.90
N SER H 337 21.69 35.28 -53.13
CA SER H 337 21.89 36.71 -53.39
C SER H 337 20.65 37.58 -53.23
N GLN H 338 20.57 38.31 -52.11
CA GLN H 338 19.46 39.24 -51.83
C GLN H 338 19.91 40.66 -52.20
N SER H 339 19.01 41.47 -52.76
CA SER H 339 19.38 42.82 -53.21
C SER H 339 18.38 43.91 -52.82
N ALA H 340 18.82 45.18 -52.83
CA ALA H 340 17.97 46.33 -52.51
C ALA H 340 18.41 47.59 -53.27
N LEU H 341 17.49 48.19 -54.04
CA LEU H 341 17.79 49.40 -54.80
C LEU H 341 17.84 50.64 -53.91
N VAL H 342 18.71 51.59 -54.25
CA VAL H 342 18.85 52.82 -53.47
C VAL H 342 18.76 54.04 -54.37
N THR H 343 17.71 54.85 -54.22
CA THR H 343 17.54 56.04 -55.05
C THR H 343 17.86 57.33 -54.28
N ILE H 344 18.70 58.17 -54.86
CA ILE H 344 19.10 59.42 -54.22
C ILE H 344 18.16 60.55 -54.60
N VAL H 345 17.21 60.86 -53.73
CA VAL H 345 16.24 61.92 -53.99
C VAL H 345 16.84 63.29 -53.73
N GLU H 346 16.85 64.15 -54.76
CA GLU H 346 17.37 65.52 -54.70
C GLU H 346 16.59 66.41 -53.71
N LYS H 347 15.31 66.11 -53.51
CA LYS H 347 14.43 66.83 -52.60
C LYS H 347 13.33 65.91 -52.08
N GLY H 348 12.73 66.25 -50.94
CA GLY H 348 11.65 65.47 -50.33
C GLY H 348 10.50 65.27 -51.28
N PHE H 349 10.22 64.01 -51.65
CA PHE H 349 9.18 63.73 -52.64
C PHE H 349 8.00 62.92 -52.09
N ILE H 350 6.79 63.26 -52.55
CA ILE H 350 5.54 62.61 -52.16
C ILE H 350 4.74 62.23 -53.41
N ASN H 351 4.55 60.94 -53.63
CA ASN H 351 3.80 60.46 -54.79
C ASN H 351 2.58 59.65 -54.34
N ALA H 352 1.46 59.79 -55.06
CA ALA H 352 0.23 59.07 -54.73
C ALA H 352 -0.59 58.77 -55.99
N THR H 353 -0.86 57.49 -56.24
CA THR H 353 -1.61 57.07 -57.43
C THR H 353 -3.13 57.18 -57.27
N ASN H 354 -3.83 57.56 -58.37
CA ASN H 354 -5.30 57.65 -58.57
C ASN H 354 -6.10 58.57 -57.63
N SER H 355 -7.01 59.37 -58.19
CA SER H 355 -7.89 60.25 -57.42
C SER H 355 -9.27 59.63 -57.13
N SER H 356 -10.14 59.48 -58.16
CA SER H 356 -11.50 58.90 -58.05
C SER H 356 -12.26 59.41 -56.81
N GLU H 357 -13.11 60.44 -56.99
CA GLU H 357 -13.83 61.02 -55.86
C GLU H 357 -15.27 60.52 -55.66
N ASP H 358 -16.07 60.48 -56.73
CA ASP H 358 -17.49 60.07 -56.63
C ASP H 358 -17.68 58.62 -56.20
N TYR H 359 -18.55 58.40 -55.18
CA TYR H 359 -18.83 57.05 -54.69
C TYR H 359 -20.29 56.81 -54.33
N GLU H 360 -20.80 55.61 -54.66
CA GLU H 360 -22.19 55.20 -54.41
C GLU H 360 -22.31 54.09 -53.37
N ILE H 361 -21.73 54.30 -52.19
CA ILE H 361 -21.73 53.31 -51.12
C ILE H 361 -23.09 53.21 -50.42
N ASP H 362 -23.49 51.99 -50.05
CA ASP H 362 -24.75 51.75 -49.34
C ASP H 362 -24.60 51.95 -47.82
N GLN H 363 -25.71 51.86 -47.06
CA GLN H 363 -25.70 52.04 -45.61
C GLN H 363 -24.95 50.92 -44.89
N TYR H 364 -25.17 49.67 -45.31
CA TYR H 364 -24.50 48.53 -44.69
C TYR H 364 -23.38 47.95 -45.58
N GLU H 365 -22.80 48.76 -46.47
CA GLU H 365 -21.75 48.28 -47.36
C GLU H 365 -20.38 48.20 -46.68
N GLU H 366 -20.16 48.98 -45.61
CA GLU H 366 -18.89 49.05 -44.87
C GLU H 366 -17.75 49.48 -45.79
N PHE H 367 -17.78 50.75 -46.20
CA PHE H 367 -16.81 51.31 -47.14
C PHE H 367 -15.58 51.92 -46.48
N CYS H 368 -14.47 51.96 -47.24
CA CYS H 368 -13.21 52.51 -46.78
C CYS H 368 -12.50 53.28 -47.90
N PHE H 369 -11.94 54.43 -47.57
CA PHE H 369 -11.22 55.25 -48.54
C PHE H 369 -9.73 55.16 -48.24
N SER H 370 -8.98 54.36 -49.02
CA SER H 370 -7.55 54.18 -48.81
C SER H 370 -6.69 54.97 -49.80
N VAL H 371 -5.47 55.33 -49.39
CA VAL H 371 -4.57 56.10 -50.24
C VAL H 371 -3.23 55.38 -50.43
N ARG H 372 -2.79 55.23 -51.68
CA ARG H 372 -1.51 54.59 -51.98
C ARG H 372 -0.45 55.66 -52.09
N PHE H 373 0.17 56.03 -50.96
CA PHE H 373 1.19 57.06 -50.96
C PHE H 373 2.57 56.55 -50.63
N LYS H 374 3.53 56.80 -51.51
CA LYS H 374 4.93 56.44 -51.32
C LYS H 374 5.65 57.76 -51.19
N ALA H 375 6.29 58.01 -50.04
CA ALA H 375 6.93 59.31 -49.81
C ALA H 375 8.13 59.30 -48.88
N TYR H 376 9.06 60.23 -49.10
CA TYR H 376 10.23 60.43 -48.26
C TYR H 376 10.33 61.91 -47.93
N PRO H 377 10.53 62.30 -46.66
CA PRO H 377 10.73 61.45 -45.48
C PRO H 377 9.40 61.03 -44.82
N GLN H 378 9.38 60.77 -43.50
CA GLN H 378 8.20 60.35 -42.75
C GLN H 378 6.99 61.25 -43.01
N ILE H 379 5.97 60.68 -43.65
CA ILE H 379 4.74 61.39 -44.02
C ILE H 379 3.82 61.65 -42.84
N ARG H 380 3.77 62.91 -42.37
CA ARG H 380 2.87 63.27 -41.28
C ARG H 380 1.49 63.46 -41.89
N CYS H 381 0.53 62.57 -41.59
CA CYS H 381 -0.80 62.64 -42.19
C CYS H 381 -1.91 62.84 -41.17
N THR H 382 -3.02 63.45 -41.62
CA THR H 382 -4.24 63.69 -40.83
C THR H 382 -5.46 63.75 -41.76
N TRP H 383 -6.65 63.48 -41.22
CA TRP H 383 -7.87 63.55 -42.02
C TRP H 383 -8.73 64.75 -41.60
N THR H 384 -9.36 65.40 -42.58
CA THR H 384 -10.19 66.58 -42.29
C THR H 384 -11.63 66.33 -42.72
N PHE H 385 -12.58 66.38 -41.77
CA PHE H 385 -13.99 66.15 -42.09
C PHE H 385 -14.90 67.01 -41.23
N SER H 386 -15.28 68.20 -41.73
CA SER H 386 -16.16 69.15 -41.03
C SER H 386 -15.74 69.51 -39.59
N ARG H 387 -14.40 69.60 -39.35
CA ARG H 387 -13.69 69.95 -38.10
C ARG H 387 -12.96 68.77 -37.42
N LYS H 388 -13.09 67.57 -37.98
CA LYS H 388 -12.46 66.38 -37.41
C LYS H 388 -10.97 66.31 -37.70
N SER H 389 -10.19 65.89 -36.70
CA SER H 389 -8.74 65.73 -36.82
C SER H 389 -8.39 64.30 -36.40
N PHE H 390 -8.13 63.42 -37.37
CA PHE H 390 -7.82 62.03 -37.08
C PHE H 390 -6.54 61.59 -37.79
N PRO H 391 -5.50 61.21 -37.03
CA PRO H 391 -4.25 60.81 -37.67
C PRO H 391 -4.30 59.41 -38.28
N CYS H 392 -3.53 59.19 -39.36
CA CYS H 392 -3.44 57.91 -40.07
C CYS H 392 -2.09 57.23 -39.88
N GLU H 393 -2.04 55.90 -40.05
CA GLU H 393 -0.79 55.15 -39.91
C GLU H 393 -0.51 54.36 -41.19
N GLN H 394 0.73 54.44 -41.72
CA GLN H 394 1.11 53.74 -42.94
C GLN H 394 1.34 52.24 -42.71
N ASP H 398 2.67 48.13 -45.84
CA ASP H 398 2.22 47.62 -47.14
C ASP H 398 3.39 47.18 -48.04
N ASN H 399 3.11 46.36 -49.07
CA ASN H 399 4.14 45.88 -49.99
C ASN H 399 4.09 46.65 -51.31
N GLY H 400 5.24 47.16 -51.74
CA GLY H 400 5.34 47.95 -52.97
C GLY H 400 5.35 49.45 -52.73
N TYR H 401 4.67 49.87 -51.65
CA TYR H 401 4.56 51.26 -51.22
C TYR H 401 4.10 51.31 -49.72
N SER H 402 3.45 52.40 -49.26
CA SER H 402 2.96 52.50 -47.88
C SER H 402 1.55 53.08 -47.90
N ILE H 403 0.52 52.22 -47.84
CA ILE H 403 -0.86 52.68 -47.92
C ILE H 403 -1.55 52.77 -46.56
N SER H 404 -2.60 53.60 -46.47
CA SER H 404 -3.37 53.77 -45.25
C SER H 404 -4.83 54.03 -45.58
N LYS H 405 -5.76 53.41 -44.84
CA LYS H 405 -7.18 53.58 -45.08
C LYS H 405 -7.88 54.42 -44.02
N PHE H 406 -9.04 55.00 -44.38
CA PHE H 406 -9.84 55.81 -43.47
C PHE H 406 -11.21 55.16 -43.35
N CYS H 407 -11.42 54.35 -42.31
CA CYS H 407 -12.68 53.67 -42.12
C CYS H 407 -13.53 54.26 -41.00
N ASN H 408 -13.39 55.56 -40.74
CA ASN H 408 -14.20 56.22 -39.71
C ASN H 408 -15.42 56.89 -40.34
N HIS H 409 -16.04 56.23 -41.33
CA HIS H 409 -17.20 56.76 -42.03
C HIS H 409 -18.43 56.83 -41.11
N LYS H 410 -18.80 55.70 -40.49
CA LYS H 410 -19.95 55.59 -39.58
C LYS H 410 -21.23 56.26 -40.11
N HIS H 411 -21.52 56.09 -41.41
CA HIS H 411 -22.68 56.65 -42.09
C HIS H 411 -22.74 58.18 -42.03
N GLN H 412 -21.61 58.84 -42.28
CA GLN H 412 -21.55 60.30 -42.27
C GLN H 412 -21.11 60.77 -43.65
N PRO H 413 -22.06 61.01 -44.56
CA PRO H 413 -21.69 61.43 -45.93
C PRO H 413 -21.17 62.87 -46.03
N GLY H 414 -20.55 63.18 -47.17
CA GLY H 414 -20.03 64.52 -47.43
C GLY H 414 -18.71 64.51 -48.15
N GLU H 415 -18.15 65.71 -48.38
CA GLU H 415 -16.85 65.84 -49.05
C GLU H 415 -15.76 65.79 -47.98
N TYR H 416 -15.09 64.64 -47.85
CA TYR H 416 -14.05 64.47 -46.83
C TYR H 416 -12.65 64.59 -47.41
N ILE H 417 -11.81 65.44 -46.79
CA ILE H 417 -10.46 65.67 -47.28
C ILE H 417 -9.39 64.91 -46.48
N PHE H 418 -8.22 64.71 -47.10
CA PHE H 418 -7.10 64.01 -46.46
C PHE H 418 -5.75 64.57 -46.93
N HIS H 419 -5.20 65.51 -46.17
CA HIS H 419 -3.91 66.11 -46.50
C HIS H 419 -2.77 65.38 -45.80
N ALA H 420 -1.56 65.45 -46.37
CA ALA H 420 -0.39 64.79 -45.82
C ALA H 420 0.88 65.57 -46.11
N GLU H 421 1.18 66.59 -45.30
CA GLU H 421 2.40 67.38 -45.47
C GLU H 421 3.48 66.76 -44.60
N ASN H 422 4.50 66.17 -45.23
CA ASN H 422 5.58 65.52 -44.49
C ASN H 422 6.53 66.54 -43.80
N ASP H 423 7.58 67.01 -44.50
CA ASP H 423 8.52 67.97 -43.94
C ASP H 423 9.11 68.81 -45.06
N ASP H 424 9.44 68.19 -46.20
CA ASP H 424 9.97 68.89 -47.35
C ASP H 424 8.96 69.03 -48.50
N ALA H 425 7.71 68.53 -48.34
CA ALA H 425 6.69 68.60 -49.40
C ALA H 425 5.26 68.56 -48.84
N GLN H 426 4.29 69.05 -49.62
CA GLN H 426 2.89 69.06 -49.20
C GLN H 426 1.98 68.37 -50.22
N PHE H 427 0.89 67.75 -49.74
CA PHE H 427 -0.07 67.07 -50.60
C PHE H 427 -1.48 67.06 -49.97
N THR H 428 -2.52 67.13 -50.79
CA THR H 428 -3.89 67.08 -50.31
C THR H 428 -4.77 66.32 -51.30
N LYS H 429 -5.78 65.58 -50.80
CA LYS H 429 -6.68 64.82 -51.65
C LYS H 429 -8.07 64.67 -51.01
N MET H 430 -9.11 65.16 -51.70
CA MET H 430 -10.48 65.07 -51.17
C MET H 430 -11.33 64.06 -51.92
N PHE H 431 -12.25 63.40 -51.22
CA PHE H 431 -13.13 62.40 -51.80
C PHE H 431 -14.59 62.65 -51.40
N THR H 432 -15.54 62.30 -52.28
CA THR H 432 -16.95 62.51 -52.01
C THR H 432 -17.73 61.20 -51.89
N LEU H 433 -18.38 60.98 -50.74
CA LEU H 433 -19.17 59.78 -50.53
C LEU H 433 -20.57 60.18 -50.11
N ASN H 434 -21.58 59.55 -50.71
CA ASN H 434 -22.97 59.86 -50.38
C ASN H 434 -23.69 58.64 -49.80
N ILE H 435 -24.70 58.88 -48.97
CA ILE H 435 -25.47 57.80 -48.36
C ILE H 435 -26.53 57.29 -49.32
N ARG H 436 -26.85 56.01 -49.27
CA ARG H 436 -27.86 55.44 -50.17
C ARG H 436 -29.29 55.60 -49.64
N ARG H 437 -29.47 56.33 -48.56
CA ARG H 437 -30.78 56.51 -47.96
C ARG H 437 -31.64 57.45 -48.80
N LYS H 438 -32.44 56.88 -49.71
CA LYS H 438 -33.31 57.68 -50.56
C LYS H 438 -34.76 57.62 -50.07
N PRO H 439 -35.50 58.71 -50.19
CA PRO H 439 -35.69 59.61 -49.02
C PRO H 439 -37.14 59.95 -48.76
N GLN H 440 -37.45 60.37 -47.54
CA GLN H 440 -38.81 60.75 -47.17
C GLN H 440 -38.98 62.25 -47.29
N VAL H 441 -39.96 62.70 -48.06
CA VAL H 441 -40.22 64.12 -48.25
C VAL H 441 -41.08 64.65 -47.11
N LEU H 442 -40.52 65.52 -46.26
CA LEU H 442 -41.26 66.06 -45.12
C LEU H 442 -40.94 67.53 -44.83
N ALA H 443 -39.78 68.03 -45.30
CA ALA H 443 -39.36 69.40 -45.05
C ALA H 443 -40.00 70.43 -46.00
N GLU H 444 -41.32 70.63 -45.86
CA GLU H 444 -42.03 71.59 -46.69
C GLU H 444 -41.97 72.96 -46.02
N ALA H 445 -41.85 74.02 -46.82
CA ALA H 445 -41.81 75.38 -46.30
C ALA H 445 -43.13 76.08 -46.58
N SER H 446 -43.84 76.48 -45.53
CA SER H 446 -45.14 77.13 -45.66
C SER H 446 -45.03 78.59 -46.10
N ALA H 447 -44.78 78.82 -47.38
CA ALA H 447 -44.69 80.17 -47.92
C ALA H 447 -46.09 80.60 -48.33
N SER H 448 -46.51 81.80 -47.92
CA SER H 448 -47.83 82.29 -48.26
C SER H 448 -47.86 83.02 -49.61
N GLN H 449 -46.73 83.67 -49.98
CA GLN H 449 -46.59 84.45 -51.22
C GLN H 449 -46.69 83.62 -52.52
N ALA H 450 -47.89 83.62 -53.14
CA ALA H 450 -48.28 82.95 -54.39
C ALA H 450 -48.28 81.40 -54.32
N SER H 451 -47.14 80.78 -53.94
CA SER H 451 -47.07 79.32 -53.86
C SER H 451 -46.06 78.86 -52.80
N CYS H 452 -46.40 77.80 -52.06
CA CYS H 452 -45.52 77.29 -51.01
C CYS H 452 -44.49 76.32 -51.59
N PHE H 453 -43.21 76.55 -51.30
CA PHE H 453 -42.16 75.66 -51.80
C PHE H 453 -42.07 74.40 -50.96
N SER H 454 -42.38 73.24 -51.57
CA SER H 454 -42.30 71.97 -50.86
C SER H 454 -41.03 71.23 -51.29
N ASP H 455 -40.09 71.03 -50.36
CA ASP H 455 -38.82 70.40 -50.70
C ASP H 455 -38.60 69.02 -50.06
N GLY H 456 -38.01 68.12 -50.82
CA GLY H 456 -37.70 66.78 -50.36
C GLY H 456 -36.21 66.55 -50.23
N TYR H 457 -35.78 65.93 -49.13
CA TYR H 457 -34.36 65.67 -48.90
C TYR H 457 -34.11 64.21 -48.51
N PRO H 458 -33.11 63.55 -49.11
CA PRO H 458 -31.78 63.49 -48.47
C PRO H 458 -30.61 63.50 -49.47
N LEU H 459 -30.06 62.33 -49.87
CA LEU H 459 -28.92 62.23 -50.80
C LEU H 459 -28.87 60.83 -51.47
N PRO H 460 -27.97 60.59 -52.43
CA PRO H 460 -27.75 61.34 -53.68
C PRO H 460 -28.94 61.23 -54.62
N SER H 461 -29.52 60.03 -54.76
CA SER H 461 -30.67 59.84 -55.65
C SER H 461 -31.95 60.35 -55.00
N TRP H 462 -32.33 61.58 -55.32
CA TRP H 462 -33.53 62.19 -54.76
C TRP H 462 -34.31 62.91 -55.84
N THR H 463 -35.61 62.64 -55.94
CA THR H 463 -36.46 63.30 -56.93
C THR H 463 -37.80 63.67 -56.32
N TRP H 464 -38.16 64.96 -56.39
CA TRP H 464 -39.43 65.43 -55.85
C TRP H 464 -40.43 65.64 -56.99
N LYS H 465 -41.54 64.90 -56.98
CA LYS H 465 -42.55 65.01 -58.02
C LYS H 465 -43.93 64.63 -57.49
N LYS H 466 -44.79 65.63 -57.25
CA LYS H 466 -46.13 65.37 -56.74
C LYS H 466 -47.09 65.07 -57.89
N CYS H 474 -55.83 62.99 -54.51
CA CYS H 474 -55.38 61.62 -54.75
C CYS H 474 -54.81 61.45 -56.17
N THR H 475 -55.52 61.95 -57.19
CA THR H 475 -55.07 61.83 -58.57
C THR H 475 -53.92 62.81 -58.92
N GLU H 476 -53.22 62.57 -60.04
CA GLU H 476 -52.12 63.42 -60.46
C GLU H 476 -52.57 64.78 -60.99
N GLU H 477 -51.84 65.84 -60.62
CA GLU H 477 -52.16 67.19 -61.05
C GLU H 477 -51.10 67.70 -62.02
N ILE H 478 -51.54 68.37 -63.08
CA ILE H 478 -50.65 68.93 -64.10
C ILE H 478 -50.10 70.31 -63.69
N THR H 479 -49.10 70.84 -64.44
CA THR H 479 -48.45 72.14 -64.26
C THR H 479 -47.73 72.24 -62.90
N GLU H 480 -46.40 72.26 -62.95
CA GLU H 480 -45.55 72.38 -61.75
C GLU H 480 -44.65 73.62 -61.84
N GLY H 481 -44.14 74.06 -60.69
CA GLY H 481 -43.26 75.23 -60.63
C GLY H 481 -41.81 74.91 -60.90
N VAL H 482 -40.94 75.10 -59.89
CA VAL H 482 -39.50 74.84 -60.01
C VAL H 482 -39.17 73.34 -60.05
N TRP H 483 -37.96 72.99 -60.49
CA TRP H 483 -37.52 71.60 -60.55
C TRP H 483 -36.11 71.41 -59.97
N ASN H 484 -35.73 72.27 -58.99
CA ASN H 484 -34.44 72.26 -58.30
C ASN H 484 -33.24 72.46 -59.29
N ARG H 485 -32.57 71.37 -59.78
CA ARG H 485 -31.43 71.41 -60.70
C ARG H 485 -30.34 72.41 -60.31
N LYS H 486 -29.32 71.93 -59.59
CA LYS H 486 -28.21 72.78 -59.14
C LYS H 486 -26.92 71.98 -58.98
N ALA H 487 -25.76 72.64 -59.15
CA ALA H 487 -24.47 71.98 -59.02
C ALA H 487 -24.08 71.71 -57.57
N ASN H 488 -23.42 70.57 -57.31
CA ASN H 488 -22.99 70.20 -55.96
C ASN H 488 -21.75 70.98 -55.49
N ARG H 489 -21.52 71.01 -54.16
CA ARG H 489 -20.41 71.70 -53.50
C ARG H 489 -20.41 73.21 -53.77
N LYS H 490 -21.40 73.91 -53.22
CA LYS H 490 -21.52 75.36 -53.42
C LYS H 490 -21.52 76.13 -52.09
N VAL H 491 -20.34 76.17 -51.43
CA VAL H 491 -20.08 76.85 -50.15
C VAL H 491 -20.93 76.34 -48.98
N PHE H 492 -20.41 76.49 -47.75
CA PHE H 492 -21.13 76.05 -46.56
C PHE H 492 -22.03 77.16 -46.00
N GLY H 493 -23.09 76.77 -45.30
CA GLY H 493 -24.02 77.72 -44.72
C GLY H 493 -25.03 77.07 -43.80
N GLN H 494 -26.14 76.59 -44.37
CA GLN H 494 -27.20 75.95 -43.59
C GLN H 494 -27.11 74.42 -43.65
N TRP H 495 -27.62 73.76 -42.61
CA TRP H 495 -27.60 72.29 -42.53
C TRP H 495 -28.67 71.69 -43.44
N VAL H 496 -28.35 70.52 -44.04
CA VAL H 496 -29.21 69.72 -44.94
C VAL H 496 -29.55 70.43 -46.25
N SER H 497 -29.61 69.66 -47.34
CA SER H 497 -29.92 70.18 -48.66
C SER H 497 -31.10 69.41 -49.28
N SER H 498 -32.08 70.15 -49.82
CA SER H 498 -33.27 69.52 -50.39
C SER H 498 -33.52 69.97 -51.83
N SER H 499 -34.34 69.21 -52.57
CA SER H 499 -34.68 69.53 -53.95
C SER H 499 -36.12 70.01 -54.03
N THR H 500 -36.33 71.33 -53.98
CA THR H 500 -37.68 71.90 -54.02
C THR H 500 -38.29 71.78 -55.41
N LEU H 501 -39.57 71.38 -55.47
CA LEU H 501 -40.25 71.21 -56.75
C LEU H 501 -41.77 71.44 -56.65
N ASN H 502 -42.18 72.57 -56.04
CA ASN H 502 -43.61 72.87 -55.91
C ASN H 502 -43.90 74.37 -55.90
N MET H 503 -44.65 74.84 -56.91
CA MET H 503 -45.04 76.25 -57.03
C MET H 503 -46.22 76.36 -58.01
N SER H 504 -47.43 75.99 -57.55
CA SER H 504 -48.64 76.03 -58.37
C SER H 504 -49.62 77.13 -57.96
N GLU H 505 -50.52 77.51 -58.88
CA GLU H 505 -51.51 78.56 -58.62
C GLU H 505 -52.97 78.07 -58.59
N ALA H 506 -53.21 76.76 -58.74
CA ALA H 506 -54.57 76.22 -58.74
C ALA H 506 -55.19 76.24 -57.35
N ILE H 507 -56.51 76.42 -57.27
CA ILE H 507 -57.20 76.48 -55.97
C ILE H 507 -57.70 75.12 -55.50
N LYS H 508 -56.85 74.37 -54.82
CA LYS H 508 -57.22 73.05 -54.28
C LYS H 508 -57.61 73.09 -52.81
N GLY H 509 -57.12 74.09 -52.07
CA GLY H 509 -57.40 74.22 -50.66
C GLY H 509 -56.36 73.47 -49.85
N PHE H 510 -56.80 72.74 -48.82
CA PHE H 510 -55.89 71.99 -47.97
C PHE H 510 -55.45 70.70 -48.65
N LEU H 511 -54.18 70.65 -49.12
CA LEU H 511 -53.65 69.46 -49.79
C LEU H 511 -52.14 69.30 -49.56
N VAL H 512 -51.35 70.37 -49.79
CA VAL H 512 -49.89 70.45 -49.62
C VAL H 512 -49.13 69.41 -50.46
N LYS H 513 -48.26 69.88 -51.36
CA LYS H 513 -47.45 69.05 -52.26
C LYS H 513 -46.28 68.32 -51.53
N CYS H 514 -45.34 67.72 -52.28
CA CYS H 514 -44.16 66.98 -51.85
C CYS H 514 -44.40 65.48 -51.77
N CYS H 515 -43.98 64.76 -52.82
CA CYS H 515 -44.08 63.31 -52.90
C CYS H 515 -42.80 62.86 -53.60
N ALA H 516 -41.84 62.35 -52.83
CA ALA H 516 -40.56 61.93 -53.37
C ALA H 516 -40.65 60.56 -54.02
N TYR H 517 -39.94 60.40 -55.14
CA TYR H 517 -39.87 59.14 -55.87
C TYR H 517 -38.41 58.87 -56.19
N ASN H 518 -37.91 57.69 -55.85
CA ASN H 518 -36.52 57.31 -56.13
C ASN H 518 -36.38 55.79 -56.32
N SER H 519 -35.16 55.33 -56.66
CA SER H 519 -34.90 53.90 -56.85
C SER H 519 -35.16 53.10 -55.57
N LEU H 520 -34.91 53.70 -54.41
CA LEU H 520 -35.12 53.03 -53.13
C LEU H 520 -36.60 52.94 -52.71
N GLY H 521 -37.41 53.89 -53.16
CA GLY H 521 -38.83 53.89 -52.83
C GLY H 521 -39.52 55.23 -52.95
N THR H 522 -40.64 55.37 -52.23
CA THR H 522 -41.46 56.59 -52.23
C THR H 522 -41.97 56.95 -50.83
N SER H 523 -42.29 58.24 -50.63
CA SER H 523 -42.82 58.85 -49.40
C SER H 523 -43.43 60.22 -49.74
N CYS H 524 -44.28 60.78 -48.86
CA CYS H 524 -44.90 62.07 -49.10
C CYS H 524 -45.17 62.88 -47.82
N GLU H 525 -45.31 64.20 -47.96
CA GLU H 525 -45.55 65.15 -46.87
C GLU H 525 -47.06 65.41 -46.64
N THR H 526 -47.41 66.23 -45.62
CA THR H 526 -48.79 66.54 -45.28
C THR H 526 -49.54 67.20 -46.44
N MET I 21 -26.42 11.75 38.22
CA MET I 21 -25.40 10.72 38.20
C MET I 21 -25.76 9.51 39.11
N THR I 22 -24.95 8.43 39.07
CA THR I 22 -25.10 7.16 39.81
C THR I 22 -26.41 6.48 39.43
N GLN I 23 -26.29 5.46 38.57
CA GLN I 23 -27.41 4.67 38.02
C GLN I 23 -28.22 5.42 36.94
N ASP I 24 -27.80 6.66 36.57
CA ASP I 24 -28.38 7.52 35.54
C ASP I 24 -29.78 8.08 35.81
N CYS I 25 -30.61 7.41 36.63
CA CYS I 25 -31.98 7.84 36.92
C CYS I 25 -32.80 8.00 35.65
N SER I 26 -33.06 6.90 34.96
CA SER I 26 -33.86 6.93 33.74
C SER I 26 -34.83 5.73 33.61
N PHE I 27 -34.77 4.77 34.57
CA PHE I 27 -35.60 3.56 34.65
C PHE I 27 -35.52 2.67 33.40
N GLN I 28 -35.13 1.41 33.60
CA GLN I 28 -34.99 0.44 32.52
C GLN I 28 -36.37 0.07 31.98
N HIS I 29 -37.25 -0.42 32.86
CA HIS I 29 -38.63 -0.77 32.51
C HIS I 29 -39.59 0.02 33.38
N SER I 30 -40.82 0.24 32.87
CA SER I 30 -41.82 1.05 33.56
C SER I 30 -42.05 0.71 35.02
N PRO I 31 -41.72 1.64 35.92
CA PRO I 31 -41.99 1.40 37.34
C PRO I 31 -43.44 1.73 37.74
N ILE I 32 -44.22 2.37 36.85
CA ILE I 32 -45.60 2.73 37.11
C ILE I 32 -46.53 1.68 36.55
N SER I 33 -47.21 0.96 37.44
CA SER I 33 -48.14 -0.12 37.08
C SER I 33 -49.47 0.42 36.53
N SER I 34 -50.28 -0.46 35.93
CA SER I 34 -51.58 -0.08 35.40
C SER I 34 -52.70 -0.18 36.46
N ASP I 35 -52.50 -0.95 37.54
CA ASP I 35 -53.52 -1.13 38.58
C ASP I 35 -53.38 -0.20 39.80
N PHE I 36 -52.56 0.85 39.70
CA PHE I 36 -52.37 1.80 40.79
C PHE I 36 -53.66 2.52 41.20
N ALA I 37 -54.55 2.82 40.24
CA ALA I 37 -55.81 3.51 40.51
C ALA I 37 -56.72 2.69 41.42
N VAL I 38 -56.83 1.39 41.17
CA VAL I 38 -57.66 0.50 41.99
C VAL I 38 -57.08 0.40 43.40
N LYS I 39 -55.75 0.28 43.50
CA LYS I 39 -55.08 0.17 44.80
C LYS I 39 -55.27 1.44 45.63
N ILE I 40 -55.14 2.61 44.99
CA ILE I 40 -55.30 3.89 45.66
C ILE I 40 -56.75 4.11 46.10
N ARG I 41 -57.73 3.77 45.24
CA ARG I 41 -59.14 3.92 45.59
C ARG I 41 -59.53 2.98 46.73
N GLU I 42 -58.93 1.77 46.78
CA GLU I 42 -59.22 0.82 47.84
C GLU I 42 -58.76 1.37 49.19
N LEU I 43 -57.55 1.95 49.25
CA LEU I 43 -57.06 2.53 50.49
C LEU I 43 -57.92 3.74 50.89
N SER I 44 -58.32 4.56 49.90
CA SER I 44 -59.16 5.74 50.11
C SER I 44 -60.55 5.38 50.65
N ASP I 45 -60.50 4.42 50.39
CA ASP I 45 -61.85 4.30 50.91
C ASP I 45 -61.86 3.65 52.29
N TYR I 46 -61.28 2.46 52.40
CA TYR I 46 -61.22 1.75 53.68
C TYR I 46 -60.63 2.55 54.84
N LEU I 47 -60.07 3.74 54.58
CA LEU I 47 -59.51 4.53 55.68
C LEU I 47 -60.62 5.19 56.50
N ASP I 48 -60.81 4.73 57.73
CA ASP I 48 -61.81 5.30 58.63
C ASP I 48 -61.30 6.59 59.30
N GLN I 49 -59.97 6.72 59.46
CA GLN I 49 -59.33 7.89 60.06
C GLN I 49 -58.50 8.62 59.03
N ASP I 50 -58.70 9.93 58.89
CA ASP I 50 -58.00 10.73 57.89
C ASP I 50 -56.68 11.29 58.42
N TYR I 51 -55.63 10.46 58.44
CA TYR I 51 -54.28 10.77 58.90
C TYR I 51 -53.75 12.11 58.41
N PRO I 52 -53.15 12.91 59.30
CA PRO I 52 -52.63 14.22 58.89
C PRO I 52 -51.29 14.10 58.19
N VAL I 53 -51.20 14.65 56.99
CA VAL I 53 -49.96 14.64 56.22
C VAL I 53 -49.69 16.05 55.65
N THR I 54 -48.62 16.24 54.86
CA THR I 54 -48.31 17.54 54.28
C THR I 54 -48.04 17.39 52.78
N VAL I 55 -48.18 18.49 52.05
CA VAL I 55 -47.88 18.56 50.62
C VAL I 55 -47.05 19.80 50.38
N ALA I 56 -46.08 19.73 49.45
CA ALA I 56 -45.24 20.88 49.14
C ALA I 56 -46.07 21.95 48.46
N SER I 57 -45.85 23.21 48.83
CA SER I 57 -46.60 24.33 48.29
C SER I 57 -45.78 25.20 47.33
N ASN I 58 -44.45 25.03 47.25
CA ASN I 58 -43.63 25.87 46.39
C ASN I 58 -42.60 25.12 45.54
N LEU I 59 -42.91 23.89 45.10
CA LEU I 59 -41.97 23.14 44.26
C LEU I 59 -41.85 23.84 42.90
N GLN I 60 -40.64 23.83 42.32
CA GLN I 60 -40.38 24.47 41.03
C GLN I 60 -41.31 23.96 39.95
N ASP I 61 -41.90 24.90 39.22
CA ASP I 61 -42.90 24.65 38.20
C ASP I 61 -42.41 23.90 36.97
N GLU I 62 -42.50 22.57 37.03
CA GLU I 62 -42.22 21.67 35.91
C GLU I 62 -42.99 20.39 36.07
N GLU I 63 -43.62 19.93 34.99
CA GLU I 63 -44.42 18.72 35.00
C GLU I 63 -43.55 17.47 35.15
N LEU I 64 -42.42 17.42 34.44
CA LEU I 64 -41.56 16.24 34.49
C LEU I 64 -40.79 16.11 35.81
N CYS I 65 -39.96 17.11 36.15
CA CYS I 65 -39.22 17.07 37.39
C CYS I 65 -40.14 17.11 38.62
N GLY I 66 -41.15 17.96 38.57
CA GLY I 66 -42.12 18.10 39.63
C GLY I 66 -42.89 16.82 39.88
N GLY I 67 -43.20 16.11 38.80
CA GLY I 67 -43.91 14.84 38.82
C GLY I 67 -43.00 13.67 39.09
N LEU I 68 -42.08 13.87 40.02
CA LEU I 68 -41.10 12.93 40.55
C LEU I 68 -40.80 13.38 41.98
N TRP I 69 -40.60 14.71 42.16
CA TRP I 69 -40.37 15.30 43.47
C TRP I 69 -41.56 15.08 44.38
N ARG I 70 -42.78 15.21 43.84
CA ARG I 70 -43.99 15.01 44.62
C ARG I 70 -44.12 13.57 45.11
N LEU I 71 -43.71 12.60 44.28
CA LEU I 71 -43.76 11.19 44.63
C LEU I 71 -42.72 10.83 45.67
N VAL I 72 -41.55 11.49 45.66
CA VAL I 72 -40.51 11.26 46.66
C VAL I 72 -41.05 11.66 48.04
N LEU I 73 -41.70 12.83 48.12
CA LEU I 73 -42.29 13.31 49.36
C LEU I 73 -43.42 12.38 49.82
N ALA I 74 -44.29 11.97 48.88
CA ALA I 74 -45.40 11.07 49.18
C ALA I 74 -44.92 9.70 49.66
N GLN I 75 -43.83 9.17 49.08
CA GLN I 75 -43.28 7.88 49.48
C GLN I 75 -42.81 7.89 50.92
N ARG I 76 -42.19 9.00 51.36
CA ARG I 76 -41.77 9.13 52.75
C ARG I 76 -42.98 9.08 53.68
N TRP I 77 -44.07 9.73 53.29
CA TRP I 77 -45.29 9.72 54.08
C TRP I 77 -45.92 8.34 54.14
N MET I 78 -45.88 7.60 53.04
CA MET I 78 -46.42 6.24 53.02
C MET I 78 -45.65 5.34 53.98
N GLU I 79 -44.32 5.48 54.02
CA GLU I 79 -43.50 4.70 54.95
C GLU I 79 -43.80 5.10 56.40
N ARG I 80 -43.99 6.41 56.64
CA ARG I 80 -44.31 6.93 57.96
C ARG I 80 -45.66 6.43 58.45
N LEU I 81 -46.64 6.30 57.54
CA LEU I 81 -47.98 5.80 57.87
C LEU I 81 -47.97 4.34 58.27
N LYS I 82 -47.08 3.54 57.69
CA LYS I 82 -46.94 2.12 58.03
C LYS I 82 -46.53 1.96 59.51
N THR I 83 -45.73 2.91 60.04
CA THR I 83 -45.27 2.86 61.43
C THR I 83 -46.30 3.33 62.46
N VAL I 84 -47.39 3.97 62.03
CA VAL I 84 -48.39 4.48 62.98
C VAL I 84 -49.76 3.81 62.83
N ALA I 85 -50.09 3.28 61.63
CA ALA I 85 -51.37 2.62 61.43
C ALA I 85 -51.41 1.29 62.15
N GLY I 86 -52.60 0.91 62.60
CA GLY I 86 -52.83 -0.33 63.34
C GLY I 86 -52.59 -1.59 62.55
N SER I 87 -52.80 -2.74 63.19
CA SER I 87 -52.58 -4.04 62.55
C SER I 87 -53.41 -4.22 61.27
N LYS I 88 -54.71 -3.89 61.34
CA LYS I 88 -55.62 -4.05 60.21
C LYS I 88 -55.29 -3.18 59.00
N MET I 89 -54.71 -2.00 59.22
CA MET I 89 -54.40 -1.08 58.12
C MET I 89 -52.98 -1.25 57.56
N GLN I 90 -52.10 -2.02 58.24
CA GLN I 90 -50.72 -2.19 57.78
C GLN I 90 -50.61 -2.76 56.37
N GLY I 91 -51.39 -3.79 56.07
CA GLY I 91 -51.39 -4.42 54.76
C GLY I 91 -51.80 -3.47 53.66
N LEU I 92 -52.88 -2.71 53.88
CA LEU I 92 -53.39 -1.75 52.89
C LEU I 92 -52.42 -0.59 52.67
N LEU I 93 -51.79 -0.10 53.74
CA LEU I 93 -50.82 0.99 53.62
C LEU I 93 -49.57 0.52 52.86
N GLU I 94 -49.08 -0.70 53.17
CA GLU I 94 -47.91 -1.25 52.50
C GLU I 94 -48.17 -1.53 51.02
N ARG I 95 -49.42 -1.87 50.65
CA ARG I 95 -49.79 -2.09 49.25
C ARG I 95 -49.57 -0.81 48.45
N VAL I 96 -49.89 0.36 49.02
CA VAL I 96 -49.68 1.64 48.36
C VAL I 96 -48.18 1.94 48.31
N ASN I 97 -47.47 1.69 49.42
CA ASN I 97 -46.03 1.88 49.52
C ASN I 97 -45.28 1.11 48.41
N THR I 98 -45.68 -0.14 48.15
CA THR I 98 -45.03 -0.95 47.12
C THR I 98 -45.19 -0.40 45.70
N GLU I 99 -46.24 0.38 45.44
CA GLU I 99 -46.44 0.96 44.11
C GLU I 99 -45.55 2.17 43.87
N ILE I 100 -45.13 2.88 44.93
CA ILE I 100 -44.30 4.07 44.79
C ILE I 100 -42.88 3.93 45.37
N HIS I 101 -42.51 2.72 45.82
CA HIS I 101 -41.18 2.43 46.40
C HIS I 101 -40.02 2.64 45.41
N PHE I 102 -40.30 2.65 44.10
CA PHE I 102 -39.28 2.84 43.06
C PHE I 102 -38.46 4.11 43.21
N VAL I 103 -39.04 5.17 43.80
CA VAL I 103 -38.31 6.42 43.99
C VAL I 103 -37.09 6.25 44.91
N THR I 104 -37.11 5.23 45.80
CA THR I 104 -35.98 4.93 46.68
C THR I 104 -34.75 4.38 45.93
N LYS I 105 -34.93 3.94 44.67
CA LYS I 105 -33.83 3.43 43.85
C LYS I 105 -32.92 4.54 43.31
N CYS I 106 -33.42 5.79 43.25
CA CYS I 106 -32.63 6.93 42.79
C CYS I 106 -32.07 7.71 43.98
N ALA I 107 -30.88 8.30 43.81
CA ALA I 107 -30.24 9.07 44.87
C ALA I 107 -30.79 10.49 45.00
N PHE I 108 -32.08 10.60 45.38
CA PHE I 108 -32.70 11.91 45.57
C PHE I 108 -32.09 12.54 46.82
N GLN I 109 -31.72 13.81 46.71
CA GLN I 109 -31.09 14.55 47.78
C GLN I 109 -32.12 15.07 48.83
N PRO I 110 -31.66 15.43 50.04
CA PRO I 110 -32.61 15.89 51.07
C PRO I 110 -33.32 17.18 50.68
N PRO I 111 -34.59 17.34 51.09
CA PRO I 111 -35.32 18.57 50.71
C PRO I 111 -34.63 19.85 51.16
N PRO I 112 -34.62 20.87 50.29
CA PRO I 112 -33.94 22.12 50.65
C PRO I 112 -34.68 22.91 51.72
N SER I 113 -33.97 23.82 52.40
CA SER I 113 -34.56 24.66 53.44
C SER I 113 -35.64 25.62 52.89
N CYS I 114 -35.61 25.91 51.58
CA CYS I 114 -36.60 26.78 50.93
C CYS I 114 -37.98 26.14 50.81
N LEU I 115 -38.07 24.80 50.88
CA LEU I 115 -39.32 24.07 50.74
C LEU I 115 -40.35 24.40 51.82
N ARG I 116 -41.57 24.74 51.38
CA ARG I 116 -42.69 25.06 52.25
C ARG I 116 -43.77 24.02 52.03
N PHE I 117 -44.50 23.66 53.10
CA PHE I 117 -45.55 22.67 52.99
C PHE I 117 -46.78 23.04 53.79
N VAL I 118 -47.96 22.62 53.32
CA VAL I 118 -49.22 22.86 53.99
C VAL I 118 -49.80 21.55 54.53
N GLN I 119 -50.48 21.61 55.68
CA GLN I 119 -51.08 20.43 56.29
C GLN I 119 -52.32 20.04 55.50
N THR I 120 -52.43 18.76 55.14
CA THR I 120 -53.58 18.20 54.43
C THR I 120 -53.91 16.79 54.98
N ASN I 121 -54.92 16.11 54.41
CA ASN I 121 -55.31 14.79 54.86
C ASN I 121 -54.82 13.69 53.91
N ILE I 122 -54.72 12.45 54.40
CA ILE I 122 -54.24 11.31 53.62
C ILE I 122 -55.07 11.07 52.36
N SER I 123 -56.39 11.31 52.40
CA SER I 123 -57.24 11.12 51.21
C SER I 123 -56.79 12.03 50.07
N ARG I 124 -56.53 13.32 50.37
CA ARG I 124 -56.07 14.30 49.38
C ARG I 124 -54.71 13.92 48.83
N LEU I 125 -53.79 13.48 49.71
CA LEU I 125 -52.45 13.07 49.30
C LEU I 125 -52.49 11.88 48.36
N LEU I 126 -53.39 10.92 48.63
CA LEU I 126 -53.54 9.74 47.80
C LEU I 126 -54.08 10.12 46.43
N GLN I 127 -55.08 11.02 46.37
CA GLN I 127 -55.65 11.46 45.11
C GLN I 127 -54.60 12.19 44.28
N GLU I 128 -53.83 13.09 44.92
CA GLU I 128 -52.78 13.84 44.25
C GLU I 128 -51.72 12.89 43.70
N THR I 129 -51.33 11.87 44.50
CA THR I 129 -50.33 10.91 44.06
C THR I 129 -50.78 10.11 42.87
N SER I 130 -52.04 9.67 42.82
CA SER I 130 -52.55 8.93 41.66
C SER I 130 -52.49 9.81 40.41
N GLU I 131 -52.86 11.08 40.55
CA GLU I 131 -52.82 12.03 39.43
C GLU I 131 -51.40 12.23 38.90
N GLN I 132 -50.42 12.30 39.79
CA GLN I 132 -49.03 12.48 39.40
C GLN I 132 -48.52 11.24 38.66
N LEU I 133 -48.93 10.05 39.11
CA LEU I 133 -48.50 8.81 38.46
C LEU I 133 -49.06 8.70 37.05
N VAL I 134 -50.30 9.17 36.82
CA VAL I 134 -50.91 9.18 35.48
C VAL I 134 -50.06 10.03 34.54
N ALA I 135 -49.62 11.20 35.03
CA ALA I 135 -48.81 12.13 34.26
C ALA I 135 -47.38 11.64 34.04
N LEU I 136 -46.78 10.96 35.02
CA LEU I 136 -45.39 10.51 34.90
C LEU I 136 -45.20 9.17 34.19
N LYS I 137 -46.20 8.28 34.28
CA LYS I 137 -46.16 6.93 33.69
C LYS I 137 -45.63 6.87 32.24
N PRO I 138 -46.12 7.68 31.27
CA PRO I 138 -45.59 7.57 29.90
C PRO I 138 -44.21 8.18 29.68
N TRP I 139 -43.67 8.90 30.68
CA TRP I 139 -42.36 9.54 30.51
C TRP I 139 -41.23 8.97 31.36
N ILE I 140 -41.57 8.19 32.39
CA ILE I 140 -40.60 7.64 33.34
C ILE I 140 -39.42 6.86 32.72
N THR I 141 -39.59 6.24 31.55
CA THR I 141 -38.50 5.48 30.92
C THR I 141 -37.92 6.15 29.66
N ARG I 142 -38.47 7.29 29.24
CA ARG I 142 -38.03 7.97 28.02
C ARG I 142 -36.96 9.03 28.20
N GLN I 143 -36.97 9.73 29.34
CA GLN I 143 -36.03 10.83 29.57
C GLN I 143 -34.99 10.54 30.63
N ASN I 144 -33.85 11.26 30.58
CA ASN I 144 -32.81 11.12 31.59
C ASN I 144 -33.15 12.08 32.72
N PHE I 145 -33.49 11.56 33.91
CA PHE I 145 -33.85 12.40 35.04
C PHE I 145 -32.74 12.58 36.06
N SER I 146 -31.46 12.43 35.67
CA SER I 146 -30.32 12.63 36.58
C SER I 146 -30.35 14.04 37.20
N ARG I 147 -30.72 15.03 36.38
CA ARG I 147 -30.81 16.43 36.82
C ARG I 147 -31.95 16.71 37.81
N CYS I 148 -32.77 15.69 38.15
CA CYS I 148 -33.89 15.85 39.06
C CYS I 148 -33.59 15.40 40.50
N LEU I 149 -32.36 14.92 40.77
CA LEU I 149 -32.03 14.46 42.12
C LEU I 149 -32.22 15.51 43.21
N GLU I 150 -32.04 16.80 42.87
CA GLU I 150 -32.24 17.86 43.84
C GLU I 150 -33.61 18.49 43.66
N LEU I 151 -34.43 18.45 44.71
CA LEU I 151 -35.76 19.07 44.70
C LEU I 151 -35.55 20.59 44.65
N GLN I 152 -36.26 21.30 43.76
CA GLN I 152 -36.09 22.74 43.61
C GLN I 152 -37.33 23.50 44.03
N CYS I 153 -37.16 24.74 44.49
CA CYS I 153 -38.28 25.59 44.89
C CYS I 153 -38.50 26.73 43.88
N GLN I 154 -39.71 27.28 43.86
CA GLN I 154 -40.11 28.40 43.02
C GLN I 154 -41.34 29.01 43.65
N PRO I 155 -41.19 30.10 44.41
CA PRO I 155 -42.37 30.70 45.06
C PRO I 155 -43.27 31.43 44.08
N ALA J 79 -88.93 -38.28 -0.03
CA ALA J 79 -87.87 -37.56 -0.71
C ALA J 79 -87.70 -36.13 -0.17
N ALA J 80 -88.79 -35.53 0.36
CA ALA J 80 -88.79 -34.17 0.90
C ALA J 80 -88.43 -34.15 2.38
N VAL J 81 -87.42 -33.36 2.75
CA VAL J 81 -86.92 -33.25 4.12
C VAL J 81 -87.23 -31.86 4.69
N GLU J 82 -87.73 -31.78 5.94
CA GLU J 82 -88.03 -30.50 6.58
C GLU J 82 -87.13 -30.29 7.80
N VAL J 83 -86.17 -29.35 7.71
CA VAL J 83 -85.23 -29.09 8.80
C VAL J 83 -85.63 -27.88 9.65
N ASP J 84 -85.97 -28.12 10.92
CA ASP J 84 -86.34 -27.05 11.83
C ASP J 84 -85.16 -26.69 12.72
N VAL J 85 -84.61 -25.46 12.55
CA VAL J 85 -83.48 -24.91 13.31
C VAL J 85 -82.21 -25.82 13.22
N SER J 86 -81.18 -25.64 14.10
CA SER J 86 -79.98 -26.47 14.08
C SER J 86 -80.30 -27.82 14.71
N ALA J 87 -81.02 -28.67 13.97
CA ALA J 87 -81.44 -29.99 14.45
C ALA J 87 -80.40 -31.07 14.19
N SER J 88 -80.33 -32.06 15.09
CA SER J 88 -79.38 -33.17 14.97
C SER J 88 -80.13 -34.48 14.77
N ILE J 89 -80.29 -34.89 13.49
CA ILE J 89 -80.97 -36.15 13.14
C ILE J 89 -80.12 -36.98 12.15
N THR J 90 -80.42 -38.27 12.04
CA THR J 90 -79.70 -39.15 11.14
C THR J 90 -80.49 -39.46 9.88
N LEU J 91 -79.81 -39.46 8.73
CA LEU J 91 -80.39 -39.76 7.43
C LEU J 91 -79.52 -40.77 6.65
N GLN J 92 -78.68 -41.56 7.35
CA GLN J 92 -77.83 -42.54 6.69
C GLN J 92 -78.44 -43.94 6.75
N VAL J 93 -79.58 -44.12 6.10
CA VAL J 93 -80.30 -45.40 6.07
C VAL J 93 -79.52 -46.48 5.31
N LEU J 94 -79.78 -47.76 5.62
CA LEU J 94 -79.08 -48.85 4.96
C LEU J 94 -80.00 -49.69 4.06
N VAL J 95 -79.60 -49.86 2.79
CA VAL J 95 -80.32 -50.66 1.80
C VAL J 95 -79.43 -51.84 1.37
N ASP J 96 -80.00 -53.05 1.30
CA ASP J 96 -79.32 -54.30 0.96
C ASP J 96 -78.52 -54.25 -0.35
N ALA J 97 -77.21 -53.94 -0.24
CA ALA J 97 -76.34 -53.88 -1.39
C ALA J 97 -74.91 -54.42 -1.10
N PRO J 98 -74.75 -55.75 -0.91
CA PRO J 98 -73.41 -56.30 -0.66
C PRO J 98 -72.67 -56.69 -1.93
N GLY J 99 -71.35 -56.55 -1.91
CA GLY J 99 -70.53 -56.91 -3.06
C GLY J 99 -69.61 -55.79 -3.52
N ASN J 100 -69.23 -55.83 -4.81
CA ASN J 100 -68.34 -54.81 -5.40
C ASN J 100 -69.11 -53.53 -5.72
N ILE J 101 -69.52 -52.80 -4.66
CA ILE J 101 -70.28 -51.58 -4.76
C ILE J 101 -69.58 -50.43 -4.03
N SER J 102 -69.37 -49.29 -4.70
CA SER J 102 -68.74 -48.12 -4.10
C SER J 102 -69.51 -46.87 -4.50
N CYS J 103 -69.82 -46.01 -3.52
CA CYS J 103 -70.59 -44.79 -3.80
C CYS J 103 -69.78 -43.51 -3.55
N LEU J 104 -70.32 -42.34 -3.98
CA LEU J 104 -69.68 -41.04 -3.79
C LEU J 104 -70.77 -39.97 -3.60
N TRP J 105 -70.69 -39.18 -2.52
CA TRP J 105 -71.71 -38.18 -2.23
C TRP J 105 -71.58 -36.92 -3.09
N VAL J 106 -72.72 -36.47 -3.64
CA VAL J 106 -72.81 -35.28 -4.48
C VAL J 106 -73.69 -34.24 -3.78
N PHE J 107 -73.08 -33.38 -2.98
CA PHE J 107 -73.77 -32.34 -2.23
C PHE J 107 -74.24 -31.17 -3.11
N LYS J 108 -74.87 -30.14 -2.49
CA LYS J 108 -75.34 -28.95 -3.20
C LYS J 108 -74.20 -28.26 -3.97
N HIS J 109 -74.12 -28.51 -5.29
CA HIS J 109 -73.11 -27.98 -6.21
C HIS J 109 -71.67 -28.16 -5.74
N SER J 110 -71.41 -29.24 -5.00
CA SER J 110 -70.08 -29.55 -4.45
C SER J 110 -69.92 -31.04 -4.22
N SER J 111 -68.67 -31.53 -4.25
CA SER J 111 -68.39 -32.95 -4.06
C SER J 111 -68.17 -33.31 -2.59
N LEU J 112 -68.44 -34.57 -2.23
CA LEU J 112 -68.24 -35.05 -0.87
C LEU J 112 -67.67 -36.45 -0.86
N ASN J 113 -66.44 -36.59 -0.35
CA ASN J 113 -65.73 -37.86 -0.26
C ASN J 113 -66.29 -38.70 0.87
N CYS J 114 -66.57 -39.97 0.59
CA CYS J 114 -67.11 -40.89 1.59
C CYS J 114 -66.56 -42.32 1.39
N GLN J 115 -66.68 -43.16 2.42
CA GLN J 115 -66.23 -44.55 2.39
C GLN J 115 -67.27 -45.39 3.12
N PRO J 116 -68.14 -46.09 2.37
CA PRO J 116 -69.20 -46.87 3.03
C PRO J 116 -68.81 -48.30 3.40
N HIS J 117 -69.69 -48.98 4.15
CA HIS J 117 -69.44 -50.36 4.56
C HIS J 117 -70.43 -51.30 3.91
N PHE J 118 -70.04 -51.97 2.83
CA PHE J 118 -70.92 -52.89 2.13
C PHE J 118 -70.49 -54.34 2.33
N GLY J 124 -75.07 -51.08 1.31
CA GLY J 124 -74.02 -50.35 2.01
C GLY J 124 -74.49 -49.00 2.52
N VAL J 125 -73.92 -48.54 3.65
CA VAL J 125 -74.32 -47.26 4.23
C VAL J 125 -73.16 -46.25 4.31
N VAL J 126 -73.37 -45.05 3.77
CA VAL J 126 -72.36 -43.97 3.76
C VAL J 126 -72.77 -42.80 4.68
N SER J 127 -71.80 -41.92 5.01
CA SER J 127 -72.02 -40.77 5.91
C SER J 127 -73.06 -39.76 5.45
N MET J 128 -74.30 -39.90 5.94
CA MET J 128 -75.42 -39.01 5.63
C MET J 128 -76.14 -38.46 6.87
N VAL J 129 -75.64 -38.72 8.08
CA VAL J 129 -76.24 -38.21 9.32
C VAL J 129 -75.75 -36.79 9.61
N ILE J 130 -76.57 -35.97 10.29
CA ILE J 130 -76.19 -34.58 10.57
C ILE J 130 -76.43 -34.15 12.02
N LEU J 131 -75.45 -33.44 12.58
CA LEU J 131 -75.54 -32.90 13.94
C LEU J 131 -75.53 -31.38 13.80
N LYS J 132 -76.66 -30.73 14.12
CA LYS J 132 -76.89 -29.29 14.00
C LYS J 132 -76.77 -28.84 12.54
N MET J 133 -77.84 -29.02 11.76
CA MET J 133 -77.86 -28.66 10.33
C MET J 133 -77.90 -27.14 10.17
N THR J 134 -76.74 -26.53 9.88
CA THR J 134 -76.60 -25.08 9.72
C THR J 134 -77.45 -24.52 8.58
N GLU J 135 -77.75 -23.22 8.63
CA GLU J 135 -78.54 -22.53 7.59
C GLU J 135 -77.98 -22.76 6.18
N THR J 136 -76.66 -22.99 6.08
CA THR J 136 -76.00 -23.25 4.83
C THR J 136 -76.21 -24.71 4.42
N GLN J 137 -76.08 -25.63 5.39
CA GLN J 137 -76.21 -27.08 5.18
C GLN J 137 -77.64 -27.54 4.93
N ALA J 138 -78.14 -27.32 3.69
CA ALA J 138 -79.47 -27.71 3.21
C ALA J 138 -79.54 -27.61 1.68
N GLY J 139 -80.32 -28.49 1.05
CA GLY J 139 -80.50 -28.46 -0.39
C GLY J 139 -80.52 -29.80 -1.12
N GLU J 140 -80.06 -29.80 -2.37
CA GLU J 140 -80.01 -31.00 -3.20
C GLU J 140 -78.81 -31.88 -2.82
N TYR J 141 -79.09 -33.11 -2.38
CA TYR J 141 -78.06 -34.07 -2.00
C TYR J 141 -78.25 -35.41 -2.74
N LEU J 142 -77.33 -35.73 -3.65
CA LEU J 142 -77.36 -36.94 -4.47
C LEU J 142 -76.33 -37.96 -4.03
N LEU J 143 -76.55 -39.24 -4.40
CA LEU J 143 -75.66 -40.35 -4.07
C LEU J 143 -75.85 -41.48 -5.10
N PHE J 144 -74.78 -41.90 -5.78
CA PHE J 144 -74.88 -42.97 -6.78
C PHE J 144 -73.75 -43.99 -6.66
N ILE J 145 -73.96 -45.21 -7.21
CA ILE J 145 -72.98 -46.29 -7.18
C ILE J 145 -72.15 -46.33 -8.48
N GLN J 146 -70.83 -46.51 -8.35
CA GLN J 146 -69.93 -46.58 -9.50
C GLN J 146 -69.12 -47.87 -9.48
N SER J 147 -69.29 -48.71 -10.52
CA SER J 147 -68.58 -49.97 -10.62
C SER J 147 -68.16 -50.21 -12.07
N THR J 150 -72.47 -50.83 -13.16
CA THR J 150 -73.80 -50.34 -12.81
C THR J 150 -73.73 -48.93 -12.25
N ASN J 151 -74.72 -48.08 -12.58
CA ASN J 151 -74.76 -46.71 -12.10
C ASN J 151 -76.18 -46.20 -11.91
N TYR J 152 -76.70 -46.26 -10.68
CA TYR J 152 -78.04 -45.77 -10.37
C TYR J 152 -77.94 -44.64 -9.34
N THR J 153 -78.48 -43.46 -9.65
CA THR J 153 -78.39 -42.29 -8.77
C THR J 153 -79.65 -42.04 -7.93
N ILE J 154 -79.47 -41.53 -6.69
CA ILE J 154 -80.57 -41.22 -5.77
C ILE J 154 -80.63 -39.69 -5.52
N LEU J 155 -81.81 -39.16 -5.10
CA LEU J 155 -81.99 -37.73 -4.87
C LEU J 155 -82.79 -37.39 -3.62
N PHE J 156 -82.28 -36.47 -2.78
CA PHE J 156 -82.98 -36.05 -1.56
C PHE J 156 -83.01 -34.51 -1.50
N THR J 157 -84.18 -33.93 -1.18
CA THR J 157 -84.31 -32.48 -1.12
C THR J 157 -84.46 -32.00 0.32
N VAL J 158 -83.40 -31.44 0.88
CA VAL J 158 -83.38 -30.92 2.25
C VAL J 158 -83.82 -29.46 2.30
N SER J 159 -85.01 -29.20 2.82
CA SER J 159 -85.55 -27.86 2.97
C SER J 159 -85.45 -27.37 4.42
N ILE J 160 -85.76 -26.10 4.68
CA ILE J 160 -85.72 -25.53 6.02
C ILE J 160 -87.12 -25.09 6.46
N THR J 163 -85.26 -20.78 10.24
CA THR J 163 -86.69 -20.94 10.49
C THR J 163 -87.18 -20.02 11.62
N LEU J 164 -86.46 -20.01 12.75
CA LEU J 164 -86.79 -19.17 13.89
C LEU J 164 -85.83 -17.98 14.10
N LEU J 165 -85.00 -17.67 13.08
CA LEU J 165 -84.01 -16.59 13.10
C LEU J 165 -82.99 -16.74 14.23
N TYR J 166 -82.50 -17.96 14.43
CA TYR J 166 -81.53 -18.25 15.48
C TYR J 166 -80.10 -17.99 15.03
N THR J 167 -79.20 -17.72 15.99
CA THR J 167 -77.79 -17.45 15.71
C THR J 167 -76.90 -17.79 16.91
N LEU J 168 -75.77 -18.45 16.64
CA LEU J 168 -74.80 -18.78 17.67
C LEU J 168 -73.40 -18.69 17.08
N ARG J 169 -72.60 -17.75 17.56
CA ARG J 169 -71.23 -17.58 17.09
C ARG J 169 -70.27 -17.56 18.27
N ARG J 170 -69.02 -17.95 18.02
CA ARG J 170 -68.01 -17.99 19.06
C ARG J 170 -67.66 -16.57 19.53
N PRO J 171 -67.51 -16.38 20.84
CA PRO J 171 -67.20 -15.04 21.36
C PRO J 171 -65.81 -14.53 20.99
N TYR J 172 -65.76 -13.44 20.22
CA TYR J 172 -64.50 -12.86 19.78
C TYR J 172 -63.99 -11.86 20.82
N PHE J 173 -62.71 -11.94 21.18
CA PHE J 173 -62.14 -11.02 22.16
C PHE J 173 -61.82 -9.66 21.53
N ARG J 174 -61.83 -8.60 22.34
CA ARG J 174 -61.55 -7.26 21.83
C ARG J 174 -60.84 -6.39 22.87
N LYS J 175 -60.11 -5.37 22.41
CA LYS J 175 -59.40 -4.46 23.30
C LYS J 175 -60.10 -3.13 23.36
N MET J 176 -60.28 -2.57 24.56
CA MET J 176 -60.93 -1.26 24.70
C MET J 176 -59.91 -0.15 24.49
N GLU J 177 -60.17 0.75 23.55
CA GLU J 177 -59.25 1.86 23.27
C GLU J 177 -59.32 2.95 24.34
N ASN J 178 -60.49 3.11 25.00
CA ASN J 178 -60.67 4.11 26.05
C ASN J 178 -59.94 3.75 27.34
N GLN J 179 -59.73 2.45 27.59
CA GLN J 179 -59.05 2.01 28.80
C GLN J 179 -58.21 0.73 28.56
N ASP J 180 -57.24 0.46 29.45
CA ASP J 180 -56.41 -0.73 29.32
C ASP J 180 -57.16 -1.94 29.90
N ALA J 181 -58.19 -2.40 29.18
CA ALA J 181 -59.03 -3.52 29.59
C ALA J 181 -59.55 -4.31 28.38
N LEU J 182 -59.84 -5.60 28.57
CA LEU J 182 -60.34 -6.44 27.48
C LEU J 182 -61.81 -6.75 27.62
N VAL J 183 -62.61 -6.36 26.62
CA VAL J 183 -64.04 -6.63 26.61
C VAL J 183 -64.37 -7.79 25.68
N CYS J 184 -65.34 -8.63 26.04
CA CYS J 184 -65.72 -9.78 25.23
C CYS J 184 -67.07 -9.58 24.56
N ILE J 185 -67.16 -9.90 23.27
CA ILE J 185 -68.41 -9.78 22.52
C ILE J 185 -68.75 -11.09 21.80
N SER J 186 -70.04 -11.34 21.55
CA SER J 186 -70.48 -12.54 20.85
C SER J 186 -71.65 -12.25 19.91
N GLU J 187 -71.42 -12.30 18.59
CA GLU J 187 -72.45 -12.03 17.59
C GLU J 187 -73.46 -13.15 17.49
N SER J 188 -74.52 -13.07 18.29
CA SER J 188 -75.56 -14.10 18.30
C SER J 188 -76.94 -13.52 18.59
N VAL J 189 -78.01 -14.25 18.26
CA VAL J 189 -79.37 -13.80 18.52
C VAL J 189 -80.05 -14.73 19.52
N PRO J 190 -80.45 -14.20 20.70
CA PRO J 190 -80.32 -12.82 21.17
C PRO J 190 -78.98 -12.54 21.89
N GLU J 191 -78.78 -11.31 22.42
CA GLU J 191 -77.56 -10.92 23.14
C GLU J 191 -77.27 -11.89 24.29
N PRO J 192 -76.14 -12.59 24.23
CA PRO J 192 -75.86 -13.61 25.25
C PRO J 192 -75.15 -13.13 26.51
N ILE J 193 -75.31 -13.89 27.59
CA ILE J 193 -74.68 -13.59 28.87
C ILE J 193 -73.24 -14.09 28.86
N VAL J 194 -72.27 -13.18 28.95
CA VAL J 194 -70.87 -13.55 28.92
C VAL J 194 -70.21 -13.44 30.30
N GLU J 195 -69.56 -14.53 30.74
CA GLU J 195 -68.87 -14.56 32.03
C GLU J 195 -67.36 -14.83 31.85
N TRP J 196 -66.55 -14.43 32.82
CA TRP J 196 -65.11 -14.62 32.75
C TRP J 196 -64.62 -15.71 33.68
N VAL J 197 -63.76 -16.59 33.18
CA VAL J 197 -63.23 -17.71 33.94
C VAL J 197 -61.88 -17.39 34.58
N LEU J 198 -61.78 -17.60 35.90
CA LEU J 198 -60.53 -17.36 36.62
C LEU J 198 -60.08 -18.63 37.34
N CYS J 199 -58.76 -18.84 37.44
CA CYS J 199 -58.23 -20.02 38.12
C CYS J 199 -57.04 -19.67 39.01
N VAL J 213 -61.71 -21.17 40.94
CA VAL J 213 -63.01 -21.35 40.31
C VAL J 213 -63.93 -20.17 40.62
N VAL J 214 -63.94 -19.15 39.75
CA VAL J 214 -64.78 -17.96 39.93
C VAL J 214 -65.27 -17.38 38.61
N LYS J 215 -66.46 -16.75 38.61
CA LYS J 215 -67.00 -16.17 37.38
C LYS J 215 -67.52 -14.75 37.56
N LYS J 216 -66.90 -13.77 36.89
CA LYS J 216 -67.33 -12.39 36.97
C LYS J 216 -67.99 -11.96 35.66
N GLU J 217 -69.31 -12.15 35.54
CA GLU J 217 -70.06 -11.80 34.33
C GLU J 217 -70.23 -10.30 34.18
N GLU J 218 -69.22 -9.61 33.62
CA GLU J 218 -69.29 -8.16 33.46
C GLU J 218 -68.92 -7.66 32.05
N LYS J 219 -68.42 -8.56 31.17
CA LYS J 219 -68.00 -8.28 29.80
C LYS J 219 -66.68 -7.48 29.73
N VAL J 220 -66.65 -6.27 30.29
CA VAL J 220 -65.45 -5.46 30.31
C VAL J 220 -64.56 -5.97 31.45
N LEU J 221 -63.44 -6.62 31.12
CA LEU J 221 -62.55 -7.18 32.13
C LEU J 221 -61.19 -6.49 32.21
N HIS J 222 -60.92 -5.81 33.32
CA HIS J 222 -59.63 -5.15 33.53
C HIS J 222 -58.67 -6.10 34.24
N GLU J 223 -59.17 -6.85 35.24
CA GLU J 223 -58.35 -7.79 35.99
C GLU J 223 -58.16 -9.09 35.21
N LEU J 224 -57.09 -9.19 34.42
CA LEU J 224 -56.81 -10.40 33.65
C LEU J 224 -55.31 -10.69 33.58
N PHE J 225 -54.76 -11.36 34.60
CA PHE J 225 -53.34 -11.69 34.62
C PHE J 225 -53.14 -13.01 35.37
N GLY J 226 -52.60 -14.01 34.66
CA GLY J 226 -52.36 -15.32 35.26
C GLY J 226 -53.56 -16.24 35.10
N MET J 227 -53.29 -17.55 35.02
CA MET J 227 -54.31 -18.61 34.87
C MET J 227 -55.06 -18.56 33.51
N ASP J 228 -55.94 -19.55 33.26
CA ASP J 228 -56.70 -19.64 32.01
C ASP J 228 -57.78 -18.56 31.91
N ILE J 229 -57.80 -17.85 30.76
CA ILE J 229 -58.75 -16.77 30.49
C ILE J 229 -59.78 -17.22 29.46
N ARG J 230 -61.08 -17.16 29.80
CA ARG J 230 -62.12 -17.58 28.86
C ARG J 230 -63.44 -16.80 29.05
N CYS J 231 -64.12 -16.48 27.94
CA CYS J 231 -65.42 -15.81 27.99
C CYS J 231 -66.49 -16.58 27.20
N CYS J 232 -67.28 -17.39 27.90
CA CYS J 232 -68.33 -18.19 27.26
C CYS J 232 -69.62 -17.39 27.16
N ALA J 233 -70.42 -17.63 26.11
CA ALA J 233 -71.68 -16.92 25.92
C ALA J 233 -72.88 -17.84 26.14
N ARG J 234 -73.95 -17.32 26.73
CA ARG J 234 -75.15 -18.11 26.97
C ARG J 234 -76.34 -17.58 26.15
N ASN J 235 -76.45 -18.02 24.89
CA ASN J 235 -77.53 -17.60 23.98
C ASN J 235 -78.65 -18.65 23.86
N GLU J 236 -79.78 -18.28 23.21
CA GLU J 236 -80.93 -19.17 23.07
C GLU J 236 -80.72 -20.38 22.17
N LEU J 237 -79.57 -20.46 21.47
CA LEU J 237 -79.29 -21.63 20.63
C LEU J 237 -78.25 -22.61 21.24
N GLY J 238 -78.08 -22.55 22.55
CA GLY J 238 -77.15 -23.43 23.24
C GLY J 238 -76.08 -22.69 24.01
N ARG J 239 -74.83 -23.07 23.80
CA ARG J 239 -73.70 -22.45 24.48
C ARG J 239 -72.42 -22.59 23.65
N GLU J 240 -71.87 -21.47 23.17
CA GLU J 240 -70.63 -21.49 22.39
C GLU J 240 -69.52 -20.86 23.21
N CYS J 241 -68.51 -21.65 23.58
CA CYS J 241 -67.39 -21.16 24.38
C CYS J 241 -66.22 -20.67 23.54
N THR J 242 -65.36 -19.84 24.15
CA THR J 242 -64.17 -19.31 23.49
C THR J 242 -63.01 -19.29 24.48
N ARG J 243 -61.79 -19.54 24.00
CA ARG J 243 -60.62 -19.56 24.89
C ARG J 243 -59.55 -18.56 24.47
N LEU J 244 -59.29 -17.55 25.31
CA LEU J 244 -58.25 -16.55 25.06
C LEU J 244 -56.90 -17.17 25.38
N PHE J 245 -56.09 -17.46 24.36
CA PHE J 245 -54.80 -18.12 24.55
C PHE J 245 -53.82 -17.39 25.44
N THR J 246 -53.44 -18.03 26.53
CA THR J 246 -52.47 -17.51 27.49
C THR J 246 -51.15 -18.28 27.30
N ILE J 247 -50.02 -17.59 27.31
CA ILE J 247 -48.71 -18.24 27.16
C ILE J 247 -47.84 -17.88 28.35
N ASP J 248 -47.87 -18.71 29.41
CA ASP J 248 -47.10 -18.43 30.62
C ASP J 248 -45.62 -18.65 30.45
N LEU J 249 -44.83 -17.57 30.44
CA LEU J 249 -43.39 -17.68 30.32
C LEU J 249 -42.76 -18.19 31.63
N ASN J 250 -43.41 -17.94 32.79
CA ASN J 250 -42.91 -18.41 34.09
C ASN J 250 -43.00 -19.93 34.23
N GLN J 251 -44.00 -20.55 33.60
CA GLN J 251 -44.17 -22.00 33.62
C GLN J 251 -43.20 -22.69 32.66
N THR J 252 -42.92 -23.98 32.88
CA THR J 252 -42.03 -24.76 32.01
C THR J 252 -42.60 -24.90 30.59
N PRO J 253 -41.75 -24.94 29.55
CA PRO J 253 -42.27 -25.01 28.17
C PRO J 253 -43.03 -26.28 27.82
N GLN J 254 -44.01 -26.17 26.91
CA GLN J 254 -44.83 -27.28 26.44
C GLN J 254 -43.99 -28.30 25.70
N THR J 255 -43.01 -27.84 24.90
CA THR J 255 -42.06 -28.63 24.11
C THR J 255 -42.74 -29.65 23.18
N THR J 256 -43.90 -29.29 22.65
CA THR J 256 -44.63 -30.14 21.71
C THR J 256 -45.11 -29.33 20.51
N LEU J 257 -44.34 -28.29 20.10
CA LEU J 257 -44.66 -27.39 19.00
C LEU J 257 -46.04 -26.77 19.17
N PRO J 258 -46.17 -25.73 20.01
CA PRO J 258 -47.50 -25.12 20.21
C PRO J 258 -48.01 -24.41 18.96
N GLN J 259 -49.31 -24.55 18.65
CA GLN J 259 -49.89 -23.93 17.46
C GLN J 259 -51.30 -23.37 17.69
N LEU J 260 -51.74 -22.45 16.81
CA LEU J 260 -53.07 -21.85 16.93
C LEU J 260 -53.67 -21.43 15.58
N PHE J 261 -54.64 -22.20 15.06
CA PHE J 261 -55.30 -21.85 13.80
C PHE J 261 -56.43 -20.89 14.09
N LEU J 262 -56.47 -19.75 13.39
CA LEU J 262 -57.49 -18.73 13.62
C LEU J 262 -58.69 -18.85 12.63
N LYS J 263 -59.50 -17.79 12.44
CA LYS J 263 -60.63 -17.75 11.51
C LYS J 263 -60.54 -16.42 10.74
N VAL J 264 -60.53 -16.46 9.38
CA VAL J 264 -60.40 -15.25 8.55
C VAL J 264 -61.42 -14.17 8.92
N GLY J 265 -60.93 -13.13 9.59
CA GLY J 265 -61.76 -12.04 10.06
C GLY J 265 -61.75 -11.92 11.57
N GLU J 266 -61.90 -13.07 12.27
CA GLU J 266 -61.87 -13.14 13.73
C GLU J 266 -60.47 -12.79 14.21
N PRO J 267 -60.34 -11.92 15.23
CA PRO J 267 -59.01 -11.50 15.68
C PRO J 267 -58.12 -12.59 16.28
N LEU J 268 -56.80 -12.43 16.11
CA LEU J 268 -55.82 -13.34 16.67
C LEU J 268 -55.25 -12.70 17.92
N TRP J 269 -55.29 -13.42 19.04
CA TRP J 269 -54.80 -12.89 20.31
C TRP J 269 -53.81 -13.84 20.97
N ILE J 270 -52.75 -13.29 21.57
CA ILE J 270 -51.74 -14.07 22.27
C ILE J 270 -51.14 -13.23 23.39
N ARG J 271 -51.22 -13.71 24.63
CA ARG J 271 -50.70 -12.95 25.77
C ARG J 271 -49.55 -13.68 26.47
N CYS J 272 -48.69 -12.92 27.15
CA CYS J 272 -47.55 -13.49 27.84
C CYS J 272 -47.60 -13.21 29.35
N LYS J 273 -47.93 -14.23 30.14
CA LYS J 273 -48.01 -14.10 31.60
C LYS J 273 -46.62 -14.22 32.20
N ALA J 274 -45.89 -13.11 32.26
CA ALA J 274 -44.54 -13.10 32.81
C ALA J 274 -44.52 -12.77 34.28
N VAL J 275 -43.70 -13.48 35.07
CA VAL J 275 -43.58 -13.24 36.50
C VAL J 275 -42.12 -12.99 36.86
N HIS J 276 -41.78 -11.77 37.29
CA HIS J 276 -40.40 -11.45 37.67
C HIS J 276 -40.37 -10.74 39.02
N VAL J 277 -39.40 -11.11 39.86
CA VAL J 277 -39.24 -10.53 41.19
C VAL J 277 -38.95 -9.03 41.11
N ASN J 278 -38.04 -8.64 40.23
CA ASN J 278 -37.69 -7.23 40.04
C ASN J 278 -38.53 -6.60 38.93
N HIS J 279 -38.63 -5.25 38.93
CA HIS J 279 -39.40 -4.53 37.91
C HIS J 279 -38.71 -4.49 36.53
N GLY J 280 -37.39 -4.68 36.51
CA GLY J 280 -36.61 -4.66 35.28
C GLY J 280 -36.70 -5.93 34.46
N PHE J 281 -37.84 -6.11 33.78
CA PHE J 281 -38.05 -7.28 32.93
C PHE J 281 -39.06 -6.92 31.86
N GLY J 282 -38.58 -6.85 30.63
CA GLY J 282 -39.42 -6.53 29.48
C GLY J 282 -39.64 -7.71 28.58
N LEU J 283 -40.48 -7.53 27.57
CA LEU J 283 -40.81 -8.60 26.64
C LEU J 283 -41.24 -8.04 25.29
N THR J 284 -40.89 -8.73 24.21
CA THR J 284 -41.22 -8.27 22.87
C THR J 284 -41.82 -9.35 22.00
N TRP J 285 -42.70 -8.95 21.10
CA TRP J 285 -43.33 -9.87 20.17
C TRP J 285 -42.61 -9.86 18.83
N GLU J 286 -42.19 -11.03 18.36
CA GLU J 286 -41.47 -11.14 17.09
C GLU J 286 -42.10 -12.20 16.18
N LEU J 287 -41.87 -12.07 14.88
CA LEU J 287 -42.40 -13.02 13.91
C LEU J 287 -41.27 -13.41 12.97
N GLU J 288 -40.34 -14.24 13.48
CA GLU J 288 -39.16 -14.77 12.80
C GLU J 288 -38.06 -13.73 12.78
N ASN J 289 -37.70 -13.24 13.99
CA ASN J 289 -36.69 -12.21 14.23
C ASN J 289 -37.08 -10.84 13.66
N LYS J 290 -38.39 -10.59 13.47
CA LYS J 290 -38.89 -9.32 12.96
C LYS J 290 -39.90 -8.76 13.96
N ALA J 291 -39.79 -7.48 14.33
CA ALA J 291 -40.65 -6.84 15.32
C ALA J 291 -42.14 -6.88 14.98
N LEU J 292 -42.99 -6.82 16.02
CA LEU J 292 -44.45 -6.84 15.85
C LEU J 292 -44.95 -5.55 15.22
N GLU J 293 -46.10 -5.60 14.54
CA GLU J 293 -46.71 -4.44 13.90
C GLU J 293 -47.03 -3.34 14.92
N GLU J 294 -47.10 -2.09 14.45
CA GLU J 294 -47.41 -0.96 15.33
C GLU J 294 -48.79 -1.12 16.00
N GLY J 295 -49.74 -1.66 15.25
CA GLY J 295 -51.07 -1.94 15.77
C GLY J 295 -51.16 -3.34 16.34
N ASN J 296 -50.38 -3.60 17.39
CA ASN J 296 -50.31 -4.90 18.06
C ASN J 296 -49.75 -4.80 19.49
N TYR J 297 -48.88 -3.80 19.74
CA TYR J 297 -48.26 -3.61 21.05
C TYR J 297 -49.26 -3.12 22.09
N PHE J 298 -49.31 -3.79 23.25
CA PHE J 298 -50.22 -3.44 24.32
C PHE J 298 -49.62 -3.87 25.65
N GLU J 299 -49.30 -2.92 26.54
CA GLU J 299 -48.71 -3.25 27.84
C GLU J 299 -49.68 -3.11 29.00
N MET J 300 -49.65 -4.07 29.93
CA MET J 300 -50.51 -4.04 31.11
C MET J 300 -49.76 -4.68 32.27
N SER J 301 -48.88 -3.92 32.92
CA SER J 301 -48.08 -4.44 34.03
C SER J 301 -48.77 -4.22 35.37
N THR J 302 -49.16 -5.30 36.04
CA THR J 302 -49.81 -5.25 37.35
C THR J 302 -48.84 -5.71 38.44
N TYR J 303 -48.86 -5.04 39.61
CA TYR J 303 -47.95 -5.40 40.69
C TYR J 303 -48.62 -6.34 41.68
N SER J 304 -47.99 -7.50 41.88
CA SER J 304 -48.50 -8.53 42.78
C SER J 304 -47.40 -9.00 43.76
N THR J 305 -47.80 -9.80 44.78
CA THR J 305 -46.94 -10.37 45.82
C THR J 305 -46.23 -9.25 46.66
N ASN J 306 -45.40 -9.64 47.64
CA ASN J 306 -44.73 -8.71 48.53
C ASN J 306 -43.71 -7.81 47.82
N ARG J 307 -43.14 -8.24 46.67
CA ARG J 307 -42.15 -7.43 45.98
C ARG J 307 -41.86 -7.91 44.55
N THR J 308 -42.92 -8.20 43.76
CA THR J 308 -42.71 -8.64 42.38
C THR J 308 -43.65 -7.99 41.39
N MET J 309 -43.16 -7.77 40.16
CA MET J 309 -43.95 -7.17 39.11
C MET J 309 -44.40 -8.21 38.10
N ILE J 310 -45.68 -8.20 37.77
CA ILE J 310 -46.26 -9.16 36.82
C ILE J 310 -46.65 -8.40 35.57
N ARG J 311 -45.94 -8.58 34.44
CA ARG J 311 -46.29 -7.86 33.21
C ARG J 311 -46.87 -8.78 32.13
N ILE J 312 -47.72 -8.22 31.27
CA ILE J 312 -48.35 -8.99 30.20
C ILE J 312 -48.34 -8.25 28.88
N LEU J 313 -47.81 -8.87 27.82
CA LEU J 313 -47.79 -8.26 26.50
C LEU J 313 -48.86 -8.93 25.63
N PHE J 314 -49.67 -8.13 24.93
CA PHE J 314 -50.75 -8.67 24.11
C PHE J 314 -50.45 -8.61 22.63
N ALA J 315 -51.00 -9.55 21.86
CA ALA J 315 -50.83 -9.59 20.41
C ALA J 315 -52.18 -9.32 19.76
N PHE J 316 -52.53 -8.03 19.65
CA PHE J 316 -53.80 -7.61 19.08
C PHE J 316 -53.76 -7.52 17.56
N VAL J 317 -54.38 -8.48 16.87
CA VAL J 317 -54.46 -8.45 15.41
C VAL J 317 -55.90 -8.77 14.98
N SER J 318 -56.73 -7.71 14.85
CA SER J 318 -58.16 -7.78 14.50
C SER J 318 -58.46 -8.42 13.14
N SER J 319 -57.97 -7.84 12.02
CA SER J 319 -58.24 -8.40 10.70
C SER J 319 -57.17 -9.41 10.33
N VAL J 320 -57.49 -10.72 10.39
CA VAL J 320 -56.49 -11.73 10.04
C VAL J 320 -56.62 -12.16 8.59
N ALA J 321 -55.48 -12.49 7.98
CA ALA J 321 -55.41 -12.91 6.59
C ALA J 321 -54.19 -13.87 6.37
N ARG J 322 -54.10 -14.52 5.19
CA ARG J 322 -53.06 -15.49 4.85
C ARG J 322 -51.62 -14.99 5.08
N ASN J 323 -51.40 -13.67 4.99
CA ASN J 323 -50.06 -13.11 5.20
C ASN J 323 -49.62 -13.18 6.68
N ASP J 324 -50.57 -13.30 7.61
CA ASP J 324 -50.23 -13.42 9.03
C ASP J 324 -50.17 -14.89 9.52
N THR J 325 -50.15 -15.85 8.58
CA THR J 325 -50.08 -17.27 8.94
C THR J 325 -48.62 -17.70 9.04
N GLY J 326 -47.99 -17.37 10.16
CA GLY J 326 -46.60 -17.69 10.42
C GLY J 326 -46.29 -17.89 11.90
N TYR J 327 -45.09 -18.39 12.21
CA TYR J 327 -44.69 -18.66 13.59
C TYR J 327 -44.39 -17.36 14.37
N TYR J 328 -45.28 -17.01 15.32
CA TYR J 328 -45.10 -15.81 16.14
C TYR J 328 -44.53 -16.19 17.52
N THR J 329 -43.38 -15.63 17.87
CA THR J 329 -42.69 -15.92 19.12
C THR J 329 -42.60 -14.72 20.06
N CYS J 330 -42.38 -14.96 21.36
CA CYS J 330 -42.25 -13.89 22.34
C CYS J 330 -41.11 -14.16 23.31
N SER J 331 -40.05 -13.34 23.24
CA SER J 331 -38.91 -13.49 24.14
C SER J 331 -38.87 -12.39 25.20
N SER J 332 -38.23 -12.66 26.36
CA SER J 332 -38.17 -11.69 27.44
C SER J 332 -36.73 -11.35 27.87
N SER J 333 -36.56 -10.22 28.57
CA SER J 333 -35.26 -9.73 29.04
C SER J 333 -34.57 -10.71 29.99
N LYS J 334 -35.29 -11.23 31.00
CA LYS J 334 -34.71 -12.17 31.95
C LYS J 334 -35.49 -13.47 32.02
N HIS J 335 -36.11 -13.88 30.91
CA HIS J 335 -36.89 -15.11 30.87
C HIS J 335 -36.67 -15.83 29.53
N PRO J 336 -36.64 -17.17 29.53
CA PRO J 336 -36.40 -17.89 28.27
C PRO J 336 -37.43 -17.65 27.16
N SER J 337 -37.00 -17.86 25.91
CA SER J 337 -37.81 -17.63 24.72
C SER J 337 -38.85 -18.72 24.43
N GLN J 338 -40.12 -18.42 24.71
CA GLN J 338 -41.23 -19.33 24.43
C GLN J 338 -41.89 -18.93 23.11
N SER J 339 -42.27 -19.91 22.27
CA SER J 339 -42.82 -19.60 20.95
C SER J 339 -44.02 -20.46 20.57
N ALA J 340 -44.84 -19.97 19.62
CA ALA J 340 -46.01 -20.70 19.13
C ALA J 340 -46.32 -20.34 17.67
N LEU J 341 -46.37 -21.35 16.78
CA LEU J 341 -46.62 -21.12 15.35
C LEU J 341 -48.08 -20.93 15.04
N VAL J 342 -48.49 -19.70 14.70
CA VAL J 342 -49.87 -19.39 14.34
C VAL J 342 -50.14 -19.94 12.94
N THR J 343 -50.92 -21.02 12.84
CA THR J 343 -51.22 -21.67 11.55
C THR J 343 -52.14 -20.87 10.62
N ILE J 344 -52.02 -21.11 9.30
CA ILE J 344 -52.83 -20.45 8.27
C ILE J 344 -54.31 -20.81 8.37
N VAL J 345 -55.19 -19.99 7.77
CA VAL J 345 -56.62 -20.21 7.87
C VAL J 345 -57.31 -20.35 6.52
N GLU J 346 -58.23 -21.31 6.39
CA GLU J 346 -59.00 -21.48 5.17
C GLU J 346 -60.31 -22.21 5.39
N LYS J 347 -61.37 -21.46 5.77
CA LYS J 347 -62.75 -21.90 6.00
C LYS J 347 -62.94 -22.78 7.27
N GLY J 348 -62.24 -23.89 7.34
CA GLY J 348 -62.34 -24.82 8.46
C GLY J 348 -61.65 -26.12 8.11
N PHE J 349 -60.87 -26.69 9.04
CA PHE J 349 -60.16 -27.93 8.76
C PHE J 349 -60.32 -28.99 9.83
N ILE J 350 -60.55 -30.24 9.41
CA ILE J 350 -60.69 -31.40 10.29
C ILE J 350 -59.77 -32.53 9.79
N ASN J 351 -58.75 -32.87 10.57
CA ASN J 351 -57.83 -33.92 10.19
C ASN J 351 -57.86 -35.05 11.22
N ALA J 352 -57.73 -36.30 10.76
CA ALA J 352 -57.74 -37.45 11.65
C ALA J 352 -56.88 -38.58 11.11
N THR J 353 -55.85 -39.01 11.86
CA THR J 353 -55.00 -40.11 11.44
C THR J 353 -55.81 -41.39 11.56
N ASN J 354 -56.23 -41.95 10.42
CA ASN J 354 -57.11 -43.12 10.43
C ASN J 354 -56.42 -44.44 10.17
N SER J 355 -56.24 -45.23 11.24
CA SER J 355 -55.68 -46.58 11.17
C SER J 355 -56.73 -47.60 11.69
N SER J 356 -58.03 -47.28 11.54
CA SER J 356 -59.14 -48.09 12.00
C SER J 356 -59.48 -49.23 11.05
N GLU J 357 -59.62 -50.43 11.62
CA GLU J 357 -59.94 -51.65 10.89
C GLU J 357 -60.73 -52.62 11.81
N ASP J 358 -60.83 -53.91 11.47
CA ASP J 358 -61.53 -54.88 12.31
C ASP J 358 -60.64 -55.26 13.49
N TYR J 359 -61.24 -55.42 14.67
CA TYR J 359 -60.48 -55.80 15.87
C TYR J 359 -60.92 -57.12 16.47
N GLU J 360 -59.94 -57.96 16.85
CA GLU J 360 -60.20 -59.26 17.46
C GLU J 360 -60.00 -59.17 18.99
N ILE J 361 -60.73 -58.25 19.63
CA ILE J 361 -60.63 -58.03 21.06
C ILE J 361 -61.34 -59.11 21.87
N ASP J 362 -60.73 -59.52 22.98
CA ASP J 362 -61.30 -60.53 23.86
C ASP J 362 -62.25 -59.89 24.89
N GLN J 363 -62.98 -60.72 25.68
CA GLN J 363 -63.88 -60.16 26.69
C GLN J 363 -63.13 -59.67 27.92
N TYR J 364 -62.10 -60.39 28.36
CA TYR J 364 -61.33 -60.01 29.54
C TYR J 364 -60.11 -59.13 29.20
N GLU J 365 -60.22 -58.30 28.15
CA GLU J 365 -59.12 -57.42 27.75
C GLU J 365 -59.44 -55.93 27.96
N GLU J 366 -60.74 -55.57 28.10
CA GLU J 366 -61.22 -54.19 28.28
C GLU J 366 -60.78 -53.28 27.13
N PHE J 367 -61.54 -53.29 26.02
CA PHE J 367 -61.22 -52.53 24.82
C PHE J 367 -61.81 -51.11 24.78
N CYS J 368 -61.15 -50.23 24.03
CA CYS J 368 -61.56 -48.84 23.86
C CYS J 368 -61.26 -48.36 22.44
N PHE J 369 -62.21 -47.67 21.80
CA PHE J 369 -62.00 -47.17 20.44
C PHE J 369 -61.83 -45.65 20.43
N SER J 370 -60.57 -45.18 20.37
CA SER J 370 -60.27 -43.75 20.38
C SER J 370 -59.92 -43.18 19.01
N VAL J 371 -60.18 -41.88 18.81
CA VAL J 371 -59.89 -41.22 17.53
C VAL J 371 -58.97 -40.01 17.71
N ARG J 372 -57.91 -39.93 16.91
CA ARG J 372 -56.97 -38.83 16.99
C ARG J 372 -57.37 -37.74 16.00
N PHE J 373 -58.23 -36.82 16.44
CA PHE J 373 -58.70 -35.76 15.56
C PHE J 373 -58.24 -34.38 15.99
N LYS J 374 -57.56 -33.67 15.09
CA LYS J 374 -57.08 -32.31 15.32
C LYS J 374 -57.90 -31.45 14.38
N ALA J 375 -58.69 -30.51 14.92
CA ALA J 375 -59.58 -29.70 14.08
C ALA J 375 -59.91 -28.30 14.57
N TYR J 376 -60.19 -27.39 13.62
CA TYR J 376 -60.66 -26.05 13.92
C TYR J 376 -61.94 -25.82 13.12
N PRO J 377 -63.02 -25.32 13.74
CA PRO J 377 -63.16 -24.94 15.14
C PRO J 377 -63.53 -26.13 16.06
N GLN J 378 -64.21 -25.90 17.19
CA GLN J 378 -64.59 -26.96 18.13
C GLN J 378 -65.36 -28.11 17.43
N ILE J 379 -64.75 -29.29 17.38
CA ILE J 379 -65.34 -30.46 16.72
C ILE J 379 -66.49 -31.07 17.50
N ARG J 380 -67.73 -30.82 17.07
CA ARG J 380 -68.90 -31.37 17.73
C ARG J 380 -69.06 -32.83 17.32
N CYS J 381 -68.95 -33.76 18.28
CA CYS J 381 -69.06 -35.18 17.97
C CYS J 381 -70.32 -35.83 18.56
N THR J 382 -70.79 -36.90 17.92
CA THR J 382 -71.98 -37.64 18.37
C THR J 382 -71.82 -39.11 18.00
N TRP J 383 -71.46 -39.94 18.98
CA TRP J 383 -71.25 -41.36 18.76
C TRP J 383 -72.58 -42.08 18.57
N THR J 384 -72.67 -42.90 17.52
CA THR J 384 -73.90 -43.64 17.23
C THR J 384 -73.64 -45.15 17.16
N PHE J 385 -74.60 -45.97 17.58
CA PHE J 385 -74.46 -47.42 17.56
C PHE J 385 -75.84 -48.08 17.59
N SER J 386 -76.38 -48.40 16.40
CA SER J 386 -77.68 -49.02 16.15
C SER J 386 -78.84 -48.02 16.40
N ARG J 387 -78.91 -47.45 17.57
CA ARG J 387 -79.89 -46.41 17.92
C ARG J 387 -79.37 -45.52 19.06
N LYS J 388 -78.14 -45.77 19.55
CA LYS J 388 -77.52 -45.07 20.66
C LYS J 388 -77.07 -43.66 20.30
N SER J 389 -77.29 -42.73 21.24
CA SER J 389 -76.92 -41.34 21.10
C SER J 389 -76.00 -40.95 22.26
N PHE J 390 -74.68 -40.90 22.02
CA PHE J 390 -73.73 -40.61 23.09
C PHE J 390 -72.74 -39.50 22.73
N PRO J 391 -72.77 -38.38 23.47
CA PRO J 391 -71.82 -37.30 23.19
C PRO J 391 -70.42 -37.57 23.74
N CYS J 392 -69.38 -37.11 23.03
CA CYS J 392 -67.98 -37.29 23.43
C CYS J 392 -67.28 -35.97 23.75
N GLU J 393 -66.16 -36.03 24.50
CA GLU J 393 -65.42 -34.83 24.86
C GLU J 393 -63.96 -34.94 24.41
N GLN J 394 -63.41 -33.88 23.79
CA GLN J 394 -62.03 -33.88 23.32
C GLN J 394 -61.08 -33.33 24.39
N LEU J 397 -56.10 -32.88 24.38
CA LEU J 397 -54.98 -33.79 24.59
C LEU J 397 -53.63 -33.18 24.15
N ASP J 398 -52.53 -33.71 24.69
CA ASP J 398 -51.17 -33.23 24.41
C ASP J 398 -50.65 -33.64 23.00
N ASN J 399 -49.40 -33.29 22.68
CA ASN J 399 -48.82 -33.59 21.36
C ASN J 399 -49.53 -32.90 20.20
N GLY J 400 -50.03 -31.68 20.43
CA GLY J 400 -50.66 -30.89 19.39
C GLY J 400 -51.73 -31.63 18.62
N TYR J 401 -52.52 -32.46 19.32
CA TYR J 401 -53.59 -33.24 18.72
C TYR J 401 -54.53 -33.73 19.82
N SER J 402 -55.80 -33.29 19.78
CA SER J 402 -56.78 -33.71 20.77
C SER J 402 -57.43 -35.03 20.37
N ILE J 403 -57.70 -35.91 21.33
CA ILE J 403 -58.31 -37.20 21.04
C ILE J 403 -59.47 -37.52 21.98
N SER J 404 -60.40 -38.38 21.54
CA SER J 404 -61.54 -38.77 22.34
C SER J 404 -61.79 -40.27 22.19
N LYS J 405 -61.91 -40.97 23.31
CA LYS J 405 -62.10 -42.41 23.29
C LYS J 405 -63.58 -42.82 23.28
N PHE J 406 -63.87 -44.12 23.45
CA PHE J 406 -65.21 -44.68 23.51
C PHE J 406 -65.12 -45.98 24.30
N CYS J 407 -65.26 -45.89 25.63
CA CYS J 407 -65.17 -47.10 26.46
C CYS J 407 -66.53 -47.62 26.90
N ASN J 408 -67.59 -47.32 26.14
CA ASN J 408 -68.94 -47.80 26.47
C ASN J 408 -69.25 -49.06 25.65
N HIS J 409 -68.26 -49.95 25.50
CA HIS J 409 -68.42 -51.19 24.75
C HIS J 409 -69.36 -52.15 25.46
N LYS J 410 -69.08 -52.47 26.74
CA LYS J 410 -69.89 -53.37 27.57
C LYS J 410 -70.31 -54.66 26.86
N HIS J 411 -69.39 -55.29 26.11
CA HIS J 411 -69.61 -56.53 25.37
C HIS J 411 -70.72 -56.41 24.32
N GLN J 412 -70.71 -55.32 23.56
CA GLN J 412 -71.71 -55.12 22.52
C GLN J 412 -71.00 -54.98 21.17
N PRO J 413 -70.78 -56.11 20.47
CA PRO J 413 -70.06 -56.05 19.19
C PRO J 413 -70.88 -55.44 18.05
N GLY J 414 -70.19 -55.08 16.97
CA GLY J 414 -70.84 -54.49 15.80
C GLY J 414 -70.10 -53.31 15.24
N GLU J 415 -70.77 -52.53 14.37
CA GLU J 415 -70.14 -51.35 13.75
C GLU J 415 -70.43 -50.10 14.58
N TYR J 416 -69.39 -49.51 15.18
CA TYR J 416 -69.57 -48.30 15.99
C TYR J 416 -69.32 -47.04 15.19
N ILE J 417 -70.36 -46.20 15.04
CA ILE J 417 -70.28 -44.96 14.29
C ILE J 417 -69.64 -43.84 15.13
N PHE J 418 -68.77 -43.04 14.50
CA PHE J 418 -68.05 -41.95 15.17
C PHE J 418 -68.02 -40.67 14.34
N HIS J 419 -69.18 -40.01 14.18
CA HIS J 419 -69.28 -38.79 13.40
C HIS J 419 -68.75 -37.58 14.17
N ALA J 420 -68.30 -36.55 13.44
CA ALA J 420 -67.78 -35.34 14.04
C ALA J 420 -67.97 -34.16 13.08
N GLU J 421 -69.11 -33.48 13.17
CA GLU J 421 -69.41 -32.36 12.30
C GLU J 421 -69.15 -31.01 12.96
N ASN J 422 -68.16 -30.27 12.46
CA ASN J 422 -67.85 -28.94 12.98
C ASN J 422 -68.68 -27.85 12.27
N ASP J 423 -68.53 -26.57 12.66
CA ASP J 423 -69.29 -25.48 12.04
C ASP J 423 -68.78 -25.06 10.66
N ASP J 424 -67.90 -25.85 10.03
CA ASP J 424 -67.35 -25.53 8.71
C ASP J 424 -67.00 -26.77 7.88
N ALA J 425 -66.81 -27.92 8.53
CA ALA J 425 -66.45 -29.15 7.82
C ALA J 425 -67.13 -30.40 8.42
N GLN J 426 -67.22 -31.50 7.66
CA GLN J 426 -67.86 -32.72 8.15
C GLN J 426 -66.92 -33.93 8.09
N PHE J 427 -67.08 -34.87 9.03
CA PHE J 427 -66.26 -36.08 9.08
C PHE J 427 -67.01 -37.25 9.71
N THR J 428 -66.75 -38.47 9.21
CA THR J 428 -67.37 -39.69 9.74
C THR J 428 -66.36 -40.84 9.72
N LYS J 429 -66.43 -41.72 10.74
CA LYS J 429 -65.52 -42.87 10.85
C LYS J 429 -66.25 -44.07 11.47
N MET J 430 -66.10 -45.26 10.88
CA MET J 430 -66.75 -46.45 11.40
C MET J 430 -65.76 -47.56 11.71
N PHE J 431 -65.85 -48.14 12.92
CA PHE J 431 -64.94 -49.21 13.32
C PHE J 431 -65.70 -50.51 13.59
N THR J 432 -65.07 -51.67 13.31
CA THR J 432 -65.73 -52.96 13.52
C THR J 432 -65.06 -53.79 14.60
N LEU J 433 -65.79 -54.10 15.68
CA LEU J 433 -65.25 -54.90 16.76
C LEU J 433 -66.13 -56.12 16.99
N ASN J 434 -65.51 -57.28 17.19
CA ASN J 434 -66.25 -58.52 17.41
C ASN J 434 -65.92 -59.13 18.77
N ILE J 435 -66.86 -59.89 19.33
CA ILE J 435 -66.66 -60.54 20.63
C ILE J 435 -65.88 -61.84 20.45
N ARG J 436 -65.03 -62.18 21.42
CA ARG J 436 -64.24 -63.40 21.36
C ARG J 436 -64.99 -64.66 21.84
N ARG J 437 -66.31 -64.56 22.05
CA ARG J 437 -67.10 -65.70 22.54
C ARG J 437 -67.40 -66.68 21.41
N LYS J 438 -66.56 -67.70 21.26
CA LYS J 438 -66.78 -68.71 20.22
C LYS J 438 -67.36 -69.99 20.81
N PRO J 439 -68.25 -70.67 20.07
CA PRO J 439 -69.69 -70.50 20.33
C PRO J 439 -70.42 -71.83 20.48
N GLN J 440 -71.59 -71.81 21.13
CA GLN J 440 -72.39 -73.01 21.31
C GLN J 440 -73.45 -73.09 20.22
N VAL J 441 -73.49 -74.20 19.50
CA VAL J 441 -74.47 -74.39 18.42
C VAL J 441 -75.77 -74.91 19.01
N LEU J 442 -76.84 -74.11 18.97
CA LEU J 442 -78.13 -74.51 19.51
C LEU J 442 -79.32 -74.01 18.70
N ALA J 443 -79.13 -72.97 17.88
CA ALA J 443 -80.21 -72.40 17.06
C ALA J 443 -80.48 -73.18 15.76
N GLU J 444 -81.00 -74.40 15.89
CA GLU J 444 -81.34 -75.21 14.74
C GLU J 444 -82.76 -74.90 14.28
N ALA J 445 -82.99 -74.87 12.97
CA ALA J 445 -84.31 -74.59 12.42
C ALA J 445 -84.93 -75.88 11.90
N SER J 446 -86.07 -76.26 12.47
CA SER J 446 -86.76 -77.49 12.08
C SER J 446 -87.51 -77.34 10.76
N ALA J 447 -86.79 -77.40 9.64
CA ALA J 447 -87.40 -77.31 8.32
C ALA J 447 -87.78 -78.72 7.90
N SER J 448 -89.01 -78.90 7.43
CA SER J 448 -89.47 -80.22 7.00
C SER J 448 -89.13 -80.50 5.53
N GLN J 449 -89.09 -79.45 4.69
CA GLN J 449 -88.82 -79.56 3.25
C GLN J 449 -87.41 -80.03 2.89
N ALA J 450 -87.28 -81.35 2.58
CA ALA J 450 -86.08 -82.10 2.18
C ALA J 450 -85.01 -82.23 3.28
N SER J 451 -84.53 -81.12 3.86
CA SER J 451 -83.51 -81.16 4.90
C SER J 451 -83.63 -79.97 5.86
N CYS J 452 -83.42 -80.22 7.16
CA CYS J 452 -83.51 -79.16 8.17
C CYS J 452 -82.19 -78.41 8.29
N PHE J 453 -82.24 -77.07 8.18
CA PHE J 453 -81.05 -76.26 8.29
C PHE J 453 -80.64 -76.08 9.75
N SER J 454 -79.48 -76.62 10.14
CA SER J 454 -78.99 -76.48 11.51
C SER J 454 -77.89 -75.42 11.53
N ASP J 455 -78.14 -74.29 12.21
CA ASP J 455 -77.17 -73.18 12.23
C ASP J 455 -76.54 -72.92 13.58
N GLY J 456 -75.26 -72.60 13.56
CA GLY J 456 -74.52 -72.28 14.77
C GLY J 456 -74.11 -70.82 14.81
N TYR J 457 -74.28 -70.18 15.98
CA TYR J 457 -73.93 -68.76 16.13
C TYR J 457 -73.07 -68.52 17.37
N PRO J 458 -71.98 -67.75 17.25
CA PRO J 458 -72.06 -66.32 17.56
C PRO J 458 -71.16 -65.44 16.68
N LEU J 459 -69.93 -65.08 17.10
CA LEU J 459 -69.01 -64.22 16.35
C LEU J 459 -67.53 -64.42 16.81
N PRO J 460 -66.54 -63.80 16.16
CA PRO J 460 -66.25 -63.85 14.73
C PRO J 460 -65.81 -65.24 14.29
N SER J 461 -64.96 -65.92 15.08
CA SER J 461 -64.50 -67.26 14.73
C SER J 461 -65.57 -68.30 15.02
N TRP J 462 -66.34 -68.66 13.99
CA TRP J 462 -67.40 -69.66 14.14
C TRP J 462 -67.39 -70.62 12.97
N THR J 463 -67.42 -71.93 13.25
CA THR J 463 -67.44 -72.93 12.20
C THR J 463 -68.39 -74.06 12.56
N TRP J 464 -69.37 -74.34 11.70
CA TRP J 464 -70.34 -75.41 11.95
C TRP J 464 -69.97 -76.62 11.11
N LYS J 465 -69.68 -77.76 11.77
CA LYS J 465 -69.30 -78.98 11.08
C LYS J 465 -69.66 -80.22 11.89
N LYS J 466 -70.74 -80.92 11.51
CA LYS J 466 -71.18 -82.11 12.22
C LYS J 466 -70.42 -83.34 11.73
N CYS J 474 -72.96 -91.88 16.59
CA CYS J 474 -71.73 -91.56 17.32
C CYS J 474 -70.56 -91.22 16.37
N THR J 475 -70.36 -92.03 15.33
CA THR J 475 -69.27 -91.81 14.37
C THR J 475 -69.59 -90.66 13.38
N GLU J 476 -68.57 -90.17 12.66
CA GLU J 476 -68.74 -89.08 11.70
C GLU J 476 -69.48 -89.51 10.45
N GLU J 477 -70.37 -88.64 9.95
CA GLU J 477 -71.16 -88.93 8.76
C GLU J 477 -70.68 -88.11 7.56
N ILE J 478 -70.59 -88.76 6.39
CA ILE J 478 -70.16 -88.11 5.16
C ILE J 478 -71.31 -87.38 4.44
N THR J 479 -70.98 -86.57 3.40
CA THR J 479 -71.90 -85.78 2.59
C THR J 479 -72.69 -84.74 3.38
N GLU J 480 -72.36 -83.46 3.16
CA GLU J 480 -73.02 -82.34 3.83
C GLU J 480 -73.64 -81.38 2.79
N GLY J 481 -74.58 -80.55 3.24
CA GLY J 481 -75.25 -79.60 2.37
C GLY J 481 -74.50 -78.28 2.20
N VAL J 482 -75.09 -77.19 2.68
CA VAL J 482 -74.50 -75.86 2.58
C VAL J 482 -73.30 -75.66 3.54
N TRP J 483 -72.49 -74.64 3.30
CA TRP J 483 -71.35 -74.33 4.17
C TRP J 483 -71.27 -72.83 4.53
N ASN J 484 -72.43 -72.16 4.59
CA ASN J 484 -72.61 -70.74 4.90
C ASN J 484 -71.84 -69.83 3.89
N ARG J 485 -70.59 -69.37 4.20
CA ARG J 485 -69.76 -68.50 3.36
C ARG J 485 -70.51 -67.29 2.80
N LYS J 486 -70.42 -66.15 3.49
CA LYS J 486 -71.09 -64.92 3.08
C LYS J 486 -70.34 -63.68 3.58
N ALA J 487 -70.46 -62.56 2.85
CA ALA J 487 -69.79 -61.32 3.24
C ALA J 487 -70.51 -60.61 4.39
N ASN J 488 -69.75 -59.98 5.29
CA ASN J 488 -70.33 -59.27 6.44
C ASN J 488 -70.92 -57.91 6.04
N ARG J 489 -71.80 -57.36 6.92
CA ARG J 489 -72.49 -56.08 6.72
C ARG J 489 -73.38 -56.08 5.48
N LYS J 490 -74.46 -56.86 5.51
CA LYS J 490 -75.38 -56.96 4.37
C LYS J 490 -76.81 -56.57 4.76
N VAL J 491 -77.04 -55.26 5.04
CA VAL J 491 -78.32 -54.65 5.42
C VAL J 491 -78.93 -55.22 6.71
N PHE J 492 -79.76 -54.42 7.39
CA PHE J 492 -80.40 -54.85 8.62
C PHE J 492 -81.75 -55.53 8.35
N GLY J 493 -82.15 -56.42 9.25
CA GLY J 493 -83.40 -57.15 9.13
C GLY J 493 -83.73 -57.96 10.37
N GLN J 494 -83.21 -59.19 10.45
CA GLN J 494 -83.48 -60.07 11.59
C GLN J 494 -82.34 -60.05 12.62
N TRP J 495 -82.68 -60.35 13.88
CA TRP J 495 -81.71 -60.38 14.97
C TRP J 495 -80.84 -61.64 14.91
N VAL J 496 -79.55 -61.50 15.30
CA VAL J 496 -78.54 -62.56 15.36
C VAL J 496 -78.16 -63.15 13.99
N SER J 497 -76.88 -63.51 13.82
CA SER J 497 -76.40 -64.11 12.59
C SER J 497 -75.71 -65.44 12.85
N SER J 498 -76.09 -66.48 12.10
CA SER J 498 -75.52 -67.81 12.28
C SER J 498 -74.96 -68.38 10.97
N SER J 499 -74.11 -69.41 11.08
CA SER J 499 -73.53 -70.06 9.91
C SER J 499 -74.14 -71.44 9.72
N THR J 500 -75.18 -71.53 8.89
CA THR J 500 -75.86 -72.80 8.64
C THR J 500 -75.02 -73.76 7.82
N LEU J 501 -74.97 -75.03 8.21
CA LEU J 501 -74.17 -76.03 7.50
C LEU J 501 -74.75 -77.44 7.61
N ASN J 502 -76.06 -77.61 7.34
CA ASN J 502 -76.69 -78.92 7.41
C ASN J 502 -77.86 -79.07 6.43
N MET J 503 -77.73 -80.00 5.48
CA MET J 503 -78.75 -80.29 4.47
C MET J 503 -78.48 -81.67 3.86
N SER J 504 -78.80 -82.74 4.59
CA SER J 504 -78.57 -84.11 4.14
C SER J 504 -79.88 -84.86 3.83
N GLU J 505 -79.78 -85.93 3.03
CA GLU J 505 -80.95 -86.73 2.66
C GLU J 505 -80.91 -88.19 3.19
N ALA J 506 -79.87 -88.56 3.94
CA ALA J 506 -79.74 -89.92 4.48
C ALA J 506 -80.73 -90.19 5.60
N ILE J 507 -81.20 -91.43 5.72
CA ILE J 507 -82.17 -91.81 6.75
C ILE J 507 -81.51 -92.28 8.04
N LYS J 508 -81.20 -91.34 8.94
CA LYS J 508 -80.59 -91.67 10.22
C LYS J 508 -81.59 -91.76 11.38
N GLY J 509 -82.73 -91.08 11.23
CA GLY J 509 -83.74 -91.06 12.27
C GLY J 509 -83.50 -89.93 13.25
N PHE J 510 -83.64 -90.21 14.54
CA PHE J 510 -83.42 -89.20 15.56
C PHE J 510 -81.94 -88.97 15.82
N LEU J 511 -81.40 -87.82 15.35
CA LEU J 511 -80.00 -87.50 15.53
C LEU J 511 -79.77 -85.98 15.59
N VAL J 512 -80.28 -85.22 14.59
CA VAL J 512 -80.19 -83.76 14.45
C VAL J 512 -78.75 -83.23 14.44
N LYS J 513 -78.36 -82.56 13.34
CA LYS J 513 -77.03 -82.01 13.14
C LYS J 513 -76.73 -80.75 14.01
N CYS J 514 -75.60 -80.06 13.74
CA CYS J 514 -75.09 -78.86 14.40
C CYS J 514 -74.08 -79.19 15.51
N CYS J 515 -72.80 -79.10 15.19
CA CYS J 515 -71.70 -79.31 16.12
C CYS J 515 -70.64 -78.28 15.75
N ALA J 516 -70.56 -77.22 16.53
CA ALA J 516 -69.62 -76.14 16.26
C ALA J 516 -68.21 -76.47 16.73
N TYR J 517 -67.22 -76.08 15.93
CA TYR J 517 -65.82 -76.27 16.26
C TYR J 517 -65.11 -74.94 16.01
N ASN J 518 -64.34 -74.46 16.98
CA ASN J 518 -63.61 -73.20 16.86
C ASN J 518 -62.34 -73.22 17.72
N SER J 519 -61.51 -72.16 17.64
CA SER J 519 -60.29 -72.05 18.43
C SER J 519 -60.58 -72.04 19.93
N LEU J 520 -61.73 -71.48 20.34
CA LEU J 520 -62.10 -71.43 21.75
C LEU J 520 -62.63 -72.76 22.30
N GLY J 521 -63.21 -73.59 21.44
CA GLY J 521 -63.72 -74.89 21.86
C GLY J 521 -64.79 -75.48 20.97
N THR J 522 -65.59 -76.41 21.53
CA THR J 522 -66.65 -77.10 20.82
C THR J 522 -67.93 -77.23 21.65
N SER J 523 -69.06 -77.39 20.96
CA SER J 523 -70.42 -77.56 21.51
C SER J 523 -71.34 -78.14 20.41
N CYS J 524 -72.50 -78.71 20.79
CA CYS J 524 -73.42 -79.28 19.82
C CYS J 524 -74.90 -79.16 20.23
N GLU J 525 -75.82 -79.24 19.24
CA GLU J 525 -77.26 -79.15 19.43
C GLU J 525 -77.92 -80.53 19.62
N THR J 526 -79.26 -80.58 19.84
CA THR J 526 -79.99 -81.82 20.06
C THR J 526 -79.86 -82.80 18.89
N SER K 19 -28.54 -2.70 5.97
CA SER K 19 -28.15 -2.06 4.71
C SER K 19 -27.45 -3.04 3.76
N HIS K 20 -27.58 -2.81 2.44
CA HIS K 20 -27.00 -3.66 1.40
C HIS K 20 -26.46 -2.85 0.22
N MET K 21 -25.15 -2.98 -0.07
CA MET K 21 -24.48 -2.27 -1.18
C MET K 21 -24.33 -3.20 -2.43
N THR K 22 -23.15 -3.20 -3.06
CA THR K 22 -22.91 -4.05 -4.24
C THR K 22 -21.49 -4.55 -4.18
N GLN K 23 -21.31 -5.86 -4.30
CA GLN K 23 -19.98 -6.42 -4.16
C GLN K 23 -19.85 -7.64 -5.05
N ASP K 24 -18.66 -7.84 -5.63
CA ASP K 24 -18.44 -9.02 -6.44
C ASP K 24 -18.64 -10.27 -5.63
N CYS K 25 -19.73 -10.96 -5.87
CA CYS K 25 -20.05 -12.18 -5.17
C CYS K 25 -19.41 -13.34 -5.90
N SER K 26 -18.13 -13.61 -5.65
CA SER K 26 -17.43 -14.71 -6.29
C SER K 26 -16.64 -15.59 -5.31
N PHE K 27 -16.74 -15.32 -3.99
CA PHE K 27 -16.07 -16.03 -2.89
C PHE K 27 -14.61 -16.39 -3.17
N GLN K 28 -13.73 -16.05 -2.21
CA GLN K 28 -12.29 -16.28 -2.32
C GLN K 28 -12.02 -17.79 -2.28
N HIS K 29 -12.48 -18.46 -1.22
CA HIS K 29 -12.34 -19.89 -1.07
C HIS K 29 -13.72 -20.53 -0.88
N SER K 30 -13.82 -21.83 -1.23
CA SER K 30 -15.09 -22.57 -1.17
C SER K 30 -15.84 -22.43 0.14
N PRO K 31 -17.04 -21.81 0.09
CA PRO K 31 -17.85 -21.71 1.32
C PRO K 31 -18.66 -22.97 1.60
N ILE K 32 -18.71 -23.94 0.67
CA ILE K 32 -19.44 -25.19 0.85
C ILE K 32 -18.48 -26.28 1.33
N SER K 33 -18.71 -26.73 2.56
CA SER K 33 -17.88 -27.76 3.20
C SER K 33 -18.15 -29.17 2.63
N SER K 34 -17.31 -30.14 3.01
CA SER K 34 -17.49 -31.51 2.56
C SER K 34 -18.37 -32.36 3.49
N ASP K 35 -18.57 -31.92 4.75
CA ASP K 35 -19.37 -32.68 5.71
C ASP K 35 -20.82 -32.20 5.83
N PHE K 36 -21.28 -31.32 4.95
CA PHE K 36 -22.64 -30.78 5.03
C PHE K 36 -23.73 -31.85 4.98
N ALA K 37 -23.54 -32.93 4.20
CA ALA K 37 -24.54 -33.99 4.10
C ALA K 37 -24.78 -34.72 5.43
N VAL K 38 -23.69 -35.03 6.15
CA VAL K 38 -23.79 -35.70 7.45
C VAL K 38 -24.47 -34.79 8.47
N LYS K 39 -24.14 -33.49 8.45
CA LYS K 39 -24.73 -32.52 9.36
C LYS K 39 -26.23 -32.38 9.13
N ILE K 40 -26.64 -32.32 7.86
CA ILE K 40 -28.06 -32.19 7.51
C ILE K 40 -28.83 -33.45 7.84
N ARG K 41 -28.26 -34.62 7.58
CA ARG K 41 -28.92 -35.90 7.89
C ARG K 41 -29.06 -36.08 9.40
N GLU K 42 -28.07 -35.60 10.19
CA GLU K 42 -28.15 -35.70 11.65
C GLU K 42 -29.30 -34.86 12.19
N LEU K 43 -29.47 -33.62 11.69
CA LEU K 43 -30.57 -32.77 12.13
C LEU K 43 -31.91 -33.36 11.69
N SER K 44 -31.96 -33.92 10.48
CA SER K 44 -33.16 -34.53 9.91
C SER K 44 -33.59 -35.81 10.66
N ASP K 45 -32.63 -36.51 11.28
CA ASP K 45 -32.95 -37.72 12.03
C ASP K 45 -33.31 -37.43 13.48
N TYR K 46 -32.80 -36.33 14.06
CA TYR K 46 -33.09 -36.02 15.47
C TYR K 46 -34.27 -35.07 15.69
N LEU K 47 -34.84 -34.46 14.62
CA LEU K 47 -35.98 -33.56 14.80
C LEU K 47 -37.25 -34.36 15.09
N ASP K 48 -37.75 -34.29 16.32
CA ASP K 48 -38.99 -34.99 16.70
C ASP K 48 -40.24 -34.23 16.24
N GLN K 49 -40.13 -32.89 16.09
CA GLN K 49 -41.23 -32.04 15.66
C GLN K 49 -40.92 -31.43 14.30
N ASP K 50 -41.85 -31.57 13.37
CA ASP K 50 -41.67 -31.09 12.00
C ASP K 50 -42.15 -29.67 11.80
N TYR K 51 -41.33 -28.69 12.22
CA TYR K 51 -41.59 -27.24 12.14
C TYR K 51 -42.11 -26.79 10.76
N PRO K 52 -43.15 -25.94 10.74
CA PRO K 52 -43.69 -25.49 9.46
C PRO K 52 -42.85 -24.39 8.85
N VAL K 53 -42.41 -24.60 7.60
CA VAL K 53 -41.55 -23.66 6.88
C VAL K 53 -42.17 -23.43 5.46
N THR K 54 -41.56 -22.58 4.62
CA THR K 54 -42.01 -22.35 3.26
C THR K 54 -40.84 -22.49 2.28
N VAL K 55 -41.15 -22.77 1.02
CA VAL K 55 -40.16 -22.84 -0.06
C VAL K 55 -40.69 -22.00 -1.21
N ALA K 56 -39.79 -21.32 -1.94
CA ALA K 56 -40.21 -20.52 -3.09
C ALA K 56 -40.69 -21.45 -4.20
N SER K 57 -41.78 -21.09 -4.86
CA SER K 57 -42.37 -21.91 -5.90
C SER K 57 -42.18 -21.34 -7.32
N ASN K 58 -41.81 -20.05 -7.45
CA ASN K 58 -41.68 -19.44 -8.76
C ASN K 58 -40.37 -18.66 -8.99
N LEU K 59 -39.25 -19.08 -8.38
CA LEU K 59 -37.97 -18.41 -8.61
C LEU K 59 -37.53 -18.67 -10.05
N GLN K 60 -36.92 -17.67 -10.72
CA GLN K 60 -36.47 -17.75 -12.11
C GLN K 60 -35.72 -19.04 -12.40
N ASP K 61 -36.23 -19.78 -13.39
CA ASP K 61 -35.81 -21.11 -13.81
C ASP K 61 -34.37 -21.27 -14.27
N GLU K 62 -33.47 -21.55 -13.32
CA GLU K 62 -32.06 -21.87 -13.59
C GLU K 62 -31.38 -22.35 -12.33
N GLU K 63 -30.61 -23.44 -12.44
CA GLU K 63 -29.89 -24.02 -11.32
C GLU K 63 -28.72 -23.14 -10.88
N LEU K 64 -27.99 -22.54 -11.83
CA LEU K 64 -26.84 -21.71 -11.51
C LEU K 64 -27.23 -20.37 -10.86
N CYS K 65 -27.99 -19.51 -11.56
CA CYS K 65 -28.40 -18.23 -10.97
C CYS K 65 -29.38 -18.39 -9.79
N GLY K 66 -30.11 -19.49 -9.75
CA GLY K 66 -31.09 -19.76 -8.71
C GLY K 66 -30.65 -20.52 -7.49
N GLY K 67 -29.48 -21.14 -7.55
CA GLY K 67 -28.97 -21.91 -6.41
C GLY K 67 -28.82 -21.08 -5.15
N LEU K 68 -28.21 -19.91 -5.29
CA LEU K 68 -27.99 -18.99 -4.20
C LEU K 68 -29.29 -18.46 -3.63
N TRP K 69 -30.29 -18.20 -4.49
CA TRP K 69 -31.58 -17.70 -4.04
C TRP K 69 -32.25 -18.64 -3.05
N ARG K 70 -32.24 -19.94 -3.36
CA ARG K 70 -32.85 -20.94 -2.47
C ARG K 70 -32.16 -20.97 -1.11
N LEU K 71 -30.82 -20.83 -1.11
CA LEU K 71 -30.00 -20.84 0.10
C LEU K 71 -30.25 -19.61 0.96
N VAL K 72 -30.50 -18.46 0.32
CA VAL K 72 -30.78 -17.22 1.05
C VAL K 72 -32.09 -17.38 1.83
N LEU K 73 -33.12 -17.93 1.18
CA LEU K 73 -34.41 -18.17 1.81
C LEU K 73 -34.28 -19.20 2.94
N ALA K 74 -33.54 -20.28 2.69
CA ALA K 74 -33.33 -21.32 3.68
C ALA K 74 -32.56 -20.81 4.91
N GLN K 75 -31.57 -19.93 4.69
CA GLN K 75 -30.78 -19.38 5.79
C GLN K 75 -31.63 -18.55 6.72
N ARG K 76 -32.60 -17.79 6.19
CA ARG K 76 -33.51 -17.02 7.03
C ARG K 76 -34.33 -17.97 7.92
N TRP K 77 -34.79 -19.08 7.35
CA TRP K 77 -35.55 -20.06 8.10
C TRP K 77 -34.73 -20.73 9.18
N MET K 78 -33.46 -21.02 8.90
CA MET K 78 -32.58 -21.63 9.88
C MET K 78 -32.38 -20.70 11.08
N GLU K 79 -32.23 -19.39 10.81
CA GLU K 79 -32.07 -18.40 11.89
C GLU K 79 -33.36 -18.31 12.70
N ARG K 80 -34.51 -18.34 12.03
CA ARG K 80 -35.82 -18.29 12.66
C ARG K 80 -36.05 -19.51 13.56
N LEU K 81 -35.59 -20.68 13.13
CA LEU K 81 -35.74 -21.92 13.90
C LEU K 81 -34.91 -21.90 15.19
N LYS K 82 -33.75 -21.24 15.16
CA LYS K 82 -32.91 -21.12 16.35
C LYS K 82 -33.64 -20.36 17.48
N THR K 83 -34.49 -19.39 17.11
CA THR K 83 -35.24 -18.58 18.07
C THR K 83 -36.48 -19.26 18.64
N VAL K 84 -36.93 -20.39 18.05
CA VAL K 84 -38.13 -21.06 18.54
C VAL K 84 -37.85 -22.46 19.10
N ALA K 85 -36.77 -23.13 18.65
CA ALA K 85 -36.44 -24.46 19.14
C ALA K 85 -35.94 -24.41 20.57
N GLY K 86 -36.22 -25.46 21.32
CA GLY K 86 -35.86 -25.59 22.73
C GLY K 86 -34.37 -25.68 22.97
N SER K 87 -33.99 -25.81 24.24
CA SER K 87 -32.58 -25.88 24.64
C SER K 87 -31.82 -27.00 23.93
N LYS K 88 -32.38 -28.22 23.94
CA LYS K 88 -31.72 -29.38 23.35
C LYS K 88 -31.52 -29.30 21.85
N MET K 89 -32.40 -28.60 21.13
CA MET K 89 -32.30 -28.49 19.67
C MET K 89 -31.49 -27.29 19.18
N GLN K 90 -31.18 -26.32 20.06
CA GLN K 90 -30.46 -25.12 19.66
C GLN K 90 -29.10 -25.38 19.01
N GLY K 91 -28.33 -26.28 19.61
CA GLY K 91 -27.02 -26.65 19.08
C GLY K 91 -27.08 -27.26 17.70
N LEU K 92 -28.01 -28.20 17.50
CA LEU K 92 -28.18 -28.88 16.22
C LEU K 92 -28.67 -27.92 15.12
N LEU K 93 -29.59 -27.01 15.47
CA LEU K 93 -30.10 -26.04 14.50
C LEU K 93 -28.99 -25.06 14.09
N GLU K 94 -28.20 -24.59 15.07
CA GLU K 94 -27.09 -23.66 14.79
C GLU K 94 -26.01 -24.30 13.95
N ARG K 95 -25.80 -25.62 14.09
CA ARG K 95 -24.81 -26.34 13.29
C ARG K 95 -25.18 -26.25 11.81
N VAL K 96 -26.48 -26.34 11.48
CA VAL K 96 -26.94 -26.22 10.10
C VAL K 96 -26.80 -24.77 9.64
N ASN K 97 -27.17 -23.83 10.51
CA ASN K 97 -27.07 -22.39 10.23
C ASN K 97 -25.63 -21.99 9.85
N THR K 98 -24.63 -22.53 10.57
CA THR K 98 -23.23 -22.20 10.28
C THR K 98 -22.74 -22.70 8.92
N GLU K 99 -23.37 -23.74 8.36
CA GLU K 99 -22.97 -24.25 7.05
C GLU K 99 -23.50 -23.38 5.91
N ILE K 100 -24.60 -22.65 6.14
CA ILE K 100 -25.19 -21.81 5.09
C ILE K 100 -25.13 -20.30 5.38
N HIS K 101 -24.46 -19.88 6.47
CA HIS K 101 -24.32 -18.48 6.88
C HIS K 101 -23.58 -17.61 5.85
N PHE K 102 -22.79 -18.23 4.96
CA PHE K 102 -22.02 -17.49 3.96
C PHE K 102 -22.85 -16.58 3.05
N VAL K 103 -24.13 -16.92 2.84
CA VAL K 103 -25.01 -16.09 2.01
C VAL K 103 -25.20 -14.69 2.63
N THR K 104 -25.06 -14.55 3.96
CA THR K 104 -25.17 -13.25 4.63
C THR K 104 -24.02 -12.29 4.29
N LYS K 105 -22.91 -12.80 3.70
CA LYS K 105 -21.77 -11.98 3.32
C LYS K 105 -22.02 -11.18 2.04
N CYS K 106 -23.00 -11.61 1.21
CA CYS K 106 -23.35 -10.90 -0.02
C CYS K 106 -24.56 -10.00 0.23
N ALA K 107 -24.62 -8.86 -0.48
CA ALA K 107 -25.71 -7.92 -0.31
C ALA K 107 -26.96 -8.34 -1.09
N PHE K 108 -27.58 -9.47 -0.68
CA PHE K 108 -28.79 -9.95 -1.31
C PHE K 108 -29.92 -8.99 -0.95
N GLN K 109 -30.66 -8.56 -1.95
CA GLN K 109 -31.72 -7.60 -1.78
C GLN K 109 -33.03 -8.23 -1.27
N PRO K 110 -33.98 -7.43 -0.74
CA PRO K 110 -35.23 -8.00 -0.22
C PRO K 110 -36.05 -8.73 -1.27
N PRO K 111 -36.71 -9.84 -0.90
CA PRO K 111 -37.52 -10.59 -1.89
C PRO K 111 -38.60 -9.75 -2.55
N PRO K 112 -38.76 -9.92 -3.87
CA PRO K 112 -39.76 -9.11 -4.58
C PRO K 112 -41.19 -9.53 -4.27
N SER K 113 -42.15 -8.64 -4.51
CA SER K 113 -43.57 -8.90 -4.29
C SER K 113 -44.11 -10.03 -5.18
N CYS K 114 -43.44 -10.32 -6.32
CA CYS K 114 -43.84 -11.38 -7.24
C CYS K 114 -43.57 -12.78 -6.69
N LEU K 115 -42.68 -12.92 -5.69
CA LEU K 115 -42.33 -14.21 -5.12
C LEU K 115 -43.50 -14.93 -4.44
N ARG K 116 -43.69 -16.19 -4.80
CA ARG K 116 -44.73 -17.07 -4.27
C ARG K 116 -44.07 -18.22 -3.53
N PHE K 117 -44.68 -18.65 -2.44
CA PHE K 117 -44.15 -19.75 -1.65
C PHE K 117 -45.23 -20.70 -1.18
N VAL K 118 -44.86 -21.99 -1.04
CA VAL K 118 -45.78 -23.02 -0.57
C VAL K 118 -45.34 -23.50 0.82
N GLN K 119 -46.31 -23.82 1.69
CA GLN K 119 -46.00 -24.30 3.02
C GLN K 119 -45.51 -25.74 2.95
N THR K 120 -44.40 -26.02 3.61
CA THR K 120 -43.79 -27.34 3.68
C THR K 120 -43.23 -27.59 5.12
N ASN K 121 -42.58 -28.73 5.35
CA ASN K 121 -42.01 -29.06 6.64
C ASN K 121 -40.49 -28.88 6.66
N ILE K 122 -39.91 -28.72 7.87
CA ILE K 122 -38.48 -28.53 8.04
C ILE K 122 -37.64 -29.64 7.43
N SER K 123 -38.12 -30.90 7.47
CA SER K 123 -37.39 -32.02 6.88
C SER K 123 -37.19 -31.82 5.38
N ARG K 124 -38.22 -31.39 4.68
CA ARG K 124 -38.10 -31.15 3.25
C ARG K 124 -37.14 -30.00 3.01
N LEU K 125 -37.33 -28.91 3.72
CA LEU K 125 -36.48 -27.73 3.53
C LEU K 125 -35.01 -28.09 3.69
N LEU K 126 -34.69 -28.95 4.68
CA LEU K 126 -33.32 -29.38 4.92
C LEU K 126 -32.81 -30.21 3.75
N GLN K 127 -33.63 -31.14 3.23
CA GLN K 127 -33.25 -31.97 2.09
C GLN K 127 -33.02 -31.10 0.86
N GLU K 128 -33.91 -30.13 0.61
CA GLU K 128 -33.77 -29.21 -0.53
C GLU K 128 -32.50 -28.39 -0.40
N THR K 129 -32.21 -27.91 0.81
CA THR K 129 -31.01 -27.12 1.09
C THR K 129 -29.75 -27.90 0.76
N SER K 130 -29.67 -29.17 1.19
CA SER K 130 -28.51 -30.01 0.90
C SER K 130 -28.33 -30.21 -0.60
N GLU K 131 -29.44 -30.40 -1.32
CA GLU K 131 -29.41 -30.59 -2.77
C GLU K 131 -28.86 -29.37 -3.49
N GLN K 132 -29.23 -28.17 -3.02
CA GLN K 132 -28.73 -26.93 -3.64
C GLN K 132 -27.23 -26.78 -3.41
N LEU K 133 -26.74 -27.16 -2.22
CA LEU K 133 -25.32 -27.05 -1.92
C LEU K 133 -24.50 -28.00 -2.78
N VAL K 134 -25.03 -29.20 -3.08
CA VAL K 134 -24.34 -30.16 -3.96
C VAL K 134 -24.15 -29.54 -5.35
N ALA K 135 -25.20 -28.88 -5.85
CA ALA K 135 -25.18 -28.22 -7.15
C ALA K 135 -24.30 -26.98 -7.20
N LEU K 136 -24.27 -26.18 -6.12
CA LEU K 136 -23.50 -24.94 -6.11
C LEU K 136 -22.03 -25.10 -5.75
N LYS K 137 -21.69 -26.11 -4.93
CA LYS K 137 -20.33 -26.36 -4.45
C LYS K 137 -19.24 -26.27 -5.52
N PRO K 138 -19.33 -26.94 -6.68
CA PRO K 138 -18.24 -26.85 -7.67
C PRO K 138 -18.17 -25.53 -8.44
N TRP K 139 -19.18 -24.67 -8.33
CA TRP K 139 -19.19 -23.41 -9.07
C TRP K 139 -19.07 -22.15 -8.23
N ILE K 140 -19.24 -22.27 -6.90
CA ILE K 140 -19.25 -21.15 -5.96
C ILE K 140 -18.07 -20.16 -6.07
N THR K 141 -16.87 -20.62 -6.43
CA THR K 141 -15.73 -19.72 -6.54
C THR K 141 -15.27 -19.46 -7.99
N ARG K 142 -15.84 -20.19 -8.97
CA ARG K 142 -15.46 -20.07 -10.38
C ARG K 142 -16.18 -18.98 -11.17
N GLN K 143 -17.45 -18.69 -10.84
CA GLN K 143 -18.23 -17.71 -11.60
C GLN K 143 -18.66 -16.51 -10.78
N ASN K 144 -18.76 -15.33 -11.42
CA ASN K 144 -19.19 -14.12 -10.74
C ASN K 144 -20.72 -14.11 -10.58
N PHE K 145 -21.20 -14.28 -9.33
CA PHE K 145 -22.64 -14.34 -9.05
C PHE K 145 -23.23 -13.01 -8.56
N SER K 146 -22.54 -11.88 -8.83
CA SER K 146 -23.02 -10.54 -8.46
C SER K 146 -24.41 -10.25 -9.06
N ARG K 147 -24.66 -10.76 -10.27
CA ARG K 147 -25.94 -10.59 -10.94
C ARG K 147 -27.12 -11.29 -10.23
N CYS K 148 -26.85 -12.10 -9.18
CA CYS K 148 -27.87 -12.83 -8.43
C CYS K 148 -28.36 -12.11 -7.19
N LEU K 149 -27.84 -10.92 -6.85
CA LEU K 149 -28.25 -10.23 -5.62
C LEU K 149 -29.74 -9.93 -5.53
N GLU K 150 -30.38 -9.68 -6.67
CA GLU K 150 -31.83 -9.49 -6.69
C GLU K 150 -32.50 -10.82 -7.07
N LEU K 151 -33.34 -11.38 -6.18
CA LEU K 151 -34.10 -12.58 -6.46
C LEU K 151 -35.08 -12.29 -7.59
N GLN K 152 -35.18 -13.18 -8.57
CA GLN K 152 -36.03 -13.00 -9.73
C GLN K 152 -37.12 -14.05 -9.77
N CYS K 153 -38.26 -13.70 -10.34
CA CYS K 153 -39.38 -14.63 -10.46
C CYS K 153 -39.61 -15.02 -11.91
N GLN K 154 -40.28 -16.15 -12.11
CA GLN K 154 -40.64 -16.66 -13.42
C GLN K 154 -41.78 -17.64 -13.18
N PRO K 155 -43.04 -17.20 -13.36
CA PRO K 155 -44.17 -18.11 -13.07
C PRO K 155 -44.41 -19.13 -14.18
N ALA L 79 24.99 -79.06 8.56
CA ALA L 79 25.14 -78.18 7.39
C ALA L 79 23.80 -77.81 6.76
N ALA L 80 22.78 -78.69 6.89
CA ALA L 80 21.44 -78.48 6.33
C ALA L 80 20.53 -77.74 7.31
N VAL L 81 19.95 -76.63 6.87
CA VAL L 81 19.08 -75.78 7.69
C VAL L 81 17.63 -75.85 7.18
N GLU L 82 16.65 -76.00 8.08
CA GLU L 82 15.24 -76.05 7.70
C GLU L 82 14.48 -74.84 8.28
N VAL L 83 14.09 -73.89 7.43
CA VAL L 83 13.39 -72.67 7.87
C VAL L 83 11.87 -72.77 7.71
N ASP L 84 11.14 -72.77 8.83
CA ASP L 84 9.69 -72.83 8.78
C ASP L 84 9.11 -71.42 8.98
N VAL L 85 8.46 -70.88 7.92
CA VAL L 85 7.82 -69.55 7.89
C VAL L 85 8.82 -68.40 8.27
N SER L 86 8.34 -67.17 8.60
CA SER L 86 9.21 -66.06 8.97
C SER L 86 9.70 -66.28 10.41
N ALA L 87 10.64 -67.21 10.59
CA ALA L 87 11.17 -67.56 11.89
C ALA L 87 12.35 -66.68 12.30
N SER L 88 12.49 -66.44 13.61
CA SER L 88 13.57 -65.62 14.15
C SER L 88 14.49 -66.46 15.03
N ILE L 89 15.58 -66.98 14.45
CA ILE L 89 16.56 -67.79 15.16
C ILE L 89 18.00 -67.30 14.90
N THR L 90 18.95 -67.69 15.78
CA THR L 90 20.33 -67.28 15.63
C THR L 90 21.20 -68.40 15.06
N LEU L 91 22.10 -68.05 14.14
CA LEU L 91 23.04 -68.97 13.52
C LEU L 91 24.47 -68.39 13.53
N GLN L 92 24.78 -67.45 14.44
CA GLN L 92 26.10 -66.85 14.52
C GLN L 92 26.93 -67.50 15.62
N VAL L 93 27.23 -68.80 15.46
CA VAL L 93 28.01 -69.56 16.43
C VAL L 93 29.46 -69.07 16.51
N LEU L 94 30.12 -69.29 17.66
CA LEU L 94 31.50 -68.87 17.85
C LEU L 94 32.48 -70.04 17.96
N VAL L 95 33.53 -70.02 17.12
CA VAL L 95 34.59 -71.03 17.08
C VAL L 95 35.91 -70.35 17.46
N ASP L 96 36.70 -70.99 18.34
CA ASP L 96 37.98 -70.50 18.85
C ASP L 96 38.98 -70.08 17.78
N ALA L 97 38.98 -68.79 17.42
CA ALA L 97 39.89 -68.25 16.41
C ALA L 97 40.42 -66.83 16.76
N PRO L 98 41.29 -66.71 17.79
CA PRO L 98 41.83 -65.38 18.13
C PRO L 98 43.11 -65.04 17.39
N GLY L 99 43.30 -63.76 17.10
CA GLY L 99 44.49 -63.29 16.40
C GLY L 99 44.20 -62.47 15.16
N ASN L 100 45.15 -62.46 14.20
CA ASN L 100 44.99 -61.69 12.96
C ASN L 100 44.09 -62.43 11.96
N ILE L 101 42.80 -62.50 12.27
CA ILE L 101 41.80 -63.20 11.47
C ILE L 101 40.65 -62.25 11.11
N SER L 102 40.33 -62.14 9.81
CA SER L 102 39.23 -61.31 9.34
C SER L 102 38.41 -62.08 8.32
N CYS L 103 37.08 -62.07 8.45
CA CYS L 103 36.21 -62.80 7.52
C CYS L 103 35.30 -61.87 6.69
N LEU L 104 34.61 -62.43 5.68
CA LEU L 104 33.69 -61.70 4.81
C LEU L 104 32.55 -62.63 4.38
N TRP L 105 31.29 -62.23 4.59
CA TRP L 105 30.15 -63.08 4.25
C TRP L 105 29.82 -63.10 2.77
N VAL L 106 29.61 -64.32 2.24
CA VAL L 106 29.27 -64.54 0.83
C VAL L 106 27.87 -65.15 0.75
N PHE L 107 26.85 -64.31 0.64
CA PHE L 107 25.45 -64.72 0.56
C PHE L 107 25.08 -65.34 -0.81
N LYS L 108 23.80 -65.73 -0.98
CA LYS L 108 23.30 -66.29 -2.24
C LYS L 108 23.55 -65.35 -3.41
N HIS L 109 24.60 -65.62 -4.21
CA HIS L 109 25.03 -64.84 -5.37
C HIS L 109 25.16 -63.33 -5.11
N SER L 110 25.51 -62.96 -3.88
CA SER L 110 25.67 -61.56 -3.48
C SER L 110 26.65 -61.43 -2.31
N SER L 111 27.28 -60.27 -2.18
CA SER L 111 28.26 -60.03 -1.12
C SER L 111 27.61 -59.47 0.15
N LEU L 112 28.24 -59.71 1.30
CA LEU L 112 27.74 -59.20 2.57
C LEU L 112 28.88 -58.73 3.46
N ASN L 113 28.91 -57.42 3.73
CA ASN L 113 29.93 -56.78 4.55
C ASN L 113 29.69 -57.07 6.02
N CYS L 114 30.73 -57.50 6.73
CA CYS L 114 30.64 -57.80 8.15
C CYS L 114 31.93 -57.41 8.90
N GLN L 115 31.83 -57.31 10.23
CA GLN L 115 32.95 -56.96 11.09
C GLN L 115 32.86 -57.82 12.35
N PRO L 116 33.66 -58.90 12.44
CA PRO L 116 33.56 -59.79 13.59
C PRO L 116 34.44 -59.40 14.78
N HIS L 117 34.24 -60.08 15.92
CA HIS L 117 35.03 -59.80 17.11
C HIS L 117 35.92 -61.00 17.47
N PHE L 118 37.20 -60.95 17.10
CA PHE L 118 38.12 -62.04 17.38
C PHE L 118 39.14 -61.64 18.45
N GLY L 124 36.41 -66.14 16.17
CA GLY L 124 35.66 -64.89 15.99
C GLY L 124 34.25 -65.13 15.52
N VAL L 125 33.31 -64.26 15.90
CA VAL L 125 31.90 -64.41 15.49
C VAL L 125 31.38 -63.22 14.69
N VAL L 126 30.83 -63.50 13.50
CA VAL L 126 30.29 -62.48 12.60
C VAL L 126 28.74 -62.54 12.50
N SER L 127 28.10 -61.48 11.98
CA SER L 127 26.65 -61.38 11.85
C SER L 127 25.98 -62.45 10.99
N MET L 128 25.47 -63.52 11.63
CA MET L 128 24.80 -64.63 10.96
C MET L 128 23.42 -64.96 11.58
N VAL L 129 22.93 -64.16 12.55
CA VAL L 129 21.61 -64.38 13.17
C VAL L 129 20.51 -63.75 12.32
N ILE L 130 19.29 -64.30 12.37
CA ILE L 130 18.19 -63.79 11.54
C ILE L 130 16.88 -63.60 12.30
N LEU L 131 16.21 -62.47 12.05
CA LEU L 131 14.90 -62.17 12.65
C LEU L 131 13.91 -62.12 11.50
N LYS L 132 12.97 -63.09 11.44
CA LYS L 132 11.97 -63.26 10.39
C LYS L 132 12.64 -63.51 9.04
N MET L 133 13.05 -64.76 8.78
CA MET L 133 13.71 -65.13 7.52
C MET L 133 12.72 -65.14 6.36
N THR L 134 12.71 -64.06 5.56
CA THR L 134 11.80 -63.90 4.42
C THR L 134 11.95 -64.99 3.37
N GLU L 135 10.91 -65.20 2.55
CA GLU L 135 10.91 -66.20 1.48
C GLU L 135 12.11 -66.05 0.54
N THR L 136 12.64 -64.82 0.42
CA THR L 136 13.80 -64.54 -0.40
C THR L 136 15.07 -64.91 0.35
N GLN L 137 15.14 -64.59 1.64
CA GLN L 137 16.29 -64.85 2.52
C GLN L 137 16.48 -66.32 2.88
N ALA L 138 17.02 -67.12 1.94
CA ALA L 138 17.32 -68.55 2.07
C ALA L 138 18.22 -69.02 0.93
N GLY L 139 19.11 -69.98 1.22
CA GLY L 139 20.00 -70.53 0.19
C GLY L 139 21.42 -70.81 0.61
N GLU L 140 22.34 -70.68 -0.36
CA GLU L 140 23.76 -70.93 -0.13
C GLU L 140 24.42 -69.73 0.56
N TYR L 141 24.96 -69.94 1.78
CA TYR L 141 25.64 -68.90 2.55
C TYR L 141 27.04 -69.36 2.97
N LEU L 142 28.07 -68.72 2.40
CA LEU L 142 29.47 -69.03 2.65
C LEU L 142 30.15 -67.98 3.52
N LEU L 143 31.27 -68.37 4.16
CA LEU L 143 32.06 -67.49 5.03
C LEU L 143 33.50 -68.01 5.10
N PHE L 144 34.48 -67.17 4.75
CA PHE L 144 35.88 -67.59 4.79
C PHE L 144 36.80 -66.54 5.42
N ILE L 145 37.99 -66.96 5.88
CA ILE L 145 38.97 -66.08 6.50
C ILE L 145 40.04 -65.61 5.50
N GLN L 146 40.37 -64.32 5.52
CA GLN L 146 41.37 -63.75 4.61
C GLN L 146 42.47 -63.05 5.39
N SER L 147 43.71 -63.54 5.26
CA SER L 147 44.87 -62.96 5.95
C SER L 147 46.09 -62.96 5.03
N THR L 150 46.26 -67.45 5.36
CA THR L 150 45.36 -68.59 5.47
C THR L 150 44.01 -68.27 4.84
N ASN L 151 43.41 -69.26 4.16
CA ASN L 151 42.11 -69.07 3.53
C ASN L 151 41.30 -70.36 3.51
N TYR L 152 40.42 -70.56 4.51
CA TYR L 152 39.56 -71.74 4.57
C TYR L 152 38.10 -71.30 4.52
N THR L 153 37.33 -71.82 3.56
CA THR L 153 35.92 -71.44 3.38
C THR L 153 34.92 -72.43 3.99
N ILE L 154 33.78 -71.91 4.51
CA ILE L 154 32.72 -72.71 5.12
C ILE L 154 31.43 -72.63 4.26
N LEU L 155 30.51 -73.62 4.38
CA LEU L 155 29.28 -73.64 3.58
C LEU L 155 28.05 -74.08 4.37
N PHE L 156 26.95 -73.31 4.26
CA PHE L 156 25.69 -73.65 4.94
C PHE L 156 24.53 -73.57 3.94
N THR L 157 23.64 -74.58 3.96
CA THR L 157 22.52 -74.62 3.03
C THR L 157 21.21 -74.36 3.75
N VAL L 158 20.66 -73.15 3.58
CA VAL L 158 19.41 -72.75 4.20
C VAL L 158 18.21 -73.07 3.29
N SER L 159 17.42 -74.06 3.69
CA SER L 159 16.23 -74.47 2.94
C SER L 159 14.95 -73.94 3.62
N ILE L 160 13.80 -74.11 2.98
CA ILE L 160 12.52 -73.67 3.54
C ILE L 160 11.61 -74.88 3.74
N THR L 163 6.48 -71.05 4.81
CA THR L 163 6.25 -72.49 4.66
C THR L 163 4.81 -72.77 4.19
N LEU L 164 3.82 -72.13 4.82
CA LEU L 164 2.41 -72.30 4.46
C LEU L 164 1.87 -71.10 3.66
N LEU L 165 2.75 -70.32 3.02
CA LEU L 165 2.42 -69.12 2.24
C LEU L 165 1.74 -68.04 3.07
N TYR L 166 2.26 -67.79 4.28
CA TYR L 166 1.70 -66.78 5.17
C TYR L 166 2.44 -65.48 4.96
N THR L 167 1.83 -64.53 4.25
CA THR L 167 2.47 -63.26 3.96
C THR L 167 2.04 -62.14 4.89
N LEU L 168 2.93 -61.17 5.09
CA LEU L 168 2.66 -60.00 5.92
C LEU L 168 3.32 -58.78 5.25
N ARG L 169 2.52 -57.79 4.86
CA ARG L 169 3.05 -56.58 4.25
C ARG L 169 2.36 -55.34 4.81
N ARG L 170 3.12 -54.24 4.96
CA ARG L 170 2.60 -52.97 5.48
C ARG L 170 1.44 -52.47 4.64
N PRO L 171 0.39 -51.94 5.28
CA PRO L 171 -0.78 -51.49 4.51
C PRO L 171 -0.52 -50.27 3.63
N TYR L 172 -1.15 -50.25 2.45
CA TYR L 172 -1.01 -49.15 1.50
C TYR L 172 -2.28 -48.31 1.51
N PHE L 173 -2.14 -46.99 1.62
CA PHE L 173 -3.30 -46.09 1.63
C PHE L 173 -3.85 -45.88 0.22
N ARG L 174 -5.15 -45.58 0.12
CA ARG L 174 -5.78 -45.36 -1.18
C ARG L 174 -6.92 -44.35 -1.11
N LYS L 175 -7.24 -43.71 -2.25
CA LYS L 175 -8.31 -42.73 -2.31
C LYS L 175 -9.50 -43.33 -3.04
N MET L 176 -10.72 -43.14 -2.49
CA MET L 176 -11.93 -43.65 -3.12
C MET L 176 -12.40 -42.69 -4.19
N GLU L 177 -12.55 -43.17 -5.43
CA GLU L 177 -13.01 -42.32 -6.53
C GLU L 177 -14.52 -42.01 -6.45
N ASN L 178 -15.29 -42.92 -5.85
CA ASN L 178 -16.74 -42.74 -5.70
C ASN L 178 -17.09 -41.68 -4.66
N GLN L 179 -16.23 -41.46 -3.66
CA GLN L 179 -16.49 -40.47 -2.62
C GLN L 179 -15.20 -39.82 -2.11
N ASP L 180 -15.31 -38.65 -1.47
CA ASP L 180 -14.14 -37.96 -0.92
C ASP L 180 -13.76 -38.59 0.43
N ALA L 181 -13.21 -39.80 0.39
CA ALA L 181 -12.82 -40.54 1.59
C ALA L 181 -11.61 -41.43 1.33
N LEU L 182 -10.82 -41.73 2.36
CA LEU L 182 -9.63 -42.56 2.22
C LEU L 182 -9.81 -43.96 2.78
N VAL L 183 -9.66 -44.98 1.92
CA VAL L 183 -9.80 -46.36 2.34
C VAL L 183 -8.42 -47.01 2.47
N CYS L 184 -8.25 -47.90 3.46
CA CYS L 184 -6.98 -48.58 3.68
C CYS L 184 -7.04 -50.04 3.27
N ILE L 185 -6.01 -50.52 2.55
CA ILE L 185 -5.92 -51.91 2.13
C ILE L 185 -4.57 -52.53 2.54
N SER L 186 -4.55 -53.85 2.80
CA SER L 186 -3.31 -54.52 3.19
C SER L 186 -3.10 -55.83 2.42
N GLU L 187 -1.93 -55.98 1.77
CA GLU L 187 -1.63 -57.18 0.99
C GLU L 187 -1.01 -58.26 1.87
N SER L 188 -1.84 -59.05 2.55
CA SER L 188 -1.38 -60.12 3.42
C SER L 188 -2.33 -61.31 3.40
N VAL L 189 -1.83 -62.49 3.78
CA VAL L 189 -2.65 -63.70 3.80
C VAL L 189 -2.78 -64.21 5.25
N PRO L 190 -4.01 -64.23 5.81
CA PRO L 190 -5.30 -63.85 5.21
C PRO L 190 -5.65 -62.36 5.37
N GLU L 191 -6.84 -61.94 4.89
CA GLU L 191 -7.30 -60.56 4.97
C GLU L 191 -7.29 -60.05 6.41
N PRO L 192 -6.50 -59.01 6.69
CA PRO L 192 -6.37 -58.54 8.08
C PRO L 192 -7.37 -57.46 8.50
N ILE L 193 -7.59 -57.35 9.82
CA ILE L 193 -8.49 -56.37 10.40
C ILE L 193 -7.80 -55.02 10.53
N VAL L 194 -8.26 -54.02 9.77
CA VAL L 194 -7.65 -52.69 9.80
C VAL L 194 -8.47 -51.66 10.59
N GLU L 195 -7.81 -50.98 11.53
CA GLU L 195 -8.45 -49.95 12.36
C GLU L 195 -7.82 -48.56 12.15
N TRP L 196 -8.55 -47.50 12.53
CA TRP L 196 -8.06 -46.13 12.38
C TRP L 196 -7.83 -45.42 13.70
N VAL L 197 -6.87 -44.47 13.73
CA VAL L 197 -6.56 -43.69 14.92
C VAL L 197 -7.18 -42.30 14.81
N LEU L 198 -7.85 -41.84 15.87
CA LEU L 198 -8.48 -40.52 15.87
C LEU L 198 -7.59 -39.43 16.53
N CYS L 199 -8.14 -38.24 16.79
CA CYS L 199 -7.40 -37.11 17.37
C CYS L 199 -7.08 -37.29 18.85
N ASP L 200 -5.85 -36.98 19.23
CA ASP L 200 -5.40 -37.06 20.62
C ASP L 200 -4.60 -35.79 20.95
N SER L 201 -5.02 -35.05 21.99
CA SER L 201 -4.35 -33.82 22.40
C SER L 201 -3.14 -34.09 23.33
N GLN L 202 -2.29 -35.04 22.94
CA GLN L 202 -1.09 -35.46 23.67
C GLN L 202 0.03 -35.90 22.70
N GLY L 203 1.24 -36.11 23.23
CA GLY L 203 2.38 -36.55 22.44
C GLY L 203 2.13 -37.93 21.85
N GLU L 204 1.86 -37.97 20.52
CA GLU L 204 1.53 -39.19 19.78
C GLU L 204 0.16 -39.77 20.23
N SER L 205 -0.16 -41.04 19.90
CA SER L 205 -1.43 -41.64 20.33
C SER L 205 -1.46 -42.06 21.81
N CYS L 206 -0.37 -41.77 22.57
CA CYS L 206 -0.21 -42.08 23.99
C CYS L 206 -0.40 -43.57 24.28
N LYS L 207 0.66 -44.38 24.09
CA LYS L 207 0.66 -45.83 24.32
C LYS L 207 -0.39 -46.60 23.49
N GLU L 208 -0.24 -47.92 23.38
CA GLU L 208 -1.19 -48.74 22.62
C GLU L 208 -2.23 -49.39 23.53
N GLU L 209 -1.83 -49.79 24.74
CA GLU L 209 -2.75 -50.44 25.68
C GLU L 209 -3.24 -49.52 26.78
N SER L 210 -4.53 -49.09 26.68
CA SER L 210 -5.33 -48.25 27.59
C SER L 210 -5.55 -46.79 27.08
N PRO L 211 -4.54 -45.89 26.92
CA PRO L 211 -4.86 -44.53 26.45
C PRO L 211 -4.90 -44.46 24.93
N ALA L 212 -6.08 -44.68 24.35
CA ALA L 212 -6.23 -44.66 22.90
C ALA L 212 -7.35 -43.72 22.48
N VAL L 213 -7.19 -43.07 21.32
CA VAL L 213 -8.19 -42.15 20.79
C VAL L 213 -9.12 -42.87 19.82
N VAL L 214 -10.19 -43.49 20.36
CA VAL L 214 -11.25 -44.23 19.66
C VAL L 214 -10.85 -44.86 18.32
N LYS L 215 -10.68 -46.19 18.30
CA LYS L 215 -10.33 -46.90 17.07
C LYS L 215 -11.59 -47.27 16.29
N LYS L 216 -11.73 -46.76 15.07
CA LYS L 216 -12.90 -47.07 14.24
C LYS L 216 -12.51 -48.02 13.10
N GLU L 217 -12.59 -49.33 13.35
CA GLU L 217 -12.23 -50.35 12.36
C GLU L 217 -13.29 -50.46 11.27
N GLU L 218 -13.21 -49.60 10.25
CA GLU L 218 -14.18 -49.60 9.16
C GLU L 218 -13.58 -49.59 7.76
N LYS L 219 -12.25 -49.41 7.64
CA LYS L 219 -11.48 -49.37 6.39
C LYS L 219 -11.73 -48.08 5.60
N VAL L 220 -12.98 -47.82 5.19
CA VAL L 220 -13.32 -46.60 4.46
C VAL L 220 -13.46 -45.47 5.48
N LEU L 221 -12.52 -44.52 5.47
CA LEU L 221 -12.56 -43.42 6.43
C LEU L 221 -12.81 -42.06 5.78
N HIS L 222 -13.91 -41.41 6.14
CA HIS L 222 -14.24 -40.08 5.62
C HIS L 222 -13.79 -39.01 6.61
N GLU L 223 -14.02 -39.23 7.90
CA GLU L 223 -13.64 -38.30 8.95
C GLU L 223 -12.16 -38.41 9.31
N LEU L 224 -11.32 -37.61 8.63
CA LEU L 224 -9.87 -37.64 8.90
C LEU L 224 -9.25 -36.27 8.83
N PHE L 225 -9.27 -35.52 9.94
CA PHE L 225 -8.71 -34.18 10.00
C PHE L 225 -8.04 -33.89 11.35
N GLY L 226 -6.81 -33.36 11.30
CA GLY L 226 -6.04 -32.96 12.48
C GLY L 226 -5.83 -34.02 13.54
N MET L 227 -5.18 -35.12 13.16
CA MET L 227 -4.95 -36.23 14.08
C MET L 227 -3.76 -37.09 13.63
N ASP L 228 -3.28 -37.98 14.51
CA ASP L 228 -2.21 -38.90 14.15
C ASP L 228 -2.85 -40.03 13.35
N ILE L 229 -3.02 -39.82 12.03
CA ILE L 229 -3.68 -40.78 11.14
C ILE L 229 -2.88 -42.05 10.96
N ARG L 230 -3.40 -43.18 11.45
CA ARG L 230 -2.70 -44.45 11.32
C ARG L 230 -3.61 -45.65 11.12
N CYS L 231 -3.08 -46.66 10.42
CA CYS L 231 -3.80 -47.89 10.13
C CYS L 231 -2.96 -49.11 10.37
N CYS L 232 -3.34 -49.92 11.36
CA CYS L 232 -2.62 -51.13 11.68
C CYS L 232 -3.42 -52.36 11.26
N ALA L 233 -2.75 -53.36 10.70
CA ALA L 233 -3.42 -54.59 10.27
C ALA L 233 -3.08 -55.76 11.19
N ARG L 234 -4.05 -56.67 11.41
CA ARG L 234 -3.84 -57.83 12.26
C ARG L 234 -4.08 -59.14 11.50
N ASN L 235 -3.04 -59.70 10.89
CA ASN L 235 -3.14 -60.95 10.13
C ASN L 235 -2.58 -62.15 10.93
N GLU L 236 -2.62 -63.37 10.36
CA GLU L 236 -2.11 -64.57 11.04
C GLU L 236 -0.58 -64.61 11.20
N LEU L 237 0.15 -63.70 10.56
CA LEU L 237 1.61 -63.66 10.69
C LEU L 237 2.13 -62.57 11.64
N GLY L 238 1.27 -62.06 12.51
CA GLY L 238 1.64 -61.03 13.47
C GLY L 238 0.85 -59.74 13.29
N ARG L 239 1.57 -58.61 13.22
CA ARG L 239 0.92 -57.31 13.04
C ARG L 239 1.83 -56.33 12.31
N GLU L 240 1.39 -55.84 11.14
CA GLU L 240 2.14 -54.87 10.34
C GLU L 240 1.44 -53.51 10.40
N CYS L 241 2.09 -52.50 11.00
CA CYS L 241 1.50 -51.18 11.15
C CYS L 241 1.90 -50.22 10.03
N THR L 242 1.07 -49.19 9.80
CA THR L 242 1.33 -48.17 8.78
C THR L 242 1.01 -46.77 9.33
N ARG L 243 1.76 -45.75 8.91
CA ARG L 243 1.54 -44.39 9.38
C ARG L 243 1.32 -43.41 8.24
N LEU L 244 0.12 -42.84 8.15
CA LEU L 244 -0.20 -41.87 7.10
C LEU L 244 0.32 -40.49 7.51
N PHE L 245 1.22 -39.90 6.72
CA PHE L 245 1.79 -38.60 7.06
C PHE L 245 0.79 -37.45 7.01
N THR L 246 0.86 -36.56 8.01
CA THR L 246 0.02 -35.38 8.10
C THR L 246 0.84 -34.23 8.71
N ILE L 247 1.06 -33.14 7.94
CA ILE L 247 1.83 -31.99 8.42
C ILE L 247 0.92 -30.84 8.83
N ASP L 248 0.75 -30.63 10.15
CA ASP L 248 -0.12 -29.58 10.69
C ASP L 248 0.49 -28.20 10.57
N LEU L 249 -0.10 -27.34 9.74
CA LEU L 249 0.38 -25.97 9.56
C LEU L 249 0.05 -25.10 10.78
N ASN L 250 -1.04 -25.42 11.51
CA ASN L 250 -1.44 -24.68 12.71
C ASN L 250 -0.46 -24.88 13.87
N GLN L 251 0.17 -26.07 13.94
CA GLN L 251 1.15 -26.35 14.99
C GLN L 251 2.51 -25.69 14.68
N THR L 252 3.32 -25.50 15.73
CA THR L 252 4.66 -24.89 15.60
C THR L 252 5.59 -25.76 14.75
N PRO L 253 6.52 -25.15 14.00
CA PRO L 253 7.40 -25.95 13.13
C PRO L 253 8.37 -26.88 13.84
N GLN L 254 8.68 -28.02 13.20
CA GLN L 254 9.59 -29.03 13.73
C GLN L 254 11.01 -28.49 13.82
N THR L 255 11.42 -27.66 12.84
CA THR L 255 12.73 -27.00 12.73
C THR L 255 13.90 -27.99 12.76
N THR L 256 13.71 -29.19 12.23
CA THR L 256 14.76 -30.20 12.18
C THR L 256 14.84 -30.87 10.81
N LEU L 257 14.47 -30.14 9.74
CA LEU L 257 14.44 -30.62 8.35
C LEU L 257 13.61 -31.89 8.24
N PRO L 258 12.29 -31.77 8.16
CA PRO L 258 11.44 -32.97 8.10
C PRO L 258 11.63 -33.75 6.80
N GLN L 259 11.69 -35.08 6.88
CA GLN L 259 11.87 -35.93 5.70
C GLN L 259 11.05 -37.23 5.75
N LEU L 260 10.83 -37.84 4.57
CA LEU L 260 10.06 -39.08 4.48
C LEU L 260 10.48 -39.92 3.28
N PHE L 261 11.21 -41.02 3.52
CA PHE L 261 11.65 -41.91 2.44
C PHE L 261 10.51 -42.86 2.05
N LEU L 262 10.25 -43.02 0.75
CA LEU L 262 9.16 -43.87 0.27
C LEU L 262 9.65 -45.00 -0.65
N LYS L 263 9.02 -46.19 -0.55
CA LYS L 263 9.38 -47.36 -1.35
C LYS L 263 8.93 -47.18 -2.79
N VAL L 264 9.82 -47.50 -3.76
CA VAL L 264 9.52 -47.39 -5.19
C VAL L 264 8.34 -48.27 -5.57
N GLY L 265 7.19 -47.65 -5.82
CA GLY L 265 5.97 -48.35 -6.15
C GLY L 265 4.86 -48.11 -5.13
N GLU L 266 5.24 -48.00 -3.86
CA GLU L 266 4.27 -47.73 -2.79
C GLU L 266 3.82 -46.28 -2.90
N PRO L 267 2.50 -46.03 -2.85
CA PRO L 267 2.01 -44.66 -3.00
C PRO L 267 2.43 -43.70 -1.88
N LEU L 268 2.57 -42.41 -2.23
CA LEU L 268 2.97 -41.39 -1.26
C LEU L 268 1.83 -40.42 -0.95
N TRP L 269 1.46 -40.30 0.33
CA TRP L 269 0.37 -39.41 0.74
C TRP L 269 0.82 -38.37 1.76
N ILE L 270 0.46 -37.11 1.54
CA ILE L 270 0.81 -36.04 2.47
C ILE L 270 -0.32 -35.01 2.53
N ARG L 271 -0.91 -34.85 3.72
CA ARG L 271 -1.99 -33.90 3.95
C ARG L 271 -1.56 -32.73 4.83
N CYS L 272 -2.28 -31.60 4.77
CA CYS L 272 -1.97 -30.43 5.57
C CYS L 272 -3.15 -30.03 6.44
N LYS L 273 -3.03 -30.22 7.75
CA LYS L 273 -4.08 -29.90 8.71
C LYS L 273 -4.09 -28.42 9.04
N ALA L 274 -4.76 -27.62 8.20
CA ALA L 274 -4.83 -26.18 8.41
C ALA L 274 -6.05 -25.77 9.23
N VAL L 275 -5.85 -24.85 10.18
CA VAL L 275 -6.94 -24.34 11.02
C VAL L 275 -7.02 -22.82 10.91
N HIS L 276 -8.11 -22.30 10.33
CA HIS L 276 -8.29 -20.87 10.17
C HIS L 276 -9.67 -20.44 10.65
N VAL L 277 -9.74 -19.29 11.33
CA VAL L 277 -10.99 -18.76 11.87
C VAL L 277 -11.97 -18.43 10.75
N ASN L 278 -11.48 -17.77 9.71
CA ASN L 278 -12.32 -17.41 8.56
C ASN L 278 -12.26 -18.49 7.46
N HIS L 279 -13.26 -18.50 6.57
CA HIS L 279 -13.32 -19.46 5.46
C HIS L 279 -12.29 -19.17 4.35
N GLY L 280 -11.84 -17.92 4.25
CA GLY L 280 -10.89 -17.51 3.23
C GLY L 280 -9.46 -17.91 3.51
N PHE L 281 -9.13 -19.19 3.33
CA PHE L 281 -7.78 -19.71 3.53
C PHE L 281 -7.58 -20.95 2.66
N GLY L 282 -6.57 -20.92 1.79
CA GLY L 282 -6.30 -22.02 0.88
C GLY L 282 -4.86 -22.52 0.88
N LEU L 283 -4.70 -23.83 0.71
CA LEU L 283 -3.38 -24.47 0.72
C LEU L 283 -2.99 -24.91 -0.69
N THR L 284 -1.71 -24.78 -1.03
CA THR L 284 -1.22 -25.18 -2.34
C THR L 284 0.02 -26.08 -2.24
N TRP L 285 0.17 -27.03 -3.17
CA TRP L 285 1.32 -27.93 -3.16
C TRP L 285 2.30 -27.60 -4.29
N GLU L 286 3.58 -27.46 -3.95
CA GLU L 286 4.60 -27.13 -4.94
C GLU L 286 5.92 -27.77 -4.54
N LEU L 287 6.62 -28.40 -5.48
CA LEU L 287 7.90 -29.04 -5.16
C LEU L 287 9.07 -28.02 -5.11
N GLU L 288 9.61 -27.59 -6.25
CA GLU L 288 10.69 -26.61 -6.28
C GLU L 288 10.15 -25.37 -6.98
N ASN L 289 9.13 -24.76 -6.36
CA ASN L 289 8.40 -23.58 -6.87
C ASN L 289 7.57 -23.90 -8.13
N LYS L 290 7.21 -25.17 -8.34
CA LYS L 290 6.42 -25.62 -9.48
C LYS L 290 5.17 -26.33 -8.96
N ALA L 291 4.00 -25.99 -9.53
CA ALA L 291 2.70 -26.53 -9.13
C ALA L 291 2.59 -28.06 -9.12
N LEU L 292 1.67 -28.59 -8.30
CA LEU L 292 1.45 -30.04 -8.18
C LEU L 292 0.80 -30.63 -9.43
N GLU L 293 1.08 -31.91 -9.72
CA GLU L 293 0.53 -32.62 -10.87
C GLU L 293 -0.99 -32.71 -10.82
N GLU L 294 -1.63 -32.94 -11.98
CA GLU L 294 -3.09 -33.06 -12.04
C GLU L 294 -3.59 -34.23 -11.19
N GLY L 295 -2.83 -35.32 -11.17
CA GLY L 295 -3.16 -36.47 -10.35
C GLY L 295 -2.52 -36.38 -8.97
N ASN L 296 -2.96 -35.39 -8.17
CA ASN L 296 -2.45 -35.14 -6.83
C ASN L 296 -3.39 -34.24 -6.01
N TYR L 297 -4.12 -33.35 -6.68
CA TYR L 297 -5.01 -32.41 -6.02
C TYR L 297 -6.26 -33.08 -5.45
N PHE L 298 -6.53 -32.84 -4.16
CA PHE L 298 -7.69 -33.41 -3.46
C PHE L 298 -8.07 -32.48 -2.31
N GLU L 299 -9.26 -31.88 -2.38
CA GLU L 299 -9.71 -30.97 -1.33
C GLU L 299 -10.78 -31.58 -0.42
N MET L 300 -10.66 -31.33 0.89
CA MET L 300 -11.62 -31.83 1.87
C MET L 300 -11.72 -30.81 3.00
N SER L 301 -12.50 -29.75 2.79
CA SER L 301 -12.65 -28.70 3.81
C SER L 301 -13.84 -28.96 4.74
N THR L 302 -13.58 -29.17 6.03
CA THR L 302 -14.65 -29.42 7.00
C THR L 302 -14.84 -28.22 7.92
N TYR L 303 -16.10 -27.94 8.32
CA TYR L 303 -16.38 -26.80 9.19
C TYR L 303 -16.65 -27.26 10.62
N SER L 304 -15.93 -26.70 11.59
CA SER L 304 -16.05 -27.06 13.00
C SER L 304 -16.03 -25.85 13.93
N THR L 305 -16.57 -26.02 15.16
CA THR L 305 -16.68 -25.02 16.24
C THR L 305 -17.44 -23.73 15.77
N ASN L 306 -17.53 -22.68 16.61
CA ASN L 306 -18.24 -21.44 16.27
C ASN L 306 -17.65 -20.70 15.07
N ARG L 307 -18.38 -20.74 13.94
CA ARG L 307 -18.02 -20.10 12.68
C ARG L 307 -16.55 -20.21 12.31
N THR L 308 -15.99 -21.43 12.32
CA THR L 308 -14.59 -21.64 11.98
C THR L 308 -14.42 -22.77 10.96
N MET L 309 -13.38 -22.69 10.13
CA MET L 309 -13.14 -23.71 9.12
C MET L 309 -11.79 -24.42 9.27
N ILE L 310 -11.68 -25.65 8.75
CA ILE L 310 -10.46 -26.44 8.81
C ILE L 310 -10.31 -27.23 7.51
N ARG L 311 -9.44 -26.75 6.60
CA ARG L 311 -9.25 -27.41 5.31
C ARG L 311 -8.01 -28.30 5.26
N ILE L 312 -8.03 -29.31 4.36
CA ILE L 312 -6.93 -30.23 4.20
C ILE L 312 -6.62 -30.47 2.72
N LEU L 313 -5.41 -30.14 2.27
CA LEU L 313 -5.02 -30.33 0.88
C LEU L 313 -4.14 -31.58 0.78
N PHE L 314 -4.73 -32.71 0.40
CA PHE L 314 -4.00 -33.97 0.30
C PHE L 314 -3.21 -34.06 -1.00
N ALA L 315 -2.05 -34.72 -0.97
CA ALA L 315 -1.24 -34.89 -2.17
C ALA L 315 -1.15 -36.37 -2.53
N PHE L 316 -1.88 -36.76 -3.56
CA PHE L 316 -1.93 -38.15 -4.00
C PHE L 316 -0.78 -38.50 -4.93
N VAL L 317 -0.17 -39.68 -4.73
CA VAL L 317 0.93 -40.16 -5.58
C VAL L 317 0.67 -41.62 -5.97
N SER L 318 0.63 -41.93 -7.26
CA SER L 318 0.41 -43.29 -7.73
C SER L 318 1.74 -43.91 -8.11
N SER L 319 2.30 -44.75 -7.23
CA SER L 319 3.59 -45.43 -7.42
C SER L 319 4.76 -44.46 -7.60
N VAL L 320 5.63 -44.36 -6.60
CA VAL L 320 6.76 -43.43 -6.68
C VAL L 320 7.89 -43.99 -7.56
N ALA L 321 8.69 -43.06 -8.12
CA ALA L 321 9.84 -43.31 -8.97
C ALA L 321 10.85 -42.11 -8.85
N ARG L 322 12.02 -42.14 -9.55
CA ARG L 322 13.04 -41.09 -9.50
C ARG L 322 12.50 -39.66 -9.74
N ASN L 323 11.40 -39.51 -10.49
CA ASN L 323 10.78 -38.20 -10.77
C ASN L 323 10.18 -37.57 -9.51
N ASP L 324 9.77 -38.37 -8.53
CA ASP L 324 9.20 -37.86 -7.30
C ASP L 324 10.22 -37.66 -6.18
N THR L 325 11.54 -37.69 -6.50
CA THR L 325 12.59 -37.52 -5.51
C THR L 325 13.00 -36.06 -5.37
N GLY L 326 12.29 -35.33 -4.53
CA GLY L 326 12.56 -33.92 -4.28
C GLY L 326 11.85 -33.38 -3.05
N TYR L 327 12.29 -32.20 -2.58
CA TYR L 327 11.68 -31.58 -1.40
C TYR L 327 10.31 -30.96 -1.72
N TYR L 328 9.23 -31.45 -1.09
CA TYR L 328 7.88 -30.95 -1.31
C TYR L 328 7.46 -29.89 -0.28
N THR L 329 6.99 -28.73 -0.76
CA THR L 329 6.58 -27.60 0.07
C THR L 329 5.05 -27.42 0.05
N CYS L 330 4.46 -26.97 1.18
CA CYS L 330 3.02 -26.74 1.24
C CYS L 330 2.67 -25.41 1.91
N SER L 331 2.60 -24.33 1.12
CA SER L 331 2.30 -22.99 1.63
C SER L 331 0.80 -22.69 1.64
N SER L 332 0.36 -21.81 2.54
CA SER L 332 -1.05 -21.44 2.65
C SER L 332 -1.29 -19.93 2.50
N SER L 333 -2.53 -19.52 2.20
CA SER L 333 -2.91 -18.12 2.00
C SER L 333 -2.67 -17.24 3.22
N LYS L 334 -3.07 -17.70 4.41
CA LYS L 334 -2.86 -16.92 5.64
C LYS L 334 -2.11 -17.71 6.70
N HIS L 335 -1.22 -18.62 6.29
CA HIS L 335 -0.46 -19.44 7.21
C HIS L 335 0.97 -19.61 6.70
N PRO L 336 1.97 -19.64 7.60
CA PRO L 336 3.37 -19.78 7.14
C PRO L 336 3.69 -21.04 6.33
N SER L 337 4.73 -20.96 5.49
CA SER L 337 5.16 -22.05 4.62
C SER L 337 5.94 -23.17 5.31
N GLN L 338 5.27 -24.32 5.53
CA GLN L 338 5.89 -25.49 6.14
C GLN L 338 6.27 -26.48 5.03
N SER L 339 7.45 -27.11 5.13
CA SER L 339 7.92 -28.01 4.08
C SER L 339 8.54 -29.31 4.60
N ALA L 340 8.59 -30.35 3.74
CA ALA L 340 9.19 -31.64 4.09
C ALA L 340 9.78 -32.34 2.86
N LEU L 341 11.06 -32.73 2.94
CA LEU L 341 11.75 -33.40 1.84
C LEU L 341 11.28 -34.83 1.64
N VAL L 342 11.27 -35.32 0.40
CA VAL L 342 10.84 -36.67 0.10
C VAL L 342 11.87 -37.37 -0.80
N THR L 343 12.46 -38.47 -0.33
CA THR L 343 13.45 -39.20 -1.10
C THR L 343 12.97 -40.59 -1.55
N ILE L 344 13.34 -40.98 -2.79
CA ILE L 344 13.04 -42.29 -3.38
C ILE L 344 14.12 -43.26 -2.90
N VAL L 345 13.73 -44.43 -2.41
CA VAL L 345 14.70 -45.36 -1.83
C VAL L 345 15.46 -46.24 -2.82
N GLU L 346 14.78 -46.94 -3.76
CA GLU L 346 15.39 -47.90 -4.68
C GLU L 346 15.94 -49.05 -3.81
N LYS L 347 15.02 -49.72 -3.08
CA LYS L 347 15.26 -50.80 -2.11
C LYS L 347 15.61 -50.25 -0.73
N GLY L 348 15.07 -50.90 0.31
CA GLY L 348 15.24 -50.52 1.70
C GLY L 348 16.63 -50.10 2.14
N PHE L 349 16.73 -49.02 2.93
CA PHE L 349 18.01 -48.53 3.41
C PHE L 349 18.07 -48.44 4.94
N ILE L 350 19.21 -48.85 5.53
CA ILE L 350 19.44 -48.84 6.97
C ILE L 350 20.79 -48.18 7.26
N ASN L 351 20.78 -47.04 7.93
CA ASN L 351 22.01 -46.33 8.28
C ASN L 351 22.14 -46.18 9.78
N ALA L 352 23.37 -46.29 10.30
CA ALA L 352 23.62 -46.14 11.73
C ALA L 352 25.02 -45.58 11.99
N THR L 353 25.09 -44.42 12.67
CA THR L 353 26.36 -43.79 12.97
C THR L 353 27.07 -44.57 14.07
N ASN L 354 28.25 -45.12 13.75
CA ASN L 354 29.04 -45.91 14.68
C ASN L 354 29.87 -45.04 15.63
N SER L 355 30.11 -45.55 16.85
CA SER L 355 30.89 -44.85 17.86
C SER L 355 31.88 -45.82 18.56
N SER L 356 32.61 -45.36 19.61
CA SER L 356 33.55 -46.21 20.34
C SER L 356 32.84 -47.43 20.93
N GLU L 357 33.24 -48.63 20.50
CA GLU L 357 32.62 -49.88 20.91
C GLU L 357 32.82 -50.26 22.37
N ASP L 358 34.04 -50.09 22.90
CA ASP L 358 34.34 -50.49 24.27
C ASP L 358 34.12 -49.38 25.29
N TYR L 359 33.55 -49.72 26.46
CA TYR L 359 33.29 -48.73 27.50
C TYR L 359 33.94 -49.09 28.84
N GLU L 360 34.46 -48.07 29.54
CA GLU L 360 35.06 -48.25 30.86
C GLU L 360 34.08 -47.80 31.95
N ILE L 361 32.90 -48.46 32.00
CA ILE L 361 31.84 -48.12 32.93
C ILE L 361 32.14 -48.55 34.36
N ASP L 362 31.76 -47.71 35.33
CA ASP L 362 31.95 -48.01 36.74
C ASP L 362 30.76 -48.82 37.32
N GLN L 363 30.83 -49.23 38.60
CA GLN L 363 29.75 -49.98 39.25
C GLN L 363 28.48 -49.15 39.40
N TYR L 364 28.65 -47.86 39.72
CA TYR L 364 27.52 -46.94 39.87
C TYR L 364 27.03 -46.39 38.51
N GLU L 365 25.95 -45.57 38.51
CA GLU L 365 25.33 -44.93 37.35
C GLU L 365 24.78 -45.94 36.31
N GLU L 366 23.81 -45.50 35.49
CA GLU L 366 23.22 -46.37 34.48
C GLU L 366 23.73 -45.99 33.08
N PHE L 367 24.95 -46.41 32.75
CA PHE L 367 25.53 -46.12 31.45
C PHE L 367 24.80 -46.93 30.39
N CYS L 368 23.86 -46.29 29.69
CA CYS L 368 23.03 -46.93 28.69
C CYS L 368 23.72 -47.13 27.35
N PHE L 369 23.34 -48.19 26.62
CA PHE L 369 23.91 -48.46 25.30
C PHE L 369 22.84 -48.21 24.24
N SER L 370 22.87 -47.02 23.62
CA SER L 370 21.90 -46.63 22.61
C SER L 370 22.43 -46.70 21.19
N VAL L 371 21.53 -46.85 20.21
CA VAL L 371 21.93 -46.91 18.81
C VAL L 371 21.22 -45.85 17.97
N ARG L 372 21.98 -45.07 17.20
CA ARG L 372 21.41 -44.03 16.36
C ARG L 372 21.14 -44.58 14.98
N PHE L 373 19.96 -45.18 14.77
CA PHE L 373 19.62 -45.77 13.48
C PHE L 373 18.48 -45.08 12.76
N LYS L 374 18.72 -44.68 11.52
CA LYS L 374 17.71 -44.06 10.66
C LYS L 374 17.49 -45.08 9.55
N ALA L 375 16.27 -45.63 9.42
CA ALA L 375 16.04 -46.67 8.42
C ALA L 375 14.62 -46.75 7.87
N TYR L 376 14.49 -47.25 6.63
CA TYR L 376 13.20 -47.49 5.99
C TYR L 376 13.25 -48.91 5.40
N PRO L 377 12.22 -49.74 5.63
CA PRO L 377 10.99 -49.47 6.38
C PRO L 377 11.15 -49.73 7.89
N GLN L 378 10.08 -50.07 8.62
CA GLN L 378 10.12 -50.32 10.08
C GLN L 378 11.25 -51.28 10.48
N ILE L 379 12.24 -50.78 11.23
CA ILE L 379 13.39 -51.56 11.66
C ILE L 379 13.06 -52.52 12.80
N ARG L 380 13.00 -53.82 12.50
CA ARG L 380 12.75 -54.82 13.52
C ARG L 380 14.05 -55.08 14.25
N CYS L 381 14.14 -54.68 15.54
CA CYS L 381 15.37 -54.86 16.30
C CYS L 381 15.21 -55.73 17.53
N THR L 382 16.30 -56.38 17.97
CA THR L 382 16.33 -57.24 19.15
C THR L 382 17.75 -57.28 19.69
N TRP L 383 17.90 -57.17 21.02
CA TRP L 383 19.22 -57.20 21.64
C TRP L 383 19.61 -58.58 22.14
N THR L 384 20.41 -59.32 21.35
CA THR L 384 20.86 -60.66 21.73
C THR L 384 22.00 -60.59 22.75
N PHE L 385 21.90 -61.35 23.85
CA PHE L 385 22.91 -61.31 24.90
C PHE L 385 22.90 -62.61 25.68
N SER L 386 23.88 -63.48 25.39
CA SER L 386 24.09 -64.82 25.96
C SER L 386 23.05 -65.82 25.49
N ARG L 387 21.76 -65.52 25.61
CA ARG L 387 20.70 -66.41 25.14
C ARG L 387 19.39 -65.68 24.93
N LYS L 388 19.10 -64.65 25.74
CA LYS L 388 17.81 -63.96 25.64
C LYS L 388 17.89 -62.68 24.81
N SER L 389 16.81 -62.39 24.09
CA SER L 389 16.74 -61.19 23.27
C SER L 389 15.67 -60.23 23.79
N PHE L 390 16.00 -58.94 23.87
CA PHE L 390 15.06 -57.95 24.36
C PHE L 390 14.61 -57.03 23.22
N PRO L 391 13.40 -57.22 22.70
CA PRO L 391 12.92 -56.37 21.60
C PRO L 391 12.60 -54.96 22.10
N CYS L 392 13.10 -53.93 21.41
CA CYS L 392 12.85 -52.54 21.84
C CYS L 392 12.89 -51.55 20.68
N GLU L 393 11.73 -50.97 20.34
CA GLU L 393 11.64 -49.97 19.28
C GLU L 393 11.34 -48.60 19.87
N GLN L 394 11.99 -47.55 19.37
CA GLN L 394 11.78 -46.19 19.87
C GLN L 394 11.94 -45.13 18.78
N LYS L 395 11.38 -43.93 19.00
CA LYS L 395 11.47 -42.84 18.03
C LYS L 395 12.43 -41.75 18.49
N ASP L 398 15.55 -34.96 17.26
CA ASP L 398 14.52 -35.97 17.43
C ASP L 398 13.99 -36.41 16.07
N ASN L 399 13.71 -35.45 15.18
CA ASN L 399 13.21 -35.76 13.85
C ASN L 399 14.31 -36.10 12.82
N GLY L 400 15.58 -35.88 13.18
CA GLY L 400 16.71 -36.19 12.32
C GLY L 400 16.96 -37.68 12.20
N TYR L 401 16.63 -38.43 13.26
CA TYR L 401 16.78 -39.89 13.33
C TYR L 401 15.95 -40.49 14.50
N SER L 402 15.75 -41.82 14.51
CA SER L 402 15.00 -42.48 15.58
C SER L 402 15.92 -43.45 16.33
N ILE L 403 16.39 -43.05 17.53
CA ILE L 403 17.30 -43.87 18.32
C ILE L 403 16.59 -44.71 19.39
N SER L 404 17.24 -45.79 19.85
CA SER L 404 16.68 -46.65 20.89
C SER L 404 17.78 -47.16 21.81
N LYS L 405 17.53 -47.19 23.12
CA LYS L 405 18.54 -47.61 24.08
C LYS L 405 18.25 -48.99 24.70
N PHE L 406 19.28 -49.66 25.22
CA PHE L 406 19.14 -50.96 25.89
C PHE L 406 19.69 -50.83 27.30
N CYS L 407 18.83 -50.51 28.27
CA CYS L 407 19.27 -50.30 29.64
C CYS L 407 19.07 -51.49 30.56
N ASN L 408 19.13 -52.70 30.01
CA ASN L 408 18.99 -53.91 30.82
C ASN L 408 20.37 -54.46 31.20
N HIS L 409 21.33 -53.58 31.50
CA HIS L 409 22.68 -53.98 31.87
C HIS L 409 22.71 -54.67 33.23
N LYS L 410 22.16 -54.02 34.27
CA LYS L 410 22.10 -54.54 35.64
C LYS L 410 23.42 -55.12 36.14
N HIS L 411 24.54 -54.45 35.83
CA HIS L 411 25.89 -54.85 36.21
C HIS L 411 26.28 -56.24 35.69
N GLN L 412 25.99 -56.52 34.42
CA GLN L 412 26.34 -57.80 33.81
C GLN L 412 27.27 -57.53 32.65
N PRO L 413 28.59 -57.50 32.88
CA PRO L 413 29.53 -57.19 31.80
C PRO L 413 29.67 -58.29 30.74
N GLY L 414 30.24 -57.94 29.59
CA GLY L 414 30.44 -58.86 28.48
C GLY L 414 30.08 -58.26 27.14
N GLU L 415 29.86 -59.10 26.13
CA GLU L 415 29.52 -58.64 24.79
C GLU L 415 28.01 -58.52 24.55
N TYR L 416 27.57 -57.35 24.10
CA TYR L 416 26.15 -57.10 23.83
C TYR L 416 25.87 -56.91 22.36
N ILE L 417 25.43 -57.98 21.71
CA ILE L 417 25.14 -58.01 20.29
C ILE L 417 23.73 -57.44 20.01
N PHE L 418 23.61 -56.59 18.98
CA PHE L 418 22.36 -55.96 18.58
C PHE L 418 22.08 -56.19 17.09
N HIS L 419 20.91 -56.77 16.77
CA HIS L 419 20.53 -56.99 15.38
C HIS L 419 19.37 -56.09 14.97
N ALA L 420 19.30 -55.76 13.68
CA ALA L 420 18.24 -54.92 13.12
C ALA L 420 18.00 -55.36 11.68
N GLU L 421 17.04 -56.28 11.47
CA GLU L 421 16.76 -56.80 10.14
C GLU L 421 15.42 -56.32 9.57
N ASN L 422 15.45 -55.26 8.78
CA ASN L 422 14.24 -54.75 8.12
C ASN L 422 14.06 -55.45 6.76
N ASP L 423 12.89 -55.28 6.11
CA ASP L 423 12.64 -55.90 4.80
C ASP L 423 13.59 -55.29 3.77
N ASP L 424 14.34 -56.16 3.07
CA ASP L 424 15.33 -55.86 2.03
C ASP L 424 16.75 -55.63 2.58
N ALA L 425 16.90 -55.11 3.82
CA ALA L 425 18.24 -54.88 4.36
C ALA L 425 18.47 -55.47 5.75
N GLN L 426 19.72 -55.82 6.06
CA GLN L 426 20.08 -56.39 7.35
C GLN L 426 21.21 -55.61 8.02
N PHE L 427 21.23 -55.58 9.36
CA PHE L 427 22.27 -54.88 10.11
C PHE L 427 22.56 -55.53 11.46
N THR L 428 23.82 -55.49 11.90
CA THR L 428 24.24 -56.04 13.19
C THR L 428 25.35 -55.18 13.80
N LYS L 429 25.37 -55.06 15.13
CA LYS L 429 26.38 -54.26 15.84
C LYS L 429 26.61 -54.78 17.25
N MET L 430 27.85 -55.18 17.58
CA MET L 430 28.14 -55.70 18.92
C MET L 430 28.92 -54.70 19.76
N PHE L 431 28.61 -54.63 21.06
CA PHE L 431 29.27 -53.73 22.00
C PHE L 431 30.02 -54.48 23.12
N THR L 432 30.91 -53.80 23.85
CA THR L 432 31.66 -54.43 24.93
C THR L 432 31.78 -53.52 26.16
N LEU L 433 31.20 -53.96 27.29
CA LEU L 433 31.22 -53.19 28.52
C LEU L 433 32.05 -53.87 29.59
N ASN L 434 32.89 -53.11 30.29
CA ASN L 434 33.74 -53.65 31.34
C ASN L 434 32.97 -53.85 32.66
N ILE L 435 33.55 -54.58 33.61
CA ILE L 435 32.92 -54.83 34.90
C ILE L 435 33.33 -53.79 35.94
N ARG L 436 34.61 -53.37 35.90
CA ARG L 436 35.20 -52.39 36.82
C ARG L 436 35.15 -52.84 38.28
N ARG L 437 35.38 -54.12 38.53
CA ARG L 437 35.36 -54.66 39.88
C ARG L 437 36.75 -54.61 40.51
N LYS L 438 36.81 -54.32 41.81
CA LYS L 438 38.08 -54.27 42.55
C LYS L 438 38.80 -55.63 42.78
N PRO L 439 38.14 -56.78 42.50
CA PRO L 439 38.85 -57.98 42.03
C PRO L 439 39.74 -58.63 43.08
N GLN L 440 39.10 -59.30 44.05
CA GLN L 440 39.77 -60.02 45.13
C GLN L 440 40.30 -61.33 44.55
N VAL L 441 41.57 -61.63 44.80
CA VAL L 441 42.19 -62.86 44.31
C VAL L 441 41.88 -64.01 45.26
N LEU L 442 41.08 -64.99 44.80
CA LEU L 442 40.72 -66.12 45.64
C LEU L 442 40.64 -67.44 44.88
N ALA L 443 40.47 -67.39 43.55
CA ALA L 443 40.35 -68.60 42.72
C ALA L 443 41.70 -69.26 42.37
N GLU L 444 42.37 -69.81 43.38
CA GLU L 444 43.64 -70.48 43.18
C GLU L 444 43.39 -71.95 42.83
N ALA L 445 44.19 -72.50 41.91
CA ALA L 445 44.05 -73.91 41.53
C ALA L 445 45.18 -74.72 42.14
N SER L 446 44.83 -75.69 42.99
CA SER L 446 45.82 -76.52 43.65
C SER L 446 46.42 -77.59 42.74
N ALA L 447 47.35 -77.19 41.87
CA ALA L 447 48.01 -78.12 40.96
C ALA L 447 49.22 -78.69 41.68
N SER L 448 49.39 -80.00 41.65
CA SER L 448 50.53 -80.64 42.31
C SER L 448 51.76 -80.71 41.39
N GLN L 449 51.55 -80.81 40.06
CA GLN L 449 52.62 -80.93 39.06
C GLN L 449 53.52 -79.69 38.94
N ALA L 450 54.70 -79.75 39.59
CA ALA L 450 55.77 -78.74 39.65
C ALA L 450 55.39 -77.43 40.38
N SER L 451 54.31 -76.75 39.96
CA SER L 451 53.89 -75.50 40.59
C SER L 451 52.38 -75.28 40.48
N CYS L 452 51.75 -74.76 41.53
CA CYS L 452 50.31 -74.52 41.54
C CYS L 452 49.98 -73.17 40.91
N PHE L 453 49.08 -73.16 39.94
CA PHE L 453 48.69 -71.92 39.28
C PHE L 453 47.70 -71.15 40.13
N SER L 454 48.09 -69.96 40.62
CA SER L 454 47.21 -69.14 41.43
C SER L 454 46.68 -67.99 40.57
N ASP L 455 45.36 -67.97 40.30
CA ASP L 455 44.77 -66.95 39.43
C ASP L 455 43.83 -65.97 40.13
N GLY L 456 43.91 -64.71 39.72
CA GLY L 456 43.06 -63.66 40.26
C GLY L 456 42.08 -63.15 39.24
N TYR L 457 40.82 -62.96 39.64
CA TYR L 457 39.78 -62.49 38.73
C TYR L 457 39.00 -61.30 39.31
N PRO L 458 38.79 -60.22 38.53
CA PRO L 458 37.54 -60.13 37.77
C PRO L 458 37.70 -59.43 36.40
N LEU L 459 37.45 -58.10 36.29
CA LEU L 459 37.55 -57.35 35.04
C LEU L 459 37.72 -55.83 35.31
N PRO L 460 37.94 -54.98 34.30
CA PRO L 460 39.00 -55.05 33.28
C PRO L 460 40.38 -54.85 33.88
N SER L 461 40.53 -53.88 34.79
CA SER L 461 41.82 -53.62 35.42
C SER L 461 42.13 -54.67 36.48
N TRP L 462 42.89 -55.70 36.11
CA TRP L 462 43.25 -56.76 37.04
C TRP L 462 44.71 -57.13 36.88
N THR L 463 45.47 -57.18 37.99
CA THR L 463 46.87 -57.56 37.94
C THR L 463 47.21 -58.47 39.11
N TRP L 464 47.75 -59.65 38.82
CA TRP L 464 48.13 -60.61 39.85
C TRP L 464 49.63 -60.56 40.06
N LYS L 465 50.09 -60.20 41.26
CA LYS L 465 51.51 -60.11 41.57
C LYS L 465 51.77 -60.34 43.06
N LYS L 466 52.28 -61.52 43.41
CA LYS L 466 52.57 -61.85 44.80
C LYS L 466 53.95 -61.35 45.20
N CYS L 474 55.55 -63.30 54.61
CA CYS L 474 55.24 -61.88 54.75
C CYS L 474 56.05 -61.01 53.79
N THR L 475 57.36 -61.26 53.67
CA THR L 475 58.23 -60.47 52.78
C THR L 475 58.06 -60.87 51.30
N GLU L 476 58.54 -60.02 50.38
CA GLU L 476 58.44 -60.28 48.94
C GLU L 476 59.38 -61.38 48.47
N GLU L 477 58.90 -62.24 47.56
CA GLU L 477 59.71 -63.32 47.02
C GLU L 477 60.04 -63.06 45.55
N ILE L 478 61.28 -63.31 45.17
CA ILE L 478 61.73 -63.12 43.78
C ILE L 478 61.41 -64.34 42.89
N THR L 479 61.58 -64.19 41.55
CA THR L 479 61.35 -65.21 40.52
C THR L 479 59.90 -65.69 40.47
N GLU L 480 59.19 -65.33 39.39
CA GLU L 480 57.80 -65.72 39.19
C GLU L 480 57.65 -66.52 37.87
N GLY L 481 56.55 -67.25 37.75
CA GLY L 481 56.28 -68.06 36.56
C GLY L 481 55.62 -67.29 35.45
N VAL L 482 54.37 -67.67 35.11
CA VAL L 482 53.62 -67.01 34.04
C VAL L 482 53.11 -65.62 34.41
N TRP L 483 52.71 -64.82 33.43
CA TRP L 483 52.18 -63.47 33.68
C TRP L 483 50.89 -63.20 32.90
N ASN L 484 50.10 -64.27 32.64
CA ASN L 484 48.83 -64.25 31.90
C ASN L 484 49.00 -63.69 30.45
N ARG L 485 48.75 -62.38 30.20
CA ARG L 485 48.86 -61.72 28.88
C ARG L 485 48.17 -62.50 27.76
N LYS L 486 46.92 -62.16 27.46
CA LYS L 486 46.14 -62.82 26.41
C LYS L 486 45.10 -61.88 25.80
N ALA L 487 44.75 -62.10 24.53
CA ALA L 487 43.77 -61.25 23.85
C ALA L 487 42.34 -61.58 24.28
N ASN L 488 41.47 -60.55 24.35
CA ASN L 488 40.08 -60.72 24.75
C ASN L 488 39.21 -61.31 23.61
N ARG L 489 38.04 -61.87 23.98
CA ARG L 489 37.08 -62.50 23.06
C ARG L 489 37.67 -63.69 22.32
N LYS L 490 37.96 -64.77 23.04
CA LYS L 490 38.55 -65.97 22.45
C LYS L 490 37.68 -67.21 22.69
N VAL L 491 36.51 -67.27 22.02
CA VAL L 491 35.52 -68.35 22.08
C VAL L 491 34.93 -68.60 23.48
N PHE L 492 33.69 -69.11 23.53
CA PHE L 492 33.03 -69.39 24.80
C PHE L 492 33.32 -70.80 25.30
N GLY L 493 33.25 -70.99 26.61
CA GLY L 493 33.50 -72.30 27.21
C GLY L 493 33.17 -72.37 28.68
N GLN L 494 34.12 -71.98 29.54
CA GLN L 494 33.92 -72.03 30.98
C GLN L 494 33.55 -70.66 31.56
N TRP L 495 32.87 -70.66 32.72
CA TRP L 495 32.47 -69.44 33.39
C TRP L 495 33.66 -68.77 34.09
N VAL L 496 33.67 -67.42 34.11
CA VAL L 496 34.67 -66.54 34.72
C VAL L 496 36.07 -66.66 34.08
N SER L 497 36.77 -65.53 33.96
CA SER L 497 38.12 -65.49 33.40
C SER L 497 39.09 -64.83 34.38
N SER L 498 40.24 -65.47 34.60
CA SER L 498 41.22 -64.96 35.55
C SER L 498 42.62 -64.79 34.93
N SER L 499 43.49 -64.02 35.60
CA SER L 499 44.86 -63.79 35.13
C SER L 499 45.84 -64.54 36.03
N THR L 500 46.22 -65.77 35.65
CA THR L 500 47.12 -66.58 36.44
C THR L 500 48.55 -66.04 36.39
N LEU L 501 49.23 -65.98 37.54
CA LEU L 501 50.59 -65.48 37.61
C LEU L 501 51.41 -66.10 38.75
N ASN L 502 51.41 -67.45 38.84
CA ASN L 502 52.16 -68.13 39.88
C ASN L 502 52.65 -69.52 39.45
N MET L 503 53.98 -69.69 39.41
CA MET L 503 54.62 -70.96 39.02
C MET L 503 56.08 -70.94 39.50
N SER L 504 56.29 -71.14 40.80
CA SER L 504 57.64 -71.14 41.38
C SER L 504 58.09 -72.52 41.86
N GLU L 505 59.42 -72.70 42.01
CA GLU L 505 59.99 -73.97 42.45
C GLU L 505 60.68 -73.91 43.82
N ALA L 506 60.67 -72.75 44.50
CA ALA L 506 61.31 -72.60 45.80
C ALA L 506 60.53 -73.32 46.91
N ILE L 507 61.24 -73.83 47.92
CA ILE L 507 60.61 -74.57 49.01
C ILE L 507 60.22 -73.67 50.19
N LYS L 508 59.03 -73.08 50.13
CA LYS L 508 58.54 -72.22 51.19
C LYS L 508 57.61 -72.95 52.17
N GLY L 509 56.97 -74.01 51.73
CA GLY L 509 56.05 -74.77 52.55
C GLY L 509 54.64 -74.21 52.42
N PHE L 510 53.93 -74.08 53.55
CA PHE L 510 52.57 -73.56 53.54
C PHE L 510 52.58 -72.04 53.41
N LEU L 511 52.21 -71.52 52.24
CA LEU L 511 52.17 -70.08 52.00
C LEU L 511 51.09 -69.70 50.97
N VAL L 512 51.08 -70.36 49.80
CA VAL L 512 50.15 -70.16 48.67
C VAL L 512 50.14 -68.73 48.13
N LYS L 513 50.48 -68.56 46.85
CA LYS L 513 50.55 -67.27 46.16
C LYS L 513 49.14 -66.65 45.87
N CYS L 514 49.08 -65.58 45.05
CA CYS L 514 47.91 -64.81 44.63
C CYS L 514 47.65 -63.60 45.51
N CYS L 515 48.08 -62.43 45.05
CA CYS L 515 47.88 -61.14 45.70
C CYS L 515 47.63 -60.15 44.60
N ALA L 516 46.36 -59.79 44.39
CA ALA L 516 45.99 -58.86 43.33
C ALA L 516 46.24 -57.42 43.71
N TYR L 517 46.72 -56.64 42.74
CA TYR L 517 46.98 -55.22 42.92
C TYR L 517 46.37 -54.49 41.73
N ASN L 518 45.57 -53.46 41.98
CA ASN L 518 44.94 -52.68 40.91
C ASN L 518 44.66 -51.24 41.38
N SER L 519 44.18 -50.38 40.47
CA SER L 519 43.84 -49.00 40.80
C SER L 519 42.76 -48.91 41.87
N LEU L 520 41.82 -49.88 41.89
CA LEU L 520 40.74 -49.89 42.87
C LEU L 520 41.17 -50.36 44.25
N GLY L 521 42.21 -51.19 44.32
CA GLY L 521 42.70 -51.69 45.60
C GLY L 521 43.51 -52.97 45.53
N THR L 522 43.61 -53.66 46.68
CA THR L 522 44.35 -54.92 46.82
C THR L 522 43.59 -55.95 47.66
N SER L 523 43.92 -57.23 47.45
CA SER L 523 43.37 -58.41 48.14
C SER L 523 44.29 -59.62 47.89
N CYS L 524 44.18 -60.68 48.71
CA CYS L 524 45.03 -61.87 48.54
C CYS L 524 44.32 -63.18 48.95
N GLU L 525 44.83 -64.31 48.43
CA GLU L 525 44.30 -65.65 48.68
C GLU L 525 45.01 -66.35 49.87
N THR L 526 44.59 -67.58 50.22
CA THR L 526 45.16 -68.33 51.33
C THR L 526 46.65 -68.60 51.16
N THR M 22 41.00 3.88 -29.56
CA THR M 22 40.17 4.55 -28.57
C THR M 22 38.73 4.03 -28.58
N GLN M 23 38.25 3.56 -29.75
CA GLN M 23 36.90 3.04 -29.90
C GLN M 23 36.87 1.51 -29.79
N ASP M 24 35.70 0.93 -29.49
CA ASP M 24 35.56 -0.51 -29.36
C ASP M 24 35.84 -1.20 -30.67
N CYS M 25 37.04 -1.77 -30.78
CA CYS M 25 37.48 -2.47 -31.97
C CYS M 25 36.94 -3.87 -31.94
N SER M 26 35.70 -4.06 -32.40
CA SER M 26 35.08 -5.37 -32.42
C SER M 26 34.32 -5.67 -33.73
N PHE M 27 34.37 -4.75 -34.71
CA PHE M 27 33.73 -4.83 -36.03
C PHE M 27 32.28 -5.34 -35.99
N GLN M 28 31.37 -4.62 -36.66
CA GLN M 28 29.95 -4.95 -36.70
C GLN M 28 29.76 -6.25 -37.50
N HIS M 29 30.22 -6.26 -38.74
CA HIS M 29 30.16 -7.42 -39.61
C HIS M 29 31.56 -7.78 -40.09
N SER M 30 31.76 -9.05 -40.47
CA SER M 30 33.06 -9.57 -40.89
C SER M 30 33.78 -8.72 -41.94
N PRO M 31 34.94 -8.14 -41.57
CA PRO M 31 35.72 -7.39 -42.55
C PRO M 31 36.61 -8.29 -43.42
N ILE M 32 36.73 -9.59 -43.09
CA ILE M 32 37.54 -10.54 -43.85
C ILE M 32 36.66 -11.28 -44.84
N SER M 33 36.88 -11.02 -46.13
CA SER M 33 36.12 -11.62 -47.22
C SER M 33 36.52 -13.09 -47.45
N SER M 34 35.73 -13.82 -48.24
CA SER M 34 36.04 -15.21 -48.56
C SER M 34 36.96 -15.34 -49.80
N ASP M 35 37.02 -14.30 -50.65
CA ASP M 35 37.84 -14.36 -51.87
C ASP M 35 39.23 -13.73 -51.75
N PHE M 36 39.70 -13.46 -50.52
CA PHE M 36 41.02 -12.87 -50.29
C PHE M 36 42.16 -13.75 -50.81
N ALA M 37 42.03 -15.09 -50.72
CA ALA M 37 43.07 -16.01 -51.17
C ALA M 37 43.29 -15.92 -52.67
N VAL M 38 42.21 -15.84 -53.45
CA VAL M 38 42.32 -15.73 -54.91
C VAL M 38 42.94 -14.38 -55.29
N LYS M 39 42.54 -13.31 -54.61
CA LYS M 39 43.07 -11.98 -54.89
C LYS M 39 44.57 -11.91 -54.59
N ILE M 40 44.99 -12.50 -53.46
CA ILE M 40 46.40 -12.50 -53.07
C ILE M 40 47.24 -13.35 -54.00
N ARG M 41 46.73 -14.53 -54.40
CA ARG M 41 47.45 -15.41 -55.32
C ARG M 41 47.58 -14.76 -56.69
N GLU M 42 46.57 -14.01 -57.14
CA GLU M 42 46.64 -13.33 -58.43
C GLU M 42 47.74 -12.28 -58.43
N LEU M 43 47.86 -11.47 -57.37
CA LEU M 43 48.91 -10.47 -57.28
C LEU M 43 50.28 -11.15 -57.20
N SER M 44 50.37 -12.25 -56.43
CA SER M 44 51.60 -13.01 -56.25
C SER M 44 52.08 -13.70 -57.53
N ASP M 45 51.15 -14.04 -58.44
CA ASP M 45 51.53 -14.68 -59.70
C ASP M 45 51.88 -13.66 -60.79
N TYR M 46 51.30 -12.44 -60.74
CA TYR M 46 51.55 -11.44 -61.78
C TYR M 46 52.67 -10.46 -61.46
N LEU M 47 53.21 -10.44 -60.23
CA LEU M 47 54.31 -9.51 -59.92
C LEU M 47 55.62 -9.98 -60.55
N ASP M 48 56.09 -9.25 -61.56
CA ASP M 48 57.36 -9.57 -62.22
C ASP M 48 58.57 -9.09 -61.41
N GLN M 49 58.39 -8.05 -60.59
CA GLN M 49 59.45 -7.50 -59.75
C GLN M 49 59.13 -7.70 -58.27
N ASP M 50 60.08 -8.26 -57.52
CA ASP M 50 59.89 -8.57 -56.11
C ASP M 50 60.31 -7.41 -55.20
N TYR M 51 59.43 -6.40 -55.07
CA TYR M 51 59.64 -5.19 -54.26
C TYR M 51 60.14 -5.48 -52.85
N PRO M 52 61.14 -4.72 -52.37
CA PRO M 52 61.67 -4.97 -51.02
C PRO M 52 60.78 -4.37 -49.94
N VAL M 53 60.39 -5.19 -48.98
CA VAL M 53 59.55 -4.76 -47.87
C VAL M 53 60.11 -5.31 -46.53
N THR M 54 59.42 -5.08 -45.39
CA THR M 54 59.88 -5.56 -44.10
C THR M 54 58.74 -6.25 -43.35
N VAL M 55 59.08 -7.12 -42.39
CA VAL M 55 58.11 -7.78 -41.51
C VAL M 55 58.63 -7.65 -40.08
N ALA M 56 57.72 -7.54 -39.11
CA ALA M 56 58.12 -7.43 -37.70
C ALA M 56 58.71 -8.75 -37.23
N SER M 57 59.79 -8.68 -36.45
CA SER M 57 60.48 -9.86 -35.97
C SER M 57 60.30 -10.12 -34.46
N ASN M 58 59.85 -9.13 -33.69
CA ASN M 58 59.71 -9.29 -32.25
C ASN M 58 58.36 -8.85 -31.68
N LEU M 59 57.28 -8.93 -32.47
CA LEU M 59 55.95 -8.54 -31.98
C LEU M 59 55.53 -9.55 -30.91
N GLN M 60 54.90 -9.07 -29.81
CA GLN M 60 54.43 -9.88 -28.69
C GLN M 60 53.70 -11.14 -29.15
N ASP M 61 54.16 -12.29 -28.64
CA ASP M 61 53.75 -13.63 -29.00
C ASP M 61 52.27 -13.96 -28.78
N GLU M 62 51.41 -13.56 -29.73
CA GLU M 62 49.98 -13.87 -29.74
C GLU M 62 49.45 -13.88 -31.16
N GLU M 63 48.67 -14.91 -31.50
CA GLU M 63 48.12 -15.08 -32.84
C GLU M 63 47.08 -14.02 -33.20
N LEU M 64 46.15 -13.72 -32.29
CA LEU M 64 45.09 -12.75 -32.57
C LEU M 64 45.59 -11.30 -32.61
N CYS M 65 46.14 -10.78 -31.50
CA CYS M 65 46.65 -9.41 -31.49
C CYS M 65 47.79 -9.21 -32.46
N GLY M 66 48.67 -10.20 -32.51
CA GLY M 66 49.81 -10.19 -33.41
C GLY M 66 49.39 -10.17 -34.86
N GLY M 67 48.32 -10.88 -35.19
CA GLY M 67 47.76 -10.90 -36.53
C GLY M 67 47.23 -9.53 -36.93
N LEU M 68 46.56 -8.83 -36.00
CA LEU M 68 46.05 -7.50 -36.28
C LEU M 68 47.22 -6.53 -36.47
N TRP M 69 48.23 -6.63 -35.60
CA TRP M 69 49.42 -5.78 -35.70
C TRP M 69 50.14 -5.99 -37.02
N ARG M 70 50.28 -7.25 -37.45
CA ARG M 70 50.94 -7.58 -38.70
C ARG M 70 50.15 -7.07 -39.90
N LEU M 71 48.81 -7.10 -39.83
CA LEU M 71 47.95 -6.58 -40.89
C LEU M 71 48.07 -5.05 -40.99
N VAL M 72 48.24 -4.36 -39.86
CA VAL M 72 48.42 -2.91 -39.83
C VAL M 72 49.73 -2.58 -40.56
N LEU M 73 50.80 -3.32 -40.26
CA LEU M 73 52.10 -3.11 -40.91
C LEU M 73 52.01 -3.44 -42.41
N ALA M 74 51.34 -4.53 -42.76
CA ALA M 74 51.19 -4.93 -44.16
C ALA M 74 50.37 -3.91 -44.95
N GLN M 75 49.34 -3.32 -44.34
CA GLN M 75 48.49 -2.33 -45.00
C GLN M 75 49.30 -1.10 -45.36
N ARG M 76 50.22 -0.66 -44.48
CA ARG M 76 51.08 0.49 -44.77
C ARG M 76 51.96 0.18 -45.99
N TRP M 77 52.49 -1.04 -46.07
CA TRP M 77 53.30 -1.45 -47.21
C TRP M 77 52.51 -1.50 -48.49
N MET M 78 51.26 -1.94 -48.43
CA MET M 78 50.40 -1.98 -49.61
C MET M 78 50.15 -0.59 -50.16
N GLU M 79 49.94 0.39 -49.26
CA GLU M 79 49.74 1.78 -49.68
C GLU M 79 51.03 2.32 -50.31
N ARG M 80 52.18 1.98 -49.71
CA ARG M 80 53.50 2.38 -50.19
C ARG M 80 53.77 1.82 -51.58
N LEU M 81 53.35 0.57 -51.85
CA LEU M 81 53.55 -0.09 -53.13
C LEU M 81 52.73 0.55 -54.25
N LYS M 82 51.54 1.10 -53.91
CA LYS M 82 50.72 1.79 -54.91
C LYS M 82 51.42 3.04 -55.45
N THR M 83 52.27 3.68 -54.62
CA THR M 83 53.01 4.89 -55.02
C THR M 83 54.28 4.61 -55.84
N VAL M 84 54.72 3.35 -55.93
CA VAL M 84 55.94 3.03 -56.68
C VAL M 84 55.68 2.12 -57.89
N ALA M 85 54.66 1.25 -57.83
CA ALA M 85 54.34 0.36 -58.95
C ALA M 85 53.81 1.16 -60.15
N GLY M 86 54.13 0.70 -61.35
CA GLY M 86 53.74 1.33 -62.60
C GLY M 86 52.24 1.36 -62.84
N SER M 87 51.83 1.93 -63.98
CA SER M 87 50.42 2.04 -64.34
C SER M 87 49.70 0.69 -64.34
N LYS M 88 50.30 -0.32 -64.99
CA LYS M 88 49.68 -1.64 -65.11
C LYS M 88 49.51 -2.38 -63.78
N MET M 89 50.38 -2.14 -62.80
CA MET M 89 50.30 -2.82 -61.51
C MET M 89 49.47 -2.07 -60.46
N GLN M 90 49.12 -0.80 -60.69
CA GLN M 90 48.37 -0.02 -59.71
C GLN M 90 47.02 -0.64 -59.32
N GLY M 91 46.27 -1.11 -60.31
CA GLY M 91 44.97 -1.74 -60.06
C GLY M 91 45.08 -3.00 -59.22
N LEU M 92 46.06 -3.86 -59.54
CA LEU M 92 46.26 -5.11 -58.80
C LEU M 92 46.73 -4.86 -57.36
N LEU M 93 47.60 -3.86 -57.16
CA LEU M 93 48.08 -3.53 -55.82
C LEU M 93 46.94 -2.97 -54.97
N GLU M 94 46.12 -2.08 -55.55
CA GLU M 94 44.99 -1.48 -54.85
C GLU M 94 43.93 -2.52 -54.50
N ARG M 95 43.76 -3.56 -55.32
CA ARG M 95 42.82 -4.64 -55.05
C ARG M 95 43.18 -5.34 -53.74
N VAL M 96 44.49 -5.54 -53.49
CA VAL M 96 44.93 -6.17 -52.25
C VAL M 96 44.75 -5.19 -51.09
N ASN M 97 45.07 -3.92 -51.31
CA ASN M 97 44.91 -2.86 -50.32
C ASN M 97 43.46 -2.78 -49.82
N THR M 98 42.48 -2.89 -50.73
CA THR M 98 41.07 -2.82 -50.34
C THR M 98 40.61 -3.98 -49.46
N GLU M 99 41.29 -5.13 -49.51
CA GLU M 99 40.92 -6.27 -48.68
C GLU M 99 41.41 -6.11 -47.24
N ILE M 100 42.49 -5.33 -47.03
CA ILE M 100 43.05 -5.15 -45.69
C ILE M 100 42.92 -3.72 -45.14
N HIS M 101 42.24 -2.82 -45.86
CA HIS M 101 42.04 -1.42 -45.47
C HIS M 101 41.25 -1.26 -44.16
N PHE M 102 40.48 -2.28 -43.76
CA PHE M 102 39.66 -2.24 -42.53
C PHE M 102 40.46 -1.89 -41.28
N VAL M 103 41.76 -2.24 -41.23
CA VAL M 103 42.58 -1.93 -40.06
C VAL M 103 42.70 -0.40 -39.84
N THR M 104 42.55 0.41 -40.91
CA THR M 104 42.59 1.88 -40.79
C THR M 104 41.36 2.45 -40.06
N LYS M 105 40.30 1.65 -39.86
CA LYS M 105 39.10 2.09 -39.15
C LYS M 105 39.31 2.13 -37.63
N CYS M 106 40.32 1.42 -37.11
CA CYS M 106 40.63 1.42 -35.68
C CYS M 106 41.79 2.38 -35.38
N ALA M 107 41.79 3.00 -34.20
CA ALA M 107 42.83 3.96 -33.84
C ALA M 107 44.12 3.29 -33.35
N PHE M 108 44.79 2.54 -34.26
CA PHE M 108 46.05 1.89 -33.92
C PHE M 108 47.11 2.96 -33.69
N GLN M 109 47.83 2.84 -32.59
CA GLN M 109 48.83 3.81 -32.19
C GLN M 109 50.17 3.63 -32.93
N PRO M 110 51.05 4.65 -32.93
CA PRO M 110 52.33 4.52 -33.65
C PRO M 110 53.20 3.41 -33.10
N PRO M 111 53.95 2.71 -33.98
CA PRO M 111 54.80 1.61 -33.51
C PRO M 111 55.82 2.05 -32.48
N PRO M 112 56.03 1.22 -31.43
CA PRO M 112 57.00 1.59 -30.40
C PRO M 112 58.45 1.49 -30.88
N SER M 113 59.36 2.19 -30.21
CA SER M 113 60.78 2.17 -30.55
C SER M 113 61.41 0.77 -30.38
N CYS M 114 60.80 -0.10 -29.57
CA CYS M 114 61.29 -1.47 -29.35
C CYS M 114 61.09 -2.38 -30.57
N LEU M 115 60.16 -2.03 -31.47
CA LEU M 115 59.85 -2.86 -32.65
C LEU M 115 61.03 -3.05 -33.60
N ARG M 116 61.30 -4.30 -33.95
CA ARG M 116 62.37 -4.70 -34.85
C ARG M 116 61.79 -5.36 -36.08
N PHE M 117 62.41 -5.13 -37.24
CA PHE M 117 61.93 -5.71 -38.49
C PHE M 117 63.05 -6.22 -39.37
N VAL M 118 62.77 -7.26 -40.16
CA VAL M 118 63.72 -7.86 -41.08
C VAL M 118 63.31 -7.59 -42.54
N GLN M 119 64.28 -7.41 -43.43
CA GLN M 119 63.99 -7.15 -44.83
C GLN M 119 63.55 -8.44 -45.51
N THR M 120 62.45 -8.39 -46.25
CA THR M 120 61.92 -9.52 -47.01
C THR M 120 61.36 -9.02 -48.37
N ASN M 121 60.77 -9.92 -49.18
CA ASN M 121 60.21 -9.56 -50.47
C ASN M 121 58.69 -9.47 -50.41
N ILE M 122 58.09 -8.74 -51.36
CA ILE M 122 56.64 -8.55 -51.42
C ILE M 122 55.86 -9.87 -51.50
N SER M 123 56.42 -10.88 -52.18
CA SER M 123 55.77 -12.19 -52.29
C SER M 123 55.54 -12.81 -50.91
N ARG M 124 56.56 -12.77 -50.06
CA ARG M 124 56.42 -13.32 -48.72
C ARG M 124 55.40 -12.51 -47.93
N LEU M 125 55.53 -11.19 -47.97
CA LEU M 125 54.61 -10.33 -47.21
C LEU M 125 53.16 -10.62 -47.59
N LEU M 126 52.89 -10.86 -48.89
CA LEU M 126 51.54 -11.15 -49.34
C LEU M 126 51.08 -12.50 -48.78
N GLN M 127 51.95 -13.53 -48.82
CA GLN M 127 51.63 -14.84 -48.29
C GLN M 127 51.36 -14.77 -46.78
N GLU M 128 52.21 -14.02 -46.05
CA GLU M 128 52.04 -13.84 -44.60
C GLU M 128 50.72 -13.12 -44.31
N THR M 129 50.37 -12.11 -45.10
CA THR M 129 49.13 -11.35 -44.94
C THR M 129 47.91 -12.27 -45.08
N SER M 130 47.92 -13.14 -46.09
CA SER M 130 46.82 -14.09 -46.31
C SER M 130 46.68 -15.02 -45.11
N GLU M 131 47.80 -15.49 -44.56
CA GLU M 131 47.81 -16.37 -43.40
C GLU M 131 47.22 -15.71 -42.17
N GLN M 132 47.51 -14.41 -41.96
CA GLN M 132 46.97 -13.69 -40.80
C GLN M 132 45.46 -13.56 -40.93
N LEU M 133 44.95 -13.32 -42.15
CA LEU M 133 43.52 -13.16 -42.37
C LEU M 133 42.78 -14.46 -42.11
N VAL M 134 43.38 -15.61 -42.48
CA VAL M 134 42.76 -16.93 -42.23
C VAL M 134 42.58 -17.12 -40.72
N ALA M 135 43.60 -16.74 -39.94
CA ALA M 135 43.59 -16.85 -38.49
C ALA M 135 42.65 -15.86 -37.80
N LEU M 136 42.55 -14.62 -38.31
CA LEU M 136 41.72 -13.60 -37.68
C LEU M 136 40.25 -13.64 -38.07
N LYS M 137 39.94 -14.10 -39.30
CA LYS M 137 38.58 -14.15 -39.83
C LYS M 137 37.51 -14.70 -38.86
N PRO M 138 37.68 -15.87 -38.21
CA PRO M 138 36.62 -16.36 -37.32
C PRO M 138 36.50 -15.63 -35.98
N TRP M 139 37.46 -14.77 -35.63
CA TRP M 139 37.42 -14.08 -34.35
C TRP M 139 37.19 -12.58 -34.43
N ILE M 140 37.33 -11.98 -35.61
CA ILE M 140 37.23 -10.53 -35.80
C ILE M 140 35.95 -9.86 -35.26
N THR M 141 34.80 -10.56 -35.24
CA THR M 141 33.56 -9.96 -34.73
C THR M 141 33.11 -10.54 -33.38
N ARG M 142 33.84 -11.53 -32.82
CA ARG M 142 33.47 -12.17 -31.56
C ARG M 142 34.12 -11.56 -30.32
N GLN M 143 35.36 -11.07 -30.43
CA GLN M 143 36.09 -10.54 -29.28
C GLN M 143 36.30 -9.04 -29.33
N ASN M 144 36.46 -8.39 -28.17
CA ASN M 144 36.74 -6.96 -28.13
C ASN M 144 38.26 -6.78 -28.21
N PHE M 145 38.76 -6.20 -29.31
CA PHE M 145 40.19 -5.99 -29.49
C PHE M 145 40.61 -4.54 -29.24
N SER M 146 39.85 -3.77 -28.44
CA SER M 146 40.21 -2.39 -28.13
C SER M 146 41.58 -2.30 -27.46
N ARG M 147 41.89 -3.28 -26.60
CA ARG M 147 43.18 -3.36 -25.92
C ARG M 147 44.37 -3.68 -26.86
N CYS M 148 44.12 -3.86 -28.16
CA CYS M 148 45.16 -4.15 -29.15
C CYS M 148 45.65 -2.92 -29.91
N LEU M 149 45.10 -1.72 -29.63
CA LEU M 149 45.50 -0.52 -30.36
C LEU M 149 47.00 -0.21 -30.26
N GLU M 150 47.65 -0.61 -29.15
CA GLU M 150 49.07 -0.40 -28.99
C GLU M 150 49.84 -1.66 -29.35
N LEU M 151 50.74 -1.56 -30.34
CA LEU M 151 51.59 -2.67 -30.76
C LEU M 151 52.58 -2.96 -29.63
N GLN M 152 52.83 -4.24 -29.34
CA GLN M 152 53.71 -4.63 -28.25
C GLN M 152 54.89 -5.48 -28.72
N CYS M 153 56.03 -5.39 -28.01
CA CYS M 153 57.22 -6.17 -28.32
C CYS M 153 57.36 -7.34 -27.35
N GLN M 154 58.14 -8.34 -27.76
CA GLN M 154 58.48 -9.52 -26.97
C GLN M 154 59.76 -10.04 -27.58
N PRO M 155 60.93 -9.56 -27.10
CA PRO M 155 62.19 -10.01 -27.71
C PRO M 155 62.61 -11.41 -27.26
N ALA N 79 -3.45 -54.84 -79.54
CA ALA N 79 -3.64 -54.69 -78.10
C ALA N 79 -2.32 -54.60 -77.34
N ALA N 80 -1.24 -55.21 -77.87
CA ALA N 80 0.08 -55.22 -77.25
C ALA N 80 0.91 -54.02 -77.69
N VAL N 81 1.42 -53.25 -76.72
CA VAL N 81 2.21 -52.04 -76.97
C VAL N 81 3.67 -52.27 -76.54
N GLU N 82 4.65 -51.85 -77.36
CA GLU N 82 6.07 -51.99 -77.01
C GLU N 82 6.72 -50.62 -76.89
N VAL N 83 7.05 -50.20 -75.65
CA VAL N 83 7.64 -48.88 -75.41
C VAL N 83 9.16 -48.92 -75.27
N ASP N 84 9.87 -48.30 -76.22
CA ASP N 84 11.33 -48.27 -76.18
C ASP N 84 11.80 -46.93 -75.62
N VAL N 85 12.44 -46.96 -74.41
CA VAL N 85 12.99 -45.80 -73.69
C VAL N 85 11.89 -44.69 -73.44
N SER N 86 12.28 -43.45 -73.07
CA SER N 86 11.32 -42.36 -72.82
C SER N 86 10.83 -41.84 -74.17
N ALA N 87 9.95 -42.61 -74.83
CA ALA N 87 9.42 -42.26 -76.15
C ALA N 87 8.17 -41.39 -76.05
N SER N 88 7.99 -40.51 -77.05
CA SER N 88 6.83 -39.61 -77.11
C SER N 88 5.96 -39.94 -78.31
N ILE N 89 4.93 -40.78 -78.11
CA ILE N 89 4.00 -41.17 -79.17
C ILE N 89 2.53 -40.98 -78.73
N THR N 90 1.61 -40.93 -79.69
CA THR N 90 0.19 -40.76 -79.38
C THR N 90 -0.58 -42.06 -79.51
N LEU N 91 -1.49 -42.30 -78.56
CA LEU N 91 -2.35 -43.47 -78.53
C LEU N 91 -3.83 -43.07 -78.28
N GLN N 92 -4.21 -41.81 -78.57
CA GLN N 92 -5.57 -41.34 -78.35
C GLN N 92 -6.37 -41.37 -79.65
N VAL N 93 -6.58 -42.56 -80.20
CA VAL N 93 -7.31 -42.73 -81.45
C VAL N 93 -8.80 -42.39 -81.29
N LEU N 94 -9.46 -42.01 -82.40
CA LEU N 94 -10.88 -41.65 -82.35
C LEU N 94 -11.78 -42.65 -83.08
N VAL N 95 -12.81 -43.15 -82.37
CA VAL N 95 -13.80 -44.09 -82.90
C VAL N 95 -15.18 -43.41 -82.88
N ASP N 96 -15.94 -43.54 -83.98
CA ASP N 96 -17.25 -42.93 -84.19
C ASP N 96 -18.26 -43.22 -83.07
N ALA N 97 -18.34 -42.30 -82.08
CA ALA N 97 -19.27 -42.44 -80.97
C ALA N 97 -19.90 -41.09 -80.53
N PRO N 98 -20.80 -40.51 -81.35
CA PRO N 98 -21.42 -39.24 -80.97
C PRO N 98 -22.72 -39.42 -80.17
N GLY N 99 -22.99 -38.50 -79.26
CA GLY N 99 -24.20 -38.56 -78.45
C GLY N 99 -23.95 -38.48 -76.96
N ASN N 100 -24.86 -39.03 -76.16
CA ASN N 100 -24.75 -39.03 -74.70
C ASN N 100 -23.78 -40.11 -74.23
N ILE N 101 -22.49 -39.92 -74.50
CA ILE N 101 -21.43 -40.87 -74.16
C ILE N 101 -20.33 -40.17 -73.33
N SER N 102 -19.99 -40.75 -72.17
CA SER N 102 -18.94 -40.21 -71.30
C SER N 102 -18.06 -41.35 -70.82
N CYS N 103 -16.74 -41.19 -70.91
CA CYS N 103 -15.81 -42.23 -70.50
C CYS N 103 -14.94 -41.82 -69.28
N LEU N 104 -14.20 -42.79 -68.70
CA LEU N 104 -13.33 -42.55 -67.55
C LEU N 104 -12.13 -43.50 -67.64
N TRP N 105 -10.91 -42.95 -67.58
CA TRP N 105 -9.70 -43.77 -67.71
C TRP N 105 -9.35 -44.56 -66.45
N VAL N 106 -9.05 -45.84 -66.62
CA VAL N 106 -8.68 -46.75 -65.53
C VAL N 106 -7.23 -47.22 -65.75
N PHE N 107 -6.27 -46.48 -65.18
CA PHE N 107 -4.86 -46.78 -65.29
C PHE N 107 -4.42 -47.99 -64.44
N LYS N 108 -3.12 -48.33 -64.46
CA LYS N 108 -2.56 -49.42 -63.67
C LYS N 108 -2.86 -49.26 -62.18
N HIS N 109 -3.88 -49.99 -61.69
CA HIS N 109 -4.36 -49.98 -60.29
C HIS N 109 -4.61 -48.58 -59.73
N SER N 110 -5.01 -47.63 -60.59
CA SER N 110 -5.28 -46.25 -60.20
C SER N 110 -6.27 -45.59 -61.15
N SER N 111 -7.00 -44.58 -60.67
CA SER N 111 -7.98 -43.88 -61.48
C SER N 111 -7.40 -42.70 -62.23
N LEU N 112 -8.02 -42.33 -63.37
CA LEU N 112 -7.57 -41.20 -64.16
C LEU N 112 -8.75 -40.42 -64.71
N ASN N 113 -8.89 -39.17 -64.24
CA ASN N 113 -9.96 -38.26 -64.65
C ASN N 113 -9.70 -37.72 -66.04
N CYS N 114 -10.72 -37.78 -66.90
CA CYS N 114 -10.61 -37.29 -68.28
C CYS N 114 -11.92 -36.64 -68.74
N GLN N 115 -11.85 -35.85 -69.82
CA GLN N 115 -13.01 -35.18 -70.39
C GLN N 115 -12.88 -35.24 -71.92
N PRO N 116 -13.61 -36.16 -72.57
CA PRO N 116 -13.47 -36.31 -74.02
C PRO N 116 -14.39 -35.41 -74.86
N HIS N 117 -14.17 -35.38 -76.17
CA HIS N 117 -14.98 -34.58 -77.07
C HIS N 117 -15.80 -35.47 -78.01
N PHE N 118 -17.07 -35.69 -77.69
CA PHE N 118 -17.94 -36.54 -78.51
C PHE N 118 -18.99 -35.71 -79.23
N GLY N 124 -15.92 -40.53 -79.60
CA GLY N 124 -15.26 -39.53 -78.78
C GLY N 124 -13.83 -39.89 -78.47
N VAL N 125 -12.95 -38.88 -78.31
CA VAL N 125 -11.54 -39.14 -78.03
C VAL N 125 -11.09 -38.51 -76.70
N VAL N 126 -10.49 -39.33 -75.82
CA VAL N 126 -10.00 -38.90 -74.50
C VAL N 126 -8.46 -38.91 -74.43
N SER N 127 -7.88 -38.23 -73.41
CA SER N 127 -6.43 -38.11 -73.23
C SER N 127 -5.68 -39.44 -73.03
N MET N 128 -5.12 -39.98 -74.12
CA MET N 128 -4.36 -41.22 -74.13
C MET N 128 -2.98 -41.09 -74.78
N VAL N 129 -2.56 -39.88 -75.19
CA VAL N 129 -1.25 -39.67 -75.80
C VAL N 129 -0.17 -39.49 -74.72
N ILE N 130 1.08 -39.86 -75.02
CA ILE N 130 2.15 -39.77 -74.02
C ILE N 130 3.43 -39.12 -74.55
N LEU N 131 4.02 -38.24 -73.74
CA LEU N 131 5.28 -37.57 -74.06
C LEU N 131 6.29 -38.05 -73.03
N LYS N 132 7.30 -38.83 -73.47
CA LYS N 132 8.33 -39.45 -72.64
C LYS N 132 7.72 -40.42 -71.62
N MET N 133 7.40 -41.65 -72.06
CA MET N 133 6.78 -42.66 -71.20
C MET N 133 7.80 -43.21 -70.19
N THR N 134 7.75 -42.71 -68.95
CA THR N 134 8.68 -43.12 -67.88
C THR N 134 8.63 -44.60 -67.56
N GLU N 135 9.70 -45.14 -66.96
CA GLU N 135 9.78 -46.56 -66.58
C GLU N 135 8.59 -47.00 -65.70
N THR N 136 7.99 -46.06 -64.97
CA THR N 136 6.84 -46.31 -64.14
C THR N 136 5.57 -46.33 -64.99
N GLN N 137 5.45 -45.37 -65.93
CA GLN N 137 4.30 -45.21 -66.82
C GLN N 137 4.20 -46.28 -67.90
N ALA N 138 3.73 -47.49 -67.50
CA ALA N 138 3.53 -48.65 -68.37
C ALA N 138 2.67 -49.71 -67.67
N GLY N 139 1.86 -50.44 -68.43
CA GLY N 139 1.03 -51.50 -67.87
C GLY N 139 -0.39 -51.63 -68.40
N GLU N 140 -1.30 -52.09 -67.53
CA GLU N 140 -2.70 -52.28 -67.89
C GLU N 140 -3.44 -50.94 -67.88
N TYR N 141 -3.99 -50.54 -69.04
CA TYR N 141 -4.75 -49.29 -69.17
C TYR N 141 -6.12 -49.56 -69.82
N LEU N 142 -7.19 -49.38 -69.02
CA LEU N 142 -8.57 -49.62 -69.44
C LEU N 142 -9.35 -48.32 -69.65
N LEU N 143 -10.43 -48.38 -70.44
CA LEU N 143 -11.29 -47.24 -70.74
C LEU N 143 -12.69 -47.74 -71.11
N PHE N 144 -13.73 -47.28 -70.40
CA PHE N 144 -15.10 -47.71 -70.68
C PHE N 144 -16.09 -46.56 -70.68
N ILE N 145 -17.26 -46.74 -71.33
CA ILE N 145 -18.31 -45.73 -71.40
C ILE N 145 -19.39 -45.95 -70.33
N GLN N 146 -19.80 -44.86 -69.67
CA GLN N 146 -20.82 -44.92 -68.63
C GLN N 146 -21.99 -43.99 -68.94
N SER N 147 -23.19 -44.56 -69.10
CA SER N 147 -24.39 -43.77 -69.40
C SER N 147 -25.59 -44.34 -68.64
N THR N 150 -25.48 -47.97 -71.30
CA THR N 150 -24.50 -48.82 -71.97
C THR N 150 -23.16 -48.80 -71.26
N ASN N 151 -22.48 -49.95 -71.20
CA ASN N 151 -21.18 -50.05 -70.54
C ASN N 151 -20.28 -51.09 -71.19
N TYR N 152 -19.41 -50.67 -72.12
CA TYR N 152 -18.48 -51.57 -72.78
C TYR N 152 -17.04 -51.14 -72.47
N THR N 153 -16.22 -52.04 -71.91
CA THR N 153 -14.84 -51.72 -71.51
C THR N 153 -13.78 -52.17 -72.53
N ILE N 154 -12.69 -51.38 -72.65
CA ILE N 154 -11.57 -51.67 -73.57
C ILE N 154 -10.27 -51.96 -72.75
N LEU N 155 -9.31 -52.68 -73.34
CA LEU N 155 -8.06 -53.04 -72.64
C LEU N 155 -6.80 -52.92 -73.51
N PHE N 156 -5.77 -52.25 -72.98
CA PHE N 156 -4.49 -52.09 -73.69
C PHE N 156 -3.33 -52.47 -72.77
N THR N 157 -2.38 -53.26 -73.28
CA THR N 157 -1.24 -53.69 -72.47
C THR N 157 0.05 -53.01 -72.91
N VAL N 158 0.50 -52.03 -72.13
CA VAL N 158 1.72 -51.27 -72.42
C VAL N 158 2.94 -51.94 -71.79
N SER N 159 3.80 -52.53 -72.62
CA SER N 159 5.03 -53.16 -72.16
C SER N 159 6.24 -52.22 -72.40
N ILE N 160 7.36 -52.48 -71.72
CA ILE N 160 8.52 -51.61 -71.84
C ILE N 160 9.74 -52.32 -72.43
N ARG N 161 9.58 -52.83 -73.66
CA ARG N 161 10.67 -53.48 -74.38
C ARG N 161 11.12 -52.51 -75.47
N ASN N 162 12.42 -52.14 -75.52
CA ASN N 162 13.50 -52.69 -74.70
C ASN N 162 13.88 -51.89 -73.44
N THR N 163 13.87 -50.54 -73.51
CA THR N 163 14.28 -49.63 -72.43
C THR N 163 15.76 -49.83 -72.09
N LEU N 164 16.60 -48.83 -72.38
CA LEU N 164 18.05 -48.92 -72.16
C LEU N 164 18.51 -48.60 -70.73
N LEU N 165 17.59 -48.20 -69.84
CA LEU N 165 17.85 -47.88 -68.43
C LEU N 165 18.84 -46.70 -68.23
N TYR N 166 18.51 -45.53 -68.78
CA TYR N 166 19.37 -44.36 -68.64
C TYR N 166 18.84 -43.38 -67.58
N THR N 167 17.52 -43.10 -67.61
CA THR N 167 16.81 -42.21 -66.68
C THR N 167 17.47 -40.84 -66.48
N LEU N 168 16.99 -39.83 -67.22
CA LEU N 168 17.47 -38.46 -67.14
C LEU N 168 16.72 -37.76 -66.02
N ARG N 169 17.45 -37.17 -65.06
CA ARG N 169 16.80 -36.48 -63.94
C ARG N 169 17.44 -35.11 -63.70
N ARG N 170 16.62 -34.12 -63.29
CA ARG N 170 17.08 -32.76 -63.05
C ARG N 170 18.17 -32.71 -61.98
N PRO N 171 19.21 -31.89 -62.21
CA PRO N 171 20.35 -31.89 -61.28
C PRO N 171 20.02 -31.30 -59.91
N TYR N 172 20.66 -31.85 -58.87
CA TYR N 172 20.46 -31.39 -57.51
C TYR N 172 21.71 -30.64 -57.04
N PHE N 173 21.52 -29.45 -56.45
CA PHE N 173 22.64 -28.65 -55.97
C PHE N 173 23.19 -29.18 -54.66
N ARG N 174 24.47 -28.92 -54.37
CA ARG N 174 25.10 -29.37 -53.14
C ARG N 174 26.19 -28.43 -52.65
N LYS N 175 26.47 -28.44 -51.35
CA LYS N 175 27.50 -27.58 -50.78
C LYS N 175 28.71 -28.40 -50.42
N MET N 176 29.91 -27.91 -50.77
CA MET N 176 31.15 -28.63 -50.44
C MET N 176 31.57 -28.29 -49.01
N GLU N 177 31.73 -29.31 -48.16
CA GLU N 177 32.14 -29.09 -46.77
C GLU N 177 33.62 -28.73 -46.65
N ASN N 178 34.45 -29.21 -47.60
CA ASN N 178 35.89 -28.93 -47.59
C ASN N 178 36.20 -27.48 -47.97
N GLN N 179 35.34 -26.84 -48.77
CA GLN N 179 35.56 -25.46 -49.19
C GLN N 179 34.25 -24.68 -49.34
N ASP N 180 34.32 -23.34 -49.33
CA ASP N 180 33.13 -22.51 -49.49
C ASP N 180 32.78 -22.40 -50.98
N ALA N 181 32.28 -23.48 -51.55
CA ALA N 181 31.91 -23.56 -52.96
C ALA N 181 30.74 -24.51 -53.20
N LEU N 182 29.96 -24.28 -54.26
CA LEU N 182 28.81 -25.11 -54.57
C LEU N 182 29.07 -26.04 -55.76
N VAL N 183 28.97 -27.34 -55.54
CA VAL N 183 29.16 -28.32 -56.59
C VAL N 183 27.81 -28.86 -57.07
N CYS N 184 27.68 -29.12 -58.38
CA CYS N 184 26.42 -29.62 -58.94
C CYS N 184 26.53 -31.08 -59.34
N ILE N 185 25.52 -31.89 -58.97
CA ILE N 185 25.49 -33.31 -59.33
C ILE N 185 24.17 -33.68 -60.02
N SER N 186 24.18 -34.69 -60.89
CA SER N 186 22.97 -35.11 -61.59
C SER N 186 22.80 -36.63 -61.61
N GLU N 187 21.62 -37.12 -61.20
CA GLU N 187 21.33 -38.55 -61.17
C GLU N 187 20.81 -39.06 -62.51
N SER N 188 21.73 -39.38 -63.41
CA SER N 188 21.38 -39.88 -64.74
C SER N 188 22.48 -40.81 -65.30
N VAL N 189 22.15 -41.62 -66.29
CA VAL N 189 23.13 -42.52 -66.91
C VAL N 189 23.51 -42.00 -68.29
N PRO N 190 24.81 -42.03 -68.65
CA PRO N 190 25.94 -42.56 -67.88
C PRO N 190 26.63 -41.51 -66.99
N GLU N 191 27.19 -40.45 -67.57
CA GLU N 191 27.86 -39.41 -66.81
C GLU N 191 27.39 -38.06 -67.31
N PRO N 192 26.79 -37.25 -66.43
CA PRO N 192 26.29 -35.94 -66.87
C PRO N 192 27.39 -34.89 -67.00
N ILE N 193 27.27 -33.99 -67.98
CA ILE N 193 28.26 -32.95 -68.19
C ILE N 193 27.70 -31.59 -67.73
N VAL N 194 28.24 -31.03 -66.65
CA VAL N 194 27.77 -29.76 -66.12
C VAL N 194 28.74 -28.60 -66.42
N GLU N 195 28.22 -27.38 -66.44
CA GLU N 195 29.04 -26.21 -66.72
C GLU N 195 28.57 -24.97 -65.95
N TRP N 196 29.47 -23.99 -65.76
CA TRP N 196 29.16 -22.75 -65.06
C TRP N 196 28.26 -21.86 -65.88
N VAL N 197 27.47 -21.02 -65.22
CA VAL N 197 26.52 -20.12 -65.86
C VAL N 197 26.59 -18.71 -65.28
N LEU N 198 26.19 -17.72 -66.07
CA LEU N 198 26.19 -16.33 -65.65
C LEU N 198 25.05 -15.54 -66.34
N CYS N 199 24.90 -14.25 -66.04
CA CYS N 199 23.87 -13.42 -66.66
C CYS N 199 24.32 -11.96 -66.83
N ASP N 200 24.36 -11.17 -65.73
CA ASP N 200 24.72 -9.75 -65.69
C ASP N 200 23.66 -8.82 -66.33
N SER N 201 23.06 -9.26 -67.45
CA SER N 201 22.03 -8.53 -68.17
C SER N 201 21.11 -9.52 -68.91
N GLN N 202 20.54 -10.48 -68.17
CA GLN N 202 19.66 -11.48 -68.76
C GLN N 202 18.36 -11.60 -67.95
N GLY N 203 17.79 -10.45 -67.63
CA GLY N 203 16.54 -10.39 -66.87
C GLY N 203 15.31 -10.46 -67.77
N SER N 210 18.75 -15.35 -71.02
CA SER N 210 20.13 -15.33 -71.50
C SER N 210 20.21 -15.90 -72.91
N PRO N 211 20.61 -15.07 -73.89
CA PRO N 211 21.42 -15.59 -75.00
C PRO N 211 22.88 -15.11 -75.00
N ALA N 212 23.26 -14.22 -74.07
CA ALA N 212 24.63 -13.71 -73.98
C ALA N 212 25.20 -13.93 -72.58
N VAL N 213 25.84 -15.09 -72.36
CA VAL N 213 26.41 -15.43 -71.06
C VAL N 213 27.68 -16.28 -71.21
N VAL N 214 28.48 -16.40 -70.14
CA VAL N 214 29.71 -17.19 -70.17
C VAL N 214 29.52 -18.58 -69.55
N LYS N 215 30.32 -19.55 -69.99
CA LYS N 215 30.23 -20.91 -69.48
C LYS N 215 31.60 -21.58 -69.30
N LYS N 216 31.97 -21.85 -68.04
CA LYS N 216 33.23 -22.51 -67.71
C LYS N 216 32.91 -23.90 -67.18
N GLU N 217 32.96 -24.92 -68.05
CA GLU N 217 32.63 -26.31 -67.72
C GLU N 217 33.57 -26.96 -66.70
N GLU N 218 33.25 -26.76 -65.41
CA GLU N 218 34.01 -27.31 -64.29
C GLU N 218 33.03 -27.75 -63.21
N LYS N 219 33.24 -28.94 -62.64
CA LYS N 219 32.36 -29.47 -61.60
C LYS N 219 32.43 -28.63 -60.33
N VAL N 220 33.65 -28.22 -59.96
CA VAL N 220 33.86 -27.39 -58.78
C VAL N 220 33.52 -25.95 -59.15
N LEU N 221 32.51 -25.35 -58.49
CA LEU N 221 32.12 -23.98 -58.77
C LEU N 221 32.16 -23.12 -57.50
N HIS N 222 33.01 -22.09 -57.48
CA HIS N 222 33.19 -21.19 -56.34
C HIS N 222 32.67 -19.80 -56.65
N GLU N 223 32.87 -19.32 -57.87
CA GLU N 223 32.42 -17.98 -58.25
C GLU N 223 30.94 -17.94 -58.56
N LEU N 224 30.09 -17.70 -57.55
CA LEU N 224 28.65 -17.63 -57.76
C LEU N 224 27.98 -16.57 -56.88
N PHE N 225 27.95 -15.32 -57.35
CA PHE N 225 27.36 -14.23 -56.60
C PHE N 225 26.54 -13.32 -57.53
N GLY N 226 25.24 -13.23 -57.26
CA GLY N 226 24.34 -12.44 -58.09
C GLY N 226 24.03 -13.11 -59.42
N MET N 227 23.52 -12.35 -60.39
CA MET N 227 23.19 -12.85 -61.73
C MET N 227 22.20 -14.06 -61.67
N ASP N 228 22.08 -14.87 -62.75
CA ASP N 228 21.16 -16.00 -62.78
C ASP N 228 21.89 -17.33 -62.68
N ILE N 229 21.61 -18.09 -61.61
CA ILE N 229 22.23 -19.39 -61.41
C ILE N 229 21.31 -20.50 -61.90
N ARG N 230 21.75 -21.23 -62.92
CA ARG N 230 21.00 -22.32 -63.53
C ARG N 230 21.94 -23.33 -64.20
N CYS N 231 22.58 -24.20 -63.41
CA CYS N 231 23.51 -25.20 -63.95
C CYS N 231 22.81 -26.41 -64.59
N CYS N 232 23.02 -26.59 -65.90
CA CYS N 232 22.42 -27.66 -66.69
C CYS N 232 23.30 -28.94 -66.73
N ALA N 233 22.78 -30.02 -67.35
CA ALA N 233 23.51 -31.28 -67.49
C ALA N 233 23.33 -31.86 -68.90
N ARG N 234 24.36 -32.56 -69.40
CA ARG N 234 24.29 -33.15 -70.74
C ARG N 234 24.52 -34.66 -70.70
N ASN N 235 23.44 -35.44 -70.58
CA ASN N 235 23.51 -36.90 -70.54
C ASN N 235 23.11 -37.55 -71.90
N GLU N 236 23.15 -38.88 -72.00
CA GLU N 236 22.82 -39.59 -73.24
C GLU N 236 21.33 -39.52 -73.62
N LEU N 237 20.45 -39.05 -72.71
CA LEU N 237 19.03 -38.94 -73.02
C LEU N 237 18.55 -37.51 -73.32
N GLY N 238 19.47 -36.63 -73.70
CA GLY N 238 19.15 -35.25 -74.03
C GLY N 238 19.83 -34.26 -73.11
N ARG N 239 19.04 -33.34 -72.52
CA ARG N 239 19.59 -32.33 -71.62
C ARG N 239 18.56 -31.91 -70.56
N GLU N 240 18.89 -32.08 -69.28
CA GLU N 240 18.01 -31.71 -68.18
C GLU N 240 18.58 -30.52 -67.40
N CYS N 241 17.93 -29.35 -67.51
CA CYS N 241 18.41 -28.14 -66.84
C CYS N 241 17.88 -28.00 -65.41
N THR N 242 18.67 -27.31 -64.57
CA THR N 242 18.32 -27.01 -63.19
C THR N 242 18.33 -25.49 -62.97
N ARG N 243 17.76 -24.99 -61.85
CA ARG N 243 17.74 -23.55 -61.58
C ARG N 243 17.88 -23.24 -60.11
N LEU N 244 19.05 -22.75 -59.68
CA LEU N 244 19.28 -22.41 -58.29
C LEU N 244 18.76 -21.00 -58.01
N PHE N 245 17.65 -20.90 -57.26
CA PHE N 245 17.00 -19.63 -56.95
C PHE N 245 17.82 -18.71 -56.04
N THR N 246 17.94 -17.45 -56.43
CA THR N 246 18.67 -16.45 -55.66
C THR N 246 17.83 -15.17 -55.62
N ILE N 247 17.45 -14.70 -54.42
CA ILE N 247 16.63 -13.49 -54.31
C ILE N 247 17.50 -12.26 -54.05
N ASP N 248 17.65 -11.39 -55.05
CA ASP N 248 18.46 -10.18 -54.94
C ASP N 248 17.79 -9.10 -54.12
N LEU N 249 18.36 -8.81 -52.95
CA LEU N 249 17.83 -7.77 -52.08
C LEU N 249 18.10 -6.37 -52.63
N ASN N 250 19.18 -6.19 -53.42
CA ASN N 250 19.53 -4.91 -54.01
C ASN N 250 18.53 -4.49 -55.10
N GLN N 251 17.94 -5.46 -55.80
CA GLN N 251 16.94 -5.17 -56.84
C GLN N 251 15.58 -4.85 -56.21
N THR N 252 14.70 -4.16 -56.95
CA THR N 252 13.36 -3.81 -56.49
C THR N 252 12.49 -5.06 -56.26
N PRO N 253 11.58 -5.05 -55.28
CA PRO N 253 10.77 -6.25 -55.01
C PRO N 253 9.83 -6.67 -56.13
N GLN N 254 9.58 -7.98 -56.25
CA GLN N 254 8.68 -8.54 -57.26
C GLN N 254 7.24 -8.10 -57.03
N THR N 255 6.83 -8.00 -55.74
CA THR N 255 5.51 -7.59 -55.27
C THR N 255 4.36 -8.41 -55.87
N THR N 256 4.61 -9.70 -56.14
CA THR N 256 3.58 -10.58 -56.68
C THR N 256 3.58 -11.93 -55.94
N LEU N 257 3.90 -11.92 -54.64
CA LEU N 257 3.97 -13.08 -53.76
C LEU N 257 4.89 -14.14 -54.36
N PRO N 258 6.21 -14.00 -54.18
CA PRO N 258 7.13 -15.00 -54.76
C PRO N 258 7.01 -16.37 -54.10
N GLN N 259 7.04 -17.44 -54.90
CA GLN N 259 6.91 -18.80 -54.36
C GLN N 259 7.78 -19.82 -55.08
N LEU N 260 8.07 -20.97 -54.43
CA LEU N 260 8.89 -22.03 -55.00
C LEU N 260 8.50 -23.39 -54.44
N PHE N 261 7.82 -24.23 -55.24
CA PHE N 261 7.40 -25.56 -54.79
C PHE N 261 8.55 -26.56 -54.91
N LEU N 262 8.73 -27.43 -53.90
CA LEU N 262 9.83 -28.40 -53.92
C LEU N 262 9.37 -29.85 -53.80
N LYS N 263 10.18 -30.78 -54.32
CA LYS N 263 9.88 -32.21 -54.27
C LYS N 263 10.35 -32.80 -52.95
N VAL N 264 9.52 -33.64 -52.30
CA VAL N 264 9.85 -34.27 -51.02
C VAL N 264 11.10 -35.14 -51.14
N GLY N 265 12.19 -34.66 -50.56
CA GLY N 265 13.48 -35.36 -50.60
C GLY N 265 14.54 -34.54 -51.32
N GLU N 266 14.14 -33.84 -52.39
CA GLU N 266 15.04 -33.00 -53.16
C GLU N 266 15.41 -31.79 -52.32
N PRO N 267 16.70 -31.46 -52.21
CA PRO N 267 17.11 -30.35 -51.35
C PRO N 267 16.54 -28.97 -51.70
N LEU N 268 16.43 -28.10 -50.68
CA LEU N 268 15.90 -26.74 -50.83
C LEU N 268 17.02 -25.71 -50.65
N TRP N 269 17.17 -24.82 -51.63
CA TRP N 269 18.23 -23.80 -51.59
C TRP N 269 17.68 -22.39 -51.83
N ILE N 270 18.17 -21.41 -51.06
CA ILE N 270 17.75 -20.02 -51.20
C ILE N 270 18.92 -19.11 -50.82
N ARG N 271 19.37 -18.27 -51.75
CA ARG N 271 20.49 -17.37 -51.49
C ARG N 271 20.10 -15.89 -51.57
N CYS N 272 20.88 -15.02 -50.92
CA CYS N 272 20.58 -13.59 -50.90
C CYS N 272 21.69 -12.76 -51.54
N LYS N 273 21.45 -12.17 -52.73
CA LYS N 273 22.46 -11.35 -53.40
C LYS N 273 22.40 -9.90 -52.89
N ALA N 274 23.05 -9.64 -51.75
CA ALA N 274 23.04 -8.32 -51.15
C ALA N 274 24.22 -7.47 -51.60
N VAL N 275 23.96 -6.19 -51.89
CA VAL N 275 25.02 -5.26 -52.31
C VAL N 275 25.02 -4.03 -51.40
N HIS N 276 26.10 -3.85 -50.63
CA HIS N 276 26.22 -2.72 -49.73
C HIS N 276 27.57 -2.04 -49.87
N VAL N 277 27.58 -0.70 -49.85
CA VAL N 277 28.81 0.09 -50.00
C VAL N 277 29.79 -0.19 -48.87
N ASN N 278 29.28 -0.19 -47.64
CA ASN N 278 30.12 -0.47 -46.47
C ASN N 278 30.12 -1.96 -46.12
N HIS N 279 31.13 -2.41 -45.36
CA HIS N 279 31.24 -3.81 -44.94
C HIS N 279 30.23 -4.21 -43.86
N GLY N 280 29.71 -3.23 -43.12
CA GLY N 280 28.75 -3.46 -42.04
C GLY N 280 27.34 -3.72 -42.51
N PHE N 281 27.07 -4.91 -43.05
CA PHE N 281 25.75 -5.32 -43.52
C PHE N 281 25.63 -6.83 -43.45
N GLY N 282 24.62 -7.33 -42.72
CA GLY N 282 24.42 -8.76 -42.55
C GLY N 282 23.01 -9.26 -42.83
N LEU N 283 22.91 -10.44 -43.43
CA LEU N 283 21.62 -11.04 -43.77
C LEU N 283 21.29 -12.19 -42.84
N THR N 284 20.02 -12.33 -42.46
CA THR N 284 19.58 -13.40 -41.56
C THR N 284 18.39 -14.18 -42.14
N TRP N 285 18.31 -15.47 -41.83
CA TRP N 285 17.23 -16.32 -42.33
C TRP N 285 16.25 -16.72 -41.23
N GLU N 286 14.95 -16.55 -41.48
CA GLU N 286 13.87 -16.89 -40.54
C GLU N 286 12.68 -17.47 -41.30
N LEU N 287 11.97 -18.45 -40.71
CA LEU N 287 10.80 -19.04 -41.39
C LEU N 287 9.49 -18.35 -41.04
N GLU N 288 9.29 -18.04 -39.76
CA GLU N 288 8.07 -17.37 -39.31
C GLU N 288 8.45 -16.52 -38.10
N ASN N 289 9.43 -15.62 -38.30
CA ASN N 289 10.02 -14.74 -37.28
C ASN N 289 10.80 -15.53 -36.22
N LYS N 290 11.35 -16.70 -36.61
CA LYS N 290 12.15 -17.57 -35.75
C LYS N 290 13.62 -17.55 -36.28
N ALA N 291 14.38 -18.64 -36.13
CA ALA N 291 15.77 -18.67 -36.62
C ALA N 291 16.05 -19.87 -37.52
N LEU N 292 17.01 -19.72 -38.45
CA LEU N 292 17.40 -20.79 -39.37
C LEU N 292 18.10 -21.91 -38.60
N GLU N 293 17.92 -23.17 -39.05
CA GLU N 293 18.54 -24.32 -38.39
C GLU N 293 20.05 -24.22 -38.36
N GLU N 294 20.70 -24.91 -37.38
CA GLU N 294 22.16 -24.90 -37.25
C GLU N 294 22.84 -25.40 -38.53
N GLY N 295 22.24 -26.40 -39.15
CA GLY N 295 22.73 -26.94 -40.42
C GLY N 295 22.04 -26.28 -41.59
N ASN N 296 22.22 -24.96 -41.72
CA ASN N 296 21.62 -24.15 -42.78
C ASN N 296 22.40 -22.85 -43.02
N TYR N 297 23.05 -22.32 -41.98
CA TYR N 297 23.82 -21.08 -42.07
C TYR N 297 25.08 -21.28 -42.91
N PHE N 298 25.29 -20.39 -43.90
CA PHE N 298 26.45 -20.46 -44.78
C PHE N 298 26.77 -19.06 -45.30
N GLU N 299 27.95 -18.52 -44.93
CA GLU N 299 28.34 -17.19 -45.36
C GLU N 299 29.42 -17.19 -46.44
N MET N 300 29.28 -16.31 -47.44
CA MET N 300 30.26 -16.20 -48.52
C MET N 300 30.30 -14.74 -48.98
N SER N 301 31.03 -13.89 -48.24
CA SER N 301 31.11 -12.47 -48.57
C SER N 301 32.28 -12.17 -49.51
N THR N 302 32.00 -11.73 -50.73
CA THR N 302 33.01 -11.39 -51.73
C THR N 302 33.12 -9.87 -51.90
N TYR N 303 34.35 -9.35 -52.08
CA TYR N 303 34.54 -7.91 -52.24
C TYR N 303 34.68 -7.53 -53.71
N SER N 304 33.87 -6.56 -54.15
CA SER N 304 33.85 -6.09 -55.53
C SER N 304 33.78 -4.56 -55.63
N THR N 305 34.22 -4.00 -56.78
CA THR N 305 34.23 -2.55 -57.10
C THR N 305 35.04 -1.73 -56.03
N ASN N 306 35.08 -0.39 -56.15
CA ASN N 306 35.83 0.46 -55.24
C ASN N 306 35.35 0.38 -53.78
N ARG N 307 36.15 -0.26 -52.90
CA ARG N 307 35.87 -0.42 -51.46
C ARG N 307 34.41 -0.76 -51.14
N THR N 308 33.88 -1.77 -51.82
CA THR N 308 32.50 -2.16 -51.66
C THR N 308 32.39 -3.67 -51.46
N MET N 309 31.60 -4.11 -50.47
CA MET N 309 31.44 -5.53 -50.20
C MET N 309 30.08 -6.05 -50.66
N ILE N 310 30.04 -7.31 -51.08
CA ILE N 310 28.81 -7.97 -51.53
C ILE N 310 28.74 -9.33 -50.82
N ARG N 311 27.74 -9.52 -49.96
CA ARG N 311 27.61 -10.77 -49.20
C ARG N 311 26.43 -11.62 -49.63
N ILE N 312 26.53 -12.94 -49.43
CA ILE N 312 25.47 -13.87 -49.79
C ILE N 312 25.19 -14.86 -48.66
N LEU N 313 23.97 -14.86 -48.13
CA LEU N 313 23.58 -15.77 -47.06
C LEU N 313 22.77 -16.93 -47.63
N PHE N 314 23.40 -18.10 -47.78
CA PHE N 314 22.74 -19.28 -48.33
C PHE N 314 21.98 -20.06 -47.27
N ALA N 315 20.82 -20.61 -47.63
CA ALA N 315 20.00 -21.39 -46.72
C ALA N 315 19.88 -22.82 -47.26
N PHE N 316 20.65 -23.74 -46.69
CA PHE N 316 20.64 -25.13 -47.14
C PHE N 316 19.63 -25.99 -46.40
N VAL N 317 19.05 -26.97 -47.10
CA VAL N 317 18.08 -27.90 -46.53
C VAL N 317 18.16 -29.20 -47.32
N SER N 318 19.09 -30.09 -46.95
CA SER N 318 19.30 -31.35 -47.69
C SER N 318 18.05 -32.23 -47.79
N SER N 319 17.46 -32.61 -46.66
CA SER N 319 16.27 -33.46 -46.66
C SER N 319 15.02 -32.63 -46.42
N VAL N 320 14.15 -32.50 -47.44
CA VAL N 320 12.93 -31.72 -47.27
C VAL N 320 11.73 -32.62 -47.05
N ALA N 321 10.84 -32.15 -46.19
CA ALA N 321 9.64 -32.85 -45.73
C ALA N 321 8.53 -31.80 -45.30
N ARG N 322 7.37 -32.24 -44.76
CA ARG N 322 6.27 -31.38 -44.31
C ARG N 322 6.70 -30.25 -43.36
N ASN N 323 7.79 -30.45 -42.58
CA ASN N 323 8.32 -29.44 -41.65
C ASN N 323 8.87 -28.20 -42.38
N ASP N 324 9.32 -28.37 -43.64
CA ASP N 324 9.86 -27.25 -44.41
C ASP N 324 8.80 -26.58 -45.30
N THR N 325 7.50 -26.85 -45.08
CA THR N 325 6.43 -26.24 -45.86
C THR N 325 5.92 -24.96 -45.20
N GLY N 326 6.61 -23.86 -45.45
CA GLY N 326 6.24 -22.56 -44.89
C GLY N 326 6.91 -21.39 -45.61
N TYR N 327 6.41 -20.17 -45.38
CA TYR N 327 6.96 -18.98 -46.02
C TYR N 327 8.29 -18.56 -45.39
N TYR N 328 9.39 -18.57 -46.17
CA TYR N 328 10.71 -18.20 -45.68
C TYR N 328 11.08 -16.73 -45.99
N THR N 329 11.48 -15.97 -44.97
CA THR N 329 11.86 -14.57 -45.14
C THR N 329 13.36 -14.35 -44.94
N CYS N 330 13.92 -13.32 -45.57
CA CYS N 330 15.36 -13.02 -45.46
C CYS N 330 15.61 -11.53 -45.31
N SER N 331 15.65 -11.03 -44.08
CA SER N 331 15.87 -9.61 -43.80
C SER N 331 17.36 -9.28 -43.62
N SER N 332 17.73 -8.02 -43.90
CA SER N 332 19.12 -7.59 -43.77
C SER N 332 19.27 -6.38 -42.84
N SER N 333 20.50 -6.13 -42.36
CA SER N 333 20.82 -5.05 -41.43
C SER N 333 20.52 -3.66 -41.99
N LYS N 334 20.92 -3.39 -43.24
CA LYS N 334 20.66 -2.08 -43.86
C LYS N 334 19.93 -2.23 -45.20
N HIS N 335 19.10 -3.26 -45.34
CA HIS N 335 18.36 -3.49 -46.58
C HIS N 335 16.95 -3.98 -46.26
N PRO N 336 15.95 -3.59 -47.06
CA PRO N 336 14.57 -4.02 -46.79
C PRO N 336 14.33 -5.53 -46.79
N SER N 337 13.28 -5.97 -46.06
CA SER N 337 12.93 -7.37 -45.90
C SER N 337 12.22 -7.99 -47.10
N GLN N 338 12.94 -8.81 -47.88
CA GLN N 338 12.38 -9.52 -49.03
C GLN N 338 12.06 -10.95 -48.62
N SER N 339 10.90 -11.49 -49.04
CA SER N 339 10.50 -12.83 -48.66
C SER N 339 9.92 -13.67 -49.79
N ALA N 340 9.93 -15.01 -49.64
CA ALA N 340 9.38 -15.92 -50.63
C ALA N 340 8.83 -17.20 -49.98
N LEU N 341 7.57 -17.55 -50.29
CA LEU N 341 6.93 -18.74 -49.73
C LEU N 341 7.47 -20.02 -50.34
N VAL N 342 7.51 -21.09 -49.56
CA VAL N 342 7.99 -22.38 -50.04
C VAL N 342 6.99 -23.47 -49.68
N THR N 343 6.37 -24.10 -50.69
CA THR N 343 5.36 -25.15 -50.46
C THR N 343 5.85 -26.54 -50.83
N ILE N 344 5.38 -27.55 -50.09
CA ILE N 344 5.79 -28.93 -50.34
C ILE N 344 4.71 -29.72 -51.07
N VAL N 345 5.12 -30.73 -51.85
CA VAL N 345 4.19 -31.57 -52.60
C VAL N 345 4.79 -32.95 -52.86
N GLU N 346 3.95 -33.99 -52.85
CA GLU N 346 4.41 -35.35 -53.09
C GLU N 346 4.22 -35.74 -54.55
N LYS N 347 5.31 -36.22 -55.20
CA LYS N 347 5.40 -36.69 -56.59
C LYS N 347 5.32 -35.58 -57.65
N GLY N 348 4.51 -34.56 -57.39
CA GLY N 348 4.34 -33.46 -58.31
C GLY N 348 2.90 -33.02 -58.46
N PHE N 349 2.71 -31.82 -59.02
CA PHE N 349 1.37 -31.28 -59.22
C PHE N 349 1.29 -30.34 -60.42
N ILE N 350 0.19 -30.43 -61.17
CA ILE N 350 -0.09 -29.63 -62.36
C ILE N 350 -1.48 -29.01 -62.26
N ASN N 351 -1.55 -27.68 -62.16
CA ASN N 351 -2.83 -26.99 -62.07
C ASN N 351 -3.01 -26.04 -63.25
N ALA N 352 -4.24 -25.92 -63.75
CA ALA N 352 -4.52 -25.05 -64.90
C ALA N 352 -5.92 -24.47 -64.86
N THR N 353 -6.04 -23.12 -64.89
CA THR N 353 -7.34 -22.46 -64.89
C THR N 353 -7.94 -22.66 -66.28
N ASN N 354 -8.94 -23.54 -66.38
CA ASN N 354 -9.51 -23.88 -67.68
C ASN N 354 -10.84 -23.19 -68.00
N SER N 355 -10.79 -22.18 -68.88
CA SER N 355 -11.96 -21.45 -69.37
C SER N 355 -12.05 -21.55 -70.90
N SER N 356 -11.63 -22.70 -71.47
CA SER N 356 -11.60 -22.94 -72.90
C SER N 356 -12.81 -23.73 -73.39
N GLU N 357 -13.43 -23.27 -74.49
CA GLU N 357 -14.58 -23.94 -75.07
C GLU N 357 -14.60 -23.74 -76.62
N ASP N 358 -15.42 -22.82 -77.16
CA ASP N 358 -15.48 -22.56 -78.59
C ASP N 358 -15.25 -21.08 -78.87
N TYR N 359 -14.50 -20.76 -79.93
CA TYR N 359 -14.21 -19.37 -80.27
C TYR N 359 -14.73 -18.98 -81.65
N GLU N 360 -15.33 -17.78 -81.74
CA GLU N 360 -15.87 -17.25 -82.99
C GLU N 360 -14.90 -16.22 -83.58
N ILE N 361 -13.66 -16.65 -83.86
CA ILE N 361 -12.63 -15.79 -84.44
C ILE N 361 -12.87 -15.52 -85.92
N ASP N 362 -12.62 -14.29 -86.36
CA ASP N 362 -12.82 -13.90 -87.74
C ASP N 362 -11.62 -14.25 -88.65
N GLN N 363 -11.75 -14.02 -89.98
CA GLN N 363 -10.70 -14.27 -90.98
C GLN N 363 -9.47 -13.41 -90.69
N TYR N 364 -9.68 -12.17 -90.25
CA TYR N 364 -8.60 -11.27 -89.86
C TYR N 364 -8.35 -11.45 -88.32
N GLU N 365 -7.86 -10.41 -87.59
CA GLU N 365 -7.63 -10.50 -86.14
C GLU N 365 -6.65 -11.63 -85.76
N GLU N 366 -5.49 -11.27 -85.17
CA GLU N 366 -4.51 -12.27 -84.77
C GLU N 366 -4.85 -12.96 -83.46
N PHE N 367 -5.26 -14.22 -83.54
CA PHE N 367 -5.63 -15.01 -82.38
C PHE N 367 -4.53 -16.01 -82.01
N CYS N 368 -4.41 -16.33 -80.72
CA CYS N 368 -3.46 -17.32 -80.22
C CYS N 368 -4.05 -17.95 -78.96
N PHE N 369 -4.11 -19.28 -78.91
CA PHE N 369 -4.67 -19.97 -77.75
C PHE N 369 -3.59 -20.19 -76.69
N SER N 370 -3.70 -19.50 -75.53
CA SER N 370 -2.72 -19.62 -74.46
C SER N 370 -3.23 -20.47 -73.28
N VAL N 371 -2.32 -21.10 -72.55
CA VAL N 371 -2.70 -21.93 -71.40
C VAL N 371 -2.02 -21.48 -70.12
N ARG N 372 -2.81 -21.27 -69.06
CA ARG N 372 -2.28 -20.83 -67.77
C ARG N 372 -2.04 -22.04 -66.90
N PHE N 373 -0.84 -22.62 -66.98
CA PHE N 373 -0.52 -23.82 -66.20
C PHE N 373 0.61 -23.64 -65.19
N LYS N 374 0.28 -23.63 -63.89
CA LYS N 374 1.28 -23.54 -62.83
C LYS N 374 1.58 -24.97 -62.43
N ALA N 375 2.84 -25.43 -62.60
CA ALA N 375 3.15 -26.82 -62.32
C ALA N 375 4.59 -27.09 -61.88
N TYR N 376 4.77 -28.16 -61.09
CA TYR N 376 6.08 -28.64 -60.67
C TYR N 376 6.12 -30.15 -60.92
N PRO N 377 7.19 -30.68 -61.53
CA PRO N 377 8.40 -30.00 -61.99
C PRO N 377 8.26 -29.40 -63.40
N GLN N 378 9.37 -29.24 -64.16
CA GLN N 378 9.36 -28.69 -65.52
C GLN N 378 8.32 -29.34 -66.42
N ILE N 379 7.33 -28.55 -66.82
CA ILE N 379 6.22 -28.99 -67.66
C ILE N 379 6.60 -29.24 -69.10
N ARG N 380 6.69 -30.50 -69.51
CA ARG N 380 7.00 -30.84 -70.89
C ARG N 380 5.71 -30.70 -71.70
N CYS N 381 5.65 -29.70 -72.60
CA CYS N 381 4.43 -29.47 -73.39
C CYS N 381 4.63 -29.66 -74.89
N THR N 382 3.55 -30.08 -75.57
CA THR N 382 3.51 -30.30 -77.02
C THR N 382 2.08 -30.12 -77.50
N TRP N 383 1.89 -29.43 -78.64
CA TRP N 383 0.57 -29.19 -79.17
C TRP N 383 0.27 -30.17 -80.31
N THR N 384 -0.96 -30.70 -80.35
CA THR N 384 -1.34 -31.65 -81.38
C THR N 384 -2.52 -31.14 -82.22
N PHE N 385 -2.42 -31.26 -83.54
CA PHE N 385 -3.47 -30.81 -84.45
C PHE N 385 -3.48 -31.64 -85.72
N SER N 386 -4.29 -32.72 -85.75
CA SER N 386 -4.43 -33.62 -86.90
C SER N 386 -3.10 -34.19 -87.46
N ARG N 387 -2.13 -34.49 -86.56
CA ARG N 387 -0.78 -35.05 -86.78
C ARG N 387 0.39 -34.07 -86.54
N LYS N 388 0.07 -32.80 -86.24
CA LYS N 388 1.09 -31.78 -86.01
C LYS N 388 1.74 -31.90 -84.65
N SER N 389 3.06 -31.72 -84.60
CA SER N 389 3.85 -31.78 -83.36
C SER N 389 4.62 -30.48 -83.19
N PHE N 390 4.20 -29.62 -82.24
CA PHE N 390 4.87 -28.35 -82.03
C PHE N 390 5.13 -28.08 -80.55
N PRO N 391 6.41 -28.07 -80.13
CA PRO N 391 6.71 -27.80 -78.72
C PRO N 391 6.68 -26.30 -78.37
N CYS N 392 6.43 -25.96 -77.11
CA CYS N 392 6.41 -24.55 -76.69
C CYS N 392 7.00 -24.34 -75.30
N GLU N 393 7.46 -23.11 -75.02
CA GLU N 393 8.08 -22.78 -73.74
C GLU N 393 7.16 -21.90 -72.90
N GLN N 394 7.04 -22.19 -71.61
CA GLN N 394 6.17 -21.41 -70.74
C GLN N 394 6.97 -20.51 -69.79
N LYS N 395 6.49 -19.26 -69.60
CA LYS N 395 7.14 -18.30 -68.71
C LYS N 395 6.10 -17.65 -67.80
N GLY N 396 6.17 -17.95 -66.52
CA GLY N 396 5.21 -17.45 -65.54
C GLY N 396 5.56 -16.11 -64.92
N LEU N 397 5.56 -15.05 -65.73
CA LEU N 397 5.89 -13.71 -65.25
C LEU N 397 4.73 -13.07 -64.49
N ASP N 398 5.01 -12.56 -63.27
CA ASP N 398 4.10 -11.86 -62.36
C ASP N 398 3.01 -12.76 -61.75
N ASN N 399 2.20 -13.43 -62.59
CA ASN N 399 1.12 -14.31 -62.14
C ASN N 399 1.58 -15.54 -61.36
N GLY N 400 2.86 -15.90 -61.47
CA GLY N 400 3.41 -17.07 -60.80
C GLY N 400 2.78 -18.34 -61.35
N TYR N 401 2.61 -18.38 -62.67
CA TYR N 401 1.99 -19.51 -63.36
C TYR N 401 2.50 -19.55 -64.80
N SER N 402 3.25 -20.60 -65.14
CA SER N 402 3.84 -20.80 -66.46
C SER N 402 2.81 -20.78 -67.60
N ILE N 403 2.68 -19.63 -68.27
CA ILE N 403 1.73 -19.45 -69.37
C ILE N 403 2.42 -19.45 -70.73
N SER N 404 1.95 -20.31 -71.64
CA SER N 404 2.51 -20.42 -72.99
C SER N 404 1.42 -20.35 -74.02
N LYS N 405 1.66 -19.62 -75.11
CA LYS N 405 0.66 -19.45 -76.16
C LYS N 405 0.99 -20.23 -77.44
N PHE N 406 -0.04 -20.51 -78.25
CA PHE N 406 0.11 -21.19 -79.53
C PHE N 406 -0.42 -20.28 -80.61
N CYS N 407 0.47 -19.51 -81.24
CA CYS N 407 0.08 -18.56 -82.28
C CYS N 407 0.25 -19.11 -83.69
N ASN N 408 0.30 -20.44 -83.86
CA ASN N 408 0.48 -21.05 -85.18
C ASN N 408 -0.85 -21.47 -85.80
N HIS N 409 -1.88 -20.64 -85.63
CA HIS N 409 -3.21 -20.92 -86.17
C HIS N 409 -3.22 -20.83 -87.70
N LYS N 410 -2.75 -19.70 -88.25
CA LYS N 410 -2.67 -19.45 -89.70
C LYS N 410 -3.95 -19.82 -90.45
N HIS N 411 -5.12 -19.49 -89.89
CA HIS N 411 -6.43 -19.77 -90.47
C HIS N 411 -6.68 -21.25 -90.72
N GLN N 412 -6.37 -22.09 -89.74
CA GLN N 412 -6.59 -23.53 -89.84
C GLN N 412 -7.55 -23.94 -88.72
N PRO N 413 -8.87 -23.92 -89.01
CA PRO N 413 -9.85 -24.27 -87.97
C PRO N 413 -9.90 -25.75 -87.60
N GLY N 414 -10.53 -26.05 -86.47
CA GLY N 414 -10.67 -27.41 -85.99
C GLY N 414 -10.40 -27.54 -84.50
N GLU N 415 -10.18 -28.78 -84.04
CA GLU N 415 -9.90 -29.03 -82.63
C GLU N 415 -8.40 -29.02 -82.35
N TYR N 416 -7.93 -28.04 -81.57
CA TYR N 416 -6.52 -27.91 -81.21
C TYR N 416 -6.27 -28.54 -79.86
N ILE N 417 -5.35 -29.51 -79.79
CA ILE N 417 -5.04 -30.19 -78.55
C ILE N 417 -3.80 -29.62 -77.87
N PHE N 418 -3.76 -29.68 -76.53
CA PHE N 418 -2.62 -29.19 -75.76
C PHE N 418 -2.32 -30.14 -74.62
N HIS N 419 -1.29 -30.96 -74.75
CA HIS N 419 -0.91 -31.90 -73.71
C HIS N 419 0.30 -31.39 -72.92
N ALA N 420 0.39 -31.77 -71.66
CA ALA N 420 1.49 -31.35 -70.80
C ALA N 420 1.77 -32.42 -69.76
N GLU N 421 2.67 -33.36 -70.10
CA GLU N 421 3.02 -34.45 -69.21
C GLU N 421 4.31 -34.14 -68.44
N ASN N 422 4.18 -33.52 -67.26
CA ASN N 422 5.35 -33.22 -66.43
C ASN N 422 5.58 -34.39 -65.50
N ASP N 423 6.82 -34.93 -65.48
CA ASP N 423 7.27 -36.09 -64.70
C ASP N 423 6.44 -36.43 -63.45
N ASP N 424 5.91 -37.66 -63.42
CA ASP N 424 5.09 -38.25 -62.35
C ASP N 424 3.62 -37.80 -62.34
N ALA N 425 3.13 -37.11 -63.41
CA ALA N 425 1.73 -36.67 -63.55
C ALA N 425 1.44 -36.16 -64.97
N GLN N 426 0.17 -36.20 -65.41
CA GLN N 426 -0.20 -35.77 -66.76
C GLN N 426 -1.39 -34.81 -66.82
N PHE N 427 -1.56 -34.12 -67.99
CA PHE N 427 -2.66 -33.20 -68.25
C PHE N 427 -2.89 -33.01 -69.75
N THR N 428 -4.16 -32.81 -70.15
CA THR N 428 -4.52 -32.58 -71.55
C THR N 428 -5.69 -31.58 -71.62
N LYS N 429 -5.71 -30.74 -72.66
CA LYS N 429 -6.78 -29.76 -72.83
C LYS N 429 -7.00 -29.40 -74.31
N MET N 430 -8.21 -29.60 -74.82
CA MET N 430 -8.52 -29.31 -76.22
C MET N 430 -9.44 -28.10 -76.35
N PHE N 431 -9.27 -27.32 -77.43
CA PHE N 431 -10.07 -26.13 -77.70
C PHE N 431 -10.61 -26.14 -79.14
N THR N 432 -11.78 -25.54 -79.38
CA THR N 432 -12.38 -25.53 -80.71
C THR N 432 -12.47 -24.12 -81.31
N LEU N 433 -11.86 -23.92 -82.48
CA LEU N 433 -11.92 -22.62 -83.16
C LEU N 433 -12.41 -22.80 -84.58
N ASN N 434 -13.31 -21.92 -85.03
CA ASN N 434 -13.86 -22.02 -86.38
C ASN N 434 -13.76 -20.68 -87.12
N ILE N 435 -13.35 -20.70 -88.38
CA ILE N 435 -13.21 -19.48 -89.17
C ILE N 435 -14.56 -18.95 -89.64
N ARG N 436 -14.67 -17.64 -89.82
CA ARG N 436 -15.91 -17.01 -90.28
C ARG N 436 -15.89 -16.82 -91.80
N ARG N 437 -15.95 -17.93 -92.56
CA ARG N 437 -15.95 -17.86 -94.01
C ARG N 437 -17.38 -17.88 -94.57
N LYS N 438 -18.18 -18.88 -94.16
CA LYS N 438 -19.59 -19.07 -94.54
C LYS N 438 -19.82 -19.28 -96.07
N PRO N 439 -19.38 -18.34 -96.92
CA PRO N 439 -18.76 -18.73 -98.21
C PRO N 439 -19.74 -19.31 -99.23
N GLN N 440 -19.27 -19.49 -100.47
CA GLN N 440 -20.06 -20.02 -101.56
C GLN N 440 -20.50 -21.46 -101.36
N VAL N 441 -21.61 -21.85 -102.01
CA VAL N 441 -22.16 -23.20 -101.97
C VAL N 441 -21.92 -23.75 -103.37
N LEU N 442 -21.08 -24.78 -103.51
CA LEU N 442 -20.76 -25.32 -104.83
C LEU N 442 -20.63 -26.83 -104.87
N ALA N 443 -20.46 -27.48 -103.71
CA ALA N 443 -20.31 -28.93 -103.64
C ALA N 443 -21.63 -29.70 -103.71
N GLU N 444 -22.28 -29.67 -104.87
CA GLU N 444 -23.53 -30.39 -105.07
C GLU N 444 -23.22 -31.80 -105.55
N ALA N 445 -24.00 -32.79 -105.08
CA ALA N 445 -23.80 -34.18 -105.50
C ALA N 445 -24.90 -34.59 -106.47
N SER N 446 -24.52 -34.94 -107.70
CA SER N 446 -25.48 -35.32 -108.73
C SER N 446 -26.03 -36.72 -108.53
N ALA N 447 -26.98 -36.87 -107.60
CA ALA N 447 -27.61 -38.16 -107.37
C ALA N 447 -28.80 -38.27 -108.30
N SER N 448 -28.93 -39.41 -109.00
CA SER N 448 -30.03 -39.61 -109.92
C SER N 448 -31.27 -40.19 -109.22
N GLN N 449 -31.07 -41.00 -108.16
CA GLN N 449 -32.14 -41.66 -107.41
C GLN N 449 -33.08 -40.71 -106.65
N ALA N 450 -34.26 -40.43 -107.25
CA ALA N 450 -35.36 -39.58 -106.78
C ALA N 450 -35.01 -38.08 -106.67
N SER N 451 -33.96 -37.71 -105.91
CA SER N 451 -33.59 -36.31 -105.75
C SER N 451 -32.09 -36.16 -105.51
N CYS N 452 -31.47 -35.13 -106.11
CA CYS N 452 -30.04 -34.89 -105.95
C CYS N 452 -29.76 -34.08 -104.69
N PHE N 453 -28.85 -34.57 -103.84
CA PHE N 453 -28.50 -33.86 -102.61
C PHE N 453 -27.54 -32.72 -102.91
N SER N 454 -27.98 -31.47 -102.69
CA SER N 454 -27.14 -30.30 -102.92
C SER N 454 -26.63 -29.77 -101.58
N ASP N 455 -25.32 -29.84 -101.32
CA ASP N 455 -24.77 -29.42 -100.05
C ASP N 455 -23.88 -28.18 -100.11
N GLY N 456 -24.01 -27.33 -99.11
CA GLY N 456 -23.22 -26.12 -99.00
C GLY N 456 -22.25 -26.17 -97.83
N TYR N 457 -21.01 -25.73 -98.03
CA TYR N 457 -19.99 -25.75 -96.99
C TYR N 457 -19.29 -24.39 -96.83
N PRO N 458 -19.13 -23.90 -95.58
CA PRO N 458 -17.87 -24.14 -94.88
C PRO N 458 -18.04 -24.30 -93.35
N LEU N 459 -17.85 -23.24 -92.54
CA LEU N 459 -17.97 -23.31 -91.07
C LEU N 459 -18.23 -21.90 -90.47
N PRO N 460 -18.48 -21.77 -89.15
CA PRO N 460 -19.51 -22.45 -88.37
C PRO N 460 -20.91 -22.03 -88.77
N SER N 461 -21.14 -20.73 -89.01
CA SER N 461 -22.44 -20.24 -89.41
C SER N 461 -22.72 -20.55 -90.88
N TRP N 462 -23.41 -21.65 -91.15
CA TRP N 462 -23.73 -22.05 -92.52
C TRP N 462 -25.17 -22.50 -92.62
N THR N 463 -25.91 -21.97 -93.60
CA THR N 463 -27.30 -22.36 -93.79
C THR N 463 -27.60 -22.52 -95.27
N TRP N 464 -28.08 -23.70 -95.67
CA TRP N 464 -28.42 -23.97 -97.06
C TRP N 464 -29.93 -23.88 -97.23
N LYS N 465 -30.41 -22.95 -98.06
CA LYS N 465 -31.84 -22.77 -98.30
C LYS N 465 -32.10 -22.19 -99.69
N LYS N 466 -32.56 -23.03 -100.62
CA LYS N 466 -32.84 -22.58 -101.98
C LYS N 466 -34.24 -21.98 -102.07
N CYS N 474 -36.57 -18.55 -111.12
CA CYS N 474 -36.19 -17.28 -110.51
C CYS N 474 -36.85 -17.06 -109.14
N THR N 475 -38.16 -17.32 -109.04
CA THR N 475 -38.89 -17.14 -107.79
C THR N 475 -38.63 -18.29 -106.78
N GLU N 476 -39.02 -18.10 -105.52
CA GLU N 476 -38.82 -19.12 -104.48
C GLU N 476 -39.76 -20.31 -104.64
N GLU N 477 -39.24 -21.51 -104.41
CA GLU N 477 -40.03 -22.73 -104.53
C GLU N 477 -40.31 -23.35 -103.15
N ILE N 478 -41.54 -23.83 -102.95
CA ILE N 478 -41.94 -24.46 -101.69
C ILE N 478 -41.56 -25.96 -101.64
N THR N 479 -41.71 -26.58 -100.45
CA THR N 479 -41.42 -27.99 -100.17
C THR N 479 -39.95 -28.36 -100.40
N GLU N 480 -39.24 -28.62 -99.29
CA GLU N 480 -37.83 -29.01 -99.31
C GLU N 480 -37.63 -30.38 -98.64
N GLY N 481 -36.51 -31.03 -98.92
CA GLY N 481 -36.19 -32.33 -98.36
C GLY N 481 -35.54 -32.26 -96.99
N VAL N 482 -34.29 -32.71 -96.89
CA VAL N 482 -33.54 -32.72 -95.63
C VAL N 482 -33.09 -31.31 -95.19
N TRP N 483 -32.70 -31.16 -93.92
CA TRP N 483 -32.24 -29.87 -93.41
C TRP N 483 -30.95 -30.02 -92.59
N ASN N 484 -30.11 -31.02 -92.92
CA ASN N 484 -28.83 -31.33 -92.28
C ASN N 484 -29.00 -31.63 -90.75
N ARG N 485 -28.80 -30.64 -89.84
CA ARG N 485 -28.90 -30.78 -88.38
C ARG N 485 -28.16 -32.00 -87.81
N LYS N 486 -26.92 -31.79 -87.36
CA LYS N 486 -26.10 -32.88 -86.81
C LYS N 486 -25.10 -32.36 -85.77
N ALA N 487 -24.72 -33.21 -84.82
CA ALA N 487 -23.79 -32.82 -83.77
C ALA N 487 -22.34 -32.77 -84.26
N ASN N 488 -21.55 -31.83 -83.74
CA ASN N 488 -20.15 -31.66 -84.11
C ASN N 488 -19.23 -32.70 -83.44
N ARG N 489 -18.03 -32.90 -84.02
CA ARG N 489 -17.01 -33.85 -83.56
C ARG N 489 -17.51 -35.30 -83.57
N LYS N 490 -17.74 -35.85 -84.75
CA LYS N 490 -18.23 -37.22 -84.88
C LYS N 490 -17.28 -38.09 -85.72
N VAL N 491 -16.09 -38.41 -85.15
CA VAL N 491 -15.02 -39.24 -85.74
C VAL N 491 -14.44 -38.67 -87.05
N PHE N 492 -13.19 -39.01 -87.34
CA PHE N 492 -12.53 -38.55 -88.56
C PHE N 492 -12.77 -39.52 -89.74
N GLY N 493 -12.72 -38.99 -90.96
CA GLY N 493 -12.92 -39.80 -92.14
C GLY N 493 -12.63 -39.05 -93.43
N GLN N 494 -13.63 -38.34 -93.95
CA GLN N 494 -13.47 -37.58 -95.20
C GLN N 494 -13.19 -36.11 -94.95
N TRP N 495 -12.52 -35.45 -95.92
CA TRP N 495 -12.20 -34.04 -95.82
C TRP N 495 -13.42 -33.17 -96.12
N VAL N 496 -13.55 -32.03 -95.42
CA VAL N 496 -14.61 -31.02 -95.53
C VAL N 496 -15.99 -31.55 -95.12
N SER N 497 -16.78 -30.69 -94.46
CA SER N 497 -18.13 -31.03 -94.02
C SER N 497 -19.14 -30.01 -94.54
N SER N 498 -20.25 -30.49 -95.10
CA SER N 498 -21.27 -29.61 -95.66
C SER N 498 -22.66 -29.87 -95.07
N SER N 499 -23.58 -28.91 -95.23
CA SER N 499 -24.94 -29.03 -94.73
C SER N 499 -25.90 -29.23 -95.90
N THR N 500 -26.22 -30.48 -96.23
CA THR N 500 -27.11 -30.79 -97.35
C THR N 500 -28.55 -30.42 -97.03
N LEU N 501 -29.25 -29.79 -97.99
CA LEU N 501 -30.63 -29.38 -97.78
C LEU N 501 -31.43 -29.33 -99.09
N ASN N 502 -31.38 -30.41 -99.89
CA ASN N 502 -32.12 -30.45 -101.15
C ASN N 502 -32.55 -31.86 -101.53
N MET N 503 -33.87 -32.09 -101.61
CA MET N 503 -34.47 -33.37 -101.99
C MET N 503 -35.93 -33.15 -102.39
N SER N 504 -36.15 -32.62 -103.60
CA SER N 504 -37.51 -32.36 -104.09
C SER N 504 -37.92 -33.28 -105.25
N GLU N 505 -39.24 -33.38 -105.50
CA GLU N 505 -39.76 -34.26 -106.56
C GLU N 505 -40.46 -33.51 -107.71
N ALA N 506 -40.46 -32.17 -107.69
CA ALA N 506 -41.09 -31.38 -108.75
C ALA N 506 -40.30 -31.42 -110.06
N ILE N 507 -40.99 -31.36 -111.21
CA ILE N 507 -40.33 -31.42 -112.50
C ILE N 507 -39.97 -30.05 -113.05
N LYS N 508 -38.79 -29.54 -112.67
CA LYS N 508 -38.32 -28.24 -113.15
C LYS N 508 -37.35 -28.35 -114.34
N GLY N 509 -36.68 -29.48 -114.46
CA GLY N 509 -35.70 -29.69 -115.52
C GLY N 509 -34.33 -29.24 -115.07
N PHE N 510 -33.61 -28.54 -115.95
CA PHE N 510 -32.27 -28.05 -115.62
C PHE N 510 -32.34 -26.82 -114.74
N LEU N 511 -32.01 -26.96 -113.45
CA LEU N 511 -32.03 -25.83 -112.52
C LEU N 511 -30.99 -25.98 -111.40
N VAL N 512 -30.95 -27.16 -110.73
CA VAL N 512 -30.04 -27.51 -109.63
C VAL N 512 -30.11 -26.56 -108.43
N LYS N 513 -30.46 -27.10 -107.26
CA LYS N 513 -30.60 -26.35 -106.01
C LYS N 513 -29.21 -25.93 -105.39
N CYS N 514 -29.22 -25.46 -104.13
CA CYS N 514 -28.07 -24.98 -103.33
C CYS N 514 -27.87 -23.47 -103.43
N CYS N 515 -28.35 -22.75 -102.42
CA CYS N 515 -28.20 -21.30 -102.29
C CYS N 515 -27.98 -21.04 -100.82
N ALA N 516 -26.73 -20.80 -100.43
CA ALA N 516 -26.39 -20.56 -99.05
C ALA N 516 -26.71 -19.15 -98.60
N TYR N 517 -27.21 -19.02 -97.37
CA TYR N 517 -27.51 -17.73 -96.75
C TYR N 517 -26.93 -17.73 -95.35
N ASN N 518 -26.15 -16.70 -95.01
CA ASN N 518 -25.55 -16.59 -93.68
C ASN N 518 -25.28 -15.13 -93.31
N SER N 519 -24.78 -14.88 -92.08
CA SER N 519 -24.47 -13.53 -91.62
C SER N 519 -23.37 -12.89 -92.47
N LEU N 520 -22.44 -13.69 -93.00
CA LEU N 520 -21.36 -13.17 -93.84
C LEU N 520 -21.80 -12.82 -95.26
N GLY N 521 -22.84 -13.48 -95.77
CA GLY N 521 -23.35 -13.21 -97.10
C GLY N 521 -24.13 -14.35 -97.74
N THR N 522 -24.24 -14.30 -99.08
CA THR N 522 -24.94 -15.31 -99.87
C THR N 522 -24.17 -15.69 -101.14
N SER N 523 -24.43 -16.90 -101.64
CA SER N 523 -23.84 -17.51 -102.83
C SER N 523 -24.71 -18.71 -103.28
N CYS N 524 -24.55 -19.17 -104.53
CA CYS N 524 -25.34 -20.31 -105.03
C CYS N 524 -24.57 -21.17 -106.05
N GLU N 525 -25.01 -22.43 -106.21
CA GLU N 525 -24.42 -23.41 -107.11
C GLU N 525 -25.10 -23.42 -108.51
N THR N 526 -24.60 -24.26 -109.45
CA THR N 526 -25.14 -24.35 -110.81
C THR N 526 -26.62 -24.73 -110.83
N THR O 22 -32.29 1.02 13.83
CA THR O 22 -32.38 -0.16 14.68
C THR O 22 -31.70 0.07 16.04
N GLN O 23 -30.64 0.89 16.06
CA GLN O 23 -29.91 1.21 17.29
C GLN O 23 -30.34 2.58 17.84
N ASP O 24 -30.04 2.84 19.12
CA ASP O 24 -30.41 4.11 19.74
C ASP O 24 -29.58 5.25 19.17
N CYS O 25 -30.23 6.34 18.77
CA CYS O 25 -29.51 7.49 18.22
C CYS O 25 -29.14 8.53 19.28
N SER O 26 -28.99 8.09 20.53
CA SER O 26 -28.62 8.93 21.66
C SER O 26 -27.19 8.63 22.05
N PHE O 27 -26.22 9.32 21.43
CA PHE O 27 -24.81 9.09 21.71
C PHE O 27 -24.34 9.65 23.06
N GLN O 28 -23.16 9.20 23.53
CA GLN O 28 -22.58 9.61 24.80
C GLN O 28 -22.01 11.02 24.67
N HIS O 29 -21.38 11.35 23.52
CA HIS O 29 -20.84 12.68 23.31
C HIS O 29 -21.44 13.38 22.09
N SER O 30 -21.52 14.71 22.18
CA SER O 30 -22.09 15.59 21.16
C SER O 30 -21.45 15.45 19.80
N PRO O 31 -22.23 15.03 18.79
CA PRO O 31 -21.69 14.97 17.43
C PRO O 31 -21.74 16.32 16.69
N ILE O 32 -22.40 17.35 17.28
CA ILE O 32 -22.50 18.68 16.69
C ILE O 32 -21.43 19.58 17.29
N SER O 33 -20.46 19.97 16.45
CA SER O 33 -19.33 20.81 16.86
C SER O 33 -19.74 22.27 17.07
N SER O 34 -18.86 23.07 17.68
CA SER O 34 -19.10 24.48 17.91
C SER O 34 -18.64 25.35 16.73
N ASP O 35 -17.72 24.84 15.87
CA ASP O 35 -17.21 25.63 14.74
C ASP O 35 -17.91 25.38 13.39
N PHE O 36 -19.07 24.72 13.40
CA PHE O 36 -19.83 24.43 12.19
C PHE O 36 -20.26 25.69 11.43
N ALA O 37 -20.61 26.78 12.14
CA ALA O 37 -21.05 28.03 11.53
C ALA O 37 -19.95 28.67 10.67
N VAL O 38 -18.71 28.68 11.18
CA VAL O 38 -17.58 29.23 10.43
C VAL O 38 -17.31 28.38 9.19
N LYS O 39 -17.36 27.06 9.33
CA LYS O 39 -17.13 26.16 8.21
C LYS O 39 -18.19 26.32 7.13
N ILE O 40 -19.46 26.47 7.52
CA ILE O 40 -20.55 26.64 6.57
C ILE O 40 -20.47 27.99 5.85
N ARG O 41 -20.14 29.06 6.60
CA ARG O 41 -20.00 30.39 5.99
C ARG O 41 -18.83 30.43 5.02
N GLU O 42 -17.74 29.72 5.34
CA GLU O 42 -16.56 29.67 4.46
C GLU O 42 -16.90 29.01 3.13
N LEU O 43 -17.64 27.89 3.16
CA LEU O 43 -18.04 27.22 1.92
C LEU O 43 -19.00 28.12 1.13
N SER O 44 -19.92 28.80 1.82
CA SER O 44 -20.91 29.71 1.23
C SER O 44 -20.23 30.91 0.55
N ASP O 45 -19.11 31.39 1.09
CA ASP O 45 -18.43 32.54 0.53
C ASP O 45 -17.47 32.18 -0.61
N TYR O 46 -16.97 30.93 -0.65
CA TYR O 46 -16.04 30.52 -1.70
C TYR O 46 -16.69 29.82 -2.89
N LEU O 47 -17.99 29.42 -2.80
CA LEU O 47 -18.63 28.77 -3.94
C LEU O 47 -18.95 29.78 -5.03
N ASP O 48 -18.26 29.66 -6.17
CA ASP O 48 -18.50 30.54 -7.31
C ASP O 48 -19.73 30.10 -8.13
N GLN O 49 -20.07 28.80 -8.08
CA GLN O 49 -21.22 28.25 -8.78
C GLN O 49 -22.26 27.74 -7.79
N ASP O 50 -23.51 28.15 -7.99
CA ASP O 50 -24.61 27.79 -7.10
C ASP O 50 -25.31 26.49 -7.53
N TYR O 51 -24.69 25.34 -7.21
CA TYR O 51 -25.18 23.99 -7.51
C TYR O 51 -26.66 23.78 -7.20
N PRO O 52 -27.41 23.15 -8.12
CA PRO O 52 -28.84 22.93 -7.87
C PRO O 52 -29.09 21.75 -6.95
N VAL O 53 -29.83 21.98 -5.88
CA VAL O 53 -30.15 20.94 -4.90
C VAL O 53 -31.66 20.99 -4.55
N THR O 54 -32.14 20.14 -3.62
CA THR O 54 -33.55 20.13 -3.23
C THR O 54 -33.69 20.13 -1.71
N VAL O 55 -34.85 20.56 -1.20
CA VAL O 55 -35.18 20.53 0.21
C VAL O 55 -36.56 19.91 0.35
N ALA O 56 -36.79 19.15 1.43
CA ALA O 56 -38.09 18.53 1.66
C ALA O 56 -39.12 19.61 1.98
N SER O 57 -40.32 19.49 1.43
CA SER O 57 -41.36 20.47 1.63
C SER O 57 -42.52 19.98 2.53
N ASN O 58 -42.63 18.66 2.78
CA ASN O 58 -43.75 18.14 3.56
C ASN O 58 -43.39 17.17 4.70
N LEU O 59 -42.24 17.38 5.35
CA LEU O 59 -41.87 16.54 6.50
C LEU O 59 -42.82 16.82 7.68
N GLN O 60 -42.90 15.89 8.66
CA GLN O 60 -43.75 16.08 9.84
C GLN O 60 -43.32 17.34 10.59
N ASP O 61 -44.28 18.21 10.89
CA ASP O 61 -44.05 19.55 11.42
C ASP O 61 -43.53 19.64 12.87
N GLU O 62 -42.20 19.60 13.00
CA GLU O 62 -41.51 19.79 14.27
C GLU O 62 -40.04 20.10 13.97
N GLU O 63 -39.50 21.11 14.65
CA GLU O 63 -38.12 21.52 14.46
C GLU O 63 -37.12 20.54 15.10
N LEU O 64 -37.50 19.89 16.20
CA LEU O 64 -36.62 18.95 16.88
C LEU O 64 -36.51 17.63 16.12
N CYS O 65 -37.62 16.86 16.02
CA CYS O 65 -37.59 15.59 15.30
C CYS O 65 -37.28 15.77 13.82
N GLY O 66 -37.79 16.84 13.22
CA GLY O 66 -37.54 17.12 11.82
C GLY O 66 -36.12 17.55 11.50
N GLY O 67 -35.40 18.04 12.50
CA GLY O 67 -34.03 18.47 12.33
C GLY O 67 -33.11 17.38 11.81
N LEU O 68 -33.21 16.19 12.41
CA LEU O 68 -32.40 15.04 12.00
C LEU O 68 -32.74 14.65 10.56
N TRP O 69 -34.03 14.62 10.22
CA TRP O 69 -34.46 14.27 8.87
C TRP O 69 -33.89 15.21 7.83
N ARG O 70 -33.91 16.52 8.12
CA ARG O 70 -33.38 17.51 7.20
C ARG O 70 -31.86 17.35 7.04
N LEU O 71 -31.16 16.99 8.11
CA LEU O 71 -29.71 16.75 8.08
C LEU O 71 -29.34 15.49 7.30
N VAL O 72 -30.21 14.45 7.35
CA VAL O 72 -29.99 13.22 6.60
C VAL O 72 -30.06 13.55 5.10
N LEU O 73 -31.05 14.34 4.69
CA LEU O 73 -31.20 14.75 3.30
C LEU O 73 -30.04 15.65 2.87
N ALA O 74 -29.62 16.58 3.74
CA ALA O 74 -28.50 17.48 3.44
C ALA O 74 -27.18 16.71 3.31
N GLN O 75 -26.96 15.69 4.13
CA GLN O 75 -25.74 14.88 4.08
C GLN O 75 -25.63 14.15 2.77
N ARG O 76 -26.75 13.62 2.23
CA ARG O 76 -26.75 12.96 0.92
C ARG O 76 -26.32 13.96 -0.16
N TRP O 77 -26.83 15.20 -0.08
CA TRP O 77 -26.47 16.23 -1.03
C TRP O 77 -25.01 16.62 -0.95
N MET O 78 -24.46 16.68 0.26
CA MET O 78 -23.05 17.00 0.44
C MET O 78 -22.17 15.93 -0.21
N GLU O 79 -22.55 14.65 -0.07
CA GLU O 79 -21.79 13.56 -0.70
C GLU O 79 -21.91 13.65 -2.21
N ARG O 80 -23.10 13.98 -2.72
CA ARG O 80 -23.36 14.13 -4.15
C ARG O 80 -22.57 15.29 -4.74
N LEU O 81 -22.40 16.38 -3.98
CA LEU O 81 -21.63 17.54 -4.43
C LEU O 81 -20.14 17.24 -4.56
N LYS O 82 -19.61 16.36 -3.72
CA LYS O 82 -18.21 15.95 -3.78
C LYS O 82 -17.91 15.25 -5.13
N THR O 83 -18.90 14.54 -5.69
CA THR O 83 -18.74 13.84 -6.97
C THR O 83 -18.86 14.73 -8.21
N VAL O 84 -19.33 15.97 -8.06
CA VAL O 84 -19.51 16.85 -9.22
C VAL O 84 -18.59 18.08 -9.16
N ALA O 85 -18.22 18.55 -7.95
CA ALA O 85 -17.35 19.70 -7.80
C ALA O 85 -15.94 19.39 -8.27
N GLY O 86 -15.26 20.39 -8.82
CA GLY O 86 -13.91 20.29 -9.36
C GLY O 86 -12.86 19.99 -8.30
N SER O 87 -11.61 19.88 -8.74
CA SER O 87 -10.49 19.59 -7.84
C SER O 87 -10.37 20.61 -6.70
N LYS O 88 -10.42 21.90 -7.03
CA LYS O 88 -10.27 22.97 -6.04
C LYS O 88 -11.37 23.01 -4.99
N MET O 89 -12.60 22.59 -5.33
CA MET O 89 -13.71 22.63 -4.39
C MET O 89 -13.90 21.35 -3.58
N GLN O 90 -13.20 20.26 -3.93
CA GLN O 90 -13.34 18.98 -3.23
C GLN O 90 -13.06 19.08 -1.74
N GLY O 91 -11.96 19.73 -1.40
CA GLY O 91 -11.57 19.91 0.00
C GLY O 91 -12.60 20.66 0.81
N LEU O 92 -13.11 21.78 0.28
CA LEU O 92 -14.11 22.58 0.96
C LEU O 92 -15.44 21.86 1.11
N LEU O 93 -15.86 21.11 0.09
CA LEU O 93 -17.11 20.36 0.15
C LEU O 93 -17.00 19.23 1.19
N GLU O 94 -15.87 18.52 1.20
CA GLU O 94 -15.65 17.42 2.14
C GLU O 94 -15.58 17.92 3.58
N ARG O 95 -15.07 19.14 3.79
CA ARG O 95 -15.01 19.73 5.13
C ARG O 95 -16.41 19.88 5.71
N VAL O 96 -17.39 20.27 4.87
CA VAL O 96 -18.77 20.38 5.33
C VAL O 96 -19.36 18.99 5.57
N ASN O 97 -19.07 18.04 4.67
CA ASN O 97 -19.51 16.66 4.78
C ASN O 97 -19.07 16.04 6.12
N THR O 98 -17.81 16.30 6.54
CA THR O 98 -17.31 15.75 7.80
C THR O 98 -18.03 16.27 9.05
N GLU O 99 -18.65 17.45 8.98
CA GLU O 99 -19.38 17.99 10.12
C GLU O 99 -20.74 17.33 10.30
N ILE O 100 -21.35 16.84 9.20
CA ILE O 100 -22.67 16.23 9.25
C ILE O 100 -22.70 14.72 8.93
N HIS O 101 -21.53 14.09 8.79
CA HIS O 101 -21.37 12.65 8.49
C HIS O 101 -21.94 11.75 9.60
N PHE O 102 -22.10 12.27 10.83
CA PHE O 102 -22.64 11.51 11.97
C PHE O 102 -23.99 10.88 11.71
N VAL O 103 -24.81 11.47 10.81
CA VAL O 103 -26.12 10.89 10.50
C VAL O 103 -25.99 9.49 9.87
N THR O 104 -24.86 9.20 9.19
CA THR O 104 -24.61 7.89 8.58
C THR O 104 -24.39 6.78 9.63
N LYS O 105 -24.13 7.14 10.89
CA LYS O 105 -23.92 6.16 11.97
C LYS O 105 -25.23 5.53 12.44
N CYS O 106 -26.39 6.17 12.19
CA CYS O 106 -27.69 5.64 12.57
C CYS O 106 -28.38 4.98 11.37
N ALA O 107 -29.18 3.94 11.62
CA ALA O 107 -29.86 3.24 10.53
C ALA O 107 -31.13 3.95 10.04
N PHE O 108 -30.96 5.15 9.48
CA PHE O 108 -32.08 5.91 8.93
C PHE O 108 -32.60 5.18 7.71
N GLN O 109 -33.91 5.00 7.65
CA GLN O 109 -34.56 4.26 6.58
C GLN O 109 -34.74 5.11 5.31
N PRO O 110 -34.97 4.45 4.15
CA PRO O 110 -35.12 5.22 2.90
C PRO O 110 -36.32 6.14 2.93
N PRO O 111 -36.22 7.32 2.30
CA PRO O 111 -37.36 8.26 2.30
C PRO O 111 -38.64 7.66 1.73
N PRO O 112 -39.79 7.95 2.37
CA PRO O 112 -41.05 7.38 1.88
C PRO O 112 -41.51 8.00 0.57
N SER O 113 -42.39 7.32 -0.16
CA SER O 113 -42.93 7.81 -1.42
C SER O 113 -43.75 9.09 -1.28
N CYS O 114 -44.26 9.39 -0.07
CA CYS O 114 -45.04 10.58 0.21
C CYS O 114 -44.19 11.86 0.11
N LEU O 115 -42.88 11.76 0.42
CA LEU O 115 -41.94 12.88 0.43
C LEU O 115 -41.92 13.73 -0.84
N ARG O 116 -42.12 15.04 -0.67
CA ARG O 116 -42.10 16.04 -1.74
C ARG O 116 -40.95 16.99 -1.49
N PHE O 117 -40.32 17.43 -2.57
CA PHE O 117 -39.20 18.36 -2.46
C PHE O 117 -39.23 19.45 -3.51
N VAL O 118 -38.70 20.62 -3.15
CA VAL O 118 -38.63 21.77 -4.05
C VAL O 118 -37.18 22.05 -4.44
N GLN O 119 -36.96 22.50 -5.69
CA GLN O 119 -35.61 22.80 -6.15
C GLN O 119 -35.13 24.11 -5.56
N THR O 120 -33.92 24.11 -5.02
CA THR O 120 -33.28 25.29 -4.45
C THR O 120 -31.76 25.30 -4.79
N ASN O 121 -31.01 26.27 -4.28
CA ASN O 121 -29.57 26.36 -4.53
C ASN O 121 -28.75 25.90 -3.33
N ILE O 122 -27.48 25.53 -3.55
CA ILE O 122 -26.60 25.06 -2.50
C ILE O 122 -26.43 26.07 -1.36
N SER O 123 -26.44 27.37 -1.66
CA SER O 123 -26.31 28.39 -0.61
C SER O 123 -27.45 28.29 0.41
N ARG O 124 -28.67 28.12 -0.08
CA ARG O 124 -29.81 28.00 0.81
C ARG O 124 -29.68 26.72 1.62
N LEU O 125 -29.41 25.61 0.94
CA LEU O 125 -29.32 24.33 1.62
C LEU O 125 -28.29 24.38 2.74
N LEU O 126 -27.16 25.07 2.52
CA LEU O 126 -26.13 25.20 3.54
C LEU O 126 -26.63 26.01 4.72
N GLN O 127 -27.35 27.12 4.45
CA GLN O 127 -27.91 27.95 5.51
C GLN O 127 -28.94 27.16 6.32
N GLU O 128 -29.80 26.40 5.63
CA GLU O 128 -30.82 25.58 6.30
C GLU O 128 -30.14 24.51 7.16
N THR O 129 -29.09 23.89 6.64
CA THR O 129 -28.34 22.86 7.37
C THR O 129 -27.77 23.40 8.67
N SER O 130 -27.15 24.60 8.62
CA SER O 130 -26.59 25.21 9.82
C SER O 130 -27.69 25.47 10.85
N GLU O 131 -28.85 25.95 10.40
CA GLU O 131 -29.98 26.23 11.26
C GLU O 131 -30.48 24.98 11.98
N GLN O 132 -30.51 23.84 11.28
CA GLN O 132 -30.95 22.59 11.89
C GLN O 132 -29.96 22.13 12.95
N LEU O 133 -28.66 22.31 12.71
CA LEU O 133 -27.65 21.91 13.69
C LEU O 133 -27.73 22.73 14.96
N VAL O 134 -28.06 24.04 14.84
CA VAL O 134 -28.23 24.91 16.02
C VAL O 134 -29.37 24.39 16.88
N ALA O 135 -30.47 23.97 16.23
CA ALA O 135 -31.65 23.44 16.92
C ALA O 135 -31.42 22.06 17.51
N LEU O 136 -30.66 21.19 16.83
CA LEU O 136 -30.45 19.82 17.31
C LEU O 136 -29.32 19.66 18.34
N LYS O 137 -28.29 20.52 18.26
CA LYS O 137 -27.12 20.47 19.13
C LYS O 137 -27.43 20.27 20.63
N PRO O 138 -28.33 21.05 21.28
CA PRO O 138 -28.58 20.83 22.71
C PRO O 138 -29.40 19.60 23.06
N TRP O 139 -30.00 18.92 22.07
CA TRP O 139 -30.83 17.76 22.36
C TRP O 139 -30.28 16.43 21.87
N ILE O 140 -29.26 16.45 20.99
CA ILE O 140 -28.70 15.25 20.37
C ILE O 140 -28.27 14.12 21.34
N THR O 141 -27.80 14.46 22.55
CA THR O 141 -27.36 13.45 23.51
C THR O 141 -28.34 13.24 24.67
N ARG O 142 -29.41 14.04 24.77
CA ARG O 142 -30.37 13.98 25.88
C ARG O 142 -31.58 13.09 25.66
N GLN O 143 -32.06 13.00 24.42
CA GLN O 143 -33.27 12.22 24.13
C GLN O 143 -33.03 10.96 23.32
N ASN O 144 -33.91 9.98 23.45
CA ASN O 144 -33.79 8.73 22.71
C ASN O 144 -34.48 8.91 21.37
N PHE O 145 -33.71 8.86 20.27
CA PHE O 145 -34.28 9.03 18.94
C PHE O 145 -34.46 7.71 18.18
N SER O 146 -34.66 6.61 18.93
CA SER O 146 -34.91 5.27 18.37
C SER O 146 -36.21 5.21 17.54
N ARG O 147 -37.05 6.25 17.59
CA ARG O 147 -38.29 6.34 16.83
C ARG O 147 -38.20 7.33 15.65
N CYS O 148 -37.04 7.95 15.41
CA CYS O 148 -36.88 8.91 14.31
C CYS O 148 -36.22 8.31 13.06
N LEU O 149 -35.87 7.02 13.06
CA LEU O 149 -35.22 6.38 11.92
C LEU O 149 -36.04 6.45 10.63
N GLU O 150 -37.37 6.48 10.74
CA GLU O 150 -38.23 6.59 9.57
C GLU O 150 -38.68 8.03 9.39
N LEU O 151 -38.39 8.61 8.22
CA LEU O 151 -38.80 9.97 7.89
C LEU O 151 -40.33 9.99 7.77
N GLN O 152 -40.99 10.97 8.39
CA GLN O 152 -42.45 11.04 8.37
C GLN O 152 -42.92 12.18 7.50
N CYS O 153 -43.95 11.90 6.69
CA CYS O 153 -44.52 12.84 5.73
C CYS O 153 -45.89 13.28 6.21
N GLN O 154 -46.18 14.58 6.15
CA GLN O 154 -47.47 15.12 6.53
C GLN O 154 -47.71 16.38 5.70
N PRO O 155 -48.65 16.34 4.74
CA PRO O 155 -48.87 17.53 3.89
C PRO O 155 -49.67 18.62 4.58
N ALA P 79 18.07 62.82 53.41
CA ALA P 79 17.06 62.02 54.11
C ALA P 79 15.75 61.94 53.33
N ALA P 80 15.43 62.98 52.54
CA ALA P 80 14.21 63.06 51.74
C ALA P 80 14.38 62.43 50.37
N VAL P 81 13.51 61.48 50.03
CA VAL P 81 13.55 60.75 48.75
C VAL P 81 12.36 61.12 47.87
N GLU P 82 12.56 61.38 46.57
CA GLU P 82 11.47 61.72 45.65
C GLU P 82 11.33 60.64 44.58
N VAL P 83 10.26 59.83 44.64
CA VAL P 83 10.04 58.74 43.68
C VAL P 83 9.08 59.12 42.56
N ASP P 84 9.59 59.18 41.33
CA ASP P 84 8.77 59.51 40.18
C ASP P 84 8.38 58.22 39.43
N VAL P 85 7.08 57.89 39.44
CA VAL P 85 6.47 56.73 38.78
C VAL P 85 7.13 55.38 39.26
N SER P 86 6.93 54.23 38.56
CA SER P 86 7.52 52.96 38.94
C SER P 86 9.00 52.95 38.54
N ALA P 87 9.82 53.69 39.31
CA ALA P 87 11.25 53.82 39.04
C ALA P 87 12.08 52.70 39.67
N SER P 88 13.18 52.33 39.02
CA SER P 88 14.06 51.28 39.51
C SER P 88 15.43 51.87 39.85
N ILE P 89 15.64 52.23 41.12
CA ILE P 89 16.92 52.77 41.61
C ILE P 89 17.41 52.04 42.88
N THR P 90 18.70 52.17 43.19
CA THR P 90 19.27 51.52 44.36
C THR P 90 19.49 52.50 45.50
N LEU P 91 19.17 52.07 46.72
CA LEU P 91 19.34 52.84 47.95
C LEU P 91 20.03 52.00 49.04
N GLN P 92 20.78 50.95 48.66
CA GLN P 92 21.47 50.11 49.63
C GLN P 92 22.93 50.49 49.73
N VAL P 93 23.20 51.71 50.22
CA VAL P 93 24.56 52.22 50.37
C VAL P 93 25.34 51.47 51.45
N LEU P 94 26.68 51.47 51.36
CA LEU P 94 27.51 50.77 52.33
C LEU P 94 28.35 51.72 53.19
N VAL P 95 28.24 51.57 54.52
CA VAL P 95 28.98 52.36 55.51
C VAL P 95 29.90 51.41 56.29
N ASP P 96 31.17 51.82 56.49
CA ASP P 96 32.20 51.05 57.18
C ASP P 96 31.81 50.54 58.57
N ALA P 97 31.30 49.30 58.63
CA ALA P 97 30.88 48.69 59.89
C ALA P 97 31.21 47.17 59.97
N PRO P 98 32.51 46.80 60.08
CA PRO P 98 32.85 45.37 60.17
C PRO P 98 32.88 44.87 61.61
N GLY P 99 32.53 43.60 61.79
CA GLY P 99 32.53 42.98 63.12
C GLY P 99 31.22 42.35 63.50
N ASN P 100 30.95 42.23 64.81
CA ASN P 100 29.72 41.63 65.33
C ASN P 100 28.55 42.61 65.25
N ILE P 101 28.11 42.90 64.02
CA ILE P 101 27.03 43.83 63.74
C ILE P 101 25.92 43.15 62.91
N SER P 102 24.66 43.24 63.38
CA SER P 102 23.52 42.67 62.68
C SER P 102 22.37 43.67 62.68
N CYS P 103 21.75 43.89 61.51
CA CYS P 103 20.64 44.85 61.42
C CYS P 103 19.29 44.19 61.06
N LEU P 104 18.19 44.96 61.14
CA LEU P 104 16.84 44.48 60.82
C LEU P 104 16.03 45.65 60.24
N TRP P 105 15.43 45.45 59.05
CA TRP P 105 14.68 46.52 58.40
C TRP P 105 13.30 46.74 58.99
N VAL P 106 12.95 48.02 59.24
CA VAL P 106 11.67 48.42 59.80
C VAL P 106 10.93 49.28 58.78
N PHE P 107 10.12 48.64 57.92
CA PHE P 107 9.36 49.31 56.87
C PHE P 107 8.14 50.10 57.40
N LYS P 108 7.36 50.73 56.50
CA LYS P 108 6.17 51.49 56.87
C LYS P 108 5.18 50.62 57.67
N HIS P 109 5.18 50.77 59.01
CA HIS P 109 4.33 50.04 59.96
C HIS P 109 4.35 48.52 59.78
N SER P 110 5.48 47.97 59.32
CA SER P 110 5.64 46.54 59.08
C SER P 110 7.11 46.13 59.19
N SER P 111 7.37 44.87 59.52
CA SER P 111 8.73 44.37 59.66
C SER P 111 9.30 43.81 58.36
N LEU P 112 10.62 43.84 58.22
CA LEU P 112 11.28 43.31 57.03
C LEU P 112 12.55 42.57 57.40
N ASN P 113 12.56 41.26 57.13
CA ASN P 113 13.68 40.38 57.42
C ASN P 113 14.79 40.58 56.40
N CYS P 114 16.02 40.74 56.89
CA CYS P 114 17.19 40.93 56.04
C CYS P 114 18.44 40.25 56.60
N GLN P 115 19.45 40.04 55.75
CA GLN P 115 20.71 39.42 56.14
C GLN P 115 21.84 40.16 55.43
N PRO P 116 22.54 41.05 56.14
CA PRO P 116 23.59 41.84 55.48
C PRO P 116 24.98 41.20 55.48
N HIS P 117 25.91 41.80 54.73
CA HIS P 117 27.28 41.29 54.64
C HIS P 117 28.26 42.26 55.28
N PHE P 118 28.66 42.00 56.53
CA PHE P 118 29.60 42.87 57.23
C PHE P 118 30.97 42.20 57.40
N GLY P 124 28.40 47.30 56.95
CA GLY P 124 27.63 46.24 56.31
C GLY P 124 26.49 46.78 55.48
N VAL P 125 26.13 46.07 54.40
CA VAL P 125 25.05 46.52 53.52
C VAL P 125 23.88 45.52 53.43
N VAL P 126 22.65 46.00 53.70
CA VAL P 126 21.44 45.18 53.66
C VAL P 126 20.52 45.55 52.47
N SER P 127 19.56 44.67 52.13
CA SER P 127 18.63 44.86 51.01
C SER P 127 17.74 46.12 51.08
N MET P 128 18.18 47.20 50.42
CA MET P 128 17.46 48.47 50.36
C MET P 128 17.25 49.00 48.93
N VAL P 129 17.63 48.24 47.89
CA VAL P 129 17.45 48.66 46.49
C VAL P 129 16.03 48.31 46.01
N ILE P 130 15.50 49.09 45.05
CA ILE P 130 14.14 48.85 44.58
C ILE P 130 14.01 48.85 43.05
N LEU P 131 13.25 47.90 42.53
CA LEU P 131 12.97 47.79 41.10
C LEU P 131 11.47 48.02 40.93
N LYS P 132 11.09 49.14 40.29
CA LYS P 132 9.71 49.59 40.09
C LYS P 132 9.00 49.82 41.43
N MET P 133 9.24 50.99 42.05
CA MET P 133 8.63 51.33 43.34
C MET P 133 7.15 51.63 43.20
N THR P 134 6.29 50.65 43.52
CA THR P 134 4.83 50.76 43.41
C THR P 134 4.26 51.89 44.25
N GLU P 135 3.05 52.37 43.90
CA GLU P 135 2.37 53.44 44.62
C GLU P 135 2.23 53.13 46.12
N THR P 136 2.19 51.85 46.48
CA THR P 136 2.10 51.40 47.86
C THR P 136 3.49 51.45 48.52
N GLN P 137 4.53 51.01 47.79
CA GLN P 137 5.91 50.97 48.26
C GLN P 137 6.58 52.34 48.36
N ALA P 138 6.24 53.09 49.44
CA ALA P 138 6.77 54.42 49.76
C ALA P 138 6.42 54.81 51.20
N GLY P 139 7.30 55.56 51.86
CA GLY P 139 7.05 56.02 53.22
C GLY P 139 8.23 56.00 54.18
N GLU P 140 7.93 55.78 55.46
CA GLU P 140 8.95 55.75 56.51
C GLU P 140 9.67 54.40 56.52
N TYR P 141 10.99 54.41 56.30
CA TYR P 141 11.81 53.20 56.30
C TYR P 141 13.02 53.36 57.24
N LEU P 142 13.01 52.59 58.34
CA LEU P 142 14.05 52.62 59.37
C LEU P 142 14.95 51.39 59.32
N LEU P 143 16.16 51.50 59.89
CA LEU P 143 17.15 50.43 59.96
C LEU P 143 18.10 50.67 61.13
N PHE P 144 18.21 49.70 62.04
CA PHE P 144 19.10 49.86 63.20
C PHE P 144 19.93 48.60 63.47
N ILE P 145 21.05 48.75 64.21
CA ILE P 145 21.94 47.64 64.56
C ILE P 145 21.62 47.10 65.96
N GLN P 146 21.60 45.77 66.10
CA GLN P 146 21.31 45.12 67.37
C GLN P 146 22.43 44.15 67.75
N SER P 147 23.09 44.42 68.89
CA SER P 147 24.19 43.58 69.37
C SER P 147 24.12 43.42 70.87
N THR P 150 25.25 47.74 71.32
CA THR P 150 25.06 49.02 70.65
C THR P 150 23.76 49.03 69.85
N ASN P 151 23.06 50.17 69.84
CA ASN P 151 21.81 50.29 69.11
C ASN P 151 21.58 51.70 68.59
N TYR P 152 21.93 51.95 67.33
CA TYR P 152 21.72 53.26 66.70
C TYR P 152 20.79 53.10 65.50
N THR P 153 19.66 53.84 65.48
CA THR P 153 18.66 53.75 64.42
C THR P 153 18.77 54.84 63.34
N ILE P 154 18.47 54.49 62.08
CA ILE P 154 18.51 55.42 60.94
C ILE P 154 17.07 55.64 60.39
N LEU P 155 16.83 56.76 59.68
CA LEU P 155 15.51 57.08 59.15
C LEU P 155 15.53 57.67 57.73
N PHE P 156 14.71 57.13 56.83
CA PHE P 156 14.62 57.62 55.46
C PHE P 156 13.15 57.86 55.08
N THR P 157 12.85 59.01 54.47
CA THR P 157 11.47 59.33 54.09
C THR P 157 11.27 59.26 52.58
N VAL P 158 10.64 58.18 52.10
CA VAL P 158 10.39 57.98 50.69
C VAL P 158 9.05 58.58 50.27
N SER P 159 9.09 59.67 49.51
CA SER P 159 7.89 60.34 49.02
C SER P 159 7.63 59.91 47.56
N ILE P 160 6.38 60.02 47.11
CA ILE P 160 5.98 59.56 45.79
C ILE P 160 5.30 60.66 44.96
N ARG P 161 5.27 60.49 43.64
CA ARG P 161 4.62 61.43 42.73
C ARG P 161 3.87 60.65 41.66
N ASN P 162 2.56 60.48 41.82
CA ASN P 162 1.74 59.73 40.87
C ASN P 162 1.60 60.44 39.53
N THR P 163 1.29 61.76 39.57
CA THR P 163 1.09 62.67 38.43
C THR P 163 -0.15 62.28 37.59
N LEU P 164 -0.13 61.16 36.86
CA LEU P 164 -1.28 60.75 36.05
C LEU P 164 -1.99 59.48 36.55
N LEU P 165 -1.39 58.75 37.51
CA LEU P 165 -1.92 57.51 38.11
C LEU P 165 -2.18 56.42 37.07
N TYR P 166 -1.19 56.13 36.22
CA TYR P 166 -1.32 55.15 35.15
C TYR P 166 -1.40 53.68 35.61
N THR P 167 -0.33 53.12 36.23
CA THR P 167 -0.23 51.73 36.71
C THR P 167 -0.37 50.69 35.58
N LEU P 168 0.21 49.51 35.80
CA LEU P 168 0.25 48.39 34.87
C LEU P 168 -0.09 47.11 35.64
N ARG P 169 -1.09 46.35 35.19
CA ARG P 169 -1.48 45.12 35.88
C ARG P 169 -1.66 43.96 34.91
N ARG P 170 -1.34 42.74 35.34
CA ARG P 170 -1.44 41.53 34.53
C ARG P 170 -2.87 41.32 34.02
N PRO P 171 -3.03 40.92 32.75
CA PRO P 171 -4.39 40.76 32.20
C PRO P 171 -5.16 39.59 32.81
N TYR P 172 -6.48 39.76 32.95
CA TYR P 172 -7.34 38.71 33.49
C TYR P 172 -8.23 38.17 32.37
N PHE P 173 -8.36 36.84 32.25
CA PHE P 173 -9.19 36.24 31.20
C PHE P 173 -10.69 36.35 31.54
N ARG P 174 -11.56 36.28 30.52
CA ARG P 174 -13.01 36.39 30.73
C ARG P 174 -13.80 35.57 29.70
N LYS P 175 -14.96 35.04 30.09
CA LYS P 175 -15.79 34.25 29.18
C LYS P 175 -16.96 35.08 28.71
N MET P 176 -17.22 35.09 27.39
CA MET P 176 -18.33 35.85 26.85
C MET P 176 -19.62 35.05 26.95
N GLU P 177 -20.64 35.61 27.61
CA GLU P 177 -21.93 34.94 27.76
C GLU P 177 -22.75 34.95 26.46
N ASN P 178 -22.55 35.97 25.62
CA ASN P 178 -23.26 36.09 24.35
C ASN P 178 -22.79 35.08 23.30
N GLN P 179 -21.52 34.63 23.40
CA GLN P 179 -20.98 33.67 22.45
C GLN P 179 -19.96 32.73 23.11
N ASP P 180 -19.69 31.57 22.49
CA ASP P 180 -18.71 30.62 23.02
C ASP P 180 -17.30 31.07 22.63
N ALA P 181 -16.82 32.14 23.26
CA ALA P 181 -15.50 32.71 22.99
C ALA P 181 -14.90 33.36 24.24
N LEU P 182 -13.56 33.43 24.31
CA LEU P 182 -12.89 34.01 25.46
C LEU P 182 -12.30 35.39 25.15
N VAL P 183 -12.76 36.40 25.88
CA VAL P 183 -12.26 37.76 25.71
C VAL P 183 -11.25 38.09 26.80
N CYS P 184 -10.17 38.82 26.44
CA CYS P 184 -9.15 39.18 27.41
C CYS P 184 -9.19 40.66 27.76
N ILE P 185 -9.12 40.99 29.05
CA ILE P 185 -9.13 42.37 29.52
C ILE P 185 -7.93 42.67 30.42
N SER P 186 -7.45 43.93 30.43
CA SER P 186 -6.32 44.32 31.26
C SER P 186 -6.58 45.64 32.00
N GLU P 187 -6.40 45.64 33.32
CA GLU P 187 -6.63 46.84 34.13
C GLU P 187 -5.39 47.71 34.21
N SER P 188 -5.20 48.57 33.21
CA SER P 188 -4.06 49.47 33.17
C SER P 188 -4.44 50.79 32.47
N VAL P 189 -3.67 51.87 32.73
CA VAL P 189 -3.92 53.16 32.10
C VAL P 189 -2.74 53.53 31.21
N PRO P 190 -2.96 53.70 29.90
CA PRO P 190 -4.23 53.60 29.18
C PRO P 190 -4.55 52.16 28.71
N GLU P 191 -5.69 51.98 28.01
CA GLU P 191 -6.12 50.68 27.48
C GLU P 191 -5.03 50.06 26.61
N PRO P 192 -4.50 48.90 27.02
CA PRO P 192 -3.39 48.30 26.27
C PRO P 192 -3.78 47.38 25.12
N ILE P 193 -2.85 47.21 24.17
CA ILE P 193 -3.05 46.36 23.01
C ILE P 193 -2.77 44.91 23.37
N VAL P 194 -3.81 44.05 23.36
CA VAL P 194 -3.66 42.65 23.72
C VAL P 194 -3.62 41.74 22.49
N GLU P 195 -2.61 40.87 22.39
CA GLU P 195 -2.48 39.98 21.25
C GLU P 195 -2.50 38.50 21.65
N TRP P 196 -3.31 37.69 20.97
CA TRP P 196 -3.40 36.26 21.26
C TRP P 196 -2.47 35.49 20.32
N VAL P 197 -1.37 34.96 20.86
CA VAL P 197 -0.40 34.24 20.04
C VAL P 197 -0.66 32.75 20.03
N LEU P 198 -0.28 32.09 18.92
CA LEU P 198 -0.45 30.65 18.79
C LEU P 198 0.88 29.99 18.42
N CYS P 199 1.35 29.07 19.26
CA CYS P 199 2.60 28.35 19.04
C CYS P 199 2.54 27.39 17.84
N ASP P 200 1.34 26.90 17.52
CA ASP P 200 1.02 25.96 16.43
C ASP P 200 1.58 24.56 16.70
N SER P 201 2.92 24.38 16.66
CA SER P 201 3.56 23.09 16.91
C SER P 201 5.02 23.28 17.31
N GLN P 202 5.71 24.23 16.66
CA GLN P 202 7.12 24.51 16.91
C GLN P 202 7.39 25.27 18.22
N GLY P 203 6.36 25.95 18.75
CA GLY P 203 6.50 26.69 20.00
C GLY P 203 6.53 25.85 21.25
N GLU P 204 6.12 24.57 21.14
CA GLU P 204 6.11 23.64 22.28
C GLU P 204 7.53 23.18 22.61
N SER P 210 9.97 33.42 18.06
CA SER P 210 10.39 32.03 18.03
C SER P 210 9.35 31.05 17.42
N PRO P 211 8.03 31.11 17.76
CA PRO P 211 7.09 30.16 17.15
C PRO P 211 6.48 30.67 15.83
N ALA P 212 5.36 30.07 15.36
CA ALA P 212 4.69 30.52 14.14
C ALA P 212 4.06 31.93 14.26
N VAL P 213 3.96 32.46 15.51
CA VAL P 213 3.44 33.76 15.93
C VAL P 213 1.89 33.86 15.79
N VAL P 214 1.33 34.15 14.58
CA VAL P 214 -0.12 34.29 14.36
C VAL P 214 -0.78 35.23 15.37
N LYS P 215 -0.14 36.37 15.65
CA LYS P 215 -0.64 37.34 16.62
C LYS P 215 -1.85 38.11 16.14
N LYS P 216 -3.05 37.63 16.47
CA LYS P 216 -4.29 38.31 16.09
C LYS P 216 -4.73 39.22 17.23
N GLU P 217 -4.43 40.52 17.12
CA GLU P 217 -4.76 41.50 18.16
C GLU P 217 -6.24 41.90 18.19
N GLU P 218 -7.08 41.01 18.71
CA GLU P 218 -8.52 41.24 18.84
C GLU P 218 -8.91 40.63 20.17
N LYS P 219 -9.31 41.47 21.14
CA LYS P 219 -9.67 41.02 22.50
C LYS P 219 -10.53 39.76 22.57
N VAL P 220 -11.53 39.66 21.69
CA VAL P 220 -12.47 38.54 21.66
C VAL P 220 -11.89 37.41 20.83
N LEU P 221 -11.51 36.30 21.49
CA LEU P 221 -10.92 35.16 20.79
C LEU P 221 -11.81 33.92 20.78
N HIS P 222 -12.23 33.49 19.60
CA HIS P 222 -13.04 32.28 19.47
C HIS P 222 -12.17 31.08 19.14
N GLU P 223 -11.18 31.27 18.26
CA GLU P 223 -10.28 30.19 17.85
C GLU P 223 -9.18 29.97 18.90
N LEU P 224 -9.42 29.09 19.87
CA LEU P 224 -8.41 28.78 20.89
C LEU P 224 -8.45 27.32 21.28
N PHE P 225 -7.73 26.47 20.55
CA PHE P 225 -7.69 25.03 20.83
C PHE P 225 -6.28 24.49 20.66
N GLY P 226 -5.68 24.00 21.74
CA GLY P 226 -4.33 23.46 21.72
C GLY P 226 -3.24 24.50 21.68
N MET P 227 -1.97 24.05 21.73
CA MET P 227 -0.78 24.91 21.68
C MET P 227 -0.69 25.94 22.85
N ASP P 228 0.43 26.68 22.95
CA ASP P 228 0.60 27.67 24.00
C ASP P 228 -0.28 28.90 23.77
N ILE P 229 -1.21 29.14 24.70
CA ILE P 229 -2.12 30.27 24.61
C ILE P 229 -1.67 31.38 25.54
N ARG P 230 -1.43 32.58 24.99
CA ARG P 230 -0.99 33.71 25.80
C ARG P 230 -1.52 35.04 25.30
N CYS P 231 -1.86 35.94 26.22
CA CYS P 231 -2.37 37.27 25.88
C CYS P 231 -1.65 38.37 26.65
N CYS P 232 -0.60 38.93 26.04
CA CYS P 232 0.19 40.00 26.64
C CYS P 232 -0.40 41.38 26.36
N ALA P 233 -0.11 42.36 27.22
CA ALA P 233 -0.62 43.71 27.04
C ALA P 233 0.52 44.74 26.88
N ARG P 234 0.30 45.78 26.07
CA ARG P 234 1.30 46.82 25.84
C ARG P 234 0.77 48.21 26.19
N ASN P 235 0.95 48.63 27.46
CA ASN P 235 0.51 49.93 27.93
C ASN P 235 1.67 50.96 28.01
N GLU P 236 1.39 52.21 28.42
CA GLU P 236 2.41 53.25 28.51
C GLU P 236 3.45 53.02 29.62
N LEU P 237 3.22 52.06 30.53
CA LEU P 237 4.17 51.78 31.60
C LEU P 237 5.05 50.53 31.37
N GLY P 238 5.13 50.08 30.12
CA GLY P 238 5.93 48.91 29.79
C GLY P 238 5.12 47.80 29.16
N ARG P 239 5.27 46.58 29.68
CA ARG P 239 4.54 45.42 29.17
C ARG P 239 4.28 44.37 30.25
N GLU P 240 3.01 44.07 30.52
CA GLU P 240 2.64 43.06 31.51
C GLU P 240 2.07 41.85 30.77
N CYS P 241 2.70 40.68 30.93
CA CYS P 241 2.25 39.48 30.23
C CYS P 241 1.38 38.54 31.08
N THR P 242 0.55 37.74 30.40
CA THR P 242 -0.32 36.76 31.03
C THR P 242 -0.30 35.44 30.24
N ARG P 243 -0.40 34.31 30.94
CA ARG P 243 -0.35 33.00 30.30
C ARG P 243 -1.58 32.15 30.64
N LEU P 244 -2.37 31.80 29.63
CA LEU P 244 -3.55 30.97 29.82
C LEU P 244 -3.12 29.51 29.91
N PHE P 245 -3.27 28.89 31.09
CA PHE P 245 -2.85 27.50 31.27
C PHE P 245 -3.84 26.50 30.71
N THR P 246 -3.35 25.57 29.89
CA THR P 246 -4.15 24.51 29.28
C THR P 246 -3.42 23.18 29.42
N ILE P 247 -4.08 22.15 29.96
CA ILE P 247 -3.45 20.84 30.13
C ILE P 247 -3.75 19.95 28.94
N ASP P 248 -2.76 19.68 28.09
CA ASP P 248 -2.98 18.81 26.93
C ASP P 248 -3.01 17.35 27.36
N LEU P 249 -4.18 16.72 27.28
CA LEU P 249 -4.33 15.31 27.63
C LEU P 249 -3.70 14.40 26.58
N ASN P 250 -3.65 14.84 25.31
CA ASN P 250 -3.04 14.06 24.24
C ASN P 250 -1.52 13.94 24.39
N GLN P 251 -0.87 14.95 24.97
CA GLN P 251 0.57 14.91 25.19
C GLN P 251 0.92 14.05 26.42
N THR P 252 2.17 13.56 26.49
CA THR P 252 2.63 12.73 27.60
C THR P 252 2.63 13.50 28.92
N PRO P 253 2.36 12.83 30.06
CA PRO P 253 2.30 13.56 31.34
C PRO P 253 3.61 14.18 31.80
N GLN P 254 3.52 15.30 32.53
CA GLN P 254 4.68 16.02 33.06
C GLN P 254 5.42 15.19 34.11
N THR P 255 4.65 14.42 34.92
CA THR P 255 5.14 13.52 35.98
C THR P 255 6.05 14.23 37.00
N THR P 256 5.79 15.52 37.27
CA THR P 256 6.57 16.27 38.25
C THR P 256 5.65 17.08 39.16
N LEU P 257 4.42 16.55 39.44
CA LEU P 257 3.39 17.18 40.26
C LEU P 257 3.10 18.60 39.78
N PRO P 258 2.27 18.75 38.74
CA PRO P 258 2.00 20.09 38.21
C PRO P 258 1.20 20.95 39.19
N GLN P 259 1.57 22.24 39.32
CA GLN P 259 0.88 23.14 40.24
C GLN P 259 0.70 24.55 39.66
N LEU P 260 -0.31 25.28 40.16
CA LEU P 260 -0.60 26.63 39.67
C LEU P 260 -1.17 27.51 40.78
N PHE P 261 -0.40 28.51 41.20
CA PHE P 261 -0.83 29.41 42.26
C PHE P 261 -1.76 30.45 41.65
N LEU P 262 -3.00 30.53 42.14
CA LEU P 262 -3.99 31.46 41.61
C LEU P 262 -3.77 32.88 42.18
N LYS P 263 -4.81 33.73 42.27
CA LYS P 263 -4.68 35.08 42.81
C LYS P 263 -5.99 35.45 43.48
N VAL P 264 -5.97 35.65 44.82
CA VAL P 264 -7.16 35.96 45.62
C VAL P 264 -7.91 37.18 45.08
N GLY P 265 -9.03 36.90 44.43
CA GLY P 265 -9.87 37.90 43.81
C GLY P 265 -9.92 37.70 42.31
N GLU P 266 -8.75 37.49 41.71
CA GLU P 266 -8.61 37.25 40.27
C GLU P 266 -9.19 35.89 39.90
N PRO P 267 -9.92 35.82 38.77
CA PRO P 267 -10.56 34.55 38.38
C PRO P 267 -9.63 33.39 38.01
N LEU P 268 -10.15 32.16 38.11
CA LEU P 268 -9.40 30.94 37.81
C LEU P 268 -9.95 30.21 36.59
N TRP P 269 -9.05 29.80 35.68
CA TRP P 269 -9.37 29.09 34.44
C TRP P 269 -8.58 27.78 34.32
N ILE P 270 -9.19 26.71 33.79
CA ILE P 270 -8.52 25.42 33.60
C ILE P 270 -9.09 24.67 32.40
N ARG P 271 -8.38 24.68 31.26
CA ARG P 271 -8.84 24.01 30.04
C ARG P 271 -8.06 22.73 29.71
N CYS P 272 -8.66 21.85 28.88
CA CYS P 272 -8.05 20.58 28.52
C CYS P 272 -8.05 20.38 26.99
N LYS P 273 -6.85 20.31 26.38
CA LYS P 273 -6.72 20.11 24.93
C LYS P 273 -6.75 18.63 24.58
N ALA P 274 -7.95 18.07 24.44
CA ALA P 274 -8.09 16.64 24.12
C ALA P 274 -8.19 16.40 22.63
N VAL P 275 -7.50 15.36 22.14
CA VAL P 275 -7.52 15.00 20.73
C VAL P 275 -7.94 13.54 20.59
N HIS P 276 -9.14 13.29 20.05
CA HIS P 276 -9.65 11.93 19.88
C HIS P 276 -10.00 11.68 18.42
N VAL P 277 -9.71 10.49 17.92
CA VAL P 277 -10.02 10.15 16.54
C VAL P 277 -11.53 10.09 16.33
N ASN P 278 -12.24 9.47 17.27
CA ASN P 278 -13.69 9.38 17.19
C ASN P 278 -14.38 10.53 17.93
N HIS P 279 -15.65 10.80 17.61
CA HIS P 279 -16.42 11.87 18.26
C HIS P 279 -16.84 11.52 19.71
N GLY P 280 -16.90 10.23 20.03
CA GLY P 280 -17.31 9.77 21.35
C GLY P 280 -16.22 9.85 22.39
N PHE P 281 -15.90 11.07 22.86
CA PHE P 281 -14.89 11.29 23.89
C PHE P 281 -15.23 12.56 24.66
N GLY P 282 -15.37 12.43 25.97
CA GLY P 282 -15.73 13.56 26.83
C GLY P 282 -14.83 13.77 28.02
N LEU P 283 -14.56 15.04 28.33
CA LEU P 283 -13.72 15.41 29.45
C LEU P 283 -14.57 15.95 30.60
N THR P 284 -14.20 15.60 31.84
CA THR P 284 -14.94 16.06 33.01
C THR P 284 -14.01 16.69 34.04
N TRP P 285 -14.51 17.70 34.76
CA TRP P 285 -13.71 18.39 35.77
C TRP P 285 -14.16 18.02 37.19
N GLU P 286 -13.22 17.65 38.06
CA GLU P 286 -13.51 17.28 39.45
C GLU P 286 -12.40 17.78 40.38
N LEU P 287 -12.75 18.20 41.60
CA LEU P 287 -11.75 18.70 42.56
C LEU P 287 -11.13 17.55 43.35
N GLU P 288 -11.97 16.69 43.94
CA GLU P 288 -11.57 15.52 44.70
C GLU P 288 -12.77 14.56 44.64
N ASN P 289 -13.13 14.16 43.41
CA ASN P 289 -14.29 13.32 43.07
C ASN P 289 -15.62 14.07 43.32
N LYS P 290 -15.60 15.42 43.28
CA LYS P 290 -16.76 16.27 43.53
C LYS P 290 -17.51 16.74 42.28
N ALA P 291 -16.97 16.44 41.08
CA ALA P 291 -17.52 16.74 39.76
C ALA P 291 -17.77 18.24 39.44
N LEU P 292 -16.88 19.14 39.92
CA LEU P 292 -16.91 20.60 39.66
C LEU P 292 -18.25 21.32 39.93
N GLU P 293 -18.20 22.65 40.07
CA GLU P 293 -19.39 23.43 40.30
C GLU P 293 -20.21 23.63 39.03
N GLU P 294 -21.53 23.83 39.20
CA GLU P 294 -22.43 24.05 38.08
C GLU P 294 -22.05 25.31 37.30
N GLY P 295 -21.58 26.33 38.01
CA GLY P 295 -21.13 27.58 37.41
C GLY P 295 -19.64 27.53 37.11
N ASN P 296 -19.25 26.62 36.20
CA ASN P 296 -17.86 26.43 35.80
C ASN P 296 -17.77 25.72 34.44
N TYR P 297 -18.72 24.82 34.14
CA TYR P 297 -18.72 24.06 32.90
C TYR P 297 -18.94 24.92 31.66
N PHE P 298 -18.07 24.76 30.65
CA PHE P 298 -18.13 25.48 29.36
C PHE P 298 -17.48 24.61 28.28
N GLU P 299 -18.27 24.08 27.37
CA GLU P 299 -17.77 23.19 26.31
C GLU P 299 -17.54 23.89 24.97
N MET P 300 -16.46 23.53 24.29
CA MET P 300 -16.12 24.10 22.99
C MET P 300 -15.44 23.01 22.14
N SER P 301 -16.24 22.13 21.54
CA SER P 301 -15.69 21.05 20.72
C SER P 301 -15.55 21.44 19.26
N THR P 302 -14.32 21.52 18.75
CA THR P 302 -14.05 21.86 17.36
C THR P 302 -13.57 20.60 16.61
N TYR P 303 -14.08 20.35 15.40
CA TYR P 303 -13.70 19.17 14.63
C TYR P 303 -12.61 19.49 13.63
N SER P 304 -11.53 18.70 13.65
CA SER P 304 -10.39 18.92 12.75
C SER P 304 -9.92 17.64 12.04
N THR P 305 -9.27 17.82 10.88
CA THR P 305 -8.69 16.81 9.96
C THR P 305 -9.51 15.48 9.86
N ASN P 306 -9.37 14.81 8.70
CA ASN P 306 -10.04 13.57 8.26
C ASN P 306 -10.82 12.81 9.36
N ARG P 307 -12.11 13.14 9.49
CA ARG P 307 -13.06 12.52 10.41
C ARG P 307 -12.55 12.40 11.85
N THR P 308 -11.99 13.49 12.40
CA THR P 308 -11.51 13.49 13.78
C THR P 308 -12.03 14.71 14.54
N MET P 309 -12.16 14.59 15.88
CA MET P 309 -12.66 15.67 16.70
C MET P 309 -11.65 16.14 17.76
N ILE P 310 -11.83 17.35 18.29
CA ILE P 310 -10.96 17.93 19.31
C ILE P 310 -11.79 18.77 20.29
N ARG P 311 -12.02 18.26 21.51
CA ARG P 311 -12.84 18.98 22.48
C ARG P 311 -12.02 19.64 23.61
N ILE P 312 -12.56 20.71 24.19
CA ILE P 312 -11.91 21.43 25.27
C ILE P 312 -12.91 21.74 26.39
N LEU P 313 -12.71 21.17 27.58
CA LEU P 313 -13.60 21.41 28.71
C LEU P 313 -12.98 22.42 29.67
N PHE P 314 -13.38 23.69 29.56
CA PHE P 314 -12.83 24.75 30.39
C PHE P 314 -13.50 24.86 31.76
N ALA P 315 -12.82 25.50 32.72
CA ALA P 315 -13.32 25.70 34.07
C ALA P 315 -13.35 27.21 34.37
N PHE P 316 -14.44 27.70 34.96
CA PHE P 316 -14.57 29.12 35.25
C PHE P 316 -15.00 29.41 36.69
N VAL P 317 -14.11 30.07 37.46
CA VAL P 317 -14.40 30.48 38.84
C VAL P 317 -14.05 31.96 38.96
N SER P 318 -15.07 32.84 38.94
CA SER P 318 -14.88 34.29 38.97
C SER P 318 -14.24 34.81 40.25
N SER P 319 -14.85 34.54 41.41
CA SER P 319 -14.33 35.03 42.68
C SER P 319 -13.60 33.92 43.43
N VAL P 320 -12.29 34.08 43.62
CA VAL P 320 -11.51 33.09 44.37
C VAL P 320 -10.95 33.71 45.66
N ALA P 321 -10.80 32.91 46.73
CA ALA P 321 -10.29 33.44 48.00
C ALA P 321 -9.49 32.42 48.85
N ARG P 322 -10.08 31.27 49.21
CA ARG P 322 -9.38 30.30 50.05
C ARG P 322 -10.04 28.93 50.03
N ASN P 323 -11.37 28.88 49.83
CA ASN P 323 -12.10 27.61 49.83
C ASN P 323 -11.81 26.73 48.59
N ASP P 324 -11.14 27.27 47.57
CA ASP P 324 -10.83 26.51 46.36
C ASP P 324 -9.35 26.16 46.24
N THR P 325 -8.63 26.05 47.36
CA THR P 325 -7.22 25.72 47.35
C THR P 325 -7.00 24.20 47.46
N GLY P 326 -7.39 23.48 46.41
CA GLY P 326 -7.25 22.02 46.36
C GLY P 326 -6.75 21.51 45.03
N TYR P 327 -6.35 20.23 44.98
CA TYR P 327 -5.83 19.62 43.75
C TYR P 327 -6.97 19.31 42.76
N TYR P 328 -6.95 19.95 41.58
CA TYR P 328 -7.97 19.75 40.55
C TYR P 328 -7.57 18.72 39.49
N THR P 329 -8.43 17.74 39.23
CA THR P 329 -8.15 16.71 38.24
C THR P 329 -9.06 16.83 37.01
N CYS P 330 -8.62 16.31 35.87
CA CYS P 330 -9.42 16.36 34.63
C CYS P 330 -9.32 15.06 33.84
N SER P 331 -10.22 14.09 34.14
CA SER P 331 -10.22 12.79 33.47
C SER P 331 -11.09 12.78 32.22
N SER P 332 -10.78 11.89 31.27
CA SER P 332 -11.53 11.80 30.03
C SER P 332 -12.07 10.37 29.77
N SER P 333 -13.07 10.26 28.88
CA SER P 333 -13.71 8.98 28.56
C SER P 333 -12.75 7.96 27.95
N LYS P 334 -11.93 8.37 26.99
CA LYS P 334 -10.97 7.46 26.37
C LYS P 334 -9.53 7.97 26.45
N HIS P 335 -9.21 8.73 27.51
CA HIS P 335 -7.88 9.29 27.68
C HIS P 335 -7.47 9.23 29.15
N PRO P 336 -6.18 8.99 29.45
CA PRO P 336 -5.74 8.91 30.85
C PRO P 336 -5.98 10.17 31.69
N SER P 337 -6.09 9.98 33.01
CA SER P 337 -6.37 11.05 33.96
C SER P 337 -5.17 11.94 34.30
N GLN P 338 -5.14 13.16 33.74
CA GLN P 338 -4.09 14.14 34.00
C GLN P 338 -4.59 15.13 35.05
N SER P 339 -3.73 15.51 36.01
CA SER P 339 -4.17 16.41 37.10
C SER P 339 -3.16 17.50 37.44
N ALA P 340 -3.62 18.58 38.11
CA ALA P 340 -2.76 19.67 38.54
C ALA P 340 -3.28 20.34 39.82
N LEU P 341 -2.43 20.45 40.86
CA LEU P 341 -2.81 21.05 42.14
C LEU P 341 -2.93 22.56 42.03
N VAL P 342 -3.86 23.16 42.79
CA VAL P 342 -4.07 24.61 42.77
C VAL P 342 -4.12 25.16 44.20
N THR P 343 -3.21 26.09 44.57
CA THR P 343 -3.21 26.65 45.94
C THR P 343 -2.87 28.15 45.96
N ILE P 344 -3.56 28.94 46.81
CA ILE P 344 -3.29 30.38 46.87
C ILE P 344 -3.63 31.01 48.24
N VAL P 345 -2.67 31.78 48.80
CA VAL P 345 -2.84 32.52 50.03
C VAL P 345 -3.18 34.00 49.68
N GLU P 346 -3.69 34.78 50.64
CA GLU P 346 -4.05 36.17 50.38
C GLU P 346 -2.84 37.14 50.40
N LYS P 347 -1.75 36.77 49.70
CA LYS P 347 -0.51 37.56 49.60
C LYS P 347 0.42 36.98 48.51
N GLY P 348 1.30 37.83 47.98
CA GLY P 348 2.27 37.41 46.97
C GLY P 348 3.35 36.56 47.62
N PHE P 349 3.62 35.37 47.07
CA PHE P 349 4.61 34.46 47.66
C PHE P 349 5.89 34.32 46.86
N ILE P 350 7.06 34.59 47.48
CA ILE P 350 8.36 34.43 46.84
C ILE P 350 9.25 33.51 47.70
N ASN P 351 9.54 32.31 47.21
CA ASN P 351 10.36 31.37 47.95
C ASN P 351 11.62 31.02 47.18
N ALA P 352 12.75 30.82 47.88
CA ALA P 352 14.01 30.49 47.24
C ALA P 352 14.91 29.66 48.16
N THR P 353 15.33 28.48 47.70
CA THR P 353 16.24 27.63 48.48
C THR P 353 17.62 28.27 48.43
N ASN P 354 18.07 28.88 49.53
CA ASN P 354 19.34 29.60 49.55
C ASN P 354 20.50 28.94 50.27
N SER P 355 21.64 28.81 49.56
CA SER P 355 22.90 28.33 50.12
C SER P 355 24.02 29.28 49.67
N SER P 356 23.75 30.60 49.71
CA SER P 356 24.65 31.66 49.29
C SER P 356 25.91 31.75 50.15
N GLU P 357 27.06 31.43 49.55
CA GLU P 357 28.36 31.46 50.20
C GLU P 357 29.50 31.64 49.16
N ASP P 358 30.77 31.69 49.60
CA ASP P 358 31.91 31.85 48.71
C ASP P 358 32.12 30.63 47.80
N TYR P 359 32.77 30.84 46.65
CA TYR P 359 33.04 29.76 45.72
C TYR P 359 34.50 29.74 45.31
N GLU P 360 35.13 28.55 45.30
CA GLU P 360 36.54 28.41 44.96
C GLU P 360 36.76 28.05 43.49
N ILE P 361 36.19 28.81 42.58
CA ILE P 361 36.34 28.55 41.14
C ILE P 361 37.69 29.04 40.62
N ASP P 362 38.32 28.27 39.73
CA ASP P 362 39.61 28.64 39.15
C ASP P 362 39.44 29.56 37.92
N GLN P 363 40.55 30.07 37.37
CA GLN P 363 40.52 30.95 36.20
C GLN P 363 40.04 30.23 34.94
N TYR P 364 40.45 28.97 34.77
CA TYR P 364 40.07 28.18 33.58
C TYR P 364 38.75 27.43 33.77
N GLU P 365 38.35 27.13 35.02
CA GLU P 365 37.10 26.41 35.28
C GLU P 365 35.90 27.34 35.09
N GLU P 366 34.84 26.84 34.45
CA GLU P 366 33.65 27.65 34.22
C GLU P 366 32.77 27.67 35.46
N PHE P 367 32.11 28.80 35.72
CA PHE P 367 31.24 28.92 36.88
C PHE P 367 29.99 29.74 36.62
N CYS P 368 28.92 29.40 37.33
CA CYS P 368 27.64 30.08 37.22
C CYS P 368 26.96 30.18 38.58
N PHE P 369 26.34 31.32 38.86
CA PHE P 369 25.62 31.52 40.12
C PHE P 369 24.12 31.53 39.79
N SER P 370 23.42 30.42 40.07
CA SER P 370 22.00 30.30 39.78
C SER P 370 21.13 30.41 41.03
N VAL P 371 19.87 30.84 40.86
CA VAL P 371 18.95 30.95 41.99
C VAL P 371 17.68 30.14 41.73
N ARG P 372 17.32 29.26 42.67
CA ARG P 372 16.11 28.43 42.55
C ARG P 372 14.94 29.15 43.20
N PHE P 373 14.26 30.00 42.44
CA PHE P 373 13.14 30.77 42.96
C PHE P 373 11.80 30.39 42.37
N LYS P 374 10.84 30.05 43.24
CA LYS P 374 9.47 29.74 42.85
C LYS P 374 8.64 30.88 43.42
N ALA P 375 7.98 31.67 42.55
CA ALA P 375 7.24 32.83 43.03
C ALA P 375 6.01 33.22 42.21
N TYR P 376 5.04 33.88 42.86
CA TYR P 376 3.85 34.42 42.23
C TYR P 376 3.73 35.89 42.65
N PRO P 377 3.45 36.80 41.72
CA PRO P 377 3.16 36.60 40.29
C PRO P 377 4.38 36.67 39.36
N GLN P 378 4.93 37.87 39.12
CA GLN P 378 6.06 38.02 38.22
C GLN P 378 7.39 37.97 38.95
N ILE P 379 8.37 37.34 38.33
CA ILE P 379 9.71 37.21 38.88
C ILE P 379 10.63 38.30 38.33
N ARG P 380 10.23 39.58 38.46
CA ARG P 380 11.03 40.70 37.96
C ARG P 380 12.37 40.74 38.67
N CYS P 381 13.45 40.36 37.96
CA CYS P 381 14.78 40.28 38.55
C CYS P 381 15.84 41.12 37.81
N THR P 382 16.91 41.50 38.53
CA THR P 382 18.04 42.27 38.01
C THR P 382 19.28 41.97 38.85
N TRP P 383 20.42 41.75 38.21
CA TRP P 383 21.66 41.44 38.92
C TRP P 383 22.52 42.68 39.05
N THR P 384 23.09 42.91 40.24
CA THR P 384 23.93 44.09 40.48
C THR P 384 25.35 43.69 40.86
N PHE P 385 26.35 44.32 40.22
CA PHE P 385 27.74 44.02 40.48
C PHE P 385 28.59 45.29 40.30
N SER P 386 28.82 46.04 41.37
CA SER P 386 29.61 47.27 41.38
C SER P 386 29.22 48.31 40.31
N ARG P 387 27.89 48.44 40.03
CA ARG P 387 27.19 49.35 39.09
C ARG P 387 26.60 48.67 37.85
N LYS P 388 26.82 47.36 37.70
CA LYS P 388 26.30 46.61 36.56
C LYS P 388 24.82 46.30 36.68
N SER P 389 24.09 46.42 35.56
CA SER P 389 22.66 46.17 35.50
C SER P 389 22.36 45.13 34.44
N PHE P 390 22.04 43.91 34.85
CA PHE P 390 21.73 42.84 33.89
C PHE P 390 20.45 42.12 34.25
N PRO P 391 19.41 42.21 33.40
CA PRO P 391 18.16 41.52 33.69
C PRO P 391 18.25 40.01 33.42
N CYS P 392 17.47 39.22 34.16
CA CYS P 392 17.47 37.76 34.05
C CYS P 392 16.13 37.20 33.57
N GLU P 393 16.13 35.97 33.05
CA GLU P 393 14.92 35.30 32.57
C GLU P 393 14.74 34.00 33.34
N GLN P 394 13.56 33.77 33.91
CA GLN P 394 13.33 32.57 34.70
C GLN P 394 12.32 31.62 34.07
N LYS P 395 12.78 30.44 33.65
CA LYS P 395 11.91 29.43 33.04
C LYS P 395 11.57 28.35 34.05
N ASP P 398 12.09 24.63 33.95
CA ASP P 398 12.36 23.88 35.17
C ASP P 398 11.15 23.06 35.60
N ASN P 399 11.36 21.78 35.90
CA ASN P 399 10.29 20.88 36.32
C ASN P 399 9.89 21.13 37.77
N GLY P 400 10.86 21.41 38.62
CA GLY P 400 10.61 21.68 40.03
C GLY P 400 9.97 23.04 40.28
N TYR P 401 10.56 24.09 39.69
CA TYR P 401 10.04 25.45 39.84
C TYR P 401 10.41 26.35 38.62
N SER P 402 11.31 27.35 38.77
CA SER P 402 11.73 28.27 37.71
C SER P 402 13.03 28.96 38.13
N ILE P 403 14.18 28.43 37.71
CA ILE P 403 15.47 28.98 38.09
C ILE P 403 16.10 29.86 37.02
N SER P 404 17.06 30.71 37.42
CA SER P 404 17.78 31.58 36.49
C SER P 404 19.23 31.71 36.92
N LYS P 405 20.16 31.60 35.97
CA LYS P 405 21.58 31.68 36.26
C LYS P 405 22.24 32.97 35.77
N PHE P 406 23.38 33.33 36.38
CA PHE P 406 24.15 34.50 35.99
C PHE P 406 25.53 34.03 35.57
N CYS P 407 25.74 33.86 34.26
CA CYS P 407 27.02 33.38 33.76
C CYS P 407 27.87 34.49 33.12
N ASN P 408 27.69 35.74 33.55
CA ASN P 408 28.48 36.85 33.03
C ASN P 408 29.66 37.15 33.96
N HIS P 409 30.30 36.08 34.48
CA HIS P 409 31.42 36.20 35.40
C HIS P 409 32.65 36.79 34.70
N LYS P 410 33.09 36.17 33.60
CA LYS P 410 34.25 36.60 32.81
C LYS P 410 35.48 36.95 33.66
N HIS P 411 35.77 36.14 34.69
CA HIS P 411 36.90 36.31 35.61
C HIS P 411 36.87 37.65 36.35
N GLN P 412 35.70 38.03 36.87
CA GLN P 412 35.55 39.26 37.63
C GLN P 412 35.09 38.90 39.03
N PRO P 413 36.02 38.67 39.96
CA PRO P 413 35.61 38.25 41.32
C PRO P 413 34.99 39.37 42.16
N GLY P 414 34.32 38.98 43.24
CA GLY P 414 33.67 39.91 44.15
C GLY P 414 32.29 39.48 44.59
N GLU P 415 31.52 40.40 45.16
CA GLU P 415 30.17 40.10 45.62
C GLU P 415 29.14 40.44 44.54
N TYR P 416 28.46 39.42 44.00
CA TYR P 416 27.46 39.64 42.96
C TYR P 416 26.04 39.56 43.56
N ILE P 417 25.34 40.69 43.58
CA ILE P 417 23.99 40.82 44.14
C ILE P 417 22.90 40.32 43.19
N PHE P 418 21.75 39.89 43.75
CA PHE P 418 20.63 39.39 42.94
C PHE P 418 19.25 39.72 43.52
N HIS P 419 18.88 41.01 43.55
CA HIS P 419 17.58 41.42 44.07
C HIS P 419 16.47 41.07 43.07
N ALA P 420 15.27 40.78 43.58
CA ALA P 420 14.14 40.42 42.73
C ALA P 420 12.81 40.86 43.34
N GLU P 421 12.28 42.00 42.88
CA GLU P 421 10.98 42.49 43.34
C GLU P 421 9.87 41.75 42.61
N ASN P 422 8.77 41.44 43.30
CA ASN P 422 7.67 40.70 42.70
C ASN P 422 6.34 41.45 42.65
N ASP P 423 6.38 42.79 42.69
CA ASP P 423 5.19 43.66 42.66
C ASP P 423 4.12 43.30 43.71
N ASP P 424 4.54 42.59 44.78
CA ASP P 424 3.71 42.12 45.89
C ASP P 424 4.61 41.73 47.07
N ALA P 425 5.80 41.18 46.80
CA ALA P 425 6.77 40.78 47.81
C ALA P 425 8.21 41.13 47.38
N GLN P 426 9.14 41.23 48.34
CA GLN P 426 10.52 41.57 48.03
C GLN P 426 11.52 40.50 48.49
N PHE P 427 12.63 40.35 47.75
CA PHE P 427 13.68 39.40 48.07
C PHE P 427 15.03 39.84 47.49
N THR P 428 16.11 39.56 48.20
CA THR P 428 17.47 39.88 47.76
C THR P 428 18.44 38.78 48.17
N LYS P 429 19.47 38.52 47.35
CA LYS P 429 20.46 37.49 47.66
C LYS P 429 21.83 37.81 47.09
N MET P 430 22.85 37.90 47.96
CA MET P 430 24.21 38.22 47.52
C MET P 430 25.14 37.02 47.70
N PHE P 431 26.11 36.87 46.79
CA PHE P 431 27.07 35.76 46.88
C PHE P 431 28.44 36.23 46.40
N THR P 432 29.51 35.86 47.11
CA THR P 432 30.86 36.29 46.73
C THR P 432 31.65 35.20 46.01
N LEU P 433 32.40 35.58 44.98
CA LEU P 433 33.22 34.64 44.22
C LEU P 433 34.69 34.98 44.39
N ASN P 434 35.52 33.97 44.62
CA ASN P 434 36.96 34.18 44.79
C ASN P 434 37.69 34.39 43.47
N ILE P 435 38.96 34.83 43.51
CA ILE P 435 39.74 35.10 42.32
C ILE P 435 40.58 33.90 41.85
N ARG P 436 41.11 33.10 42.81
CA ARG P 436 41.95 31.92 42.56
C ARG P 436 43.38 32.25 42.09
N ARG P 437 43.56 33.32 41.30
CA ARG P 437 44.88 33.75 40.82
C ARG P 437 45.75 34.19 42.00
N LYS P 438 46.60 33.29 42.48
CA LYS P 438 47.47 33.56 43.62
C LYS P 438 48.90 33.87 43.17
N PRO P 439 49.58 34.78 43.87
CA PRO P 439 49.66 36.16 43.39
C PRO P 439 51.09 36.70 43.35
N GLN P 440 51.34 37.73 42.53
CA GLN P 440 52.66 38.32 42.44
C GLN P 440 52.73 39.55 43.34
N VAL P 441 53.70 39.59 44.25
CA VAL P 441 53.87 40.70 45.17
C VAL P 441 54.66 41.81 44.50
N LEU P 442 54.02 42.96 44.23
CA LEU P 442 54.71 44.07 43.57
C LEU P 442 54.27 45.44 44.09
N ALA P 443 53.10 45.53 44.74
CA ALA P 443 52.58 46.80 45.25
C ALA P 443 53.17 47.21 46.61
N GLU P 444 54.47 47.53 46.63
CA GLU P 444 55.14 47.96 47.84
C GLU P 444 54.98 49.47 48.01
N ALA P 445 54.80 49.93 49.25
CA ALA P 445 54.68 51.36 49.52
C ALA P 445 55.96 51.87 50.15
N SER P 446 56.64 52.81 49.48
CA SER P 446 57.90 53.36 49.96
C SER P 446 57.71 54.37 51.08
N ALA P 447 57.46 53.87 52.30
CA ALA P 447 57.28 54.73 53.46
C ALA P 447 58.65 54.96 54.07
N SER P 448 58.98 56.23 54.37
CA SER P 448 60.27 56.56 54.95
C SER P 448 60.25 56.48 56.48
N GLN P 449 59.09 56.74 57.11
CA GLN P 449 58.92 56.74 58.56
C GLN P 449 59.08 55.37 59.23
N ALA P 450 60.28 55.11 59.79
CA ALA P 450 60.74 53.91 60.51
C ALA P 450 60.85 52.64 59.64
N SER P 451 59.77 52.23 58.96
CA SER P 451 59.78 51.03 58.12
C SER P 451 58.80 51.14 56.96
N CYS P 452 59.20 50.65 55.77
CA CYS P 452 58.34 50.71 54.59
C CYS P 452 57.39 49.52 54.55
N PHE P 453 56.08 49.78 54.40
CA PHE P 453 55.10 48.70 54.33
C PHE P 453 55.09 48.06 52.96
N SER P 454 55.48 46.78 52.86
CA SER P 454 55.48 46.08 51.58
C SER P 454 54.27 45.15 51.53
N ASP P 455 53.32 45.40 50.63
CA ASP P 455 52.10 44.60 50.55
C ASP P 455 51.96 43.77 49.28
N GLY P 456 51.45 42.56 49.44
CA GLY P 456 51.22 41.65 48.32
C GLY P 456 49.75 41.44 48.08
N TYR P 457 49.34 41.46 46.80
CA TYR P 457 47.93 41.27 46.45
C TYR P 457 47.75 40.23 45.34
N PRO P 458 46.82 39.28 45.50
CA PRO P 458 45.49 39.48 44.92
C PRO P 458 44.35 38.87 45.78
N LEU P 459 43.88 37.64 45.48
CA LEU P 459 42.78 37.00 46.20
C LEU P 459 42.83 35.44 46.03
N PRO P 460 41.97 34.66 46.71
CA PRO P 460 41.76 34.63 48.16
C PRO P 460 42.98 34.10 48.89
N SER P 461 43.63 33.05 48.38
CA SER P 461 44.81 32.49 49.02
C SER P 461 46.03 33.36 48.77
N TRP P 462 46.34 34.26 49.71
CA TRP P 462 47.49 35.14 49.58
C TRP P 462 48.24 35.24 50.89
N THR P 463 49.56 35.04 50.86
CA THR P 463 50.38 35.14 52.07
C THR P 463 51.67 35.86 51.77
N TRP P 464 51.95 36.94 52.51
CA TRP P 464 53.17 37.72 52.31
C TRP P 464 54.17 37.36 53.40
N LYS P 465 55.33 36.81 53.01
CA LYS P 465 56.35 36.42 53.98
C LYS P 465 57.75 36.47 53.35
N LYS P 466 58.53 37.50 53.68
CA LYS P 466 59.87 37.66 53.14
C LYS P 466 60.88 36.84 53.94
N CYS P 474 69.60 37.61 50.08
CA CYS P 474 69.25 36.29 49.57
C CYS P 474 68.76 35.35 50.67
N THR P 475 69.46 35.31 51.81
CA THR P 475 69.07 34.44 52.93
C THR P 475 67.86 34.98 53.72
N GLU P 476 67.24 34.12 54.54
CA GLU P 476 66.08 34.50 55.34
C GLU P 476 66.44 35.40 56.52
N GLU P 477 65.61 36.42 56.76
CA GLU P 477 65.84 37.35 57.87
C GLU P 477 64.77 37.17 58.93
N ILE P 478 65.17 37.18 60.20
CA ILE P 478 64.26 37.03 61.33
C ILE P 478 63.62 38.38 61.74
N THR P 479 62.60 38.35 62.63
CA THR P 479 61.86 39.50 63.15
C THR P 479 61.12 40.28 62.06
N GLU P 480 59.80 40.18 62.06
CA GLU P 480 58.94 40.87 61.10
C GLU P 480 57.94 41.80 61.80
N GLY P 481 57.38 42.75 61.07
CA GLY P 481 56.41 43.68 61.61
C GLY P 481 54.99 43.17 61.64
N VAL P 482 54.09 43.80 60.87
CA VAL P 482 52.69 43.40 60.82
C VAL P 482 52.46 42.10 60.04
N TRP P 483 51.28 41.48 60.20
CA TRP P 483 50.95 40.24 59.48
C TRP P 483 49.55 40.29 58.85
N ASN P 484 49.08 41.51 58.50
CA ASN P 484 47.77 41.78 57.90
C ASN P 484 46.59 41.30 58.80
N ARG P 485 46.01 40.09 58.55
CA ARG P 485 44.88 39.51 59.30
C ARG P 485 43.71 40.47 59.50
N LYS P 486 42.72 40.42 58.61
CA LYS P 486 41.55 41.29 58.67
C LYS P 486 40.31 40.64 58.05
N ALA P 487 39.12 41.02 58.53
CA ALA P 487 37.87 40.45 58.02
C ALA P 487 37.49 41.02 56.65
N ASN P 488 36.89 40.18 55.80
CA ASN P 488 36.47 40.59 54.46
C ASN P 488 35.17 41.41 54.47
N ARG P 489 34.91 42.16 53.37
CA ARG P 489 33.74 43.02 53.18
C ARG P 489 33.68 44.14 54.22
N LYS P 490 34.62 45.09 54.15
CA LYS P 490 34.67 46.19 55.09
C LYS P 490 34.60 47.55 54.39
N VAL P 491 33.41 47.88 53.83
CA VAL P 491 33.09 49.13 53.11
C VAL P 491 33.95 49.38 51.86
N PHE P 492 33.40 50.13 50.89
CA PHE P 492 34.11 50.44 49.66
C PHE P 492 34.93 51.74 49.80
N GLY P 493 35.99 51.85 49.02
CA GLY P 493 36.85 53.02 49.03
C GLY P 493 37.87 53.02 47.91
N GLN P 494 39.01 52.38 48.14
CA GLN P 494 40.07 52.32 47.14
C GLN P 494 40.08 50.99 46.38
N TRP P 495 40.60 50.98 45.16
CA TRP P 495 40.67 49.77 44.33
C TRP P 495 41.78 48.84 44.82
N VAL P 496 41.55 47.51 44.74
CA VAL P 496 42.47 46.42 45.11
C VAL P 496 42.78 46.39 46.61
N SER P 497 42.90 45.16 47.16
CA SER P 497 43.22 44.95 48.56
C SER P 497 44.44 44.04 48.70
N SER P 498 45.39 44.43 49.55
CA SER P 498 46.61 43.66 49.74
C SER P 498 46.87 43.29 51.20
N SER P 499 47.76 42.31 51.42
CA SER P 499 48.10 41.85 52.77
C SER P 499 49.52 42.32 53.12
N THR P 500 49.63 43.48 53.78
CA THR P 500 50.93 44.03 54.15
C THR P 500 51.59 43.23 55.27
N LEU P 501 52.90 42.95 55.14
CA LEU P 501 53.61 42.18 56.13
C LEU P 501 55.10 42.53 56.21
N ASN P 502 55.43 43.83 56.30
CA ASN P 502 56.82 44.27 56.36
C ASN P 502 57.01 45.55 57.17
N MET P 503 57.74 45.47 58.28
CA MET P 503 58.04 46.61 59.15
C MET P 503 59.23 46.27 60.06
N SER P 504 60.45 46.29 59.50
CA SER P 504 61.65 45.97 60.26
C SER P 504 62.56 47.18 60.50
N GLU P 505 63.45 47.10 61.50
CA GLU P 505 64.35 48.19 61.85
C GLU P 505 65.84 47.87 61.62
N ALA P 506 66.16 46.68 61.09
CA ALA P 506 67.56 46.29 60.85
C ALA P 506 68.17 47.07 59.67
N ILE P 507 69.48 47.34 59.72
CA ILE P 507 70.16 48.08 58.67
C ILE P 507 70.73 47.18 57.58
N LYS P 508 69.90 46.86 56.58
CA LYS P 508 70.34 46.03 55.46
C LYS P 508 70.74 46.84 54.22
N GLY P 509 70.21 48.04 54.10
CA GLY P 509 70.49 48.90 52.95
C GLY P 509 69.49 48.66 51.85
N PHE P 510 69.97 48.59 50.61
CA PHE P 510 69.11 48.35 49.46
C PHE P 510 68.72 46.87 49.36
N LEU P 511 67.47 46.54 49.68
CA LEU P 511 66.99 45.16 49.61
C LEU P 511 65.48 45.09 49.29
N VAL P 512 64.64 45.84 50.03
CA VAL P 512 63.17 45.92 49.90
C VAL P 512 62.47 44.55 50.04
N LYS P 513 61.58 44.43 51.04
CA LYS P 513 60.84 43.22 51.33
C LYS P 513 59.71 42.92 50.29
N CYS P 514 58.81 41.95 50.60
CA CYS P 514 57.67 41.46 49.81
C CYS P 514 58.01 40.26 48.96
N CYS P 515 57.67 39.07 49.45
CA CYS P 515 57.86 37.81 48.76
C CYS P 515 56.64 36.97 49.09
N ALA P 516 55.69 36.89 48.15
CA ALA P 516 54.47 36.15 48.36
C ALA P 516 54.65 34.66 48.19
N TYR P 517 54.00 33.88 49.05
CA TYR P 517 54.03 32.42 49.00
C TYR P 517 52.60 31.93 49.12
N ASN P 518 52.17 31.07 48.19
CA ASN P 518 50.82 30.52 48.20
C ASN P 518 50.78 29.13 47.55
N SER P 519 49.61 28.46 47.58
CA SER P 519 49.45 27.14 46.98
C SER P 519 49.73 27.16 45.48
N LEU P 520 49.41 28.27 44.79
CA LEU P 520 49.65 28.39 43.37
C LEU P 520 51.11 28.63 42.99
N GLY P 521 51.87 29.25 43.88
CA GLY P 521 53.28 29.52 43.63
C GLY P 521 53.87 30.66 44.44
N THR P 522 54.99 31.22 43.94
CA THR P 522 55.71 32.31 44.60
C THR P 522 56.16 33.40 43.60
N SER P 523 56.37 34.61 44.12
CA SER P 523 56.83 35.81 43.40
C SER P 523 57.35 36.84 44.43
N CYS P 524 58.15 37.83 43.99
CA CYS P 524 58.69 38.84 44.89
C CYS P 524 58.87 40.22 44.24
N GLU P 525 58.93 41.28 45.06
CA GLU P 525 59.09 42.66 44.65
C GLU P 525 60.57 43.11 44.62
N THR P 526 60.85 44.37 44.22
CA THR P 526 62.21 44.89 44.12
C THR P 526 62.94 44.86 45.46
#